data_2AGH
#
_entry.id   2AGH
#
loop_
_entity.id
_entity.type
_entity.pdbx_description
1 polymer 'Myb proto-oncogene protein'
2 polymer 'Crebbp protein'
3 polymer 'Zinc finger protein HRX'
#
loop_
_entity_poly.entity_id
_entity_poly.type
_entity_poly.pdbx_seq_one_letter_code
_entity_poly.pdbx_strand_id
1 'polypeptide(L)' KEKRIKELELLLMSTENELKGQQAL A
2 'polypeptide(L)'
;GVRKGWHEHVTQDLRSHLVHKLVQAIFPTPDPAALKDRRMENLVAYAKKVEGDMYESANSRDEYYHLLAEKIYKIQKELE
EKRRSRL
;
B
3 'polypeptide(L)' SDDGNILPSDIMDFVLKNTPSMQALGESPES C
#
# COMPACT_ATOMS: atom_id res chain seq x y z
N LYS A 1 14.57 -2.96 -13.81
CA LYS A 1 13.41 -2.37 -13.09
C LYS A 1 13.76 -0.95 -12.67
N GLU A 2 13.09 0.06 -13.23
CA GLU A 2 13.35 1.46 -12.89
C GLU A 2 12.13 2.39 -13.11
N LYS A 3 11.44 2.29 -14.26
CA LYS A 3 10.23 3.09 -14.55
C LYS A 3 9.13 2.88 -13.52
N ARG A 4 8.74 1.62 -13.27
CA ARG A 4 7.72 1.27 -12.25
C ARG A 4 8.16 1.56 -10.81
N ILE A 5 9.47 1.63 -10.55
CA ILE A 5 10.04 1.94 -9.23
C ILE A 5 9.85 3.44 -8.93
N LYS A 6 10.25 4.30 -9.86
CA LYS A 6 10.01 5.75 -9.78
C LYS A 6 8.52 6.08 -9.80
N GLU A 7 7.74 5.35 -10.59
CA GLU A 7 6.27 5.42 -10.62
C GLU A 7 5.65 5.15 -9.24
N LEU A 8 6.01 4.03 -8.58
CA LEU A 8 5.56 3.69 -7.23
C LEU A 8 5.95 4.75 -6.20
N GLU A 9 7.20 5.19 -6.23
CA GLU A 9 7.73 6.20 -5.29
C GLU A 9 7.00 7.55 -5.45
N LEU A 10 6.74 7.97 -6.68
CA LEU A 10 6.00 9.20 -7.02
C LEU A 10 4.49 9.09 -6.70
N LEU A 11 3.86 7.93 -6.94
CA LEU A 11 2.41 7.72 -6.85
C LEU A 11 1.81 8.18 -5.51
N LEU A 12 2.50 7.92 -4.39
CA LEU A 12 2.10 8.39 -3.07
C LEU A 12 2.40 9.89 -2.90
N MET A 13 3.67 10.29 -3.08
CA MET A 13 4.14 11.65 -2.77
C MET A 13 3.50 12.76 -3.62
N SER A 14 2.95 12.44 -4.79
CA SER A 14 2.17 13.40 -5.61
C SER A 14 0.82 13.78 -5.00
N THR A 15 0.24 12.98 -4.09
CA THR A 15 -1.15 13.18 -3.61
C THR A 15 -1.37 14.55 -2.97
N GLU A 16 -0.43 15.05 -2.17
CA GLU A 16 -0.60 16.41 -1.59
C GLU A 16 -0.64 17.52 -2.67
N ASN A 17 0.07 17.35 -3.79
CA ASN A 17 -0.01 18.26 -4.93
C ASN A 17 -1.36 18.12 -5.67
N GLU A 18 -1.87 16.89 -5.83
CA GLU A 18 -3.20 16.64 -6.42
C GLU A 18 -4.36 17.27 -5.60
N LEU A 19 -4.23 17.29 -4.27
CA LEU A 19 -5.29 17.72 -3.34
C LEU A 19 -5.22 19.20 -2.94
N LYS A 20 -4.02 19.76 -2.73
CA LYS A 20 -3.82 21.12 -2.20
C LYS A 20 -2.67 21.93 -2.84
N GLY A 21 -1.98 21.36 -3.84
CA GLY A 21 -0.97 22.06 -4.65
C GLY A 21 0.29 22.51 -3.89
N GLN A 22 1.14 23.28 -4.57
CA GLN A 22 2.40 23.85 -4.05
C GLN A 22 2.64 25.32 -4.47
N GLN A 23 1.68 25.98 -5.14
CA GLN A 23 1.80 27.36 -5.64
C GLN A 23 1.93 28.43 -4.53
N ALA A 24 1.64 28.08 -3.27
CA ALA A 24 1.76 28.95 -2.09
C ALA A 24 3.21 29.34 -1.71
N LEU A 25 4.23 28.72 -2.32
CA LEU A 25 5.66 28.93 -2.04
C LEU A 25 6.49 29.07 -3.34
N GLY B 1 10.43 18.23 25.45
CA GLY B 1 10.57 18.65 24.04
C GLY B 1 10.16 17.53 23.09
N VAL B 2 9.48 17.88 21.99
CA VAL B 2 9.01 16.94 20.94
C VAL B 2 9.23 17.58 19.56
N ARG B 3 9.91 16.86 18.64
CA ARG B 3 10.26 17.34 17.29
C ARG B 3 9.06 17.36 16.32
N LYS B 4 8.06 16.48 16.52
CA LYS B 4 6.80 16.45 15.75
C LYS B 4 6.07 17.79 15.80
N GLY B 5 5.92 18.41 14.62
CA GLY B 5 5.24 19.69 14.40
C GLY B 5 4.75 19.83 12.96
N TRP B 6 4.23 18.73 12.41
CA TRP B 6 3.87 18.58 11.00
C TRP B 6 2.41 18.15 10.76
N HIS B 7 1.72 17.73 11.82
CA HIS B 7 0.36 17.18 11.76
C HIS B 7 -0.65 18.21 11.22
N GLU B 8 -0.43 19.49 11.53
CA GLU B 8 -1.21 20.64 11.06
C GLU B 8 -1.19 20.86 9.53
N HIS B 9 -0.22 20.29 8.79
CA HIS B 9 -0.17 20.36 7.33
C HIS B 9 -1.04 19.30 6.62
N VAL B 10 -1.41 18.23 7.33
CA VAL B 10 -2.21 17.10 6.84
C VAL B 10 -3.70 17.48 6.75
N THR B 11 -4.46 16.80 5.88
CA THR B 11 -5.92 16.95 5.74
C THR B 11 -6.62 15.58 5.81
N GLN B 12 -7.91 15.56 6.14
CA GLN B 12 -8.71 14.33 6.12
C GLN B 12 -8.76 13.71 4.70
N ASP B 13 -8.84 14.54 3.66
CA ASP B 13 -8.79 14.11 2.26
C ASP B 13 -7.47 13.40 1.92
N LEU B 14 -6.33 13.95 2.37
CA LEU B 14 -5.01 13.31 2.20
C LEU B 14 -4.97 11.98 2.93
N ARG B 15 -5.41 11.93 4.20
CA ARG B 15 -5.50 10.71 5.01
C ARG B 15 -6.32 9.61 4.31
N SER B 16 -7.53 9.93 3.85
CA SER B 16 -8.41 9.00 3.13
C SER B 16 -7.76 8.45 1.86
N HIS B 17 -7.28 9.34 0.98
CA HIS B 17 -6.71 8.94 -0.31
C HIS B 17 -5.37 8.19 -0.16
N LEU B 18 -4.54 8.54 0.82
CA LEU B 18 -3.30 7.80 1.11
C LEU B 18 -3.58 6.39 1.67
N VAL B 19 -4.56 6.20 2.56
CA VAL B 19 -5.01 4.84 2.96
C VAL B 19 -5.49 4.05 1.74
N HIS B 20 -6.32 4.65 0.89
CA HIS B 20 -6.78 4.06 -0.38
C HIS B 20 -5.60 3.63 -1.27
N LYS B 21 -4.65 4.52 -1.51
CA LYS B 21 -3.50 4.27 -2.40
C LYS B 21 -2.49 3.29 -1.81
N LEU B 22 -2.45 3.18 -0.48
CA LEU B 22 -1.72 2.12 0.24
C LEU B 22 -2.30 0.76 -0.19
N VAL B 23 -3.63 0.57 -0.08
CA VAL B 23 -4.34 -0.65 -0.48
C VAL B 23 -4.08 -1.04 -1.94
N GLN B 24 -4.12 -0.08 -2.87
CA GLN B 24 -3.89 -0.33 -4.32
C GLN B 24 -2.53 -0.99 -4.63
N ALA B 25 -1.48 -0.69 -3.86
CA ALA B 25 -0.16 -1.30 -4.04
C ALA B 25 0.09 -2.50 -3.12
N ILE B 26 -0.55 -2.54 -1.93
CA ILE B 26 -0.51 -3.71 -1.03
C ILE B 26 -1.12 -4.94 -1.72
N PHE B 27 -2.29 -4.81 -2.35
CA PHE B 27 -2.87 -5.83 -3.22
C PHE B 27 -3.67 -5.16 -4.36
N PRO B 28 -3.12 -5.08 -5.58
CA PRO B 28 -3.77 -4.50 -6.77
C PRO B 28 -5.13 -5.11 -7.21
N THR B 29 -5.55 -6.21 -6.57
CA THR B 29 -6.68 -7.11 -6.90
C THR B 29 -6.66 -7.76 -8.30
N PRO B 30 -7.27 -8.96 -8.47
CA PRO B 30 -7.34 -9.65 -9.76
C PRO B 30 -8.31 -8.96 -10.74
N ASP B 31 -9.40 -8.40 -10.20
CA ASP B 31 -10.51 -7.74 -10.89
C ASP B 31 -11.19 -6.75 -9.92
N PRO B 32 -11.93 -5.73 -10.41
CA PRO B 32 -12.47 -4.67 -9.56
C PRO B 32 -13.58 -5.16 -8.60
N ALA B 33 -14.22 -6.30 -8.90
CA ALA B 33 -15.14 -6.96 -7.97
C ALA B 33 -14.44 -7.46 -6.68
N ALA B 34 -13.17 -7.88 -6.76
CA ALA B 34 -12.40 -8.36 -5.61
C ALA B 34 -12.08 -7.26 -4.58
N LEU B 35 -12.14 -5.97 -4.96
CA LEU B 35 -12.07 -4.83 -4.03
C LEU B 35 -13.28 -4.78 -3.07
N LYS B 36 -14.43 -5.32 -3.50
CA LYS B 36 -15.72 -5.26 -2.77
C LYS B 36 -15.98 -6.49 -1.89
N ASP B 37 -15.26 -7.58 -2.13
CA ASP B 37 -15.39 -8.84 -1.37
C ASP B 37 -15.00 -8.68 0.11
N ARG B 38 -15.72 -9.39 1.01
CA ARG B 38 -15.52 -9.33 2.47
C ARG B 38 -14.10 -9.63 2.96
N ARG B 39 -13.30 -10.42 2.23
CA ARG B 39 -11.89 -10.72 2.59
C ARG B 39 -10.96 -9.50 2.40
N MET B 40 -11.30 -8.59 1.49
CA MET B 40 -10.54 -7.33 1.28
C MET B 40 -10.62 -6.40 2.50
N GLU B 41 -11.64 -6.51 3.35
CA GLU B 41 -11.72 -5.75 4.61
C GLU B 41 -10.55 -6.02 5.57
N ASN B 42 -9.98 -7.23 5.56
CA ASN B 42 -8.78 -7.56 6.34
C ASN B 42 -7.54 -6.81 5.80
N LEU B 43 -7.38 -6.78 4.48
CA LEU B 43 -6.33 -6.04 3.76
C LEU B 43 -6.43 -4.53 4.02
N VAL B 44 -7.65 -3.99 3.92
CA VAL B 44 -8.02 -2.59 4.21
C VAL B 44 -7.72 -2.21 5.68
N ALA B 45 -8.11 -3.04 6.65
CA ALA B 45 -7.83 -2.80 8.08
C ALA B 45 -6.33 -2.87 8.40
N TYR B 46 -5.61 -3.81 7.80
CA TYR B 46 -4.15 -3.88 7.82
C TYR B 46 -3.51 -2.60 7.24
N ALA B 47 -3.97 -2.13 6.08
CA ALA B 47 -3.51 -0.87 5.49
C ALA B 47 -3.80 0.34 6.39
N LYS B 48 -4.98 0.42 7.02
CA LYS B 48 -5.29 1.47 8.02
C LYS B 48 -4.35 1.44 9.23
N LYS B 49 -4.08 0.24 9.78
CA LYS B 49 -3.14 0.05 10.90
C LYS B 49 -1.70 0.43 10.53
N VAL B 50 -1.23 0.00 9.35
CA VAL B 50 0.08 0.39 8.79
C VAL B 50 0.18 1.91 8.63
N GLU B 51 -0.82 2.55 8.02
CA GLU B 51 -0.82 4.01 7.82
C GLU B 51 -0.65 4.77 9.15
N GLY B 52 -1.39 4.38 10.20
CA GLY B 52 -1.27 4.96 11.54
C GLY B 52 0.08 4.70 12.22
N ASP B 53 0.69 3.55 12.01
CA ASP B 53 2.00 3.20 12.59
C ASP B 53 3.13 3.96 11.91
N MET B 54 3.05 4.15 10.59
CA MET B 54 4.03 4.91 9.79
C MET B 54 3.94 6.42 10.06
N TYR B 55 2.71 6.92 10.30
CA TYR B 55 2.45 8.28 10.79
C TYR B 55 3.06 8.52 12.18
N GLU B 56 2.81 7.64 13.13
CA GLU B 56 3.39 7.72 14.48
C GLU B 56 4.92 7.55 14.50
N SER B 57 5.49 6.85 13.51
CA SER B 57 6.94 6.62 13.39
C SER B 57 7.72 7.80 12.80
N ALA B 58 7.08 8.94 12.50
CA ALA B 58 7.68 10.04 11.74
C ALA B 58 7.67 11.40 12.46
N ASN B 59 8.81 12.08 12.45
CA ASN B 59 8.99 13.43 13.00
C ASN B 59 8.66 14.55 11.98
N SER B 60 8.42 14.21 10.71
CA SER B 60 8.02 15.13 9.64
C SER B 60 7.09 14.46 8.61
N ARG B 61 6.37 15.26 7.82
CA ARG B 61 5.48 14.78 6.74
C ARG B 61 6.24 14.03 5.65
N ASP B 62 7.44 14.52 5.32
CA ASP B 62 8.37 13.88 4.39
C ASP B 62 8.84 12.50 4.88
N GLU B 63 9.19 12.37 6.17
CA GLU B 63 9.56 11.08 6.77
C GLU B 63 8.36 10.11 6.83
N TYR B 64 7.16 10.59 7.12
CA TYR B 64 5.91 9.83 7.08
C TYR B 64 5.66 9.23 5.68
N TYR B 65 5.65 10.06 4.65
CA TYR B 65 5.61 9.60 3.25
C TYR B 65 6.71 8.60 2.90
N HIS B 66 7.96 8.85 3.30
CA HIS B 66 9.08 7.95 3.08
C HIS B 66 8.84 6.56 3.70
N LEU B 67 8.36 6.51 4.95
CA LEU B 67 8.02 5.26 5.64
C LEU B 67 6.83 4.54 4.99
N LEU B 68 5.75 5.25 4.60
CA LEU B 68 4.65 4.68 3.81
C LEU B 68 5.19 4.04 2.51
N ALA B 69 5.91 4.83 1.71
CA ALA B 69 6.36 4.43 0.38
C ALA B 69 7.43 3.31 0.42
N GLU B 70 8.29 3.24 1.43
CA GLU B 70 9.27 2.14 1.59
C GLU B 70 8.59 0.79 1.90
N LYS B 71 7.59 0.78 2.80
CA LYS B 71 6.83 -0.44 3.10
C LYS B 71 5.95 -0.86 1.91
N ILE B 72 5.37 0.11 1.20
CA ILE B 72 4.68 -0.11 -0.09
C ILE B 72 5.62 -0.70 -1.15
N TYR B 73 6.82 -0.17 -1.29
CA TYR B 73 7.87 -0.68 -2.19
C TYR B 73 8.20 -2.14 -1.88
N LYS B 74 8.47 -2.48 -0.61
CA LYS B 74 8.68 -3.86 -0.16
C LYS B 74 7.50 -4.77 -0.54
N ILE B 75 6.29 -4.45 -0.07
CA ILE B 75 5.11 -5.31 -0.29
C ILE B 75 4.85 -5.53 -1.79
N GLN B 76 4.91 -4.47 -2.60
CA GLN B 76 4.68 -4.58 -4.05
C GLN B 76 5.80 -5.35 -4.76
N LYS B 77 7.06 -4.90 -4.65
CA LYS B 77 8.16 -5.44 -5.48
C LYS B 77 8.76 -6.76 -4.99
N GLU B 78 8.48 -7.18 -3.75
CA GLU B 78 8.83 -8.52 -3.28
C GLU B 78 7.92 -9.57 -3.95
N LEU B 79 6.59 -9.41 -3.82
CA LEU B 79 5.63 -10.32 -4.48
C LEU B 79 5.70 -10.25 -6.01
N GLU B 80 5.99 -9.09 -6.60
CA GLU B 80 6.19 -8.95 -8.06
C GLU B 80 7.33 -9.82 -8.64
N GLU B 81 8.28 -10.29 -7.81
CA GLU B 81 9.36 -11.19 -8.25
C GLU B 81 9.31 -12.58 -7.59
N LYS B 82 8.78 -12.70 -6.37
CA LYS B 82 8.54 -13.99 -5.72
C LYS B 82 7.33 -14.75 -6.30
N ARG B 83 6.36 -14.05 -6.90
CA ARG B 83 5.06 -14.60 -7.35
C ARG B 83 4.60 -14.14 -8.74
N ARG B 84 5.30 -13.18 -9.39
CA ARG B 84 4.91 -12.59 -10.69
C ARG B 84 6.09 -12.31 -11.64
N SER B 85 7.26 -12.94 -11.43
CA SER B 85 8.50 -12.67 -12.18
C SER B 85 8.39 -12.74 -13.71
N ARG B 86 7.52 -13.63 -14.23
CA ARG B 86 7.24 -13.79 -15.67
C ARG B 86 6.43 -12.64 -16.32
N LEU B 87 5.85 -11.73 -15.51
CA LEU B 87 4.97 -10.61 -15.88
C LEU B 87 4.01 -10.93 -17.05
N SER C 1 20.87 -2.98 12.29
CA SER C 1 19.87 -3.33 11.25
C SER C 1 19.10 -4.59 11.64
N ASP C 2 17.91 -4.79 11.05
CA ASP C 2 17.05 -5.97 11.27
C ASP C 2 16.32 -6.42 9.98
N ASP C 3 15.58 -7.53 10.06
CA ASP C 3 14.86 -8.15 8.94
C ASP C 3 13.44 -8.63 9.35
N GLY C 4 12.80 -7.96 10.31
CA GLY C 4 11.45 -8.31 10.80
C GLY C 4 10.35 -8.19 9.75
N ASN C 5 9.24 -8.93 9.95
CA ASN C 5 8.10 -8.97 9.04
C ASN C 5 7.30 -7.65 9.03
N ILE C 6 6.55 -7.43 7.94
CA ILE C 6 5.64 -6.29 7.69
C ILE C 6 4.22 -6.76 7.29
N LEU C 7 4.02 -8.04 6.96
CA LEU C 7 2.80 -8.60 6.36
C LEU C 7 2.30 -9.79 7.22
N PRO C 8 1.45 -9.54 8.23
CA PRO C 8 0.84 -10.55 9.12
C PRO C 8 0.21 -11.74 8.38
N SER C 9 0.34 -12.95 8.94
CA SER C 9 -0.01 -14.22 8.30
C SER C 9 -1.41 -14.30 7.70
N ASP C 10 -2.43 -13.77 8.38
CA ASP C 10 -3.82 -13.78 7.90
C ASP C 10 -4.01 -12.95 6.62
N ILE C 11 -3.39 -11.76 6.55
CA ILE C 11 -3.42 -10.90 5.37
C ILE C 11 -2.46 -11.44 4.30
N MET C 12 -1.29 -11.95 4.70
CA MET C 12 -0.30 -12.57 3.82
C MET C 12 -0.95 -13.65 2.96
N ASP C 13 -1.60 -14.65 3.57
CA ASP C 13 -2.25 -15.77 2.88
C ASP C 13 -3.22 -15.32 1.76
N PHE C 14 -4.00 -14.26 2.01
CA PHE C 14 -4.91 -13.67 1.01
C PHE C 14 -4.17 -13.08 -0.20
N VAL C 15 -3.08 -12.34 0.01
CA VAL C 15 -2.24 -11.81 -1.09
C VAL C 15 -1.46 -12.95 -1.78
N LEU C 16 -0.94 -13.93 -1.03
CA LEU C 16 -0.20 -15.09 -1.58
C LEU C 16 -1.08 -15.95 -2.50
N LYS C 17 -2.36 -16.15 -2.17
CA LYS C 17 -3.31 -16.96 -2.97
C LYS C 17 -3.65 -16.30 -4.31
N ASN C 18 -3.89 -14.98 -4.29
CA ASN C 18 -4.41 -14.23 -5.43
C ASN C 18 -3.37 -13.85 -6.51
N THR C 19 -2.15 -13.49 -6.09
CA THR C 19 -1.13 -12.91 -6.98
C THR C 19 -0.40 -13.84 -7.98
N PRO C 20 -0.23 -15.16 -7.76
CA PRO C 20 0.38 -16.10 -8.72
C PRO C 20 -0.28 -16.20 -10.10
N SER C 21 0.38 -16.93 -11.00
CA SER C 21 -0.13 -17.34 -12.32
C SER C 21 0.27 -18.79 -12.62
N MET C 22 -0.52 -19.48 -13.47
CA MET C 22 -0.43 -20.93 -13.72
C MET C 22 -0.76 -21.30 -15.17
N GLN C 23 -0.48 -22.55 -15.55
CA GLN C 23 -0.76 -23.16 -16.87
C GLN C 23 -1.29 -24.60 -16.71
N ALA C 24 -1.83 -25.18 -17.79
CA ALA C 24 -2.38 -26.53 -17.83
C ALA C 24 -2.13 -27.23 -19.19
N LEU C 25 -2.28 -28.57 -19.20
CA LEU C 25 -2.05 -29.45 -20.35
C LEU C 25 -2.86 -30.76 -20.26
N GLY C 26 -2.85 -31.55 -21.33
CA GLY C 26 -3.52 -32.86 -21.41
C GLY C 26 -3.15 -33.71 -22.64
N GLU C 27 -1.94 -33.54 -23.17
CA GLU C 27 -1.40 -34.36 -24.27
C GLU C 27 -1.13 -35.83 -23.87
N SER C 28 -0.89 -36.70 -24.85
CA SER C 28 -0.59 -38.13 -24.67
C SER C 28 0.32 -38.67 -25.80
N PRO C 29 1.26 -39.59 -25.51
CA PRO C 29 2.09 -40.25 -26.53
C PRO C 29 1.34 -41.35 -27.32
N GLU C 30 0.12 -41.72 -26.92
CA GLU C 30 -0.71 -42.73 -27.59
C GLU C 30 -1.10 -42.32 -29.02
N SER C 31 -1.25 -43.31 -29.92
CA SER C 31 -1.67 -43.15 -31.34
C SER C 31 -2.35 -44.41 -31.89
N LYS A 1 15.25 -0.33 -14.47
CA LYS A 1 14.45 -0.31 -13.21
C LYS A 1 14.24 1.11 -12.68
N GLU A 2 15.33 1.86 -12.51
CA GLU A 2 15.46 3.17 -11.84
C GLU A 2 14.27 4.14 -12.01
N LYS A 3 13.84 4.40 -13.26
CA LYS A 3 12.68 5.27 -13.55
C LYS A 3 11.39 4.79 -12.92
N ARG A 4 11.08 3.49 -12.98
CA ARG A 4 9.89 2.89 -12.35
C ARG A 4 10.03 2.80 -10.83
N ILE A 5 11.24 2.57 -10.31
CA ILE A 5 11.48 2.60 -8.86
C ILE A 5 11.12 3.97 -8.29
N LYS A 6 11.62 5.05 -8.91
CA LYS A 6 11.28 6.42 -8.50
C LYS A 6 9.81 6.75 -8.76
N GLU A 7 9.23 6.28 -9.87
CA GLU A 7 7.79 6.42 -10.19
C GLU A 7 6.89 5.80 -9.11
N LEU A 8 7.16 4.56 -8.71
CA LEU A 8 6.42 3.84 -7.66
C LEU A 8 6.51 4.56 -6.29
N GLU A 9 7.71 5.04 -5.95
CA GLU A 9 7.95 5.81 -4.74
C GLU A 9 7.22 7.17 -4.76
N LEU A 10 7.25 7.87 -5.90
CA LEU A 10 6.65 9.19 -6.12
C LEU A 10 5.11 9.16 -6.22
N LEU A 11 4.51 8.04 -6.63
CA LEU A 11 3.04 7.89 -6.78
C LEU A 11 2.26 8.33 -5.52
N LEU A 12 2.76 7.98 -4.33
CA LEU A 12 2.23 8.45 -3.05
C LEU A 12 2.46 9.96 -2.87
N MET A 13 3.71 10.42 -3.00
CA MET A 13 4.14 11.78 -2.71
C MET A 13 3.44 12.86 -3.56
N SER A 14 3.05 12.49 -4.78
CA SER A 14 2.33 13.36 -5.73
C SER A 14 0.91 13.78 -5.27
N THR A 15 0.30 13.04 -4.33
CA THR A 15 -1.08 13.26 -3.87
C THR A 15 -1.32 14.68 -3.35
N GLU A 16 -0.39 15.25 -2.58
CA GLU A 16 -0.55 16.61 -2.06
C GLU A 16 -0.53 17.69 -3.17
N ASN A 17 0.02 17.41 -4.35
CA ASN A 17 -0.08 18.31 -5.51
C ASN A 17 -1.45 18.20 -6.21
N GLU A 18 -1.95 16.98 -6.39
CA GLU A 18 -3.26 16.71 -7.01
C GLU A 18 -4.43 17.34 -6.23
N LEU A 19 -4.45 17.14 -4.91
CA LEU A 19 -5.53 17.57 -4.00
C LEU A 19 -5.70 19.09 -3.87
N LYS A 20 -4.74 19.89 -4.35
CA LYS A 20 -4.86 21.36 -4.48
C LYS A 20 -5.87 21.79 -5.56
N GLY A 21 -6.28 20.89 -6.45
CA GLY A 21 -7.30 21.12 -7.49
C GLY A 21 -6.75 21.07 -8.92
N GLN A 22 -5.80 20.17 -9.19
CA GLN A 22 -5.10 20.06 -10.48
C GLN A 22 -6.01 19.87 -11.70
N GLN A 23 -5.53 20.31 -12.87
CA GLN A 23 -6.28 20.29 -14.15
C GLN A 23 -5.42 20.06 -15.42
N ALA A 24 -4.09 19.98 -15.30
CA ALA A 24 -3.17 19.80 -16.43
C ALA A 24 -1.87 19.05 -16.01
N LEU A 25 -1.10 18.63 -17.02
CA LEU A 25 0.21 17.95 -16.89
C LEU A 25 1.16 18.23 -18.08
N GLY B 1 2.80 19.73 26.79
CA GLY B 1 4.08 19.94 26.06
C GLY B 1 3.89 19.78 24.55
N VAL B 2 4.85 19.12 23.89
CA VAL B 2 4.87 18.89 22.42
C VAL B 2 5.37 17.46 22.14
N ARG B 3 4.85 16.83 21.07
CA ARG B 3 5.20 15.47 20.61
C ARG B 3 5.49 15.37 19.11
N LYS B 4 4.84 16.22 18.29
CA LYS B 4 4.97 16.32 16.82
C LYS B 4 4.94 17.79 16.38
N GLY B 5 5.32 18.07 15.13
CA GLY B 5 5.45 19.43 14.58
C GLY B 5 5.09 19.60 13.10
N TRP B 6 4.27 18.70 12.54
CA TRP B 6 3.88 18.73 11.11
C TRP B 6 2.40 18.37 10.83
N HIS B 7 1.66 17.88 11.84
CA HIS B 7 0.27 17.44 11.67
C HIS B 7 -0.70 18.58 11.32
N GLU B 8 -0.31 19.84 11.54
CA GLU B 8 -1.10 21.06 11.31
C GLU B 8 -1.61 21.27 9.86
N HIS B 9 -1.01 20.62 8.86
CA HIS B 9 -1.43 20.74 7.45
C HIS B 9 -2.14 19.48 6.89
N VAL B 10 -2.23 18.41 7.68
CA VAL B 10 -2.86 17.13 7.30
C VAL B 10 -4.39 17.27 7.28
N THR B 11 -5.06 16.51 6.40
CA THR B 11 -6.53 16.44 6.27
C THR B 11 -6.99 15.02 5.94
N GLN B 12 -8.24 14.69 6.26
CA GLN B 12 -8.80 13.34 6.08
C GLN B 12 -8.75 12.87 4.62
N ASP B 13 -9.03 13.76 3.65
CA ASP B 13 -8.99 13.45 2.21
C ASP B 13 -7.62 12.95 1.74
N LEU B 14 -6.53 13.50 2.28
CA LEU B 14 -5.16 13.02 2.02
C LEU B 14 -4.99 11.61 2.58
N ARG B 15 -5.26 11.40 3.87
CA ARG B 15 -5.13 10.10 4.55
C ARG B 15 -5.92 9.00 3.83
N SER B 16 -7.17 9.28 3.43
CA SER B 16 -8.02 8.37 2.65
C SER B 16 -7.38 7.97 1.32
N HIS B 17 -6.96 8.94 0.50
CA HIS B 17 -6.39 8.67 -0.83
C HIS B 17 -5.04 7.96 -0.73
N LEU B 18 -4.18 8.31 0.23
CA LEU B 18 -2.91 7.62 0.45
C LEU B 18 -3.13 6.15 0.86
N VAL B 19 -4.07 5.87 1.78
CA VAL B 19 -4.47 4.49 2.13
C VAL B 19 -4.96 3.74 0.88
N HIS B 20 -5.87 4.32 0.08
CA HIS B 20 -6.40 3.67 -1.11
C HIS B 20 -5.30 3.29 -2.13
N LYS B 21 -4.32 4.17 -2.32
CA LYS B 21 -3.21 3.97 -3.28
C LYS B 21 -2.17 2.96 -2.78
N LEU B 22 -1.86 3.00 -1.48
CA LEU B 22 -1.07 2.00 -0.77
C LEU B 22 -1.72 0.61 -0.87
N VAL B 23 -3.04 0.51 -0.67
CA VAL B 23 -3.84 -0.72 -0.84
C VAL B 23 -3.74 -1.30 -2.26
N GLN B 24 -3.94 -0.50 -3.32
CA GLN B 24 -3.89 -1.00 -4.70
C GLN B 24 -2.52 -1.55 -5.10
N ALA B 25 -1.43 -0.89 -4.66
CA ALA B 25 -0.08 -1.40 -4.86
C ALA B 25 0.15 -2.74 -4.11
N ILE B 26 -0.32 -2.81 -2.86
CA ILE B 26 -0.19 -4.01 -2.01
C ILE B 26 -0.93 -5.22 -2.61
N PHE B 27 -2.18 -5.04 -3.06
CA PHE B 27 -2.93 -6.07 -3.79
C PHE B 27 -3.86 -5.41 -4.83
N PRO B 28 -3.61 -5.58 -6.15
CA PRO B 28 -4.44 -5.04 -7.23
C PRO B 28 -5.91 -5.49 -7.26
N THR B 29 -6.33 -6.44 -6.40
CA THR B 29 -7.67 -7.05 -6.28
C THR B 29 -7.97 -8.08 -7.40
N PRO B 30 -8.82 -9.10 -7.15
CA PRO B 30 -9.12 -10.15 -8.14
C PRO B 30 -10.26 -9.73 -9.10
N ASP B 31 -11.25 -9.02 -8.59
CA ASP B 31 -12.47 -8.52 -9.24
C ASP B 31 -13.02 -7.32 -8.44
N PRO B 32 -13.78 -6.40 -9.05
CA PRO B 32 -14.24 -5.18 -8.39
C PRO B 32 -15.27 -5.44 -7.27
N ALA B 33 -15.92 -6.61 -7.26
CA ALA B 33 -16.76 -7.07 -6.15
C ALA B 33 -15.96 -7.31 -4.84
N ALA B 34 -14.67 -7.65 -4.92
CA ALA B 34 -13.80 -7.86 -3.75
C ALA B 34 -13.61 -6.57 -2.94
N LEU B 35 -13.45 -5.43 -3.63
CA LEU B 35 -13.25 -4.09 -3.06
C LEU B 35 -14.35 -3.63 -2.08
N LYS B 36 -15.53 -4.25 -2.15
CA LYS B 36 -16.71 -3.95 -1.31
C LYS B 36 -17.16 -5.14 -0.45
N ASP B 37 -16.28 -6.11 -0.22
CA ASP B 37 -16.52 -7.31 0.60
C ASP B 37 -15.38 -7.58 1.61
N ARG B 38 -15.66 -8.43 2.61
CA ARG B 38 -14.81 -8.72 3.79
C ARG B 38 -13.38 -9.12 3.41
N ARG B 39 -13.25 -9.86 2.30
CA ARG B 39 -11.97 -10.34 1.74
C ARG B 39 -10.96 -9.22 1.51
N MET B 40 -11.38 -8.07 0.99
CA MET B 40 -10.52 -6.90 0.79
C MET B 40 -10.59 -5.91 1.97
N GLU B 41 -11.69 -5.86 2.71
CA GLU B 41 -11.78 -5.12 3.98
C GLU B 41 -10.68 -5.52 4.97
N ASN B 42 -10.27 -6.79 5.01
CA ASN B 42 -9.12 -7.26 5.81
C ASN B 42 -7.79 -6.62 5.36
N LEU B 43 -7.55 -6.56 4.05
CA LEU B 43 -6.37 -5.92 3.44
C LEU B 43 -6.36 -4.41 3.71
N VAL B 44 -7.50 -3.76 3.48
CA VAL B 44 -7.76 -2.34 3.76
C VAL B 44 -7.55 -1.99 5.24
N ALA B 45 -8.02 -2.83 6.17
CA ALA B 45 -7.83 -2.65 7.61
C ALA B 45 -6.36 -2.82 8.01
N TYR B 46 -5.65 -3.81 7.47
CA TYR B 46 -4.19 -3.97 7.60
C TYR B 46 -3.44 -2.72 7.10
N ALA B 47 -3.81 -2.21 5.93
CA ALA B 47 -3.25 -0.97 5.39
C ALA B 47 -3.52 0.22 6.32
N LYS B 48 -4.77 0.44 6.77
CA LYS B 48 -5.11 1.54 7.71
C LYS B 48 -4.38 1.45 9.04
N LYS B 49 -4.35 0.26 9.65
CA LYS B 49 -3.70 -0.02 10.95
C LYS B 49 -2.22 0.35 10.93
N VAL B 50 -1.50 -0.09 9.89
CA VAL B 50 -0.07 0.18 9.74
C VAL B 50 0.20 1.59 9.20
N GLU B 51 -0.62 2.14 8.31
CA GLU B 51 -0.53 3.54 7.87
C GLU B 51 -0.58 4.51 9.07
N GLY B 52 -1.45 4.23 10.05
CA GLY B 52 -1.50 4.94 11.33
C GLY B 52 -0.25 4.76 12.20
N ASP B 53 0.39 3.58 12.17
CA ASP B 53 1.64 3.33 12.91
C ASP B 53 2.82 4.10 12.31
N MET B 54 2.89 4.18 10.98
CA MET B 54 3.91 4.94 10.23
C MET B 54 3.73 6.44 10.48
N TYR B 55 2.48 6.92 10.46
CA TYR B 55 2.09 8.31 10.78
C TYR B 55 2.47 8.71 12.21
N GLU B 56 2.13 7.90 13.22
CA GLU B 56 2.50 8.17 14.61
C GLU B 56 4.00 8.07 14.88
N SER B 57 4.75 7.31 14.05
CA SER B 57 6.21 7.17 14.19
C SER B 57 7.01 8.31 13.56
N ALA B 58 6.54 8.88 12.46
CA ALA B 58 7.28 9.84 11.64
C ALA B 58 7.46 11.22 12.29
N ASN B 59 8.71 11.65 12.45
CA ASN B 59 9.05 12.99 12.95
C ASN B 59 8.69 14.13 11.99
N SER B 60 8.46 13.83 10.71
CA SER B 60 8.15 14.80 9.65
C SER B 60 7.23 14.22 8.56
N ARG B 61 6.64 15.12 7.76
CA ARG B 61 5.83 14.80 6.57
C ARG B 61 6.56 13.91 5.56
N ASP B 62 7.82 14.25 5.26
CA ASP B 62 8.64 13.51 4.31
C ASP B 62 9.09 12.13 4.84
N GLU B 63 9.31 11.97 6.15
CA GLU B 63 9.57 10.66 6.76
C GLU B 63 8.31 9.76 6.73
N TYR B 64 7.12 10.33 6.98
CA TYR B 64 5.85 9.62 6.88
C TYR B 64 5.64 9.05 5.47
N TYR B 65 5.72 9.89 4.44
CA TYR B 65 5.73 9.44 3.04
C TYR B 65 6.83 8.43 2.72
N HIS B 66 8.07 8.64 3.18
CA HIS B 66 9.17 7.69 2.96
C HIS B 66 8.84 6.30 3.54
N LEU B 67 8.27 6.25 4.75
CA LEU B 67 7.80 5.00 5.38
C LEU B 67 6.66 4.34 4.60
N LEU B 68 5.65 5.10 4.15
CA LEU B 68 4.56 4.56 3.32
C LEU B 68 5.08 4.04 1.96
N ALA B 69 5.93 4.81 1.28
CA ALA B 69 6.49 4.46 -0.01
C ALA B 69 7.48 3.27 0.07
N GLU B 70 8.24 3.16 1.17
CA GLU B 70 9.06 1.97 1.47
C GLU B 70 8.17 0.74 1.71
N LYS B 71 7.04 0.87 2.41
CA LYS B 71 6.05 -0.22 2.52
C LYS B 71 5.47 -0.63 1.17
N ILE B 72 5.07 0.32 0.30
CA ILE B 72 4.67 0.02 -1.09
C ILE B 72 5.76 -0.80 -1.78
N TYR B 73 6.98 -0.29 -1.83
CA TYR B 73 8.12 -0.94 -2.49
C TYR B 73 8.37 -2.35 -1.94
N LYS B 74 8.35 -2.53 -0.62
CA LYS B 74 8.59 -3.82 0.04
C LYS B 74 7.56 -4.90 -0.32
N ILE B 75 6.26 -4.60 -0.34
CA ILE B 75 5.28 -5.58 -0.85
C ILE B 75 5.48 -5.80 -2.36
N GLN B 76 5.66 -4.72 -3.12
CA GLN B 76 5.69 -4.78 -4.59
C GLN B 76 6.85 -5.64 -5.11
N LYS B 77 8.06 -5.38 -4.62
CA LYS B 77 9.31 -6.02 -5.07
C LYS B 77 9.43 -7.48 -4.63
N GLU B 78 8.86 -7.87 -3.50
CA GLU B 78 8.77 -9.28 -3.12
C GLU B 78 7.76 -10.04 -4.01
N LEU B 79 6.52 -9.57 -4.10
CA LEU B 79 5.46 -10.31 -4.83
C LEU B 79 5.74 -10.41 -6.33
N GLU B 80 6.37 -9.42 -6.95
CA GLU B 80 6.82 -9.47 -8.35
C GLU B 80 7.90 -10.53 -8.67
N GLU B 81 8.41 -11.28 -7.67
CA GLU B 81 9.27 -12.46 -7.89
C GLU B 81 8.75 -13.72 -7.18
N LYS B 82 8.10 -13.59 -6.01
CA LYS B 82 7.46 -14.71 -5.29
C LYS B 82 6.19 -15.24 -5.98
N ARG B 83 5.49 -14.42 -6.78
CA ARG B 83 4.15 -14.72 -7.35
C ARG B 83 4.08 -14.57 -8.87
N ARG B 84 5.20 -14.26 -9.55
CA ARG B 84 5.30 -14.08 -11.01
C ARG B 84 6.45 -14.89 -11.66
N SER B 85 7.06 -15.82 -10.92
CA SER B 85 8.17 -16.68 -11.37
C SER B 85 7.85 -17.57 -12.59
N ARG B 86 6.55 -17.82 -12.86
CA ARG B 86 6.05 -18.58 -14.03
C ARG B 86 6.21 -17.85 -15.38
N LEU B 87 6.63 -16.58 -15.38
CA LEU B 87 6.73 -15.69 -16.55
C LEU B 87 8.18 -15.50 -17.01
N SER C 1 8.03 -14.73 12.82
CA SER C 1 9.34 -14.39 13.42
C SER C 1 9.21 -14.17 14.93
N ASP C 2 10.29 -13.77 15.60
CA ASP C 2 10.31 -13.45 17.04
C ASP C 2 9.61 -12.13 17.44
N ASP C 3 9.21 -11.28 16.46
CA ASP C 3 8.63 -9.96 16.72
C ASP C 3 7.50 -9.52 15.75
N GLY C 4 7.56 -9.91 14.47
CA GLY C 4 6.57 -9.55 13.44
C GLY C 4 7.18 -9.27 12.06
N ASN C 5 6.33 -8.86 11.12
CA ASN C 5 6.70 -8.47 9.75
C ASN C 5 5.78 -7.32 9.26
N ILE C 6 6.22 -6.55 8.24
CA ILE C 6 5.40 -5.52 7.58
C ILE C 6 4.12 -6.10 6.96
N LEU C 7 4.13 -7.38 6.56
CA LEU C 7 3.02 -8.11 5.92
C LEU C 7 2.74 -9.37 6.77
N PRO C 8 1.92 -9.27 7.84
CA PRO C 8 1.51 -10.36 8.72
C PRO C 8 1.02 -11.60 7.96
N SER C 9 1.37 -12.80 8.46
CA SER C 9 1.18 -14.08 7.75
C SER C 9 -0.25 -14.35 7.28
N ASP C 10 -1.29 -13.95 8.04
CA ASP C 10 -2.69 -14.15 7.66
C ASP C 10 -3.12 -13.30 6.44
N ILE C 11 -2.71 -12.02 6.40
CA ILE C 11 -2.94 -11.14 5.25
C ILE C 11 -2.00 -11.52 4.09
N MET C 12 -0.75 -11.88 4.40
CA MET C 12 0.22 -12.37 3.40
C MET C 12 -0.36 -13.55 2.62
N ASP C 13 -0.81 -14.60 3.30
CA ASP C 13 -1.39 -15.79 2.68
C ASP C 13 -2.60 -15.49 1.80
N PHE C 14 -3.46 -14.54 2.17
CA PHE C 14 -4.55 -14.06 1.32
C PHE C 14 -4.02 -13.43 0.02
N VAL C 15 -3.06 -12.50 0.09
CA VAL C 15 -2.45 -11.92 -1.13
C VAL C 15 -1.72 -12.99 -1.95
N LEU C 16 -0.98 -13.90 -1.30
CA LEU C 16 -0.22 -14.95 -1.98
C LEU C 16 -1.11 -15.98 -2.70
N LYS C 17 -2.35 -16.19 -2.25
CA LYS C 17 -3.36 -17.05 -2.92
C LYS C 17 -4.02 -16.38 -4.13
N ASN C 18 -4.29 -15.07 -4.05
CA ASN C 18 -5.00 -14.32 -5.08
C ASN C 18 -4.13 -13.91 -6.28
N THR C 19 -2.88 -13.51 -6.04
CA THR C 19 -2.02 -12.90 -7.07
C THR C 19 -1.44 -13.83 -8.17
N PRO C 20 -1.09 -15.11 -7.94
CA PRO C 20 -0.45 -15.96 -8.96
C PRO C 20 -1.45 -16.81 -9.76
N SER C 21 -0.94 -17.52 -10.77
CA SER C 21 -1.69 -18.56 -11.51
C SER C 21 -1.97 -19.78 -10.61
N MET C 22 -2.93 -20.64 -10.98
CA MET C 22 -3.33 -21.81 -10.17
C MET C 22 -3.77 -22.99 -11.05
N GLN C 23 -3.46 -24.22 -10.63
CA GLN C 23 -3.73 -25.47 -11.36
C GLN C 23 -5.23 -25.80 -11.54
N ALA C 24 -6.13 -25.06 -10.88
CA ALA C 24 -7.59 -25.16 -11.03
C ALA C 24 -8.09 -24.98 -12.48
N LEU C 25 -7.28 -24.35 -13.37
CA LEU C 25 -7.55 -24.26 -14.81
C LEU C 25 -7.60 -25.62 -15.54
N GLY C 26 -6.96 -26.66 -14.99
CA GLY C 26 -6.98 -28.04 -15.51
C GLY C 26 -5.68 -28.81 -15.23
N GLU C 27 -5.78 -30.15 -15.25
CA GLU C 27 -4.63 -31.06 -15.07
C GLU C 27 -3.66 -31.08 -16.27
N SER C 28 -2.47 -31.67 -16.06
CA SER C 28 -1.41 -31.83 -17.07
C SER C 28 -0.66 -33.16 -16.86
N PRO C 29 -1.12 -34.26 -17.49
CA PRO C 29 -0.48 -35.58 -17.42
C PRO C 29 1.00 -35.62 -17.81
N GLU C 30 1.70 -36.69 -17.40
CA GLU C 30 3.13 -36.93 -17.65
C GLU C 30 3.40 -38.40 -18.02
N SER C 31 4.60 -38.68 -18.57
CA SER C 31 5.07 -40.01 -19.00
C SER C 31 6.59 -40.20 -18.89
N LYS A 1 18.09 -0.56 -13.39
CA LYS A 1 17.03 0.03 -12.53
C LYS A 1 17.18 1.54 -12.44
N GLU A 2 16.13 2.31 -12.76
CA GLU A 2 16.11 3.76 -12.50
C GLU A 2 14.67 4.30 -12.38
N LYS A 3 13.93 4.38 -13.51
CA LYS A 3 12.61 5.03 -13.63
C LYS A 3 11.57 4.43 -12.70
N ARG A 4 11.29 3.12 -12.82
CA ARG A 4 10.22 2.43 -12.06
C ARG A 4 10.42 2.51 -10.54
N ILE A 5 11.68 2.49 -10.07
CA ILE A 5 12.02 2.60 -8.64
C ILE A 5 11.52 3.91 -8.04
N LYS A 6 11.81 5.04 -8.69
CA LYS A 6 11.29 6.35 -8.26
C LYS A 6 9.80 6.49 -8.55
N GLU A 7 9.32 5.97 -9.68
CA GLU A 7 7.90 5.98 -10.06
C GLU A 7 7.00 5.30 -9.02
N LEU A 8 7.36 4.10 -8.55
CA LEU A 8 6.65 3.37 -7.49
C LEU A 8 6.62 4.17 -6.17
N GLU A 9 7.76 4.73 -5.77
CA GLU A 9 7.90 5.50 -4.54
C GLU A 9 7.08 6.81 -4.59
N LEU A 10 7.16 7.55 -5.69
CA LEU A 10 6.50 8.83 -5.92
C LEU A 10 4.99 8.69 -6.19
N LEU A 11 4.50 7.52 -6.62
CA LEU A 11 3.08 7.25 -6.86
C LEU A 11 2.19 7.57 -5.65
N LEU A 12 2.69 7.39 -4.42
CA LEU A 12 2.03 7.86 -3.19
C LEU A 12 2.13 9.39 -3.08
N MET A 13 3.35 9.92 -3.20
CA MET A 13 3.73 11.32 -2.95
C MET A 13 3.02 12.34 -3.85
N SER A 14 2.56 11.92 -5.04
CA SER A 14 1.80 12.77 -5.98
C SER A 14 0.48 13.32 -5.40
N THR A 15 -0.14 12.61 -4.45
CA THR A 15 -1.49 12.93 -3.94
C THR A 15 -1.63 14.35 -3.40
N GLU A 16 -0.64 14.85 -2.65
CA GLU A 16 -0.66 16.23 -2.14
C GLU A 16 -0.62 17.29 -3.25
N ASN A 17 -0.04 16.99 -4.41
CA ASN A 17 -0.09 17.85 -5.60
C ASN A 17 -1.44 17.74 -6.29
N GLU A 18 -2.00 16.54 -6.47
CA GLU A 18 -3.28 16.35 -7.17
C GLU A 18 -4.47 16.95 -6.42
N LEU A 19 -4.49 16.86 -5.08
CA LEU A 19 -5.47 17.53 -4.21
C LEU A 19 -5.32 19.08 -4.18
N LYS A 20 -4.26 19.63 -4.77
CA LYS A 20 -3.91 21.07 -4.77
C LYS A 20 -3.94 21.71 -6.17
N GLY A 21 -3.64 20.94 -7.21
CA GLY A 21 -3.54 21.39 -8.62
C GLY A 21 -4.75 21.06 -9.50
N GLN A 22 -5.72 20.28 -8.99
CA GLN A 22 -6.99 19.96 -9.67
C GLN A 22 -8.21 20.63 -9.00
N GLN A 23 -7.98 21.61 -8.11
CA GLN A 23 -9.04 22.44 -7.49
C GLN A 23 -9.82 23.24 -8.56
N ALA A 24 -11.11 23.51 -8.30
CA ALA A 24 -12.05 24.10 -9.26
C ALA A 24 -13.00 25.16 -8.66
N LEU A 25 -12.76 25.58 -7.40
CA LEU A 25 -13.59 26.53 -6.63
C LEU A 25 -12.73 27.37 -5.66
N GLY B 1 -1.48 9.36 18.90
CA GLY B 1 -0.79 9.46 20.20
C GLY B 1 -0.07 10.78 20.35
N VAL B 2 1.22 10.84 19.99
CA VAL B 2 2.09 12.02 20.21
C VAL B 2 1.93 13.04 19.08
N ARG B 3 1.61 14.30 19.40
CA ARG B 3 1.60 15.42 18.44
C ARG B 3 3.01 15.96 18.22
N LYS B 4 3.34 16.25 16.96
CA LYS B 4 4.72 16.57 16.49
C LYS B 4 4.81 17.85 15.63
N GLY B 5 3.78 18.68 15.65
CA GLY B 5 3.70 19.95 14.91
C GLY B 5 3.33 19.81 13.43
N TRP B 6 3.97 18.87 12.72
CA TRP B 6 3.75 18.62 11.29
C TRP B 6 2.36 18.07 10.92
N HIS B 7 1.61 17.59 11.91
CA HIS B 7 0.33 16.88 11.72
C HIS B 7 -0.73 17.71 10.96
N GLU B 8 -0.67 19.04 11.05
CA GLU B 8 -1.57 19.97 10.31
C GLU B 8 -1.45 19.89 8.78
N HIS B 9 -0.34 19.37 8.25
CA HIS B 9 -0.10 19.22 6.80
C HIS B 9 -0.78 17.98 6.18
N VAL B 10 -1.55 17.23 6.98
CA VAL B 10 -2.37 16.08 6.57
C VAL B 10 -3.86 16.35 6.85
N THR B 11 -4.73 15.87 5.97
CA THR B 11 -6.20 16.05 6.00
C THR B 11 -6.92 14.72 5.82
N GLN B 12 -8.22 14.64 6.15
CA GLN B 12 -9.03 13.43 5.90
C GLN B 12 -9.09 13.06 4.41
N ASP B 13 -9.15 14.05 3.52
CA ASP B 13 -9.12 13.83 2.07
C ASP B 13 -7.80 13.21 1.60
N LEU B 14 -6.66 13.69 2.12
CA LEU B 14 -5.35 13.09 1.87
C LEU B 14 -5.28 11.66 2.44
N ARG B 15 -5.69 11.47 3.69
CA ARG B 15 -5.72 10.16 4.37
C ARG B 15 -6.51 9.12 3.59
N SER B 16 -7.72 9.48 3.12
CA SER B 16 -8.60 8.60 2.34
C SER B 16 -7.91 8.09 1.08
N HIS B 17 -7.33 8.99 0.29
CA HIS B 17 -6.68 8.65 -0.98
C HIS B 17 -5.34 7.92 -0.76
N LEU B 18 -4.51 8.33 0.22
CA LEU B 18 -3.26 7.64 0.52
C LEU B 18 -3.49 6.20 0.98
N VAL B 19 -4.40 5.96 1.94
CA VAL B 19 -4.73 4.59 2.38
C VAL B 19 -5.26 3.76 1.21
N HIS B 20 -6.15 4.30 0.37
CA HIS B 20 -6.68 3.59 -0.79
C HIS B 20 -5.58 3.21 -1.80
N LYS B 21 -4.74 4.17 -2.20
CA LYS B 21 -3.65 3.95 -3.17
C LYS B 21 -2.56 3.00 -2.63
N LEU B 22 -2.27 3.07 -1.33
CA LEU B 22 -1.40 2.13 -0.62
C LEU B 22 -1.99 0.70 -0.71
N VAL B 23 -3.27 0.52 -0.37
CA VAL B 23 -3.99 -0.76 -0.53
C VAL B 23 -3.98 -1.28 -1.98
N GLN B 24 -4.20 -0.41 -2.99
CA GLN B 24 -4.18 -0.81 -4.41
C GLN B 24 -2.81 -1.33 -4.87
N ALA B 25 -1.71 -0.71 -4.43
CA ALA B 25 -0.37 -1.23 -4.71
C ALA B 25 -0.15 -2.59 -4.03
N ILE B 26 -0.58 -2.74 -2.77
CA ILE B 26 -0.43 -3.97 -1.96
C ILE B 26 -1.17 -5.15 -2.62
N PHE B 27 -2.40 -4.96 -3.09
CA PHE B 27 -3.12 -5.94 -3.91
C PHE B 27 -3.99 -5.22 -4.96
N PRO B 28 -3.67 -5.32 -6.27
CA PRO B 28 -4.41 -4.69 -7.37
C PRO B 28 -5.91 -5.05 -7.50
N THR B 29 -6.40 -6.05 -6.76
CA THR B 29 -7.79 -6.56 -6.73
C THR B 29 -8.15 -7.43 -7.96
N PRO B 30 -9.05 -8.44 -7.82
CA PRO B 30 -9.42 -9.35 -8.91
C PRO B 30 -10.55 -8.79 -9.80
N ASP B 31 -11.50 -8.08 -9.19
CA ASP B 31 -12.71 -7.48 -9.76
C ASP B 31 -13.19 -6.34 -8.83
N PRO B 32 -13.95 -5.35 -9.31
CA PRO B 32 -14.31 -4.17 -8.52
C PRO B 32 -15.32 -4.48 -7.39
N ALA B 33 -16.01 -5.62 -7.45
CA ALA B 33 -16.83 -6.13 -6.35
C ALA B 33 -15.99 -6.50 -5.10
N ALA B 34 -14.73 -6.94 -5.27
CA ALA B 34 -13.83 -7.30 -4.17
C ALA B 34 -13.50 -6.08 -3.27
N LEU B 35 -13.38 -4.88 -3.86
CA LEU B 35 -13.20 -3.61 -3.14
C LEU B 35 -14.39 -3.22 -2.23
N LYS B 36 -15.50 -3.98 -2.31
CA LYS B 36 -16.74 -3.81 -1.53
C LYS B 36 -17.06 -5.05 -0.68
N ASP B 37 -16.09 -5.96 -0.50
CA ASP B 37 -16.23 -7.25 0.18
C ASP B 37 -15.36 -7.32 1.45
N ARG B 38 -15.88 -7.96 2.50
CA ARG B 38 -15.21 -8.07 3.82
C ARG B 38 -13.85 -8.78 3.78
N ARG B 39 -13.55 -9.59 2.76
CA ARG B 39 -12.24 -10.22 2.57
C ARG B 39 -11.14 -9.19 2.25
N MET B 40 -11.45 -8.19 1.42
CA MET B 40 -10.57 -7.05 1.15
C MET B 40 -10.55 -6.05 2.32
N GLU B 41 -11.66 -5.91 3.07
CA GLU B 41 -11.71 -5.09 4.30
C GLU B 41 -10.65 -5.51 5.36
N ASN B 42 -10.28 -6.79 5.43
CA ASN B 42 -9.15 -7.23 6.27
C ASN B 42 -7.83 -6.57 5.85
N LEU B 43 -7.56 -6.49 4.54
CA LEU B 43 -6.37 -5.83 3.98
C LEU B 43 -6.43 -4.30 4.19
N VAL B 44 -7.59 -3.70 3.97
CA VAL B 44 -7.86 -2.28 4.27
C VAL B 44 -7.59 -1.95 5.74
N ALA B 45 -8.01 -2.80 6.68
CA ALA B 45 -7.80 -2.63 8.12
C ALA B 45 -6.34 -2.80 8.53
N TYR B 46 -5.63 -3.83 8.05
CA TYR B 46 -4.19 -3.99 8.26
C TYR B 46 -3.40 -2.80 7.69
N ALA B 47 -3.76 -2.33 6.49
CA ALA B 47 -3.16 -1.15 5.88
C ALA B 47 -3.40 0.10 6.72
N LYS B 48 -4.63 0.36 7.20
CA LYS B 48 -4.93 1.48 8.13
C LYS B 48 -4.11 1.39 9.43
N LYS B 49 -4.01 0.20 10.01
CA LYS B 49 -3.26 -0.07 11.25
C LYS B 49 -1.77 0.27 11.10
N VAL B 50 -1.13 -0.23 10.03
CA VAL B 50 0.31 0.05 9.76
C VAL B 50 0.54 1.48 9.28
N GLU B 51 -0.34 2.05 8.44
CA GLU B 51 -0.30 3.46 8.03
C GLU B 51 -0.28 4.42 9.24
N GLY B 52 -1.11 4.11 10.26
CA GLY B 52 -1.12 4.81 11.55
C GLY B 52 0.17 4.65 12.36
N ASP B 53 0.86 3.51 12.26
CA ASP B 53 2.13 3.27 12.95
C ASP B 53 3.30 4.01 12.26
N MET B 54 3.28 4.10 10.93
CA MET B 54 4.25 4.89 10.15
C MET B 54 4.09 6.40 10.43
N TYR B 55 2.84 6.87 10.53
CA TYR B 55 2.47 8.22 10.94
C TYR B 55 2.90 8.55 12.38
N GLU B 56 2.68 7.64 13.34
CA GLU B 56 3.15 7.79 14.72
C GLU B 56 4.69 7.76 14.83
N SER B 57 5.37 7.05 13.93
CA SER B 57 6.83 6.93 13.92
C SER B 57 7.55 8.17 13.37
N ALA B 58 7.01 8.79 12.32
CA ALA B 58 7.67 9.84 11.56
C ALA B 58 7.86 11.18 12.32
N ASN B 59 9.06 11.75 12.15
CA ASN B 59 9.45 13.08 12.64
C ASN B 59 8.93 14.23 11.75
N SER B 60 8.47 13.95 10.53
CA SER B 60 7.92 14.92 9.58
C SER B 60 6.92 14.26 8.62
N ARG B 61 6.10 15.06 7.93
CA ARG B 61 5.16 14.59 6.90
C ARG B 61 5.87 13.84 5.76
N ASP B 62 7.01 14.37 5.33
CA ASP B 62 7.79 13.78 4.23
C ASP B 62 8.47 12.47 4.65
N GLU B 63 8.87 12.34 5.92
CA GLU B 63 9.33 11.05 6.47
C GLU B 63 8.18 10.03 6.58
N TYR B 64 6.97 10.46 6.98
CA TYR B 64 5.77 9.62 6.95
C TYR B 64 5.48 9.09 5.54
N TYR B 65 5.42 9.96 4.54
CA TYR B 65 5.36 9.58 3.13
C TYR B 65 6.45 8.58 2.70
N HIS B 66 7.72 8.86 3.05
CA HIS B 66 8.84 7.98 2.72
C HIS B 66 8.71 6.58 3.37
N LEU B 67 8.25 6.52 4.62
CA LEU B 67 7.96 5.26 5.32
C LEU B 67 6.79 4.49 4.70
N LEU B 68 5.70 5.17 4.30
CA LEU B 68 4.61 4.55 3.53
C LEU B 68 5.12 3.96 2.20
N ALA B 69 5.91 4.73 1.46
CA ALA B 69 6.44 4.31 0.16
C ALA B 69 7.51 3.22 0.28
N GLU B 70 8.29 3.18 1.36
CA GLU B 70 9.21 2.08 1.68
C GLU B 70 8.45 0.77 1.93
N LYS B 71 7.34 0.80 2.69
CA LYS B 71 6.40 -0.33 2.84
C LYS B 71 5.82 -0.79 1.49
N ILE B 72 5.51 0.14 0.59
CA ILE B 72 5.05 -0.18 -0.76
C ILE B 72 6.14 -0.85 -1.61
N TYR B 73 7.38 -0.34 -1.59
CA TYR B 73 8.52 -0.98 -2.25
C TYR B 73 8.79 -2.38 -1.69
N LYS B 74 8.85 -2.51 -0.35
CA LYS B 74 8.96 -3.76 0.42
C LYS B 74 7.96 -4.82 -0.06
N ILE B 75 6.67 -4.50 -0.11
CA ILE B 75 5.62 -5.43 -0.53
C ILE B 75 5.71 -5.72 -2.03
N GLN B 76 5.75 -4.69 -2.88
CA GLN B 76 5.68 -4.86 -4.32
C GLN B 76 6.87 -5.65 -4.89
N LYS B 77 8.10 -5.31 -4.49
CA LYS B 77 9.33 -5.95 -4.98
C LYS B 77 9.51 -7.38 -4.47
N GLU B 78 9.04 -7.65 -3.25
CA GLU B 78 9.01 -9.01 -2.70
C GLU B 78 8.01 -9.90 -3.44
N LEU B 79 6.77 -9.45 -3.65
CA LEU B 79 5.77 -10.23 -4.40
C LEU B 79 6.13 -10.43 -5.88
N GLU B 80 6.81 -9.45 -6.50
CA GLU B 80 7.42 -9.59 -7.84
C GLU B 80 8.53 -10.68 -7.93
N GLU B 81 8.92 -11.27 -6.79
CA GLU B 81 9.78 -12.45 -6.69
C GLU B 81 8.98 -13.69 -6.23
N LYS B 82 8.19 -13.57 -5.16
CA LYS B 82 7.44 -14.70 -4.57
C LYS B 82 6.30 -15.24 -5.47
N ARG B 83 5.89 -14.51 -6.51
CA ARG B 83 4.89 -14.90 -7.54
C ARG B 83 5.48 -15.00 -8.95
N ARG B 84 6.80 -14.81 -9.11
CA ARG B 84 7.52 -14.86 -10.39
C ARG B 84 7.46 -16.21 -11.10
N SER B 85 7.05 -17.26 -10.39
CA SER B 85 6.72 -18.59 -10.91
C SER B 85 5.57 -18.62 -11.91
N ARG B 86 4.69 -17.60 -11.94
CA ARG B 86 3.62 -17.44 -12.96
C ARG B 86 4.23 -17.19 -14.35
N LEU B 87 4.19 -18.21 -15.21
CA LEU B 87 4.66 -18.19 -16.60
C LEU B 87 3.90 -17.17 -17.48
N SER C 1 15.00 -8.08 21.21
CA SER C 1 14.36 -7.12 20.28
C SER C 1 14.49 -7.60 18.83
N ASP C 2 13.52 -7.24 17.98
CA ASP C 2 13.43 -7.66 16.57
C ASP C 2 12.75 -6.58 15.70
N ASP C 3 13.07 -6.53 14.40
CA ASP C 3 12.55 -5.54 13.45
C ASP C 3 11.05 -5.69 13.11
N GLY C 4 10.42 -6.83 13.41
CA GLY C 4 9.01 -7.12 13.07
C GLY C 4 8.79 -7.47 11.60
N ASN C 5 7.53 -7.42 11.15
CA ASN C 5 7.11 -7.74 9.78
C ASN C 5 6.02 -6.77 9.28
N ILE C 6 6.30 -6.08 8.17
CA ILE C 6 5.41 -5.11 7.53
C ILE C 6 4.23 -5.76 6.77
N LEU C 7 4.29 -7.06 6.45
CA LEU C 7 3.27 -7.83 5.72
C LEU C 7 2.95 -9.12 6.52
N PRO C 8 2.14 -9.01 7.61
CA PRO C 8 1.69 -10.12 8.46
C PRO C 8 1.28 -11.38 7.69
N SER C 9 1.72 -12.55 8.15
CA SER C 9 1.60 -13.83 7.42
C SER C 9 0.19 -14.22 6.98
N ASP C 10 -0.84 -13.92 7.78
CA ASP C 10 -2.24 -14.19 7.43
C ASP C 10 -2.74 -13.32 6.28
N ILE C 11 -2.32 -12.05 6.23
CA ILE C 11 -2.55 -11.15 5.09
C ILE C 11 -1.69 -11.55 3.89
N MET C 12 -0.41 -11.89 4.10
CA MET C 12 0.49 -12.33 3.04
C MET C 12 -0.11 -13.50 2.27
N ASP C 13 -0.53 -14.55 2.98
CA ASP C 13 -1.16 -15.76 2.43
C ASP C 13 -2.38 -15.47 1.54
N PHE C 14 -3.23 -14.49 1.92
CA PHE C 14 -4.34 -14.00 1.10
C PHE C 14 -3.83 -13.32 -0.19
N VAL C 15 -2.91 -12.36 -0.09
CA VAL C 15 -2.34 -11.68 -1.27
C VAL C 15 -1.62 -12.67 -2.21
N LEU C 16 -0.88 -13.64 -1.67
CA LEU C 16 -0.16 -14.64 -2.48
C LEU C 16 -1.12 -15.57 -3.25
N LYS C 17 -2.28 -15.93 -2.69
CA LYS C 17 -3.30 -16.77 -3.36
C LYS C 17 -4.17 -16.01 -4.37
N ASN C 18 -4.44 -14.73 -4.14
CA ASN C 18 -5.28 -13.94 -5.03
C ASN C 18 -4.59 -13.56 -6.35
N THR C 19 -3.31 -13.20 -6.29
CA THR C 19 -2.55 -12.64 -7.43
C THR C 19 -2.25 -13.59 -8.60
N PRO C 20 -1.96 -14.90 -8.43
CA PRO C 20 -1.78 -15.86 -9.53
C PRO C 20 -3.15 -16.35 -10.07
N SER C 21 -3.92 -15.43 -10.68
CA SER C 21 -5.29 -15.57 -11.19
C SER C 21 -5.52 -16.59 -12.35
N MET C 22 -4.60 -17.54 -12.58
CA MET C 22 -4.74 -18.61 -13.57
C MET C 22 -5.89 -19.59 -13.23
N GLN C 23 -6.50 -20.21 -14.25
CA GLN C 23 -7.66 -21.12 -14.14
C GLN C 23 -7.50 -22.44 -14.92
N ALA C 24 -6.40 -22.64 -15.65
CA ALA C 24 -6.12 -23.86 -16.40
C ALA C 24 -5.86 -25.09 -15.49
N LEU C 25 -6.09 -26.30 -16.02
CA LEU C 25 -5.85 -27.57 -15.31
C LEU C 25 -5.52 -28.75 -16.24
N GLY C 26 -6.28 -28.95 -17.33
CA GLY C 26 -6.08 -30.08 -18.25
C GLY C 26 -7.15 -30.21 -19.34
N GLU C 27 -7.59 -29.09 -19.94
CA GLU C 27 -8.57 -29.07 -21.04
C GLU C 27 -8.01 -29.62 -22.37
N SER C 28 -8.90 -29.91 -23.33
CA SER C 28 -8.56 -30.35 -24.69
C SER C 28 -9.54 -29.73 -25.73
N PRO C 29 -9.44 -28.41 -25.98
CA PRO C 29 -10.33 -27.68 -26.91
C PRO C 29 -10.05 -28.02 -28.39
N GLU C 30 -10.95 -27.59 -29.28
CA GLU C 30 -10.85 -27.76 -30.73
C GLU C 30 -9.79 -26.86 -31.41
N SER C 31 -9.21 -25.91 -30.67
CA SER C 31 -8.23 -24.89 -31.12
C SER C 31 -7.02 -25.46 -31.89
N LYS A 1 17.49 -1.20 -9.12
CA LYS A 1 16.62 -0.54 -8.10
C LYS A 1 16.24 0.88 -8.52
N GLU A 2 17.22 1.72 -8.81
CA GLU A 2 17.18 3.18 -9.03
C GLU A 2 15.90 3.73 -9.68
N LYS A 3 15.51 3.25 -10.87
CA LYS A 3 14.30 3.68 -11.57
C LYS A 3 13.03 3.29 -10.81
N ARG A 4 12.81 1.99 -10.54
CA ARG A 4 11.62 1.47 -9.85
C ARG A 4 11.47 2.05 -8.43
N ILE A 5 12.57 2.33 -7.72
CA ILE A 5 12.53 3.01 -6.41
C ILE A 5 11.77 4.34 -6.51
N LYS A 6 12.18 5.23 -7.42
CA LYS A 6 11.53 6.55 -7.61
C LYS A 6 10.15 6.40 -8.23
N GLU A 7 9.99 5.52 -9.21
CA GLU A 7 8.71 5.16 -9.87
C GLU A 7 7.63 4.77 -8.85
N LEU A 8 7.97 3.88 -7.90
CA LEU A 8 7.04 3.43 -6.87
C LEU A 8 6.84 4.46 -5.75
N GLU A 9 7.89 5.16 -5.35
CA GLU A 9 7.79 6.19 -4.30
C GLU A 9 6.92 7.39 -4.73
N LEU A 10 7.06 7.82 -5.99
CA LEU A 10 6.29 8.89 -6.60
C LEU A 10 4.77 8.60 -6.66
N LEU A 11 4.39 7.34 -6.85
CA LEU A 11 2.98 6.92 -6.92
C LEU A 11 2.20 7.27 -5.65
N LEU A 12 2.81 7.19 -4.46
CA LEU A 12 2.22 7.74 -3.23
C LEU A 12 2.41 9.26 -3.18
N MET A 13 3.65 9.74 -3.33
CA MET A 13 4.05 11.14 -3.09
C MET A 13 3.23 12.17 -3.91
N SER A 14 2.73 11.78 -5.08
CA SER A 14 1.89 12.62 -5.94
C SER A 14 0.59 13.10 -5.28
N THR A 15 0.06 12.40 -4.27
CA THR A 15 -1.27 12.70 -3.69
C THR A 15 -1.38 14.10 -3.11
N GLU A 16 -0.34 14.62 -2.45
CA GLU A 16 -0.35 15.99 -1.91
C GLU A 16 -0.40 17.08 -3.02
N ASN A 17 0.07 16.77 -4.23
CA ASN A 17 -0.10 17.62 -5.41
C ASN A 17 -1.51 17.46 -6.03
N GLU A 18 -1.99 16.22 -6.19
CA GLU A 18 -3.33 15.91 -6.74
C GLU A 18 -4.48 16.61 -6.00
N LEU A 19 -4.37 16.69 -4.66
CA LEU A 19 -5.37 17.31 -3.78
C LEU A 19 -5.38 18.85 -3.75
N LYS A 20 -4.45 19.54 -4.44
CA LYS A 20 -4.42 21.02 -4.50
C LYS A 20 -5.67 21.65 -5.11
N GLY A 21 -6.36 20.95 -6.01
CA GLY A 21 -7.70 21.33 -6.52
C GLY A 21 -8.07 20.73 -7.88
N GLN A 22 -9.36 20.81 -8.22
CA GLN A 22 -9.92 20.36 -9.51
C GLN A 22 -11.19 21.13 -9.97
N GLN A 23 -11.81 21.93 -9.09
CA GLN A 23 -12.94 22.83 -9.39
C GLN A 23 -12.85 24.09 -8.51
N ALA A 24 -11.73 24.82 -8.63
CA ALA A 24 -11.47 26.06 -7.88
C ALA A 24 -12.48 27.19 -8.18
N LEU A 25 -13.12 27.17 -9.36
CA LEU A 25 -14.22 28.06 -9.77
C LEU A 25 -15.50 27.82 -8.92
N GLY B 1 11.99 21.26 20.20
CA GLY B 1 10.54 21.16 19.93
C GLY B 1 9.79 20.45 21.04
N VAL B 2 8.45 20.42 20.95
CA VAL B 2 7.55 19.86 21.99
C VAL B 2 6.50 18.89 21.40
N ARG B 3 6.11 19.07 20.13
CA ARG B 3 5.03 18.32 19.45
C ARG B 3 5.33 18.18 17.94
N LYS B 4 4.68 17.20 17.28
CA LYS B 4 4.91 16.81 15.86
C LYS B 4 4.90 17.98 14.86
N GLY B 5 3.92 18.88 14.97
CA GLY B 5 3.75 20.08 14.14
C GLY B 5 3.25 19.82 12.71
N TRP B 6 3.89 18.91 11.98
CA TRP B 6 3.55 18.56 10.58
C TRP B 6 2.13 18.00 10.39
N HIS B 7 1.51 17.51 11.47
CA HIS B 7 0.13 17.04 11.49
C HIS B 7 -0.89 18.16 11.14
N GLU B 8 -0.53 19.43 11.35
CA GLU B 8 -1.33 20.61 10.95
C GLU B 8 -1.31 20.88 9.43
N HIS B 9 -0.52 20.13 8.66
CA HIS B 9 -0.30 20.25 7.21
C HIS B 9 -0.83 19.01 6.43
N VAL B 10 -1.73 18.25 7.05
CA VAL B 10 -2.39 17.05 6.50
C VAL B 10 -3.90 17.16 6.67
N THR B 11 -4.66 16.85 5.63
CA THR B 11 -6.14 16.85 5.64
C THR B 11 -6.70 15.44 5.81
N GLN B 12 -7.96 15.32 6.26
CA GLN B 12 -8.66 14.04 6.31
C GLN B 12 -8.78 13.39 4.92
N ASP B 13 -8.98 14.19 3.87
CA ASP B 13 -9.01 13.70 2.48
C ASP B 13 -7.67 13.10 2.04
N LEU B 14 -6.54 13.68 2.46
CA LEU B 14 -5.21 13.12 2.23
C LEU B 14 -5.05 11.76 2.93
N ARG B 15 -5.44 11.65 4.22
CA ARG B 15 -5.44 10.36 4.94
C ARG B 15 -6.29 9.30 4.21
N SER B 16 -7.53 9.63 3.84
CA SER B 16 -8.43 8.74 3.12
C SER B 16 -7.85 8.24 1.80
N HIS B 17 -7.40 9.16 0.94
CA HIS B 17 -6.85 8.81 -0.38
C HIS B 17 -5.53 8.03 -0.27
N LEU B 18 -4.66 8.38 0.68
CA LEU B 18 -3.42 7.63 0.92
C LEU B 18 -3.70 6.20 1.37
N VAL B 19 -4.63 5.95 2.31
CA VAL B 19 -5.05 4.57 2.65
C VAL B 19 -5.56 3.84 1.41
N HIS B 20 -6.46 4.45 0.63
CA HIS B 20 -6.98 3.89 -0.62
C HIS B 20 -5.86 3.48 -1.61
N LYS B 21 -4.82 4.31 -1.75
CA LYS B 21 -3.71 4.08 -2.69
C LYS B 21 -2.65 3.13 -2.15
N LEU B 22 -2.44 3.12 -0.82
CA LEU B 22 -1.63 2.12 -0.13
C LEU B 22 -2.23 0.73 -0.39
N VAL B 23 -3.55 0.58 -0.24
CA VAL B 23 -4.31 -0.64 -0.59
C VAL B 23 -4.09 -1.06 -2.05
N GLN B 24 -4.13 -0.14 -3.03
CA GLN B 24 -3.91 -0.52 -4.44
C GLN B 24 -2.50 -1.08 -4.69
N ALA B 25 -1.47 -0.52 -4.06
CA ALA B 25 -0.10 -1.02 -4.17
C ALA B 25 0.13 -2.34 -3.40
N ILE B 26 -0.61 -2.58 -2.30
CA ILE B 26 -0.62 -3.87 -1.60
C ILE B 26 -1.30 -4.94 -2.48
N PHE B 27 -2.53 -4.71 -2.94
CA PHE B 27 -3.22 -5.56 -3.91
C PHE B 27 -4.21 -4.72 -4.77
N PRO B 28 -4.04 -4.65 -6.12
CA PRO B 28 -4.90 -3.86 -7.01
C PRO B 28 -6.40 -4.24 -7.06
N THR B 29 -6.80 -5.36 -6.43
CA THR B 29 -8.13 -5.99 -6.48
C THR B 29 -8.47 -6.64 -7.83
N PRO B 30 -9.27 -7.74 -7.88
CA PRO B 30 -9.61 -8.43 -9.12
C PRO B 30 -10.85 -7.85 -9.82
N ASP B 31 -11.84 -7.41 -9.04
CA ASP B 31 -13.18 -6.93 -9.41
C ASP B 31 -13.76 -6.09 -8.25
N PRO B 32 -14.73 -5.19 -8.50
CA PRO B 32 -15.26 -4.30 -7.46
C PRO B 32 -16.05 -5.04 -6.37
N ALA B 33 -16.58 -6.23 -6.68
CA ALA B 33 -17.21 -7.12 -5.69
C ALA B 33 -16.24 -7.63 -4.60
N ALA B 34 -14.93 -7.62 -4.85
CA ALA B 34 -13.92 -8.02 -3.86
C ALA B 34 -13.75 -6.95 -2.76
N LEU B 35 -13.56 -5.67 -3.13
CA LEU B 35 -13.49 -4.55 -2.17
C LEU B 35 -14.81 -4.27 -1.43
N LYS B 36 -15.93 -4.81 -1.95
CA LYS B 36 -17.26 -4.82 -1.32
C LYS B 36 -17.41 -5.89 -0.22
N ASP B 37 -16.41 -6.76 -0.02
CA ASP B 37 -16.48 -7.94 0.87
C ASP B 37 -15.40 -7.95 1.97
N ARG B 38 -15.70 -8.63 3.09
CA ARG B 38 -14.84 -8.74 4.28
C ARG B 38 -13.45 -9.32 3.96
N ARG B 39 -13.34 -10.20 2.95
CA ARG B 39 -12.06 -10.77 2.48
C ARG B 39 -11.01 -9.69 2.17
N MET B 40 -11.40 -8.65 1.43
CA MET B 40 -10.54 -7.50 1.14
C MET B 40 -10.51 -6.48 2.29
N GLU B 41 -11.59 -6.34 3.07
CA GLU B 41 -11.61 -5.51 4.29
C GLU B 41 -10.52 -5.88 5.31
N ASN B 42 -10.13 -7.16 5.39
CA ASN B 42 -8.96 -7.61 6.17
C ASN B 42 -7.67 -6.90 5.74
N LEU B 43 -7.42 -6.84 4.42
CA LEU B 43 -6.27 -6.18 3.80
C LEU B 43 -6.33 -4.66 3.94
N VAL B 44 -7.52 -4.08 3.77
CA VAL B 44 -7.82 -2.65 4.02
C VAL B 44 -7.51 -2.24 5.47
N ALA B 45 -7.91 -3.05 6.46
CA ALA B 45 -7.62 -2.82 7.88
C ALA B 45 -6.10 -2.94 8.18
N TYR B 46 -5.43 -3.93 7.58
CA TYR B 46 -3.96 -4.05 7.58
C TYR B 46 -3.29 -2.79 7.00
N ALA B 47 -3.77 -2.29 5.86
CA ALA B 47 -3.29 -1.05 5.24
C ALA B 47 -3.51 0.18 6.14
N LYS B 48 -4.69 0.29 6.80
CA LYS B 48 -4.95 1.35 7.81
C LYS B 48 -3.98 1.28 8.99
N LYS B 49 -3.71 0.09 9.52
CA LYS B 49 -2.77 -0.13 10.63
C LYS B 49 -1.33 0.23 10.24
N VAL B 50 -0.87 -0.17 9.05
CA VAL B 50 0.43 0.24 8.50
C VAL B 50 0.48 1.76 8.32
N GLU B 51 -0.51 2.39 7.67
CA GLU B 51 -0.58 3.84 7.48
C GLU B 51 -0.44 4.61 8.80
N GLY B 52 -1.19 4.20 9.83
CA GLY B 52 -1.16 4.81 11.16
C GLY B 52 0.18 4.65 11.89
N ASP B 53 0.88 3.51 11.72
CA ASP B 53 2.16 3.27 12.38
C ASP B 53 3.29 4.10 11.74
N MET B 54 3.23 4.31 10.43
CA MET B 54 4.16 5.18 9.69
C MET B 54 3.91 6.66 10.00
N TYR B 55 2.64 7.06 10.12
CA TYR B 55 2.20 8.39 10.54
C TYR B 55 2.64 8.75 11.97
N GLU B 56 2.44 7.85 12.94
CA GLU B 56 2.90 8.04 14.31
C GLU B 56 4.43 8.08 14.44
N SER B 57 5.16 7.41 13.54
CA SER B 57 6.63 7.36 13.57
C SER B 57 7.34 8.60 13.01
N ALA B 58 6.73 9.27 12.01
CA ALA B 58 7.38 10.33 11.24
C ALA B 58 7.36 11.71 11.92
N ASN B 59 8.30 12.55 11.50
CA ASN B 59 8.57 13.90 12.02
C ASN B 59 8.34 15.00 10.96
N SER B 60 8.04 14.61 9.72
CA SER B 60 7.58 15.47 8.63
C SER B 60 6.72 14.69 7.62
N ARG B 61 5.96 15.39 6.77
CA ARG B 61 5.08 14.77 5.75
C ARG B 61 5.86 13.99 4.69
N ASP B 62 6.97 14.54 4.22
CA ASP B 62 7.87 13.86 3.28
C ASP B 62 8.58 12.62 3.87
N GLU B 63 8.90 12.63 5.17
CA GLU B 63 9.43 11.45 5.87
C GLU B 63 8.34 10.38 6.07
N TYR B 64 7.11 10.80 6.40
CA TYR B 64 5.93 9.94 6.44
C TYR B 64 5.67 9.25 5.10
N TYR B 65 5.61 10.00 4.00
CA TYR B 65 5.61 9.45 2.63
C TYR B 65 6.72 8.43 2.38
N HIS B 66 7.97 8.74 2.74
CA HIS B 66 9.08 7.79 2.58
C HIS B 66 8.87 6.51 3.40
N LEU B 67 8.38 6.61 4.64
CA LEU B 67 8.04 5.45 5.49
C LEU B 67 6.89 4.61 4.91
N LEU B 68 5.80 5.24 4.43
CA LEU B 68 4.74 4.54 3.69
C LEU B 68 5.31 3.80 2.48
N ALA B 69 6.04 4.55 1.63
CA ALA B 69 6.55 4.05 0.36
C ALA B 69 7.63 2.96 0.55
N GLU B 70 8.40 2.95 1.64
CA GLU B 70 9.33 1.87 1.99
C GLU B 70 8.61 0.55 2.24
N LYS B 71 7.53 0.56 3.05
CA LYS B 71 6.70 -0.62 3.33
C LYS B 71 6.00 -1.10 2.07
N ILE B 72 5.48 -0.17 1.27
CA ILE B 72 4.98 -0.44 -0.09
C ILE B 72 6.04 -1.06 -0.98
N TYR B 73 7.30 -0.60 -0.92
CA TYR B 73 8.39 -1.17 -1.71
C TYR B 73 8.68 -2.60 -1.29
N LYS B 74 8.80 -2.90 0.01
CA LYS B 74 8.91 -4.29 0.51
C LYS B 74 7.77 -5.14 -0.06
N ILE B 75 6.53 -4.77 0.23
CA ILE B 75 5.34 -5.53 -0.19
C ILE B 75 5.32 -5.75 -1.70
N GLN B 76 5.39 -4.69 -2.51
CA GLN B 76 5.30 -4.79 -3.98
C GLN B 76 6.48 -5.55 -4.60
N LYS B 77 7.72 -5.17 -4.25
CA LYS B 77 8.95 -5.68 -4.88
C LYS B 77 9.20 -7.15 -4.54
N GLU B 78 8.92 -7.55 -3.31
CA GLU B 78 8.98 -8.95 -2.85
C GLU B 78 7.95 -9.82 -3.59
N LEU B 79 6.68 -9.42 -3.60
CA LEU B 79 5.61 -10.16 -4.29
C LEU B 79 5.91 -10.38 -5.78
N GLU B 80 6.45 -9.37 -6.48
CA GLU B 80 6.77 -9.45 -7.91
C GLU B 80 7.76 -10.57 -8.30
N GLU B 81 8.48 -11.16 -7.34
CA GLU B 81 9.30 -12.37 -7.57
C GLU B 81 8.86 -13.57 -6.71
N LYS B 82 8.40 -13.36 -5.47
CA LYS B 82 8.02 -14.44 -4.54
C LYS B 82 6.70 -15.13 -4.88
N ARG B 83 5.92 -14.66 -5.86
CA ARG B 83 4.75 -15.39 -6.40
C ARG B 83 4.91 -15.79 -7.88
N ARG B 84 5.63 -14.99 -8.67
CA ARG B 84 5.99 -15.30 -10.08
C ARG B 84 6.88 -16.55 -10.22
N SER B 85 7.72 -16.82 -9.22
CA SER B 85 8.60 -18.01 -9.19
C SER B 85 7.93 -19.29 -8.66
N ARG B 86 6.68 -19.22 -8.18
CA ARG B 86 5.97 -20.30 -7.48
C ARG B 86 4.73 -20.82 -8.24
N LEU B 87 4.57 -20.41 -9.50
CA LEU B 87 3.49 -20.83 -10.41
C LEU B 87 3.47 -22.35 -10.66
N SER C 1 16.36 -4.51 7.43
CA SER C 1 17.04 -5.26 8.52
C SER C 1 16.22 -6.45 9.01
N ASP C 2 15.05 -6.24 9.62
CA ASP C 2 14.23 -7.28 10.26
C ASP C 2 12.71 -7.06 10.02
N ASP C 3 12.36 -6.46 8.88
CA ASP C 3 11.01 -5.97 8.55
C ASP C 3 9.96 -7.06 8.21
N GLY C 4 10.25 -8.36 8.39
CA GLY C 4 9.34 -9.47 8.07
C GLY C 4 7.91 -9.34 8.64
N ASN C 5 7.77 -8.73 9.82
CA ASN C 5 6.49 -8.48 10.49
C ASN C 5 5.56 -7.50 9.75
N ILE C 6 6.07 -6.73 8.76
CA ILE C 6 5.27 -5.81 7.93
C ILE C 6 4.17 -6.51 7.14
N LEU C 7 4.32 -7.81 6.80
CA LEU C 7 3.40 -8.59 5.97
C LEU C 7 3.06 -9.93 6.65
N PRO C 8 2.07 -9.95 7.58
CA PRO C 8 1.54 -11.15 8.22
C PRO C 8 1.19 -12.26 7.24
N SER C 9 1.43 -13.52 7.63
CA SER C 9 1.25 -14.71 6.78
C SER C 9 -0.16 -14.89 6.20
N ASP C 10 -1.21 -14.48 6.92
CA ASP C 10 -2.59 -14.56 6.44
C ASP C 10 -2.88 -13.57 5.29
N ILE C 11 -2.44 -12.31 5.42
CA ILE C 11 -2.52 -11.32 4.34
C ILE C 11 -1.55 -11.71 3.20
N MET C 12 -0.37 -12.25 3.50
CA MET C 12 0.57 -12.75 2.50
C MET C 12 -0.07 -13.83 1.62
N ASP C 13 -0.60 -14.90 2.20
CA ASP C 13 -1.26 -16.00 1.47
C ASP C 13 -2.49 -15.54 0.65
N PHE C 14 -3.21 -14.52 1.12
CA PHE C 14 -4.26 -13.87 0.34
C PHE C 14 -3.67 -13.16 -0.90
N VAL C 15 -2.72 -12.24 -0.71
CA VAL C 15 -2.13 -11.45 -1.83
C VAL C 15 -1.31 -12.31 -2.81
N LEU C 16 -0.58 -13.34 -2.36
CA LEU C 16 0.16 -14.23 -3.28
C LEU C 16 -0.80 -14.98 -4.23
N LYS C 17 -1.95 -15.44 -3.70
CA LYS C 17 -2.96 -16.23 -4.41
C LYS C 17 -3.92 -15.42 -5.29
N ASN C 18 -4.30 -14.21 -4.87
CA ASN C 18 -5.37 -13.45 -5.54
C ASN C 18 -5.03 -13.03 -6.98
N THR C 19 -3.88 -12.39 -7.20
CA THR C 19 -3.56 -11.76 -8.49
C THR C 19 -3.14 -12.72 -9.60
N PRO C 20 -2.22 -13.70 -9.39
CA PRO C 20 -1.66 -14.49 -10.48
C PRO C 20 -2.46 -15.79 -10.78
N SER C 21 -2.46 -16.74 -9.83
CA SER C 21 -2.97 -18.11 -9.97
C SER C 21 -3.30 -18.71 -8.59
N MET C 22 -4.03 -19.83 -8.56
CA MET C 22 -4.50 -20.56 -7.36
C MET C 22 -3.43 -21.04 -6.36
N GLN C 23 -2.14 -20.89 -6.66
CA GLN C 23 -1.02 -21.25 -5.78
C GLN C 23 -1.07 -20.50 -4.43
N ALA C 24 -0.48 -21.10 -3.39
CA ALA C 24 -0.62 -20.65 -1.99
C ALA C 24 0.72 -20.65 -1.23
N LEU C 25 0.74 -20.00 -0.06
CA LEU C 25 1.89 -19.94 0.84
C LEU C 25 2.19 -21.34 1.43
N GLY C 26 3.36 -21.90 1.09
CA GLY C 26 3.79 -23.23 1.54
C GLY C 26 5.24 -23.57 1.16
N GLU C 27 6.13 -22.57 1.11
CA GLU C 27 7.53 -22.70 0.69
C GLU C 27 8.43 -23.44 1.72
N SER C 28 7.98 -23.57 2.97
CA SER C 28 8.74 -24.18 4.08
C SER C 28 7.83 -24.90 5.10
N PRO C 29 8.38 -25.71 6.03
CA PRO C 29 7.63 -26.35 7.13
C PRO C 29 6.90 -25.40 8.11
N GLU C 30 7.08 -24.08 8.00
CA GLU C 30 6.54 -23.07 8.94
C GLU C 30 5.00 -22.88 8.85
N SER C 31 4.34 -23.44 7.83
CA SER C 31 2.89 -23.39 7.59
C SER C 31 2.03 -23.82 8.79
N LYS A 1 16.09 -0.09 -13.91
CA LYS A 1 15.77 -0.20 -12.46
C LYS A 1 15.46 1.17 -11.85
N GLU A 2 16.47 2.05 -11.69
CA GLU A 2 16.39 3.31 -10.92
C GLU A 2 15.14 4.16 -11.20
N LYS A 3 14.77 4.34 -12.47
CA LYS A 3 13.54 5.03 -12.91
C LYS A 3 12.28 4.46 -12.25
N ARG A 4 12.05 3.14 -12.35
CA ARG A 4 10.90 2.46 -11.72
C ARG A 4 10.99 2.49 -10.19
N ILE A 5 12.18 2.33 -9.62
CA ILE A 5 12.36 2.40 -8.15
C ILE A 5 11.92 3.77 -7.61
N LYS A 6 12.37 4.86 -8.24
CA LYS A 6 11.90 6.21 -7.91
C LYS A 6 10.41 6.39 -8.23
N GLU A 7 9.93 5.88 -9.37
CA GLU A 7 8.53 5.92 -9.78
C GLU A 7 7.57 5.32 -8.73
N LEU A 8 7.89 4.13 -8.20
CA LEU A 8 7.11 3.48 -7.15
C LEU A 8 7.08 4.29 -5.85
N GLU A 9 8.23 4.84 -5.45
CA GLU A 9 8.34 5.64 -4.23
C GLU A 9 7.58 6.99 -4.35
N LEU A 10 7.76 7.66 -5.49
CA LEU A 10 7.14 8.95 -5.85
C LEU A 10 5.63 8.83 -6.14
N LEU A 11 5.14 7.65 -6.51
CA LEU A 11 3.71 7.39 -6.80
C LEU A 11 2.80 7.77 -5.62
N LEU A 12 3.21 7.45 -4.38
CA LEU A 12 2.52 7.94 -3.18
C LEU A 12 2.68 9.46 -3.03
N MET A 13 3.91 9.98 -3.13
CA MET A 13 4.22 11.40 -2.88
C MET A 13 3.41 12.37 -3.78
N SER A 14 3.12 11.95 -5.01
CA SER A 14 2.31 12.67 -6.00
C SER A 14 0.85 12.90 -5.61
N THR A 15 0.32 12.12 -4.66
CA THR A 15 -1.10 12.07 -4.27
C THR A 15 -1.69 13.39 -3.80
N GLU A 16 -0.87 14.33 -3.28
CA GLU A 16 -1.32 15.66 -2.84
C GLU A 16 -2.11 16.43 -3.91
N ASN A 17 -1.79 16.23 -5.20
CA ASN A 17 -2.51 16.82 -6.34
C ASN A 17 -3.82 16.07 -6.70
N GLU A 18 -3.92 14.79 -6.36
CA GLU A 18 -5.03 13.90 -6.76
C GLU A 18 -6.29 14.09 -5.91
N LEU A 19 -6.15 14.47 -4.64
CA LEU A 19 -7.25 14.72 -3.71
C LEU A 19 -8.24 15.79 -4.20
N LYS A 20 -7.77 16.71 -5.07
CA LYS A 20 -8.56 17.76 -5.74
C LYS A 20 -9.60 17.23 -6.74
N GLY A 21 -9.52 15.94 -7.11
CA GLY A 21 -10.40 15.27 -8.07
C GLY A 21 -10.67 13.80 -7.72
N GLN A 22 -10.70 13.49 -6.42
CA GLN A 22 -10.85 12.13 -5.86
C GLN A 22 -12.18 11.41 -6.18
N GLN A 23 -13.23 12.14 -6.56
CA GLN A 23 -14.57 11.59 -6.82
C GLN A 23 -14.62 10.64 -8.05
N ALA A 24 -15.51 9.66 -8.00
CA ALA A 24 -15.65 8.60 -9.02
C ALA A 24 -17.11 8.16 -9.27
N LEU A 25 -18.10 8.94 -8.79
CA LEU A 25 -19.55 8.68 -8.90
C LEU A 25 -20.03 8.54 -10.35
N GLY B 1 -4.33 14.24 17.18
CA GLY B 1 -3.11 14.64 17.92
C GLY B 1 -2.11 15.36 17.02
N VAL B 2 -1.14 16.06 17.62
CA VAL B 2 -0.15 16.95 16.95
C VAL B 2 1.28 16.66 17.43
N ARG B 3 1.55 15.43 17.90
CA ARG B 3 2.78 15.03 18.62
C ARG B 3 4.11 15.32 17.91
N LYS B 4 4.14 15.40 16.57
CA LYS B 4 5.34 15.67 15.76
C LYS B 4 5.31 17.06 15.09
N GLY B 5 4.30 17.89 15.37
CA GLY B 5 4.18 19.28 14.91
C GLY B 5 3.67 19.46 13.48
N TRP B 6 4.19 18.69 12.53
CA TRP B 6 3.87 18.76 11.10
C TRP B 6 2.43 18.36 10.72
N HIS B 7 1.69 17.80 11.67
CA HIS B 7 0.36 17.21 11.45
C HIS B 7 -0.67 18.20 10.88
N GLU B 8 -0.49 19.51 11.13
CA GLU B 8 -1.34 20.59 10.57
C GLU B 8 -1.38 20.63 9.03
N HIS B 9 -0.38 20.04 8.35
CA HIS B 9 -0.30 19.97 6.89
C HIS B 9 -1.05 18.76 6.28
N VAL B 10 -1.73 17.96 7.11
CA VAL B 10 -2.48 16.74 6.72
C VAL B 10 -3.90 16.74 7.33
N THR B 11 -4.80 15.97 6.73
CA THR B 11 -6.18 15.74 7.15
C THR B 11 -6.56 14.27 6.97
N GLN B 12 -7.60 13.81 7.68
CA GLN B 12 -8.14 12.45 7.55
C GLN B 12 -8.58 12.13 6.10
N ASP B 13 -9.04 13.12 5.35
CA ASP B 13 -9.42 12.98 3.94
C ASP B 13 -8.23 12.53 3.04
N LEU B 14 -7.03 13.09 3.28
CA LEU B 14 -5.79 12.70 2.61
C LEU B 14 -5.40 11.25 3.00
N ARG B 15 -5.35 10.96 4.31
CA ARG B 15 -4.97 9.64 4.83
C ARG B 15 -5.88 8.51 4.36
N SER B 16 -7.18 8.77 4.31
CA SER B 16 -8.19 7.84 3.77
C SER B 16 -7.87 7.43 2.32
N HIS B 17 -7.59 8.40 1.46
CA HIS B 17 -7.24 8.17 0.06
C HIS B 17 -5.84 7.55 -0.10
N LEU B 18 -4.87 7.92 0.74
CA LEU B 18 -3.55 7.29 0.80
C LEU B 18 -3.63 5.82 1.20
N VAL B 19 -4.42 5.46 2.22
CA VAL B 19 -4.70 4.05 2.58
C VAL B 19 -5.29 3.30 1.38
N HIS B 20 -6.30 3.86 0.71
CA HIS B 20 -6.90 3.28 -0.49
C HIS B 20 -5.86 2.99 -1.58
N LYS B 21 -4.96 3.97 -1.86
CA LYS B 21 -3.96 3.92 -2.93
C LYS B 21 -2.77 3.01 -2.60
N LEU B 22 -2.30 3.05 -1.36
CA LEU B 22 -1.31 2.12 -0.79
C LEU B 22 -1.84 0.68 -0.94
N VAL B 23 -3.10 0.44 -0.58
CA VAL B 23 -3.79 -0.84 -0.79
C VAL B 23 -3.89 -1.25 -2.27
N GLN B 24 -4.13 -0.34 -3.23
CA GLN B 24 -4.17 -0.69 -4.65
C GLN B 24 -2.83 -1.27 -5.16
N ALA B 25 -1.70 -0.74 -4.72
CA ALA B 25 -0.38 -1.28 -5.05
C ALA B 25 -0.09 -2.62 -4.34
N ILE B 26 -0.53 -2.77 -3.09
CA ILE B 26 -0.37 -3.99 -2.28
C ILE B 26 -1.16 -5.16 -2.88
N PHE B 27 -2.42 -4.93 -3.31
CA PHE B 27 -3.20 -5.89 -4.08
C PHE B 27 -4.13 -5.17 -5.08
N PRO B 28 -3.86 -5.24 -6.40
CA PRO B 28 -4.68 -4.62 -7.46
C PRO B 28 -6.15 -5.08 -7.58
N THR B 29 -6.56 -6.13 -6.84
CA THR B 29 -7.87 -6.81 -6.84
C THR B 29 -8.23 -7.56 -8.14
N PRO B 30 -9.07 -8.63 -8.07
CA PRO B 30 -9.44 -9.42 -9.25
C PRO B 30 -10.56 -8.73 -10.06
N ASP B 31 -11.39 -7.93 -9.39
CA ASP B 31 -12.56 -7.22 -9.94
C ASP B 31 -12.97 -6.03 -9.03
N PRO B 32 -13.70 -5.03 -9.52
CA PRO B 32 -14.04 -3.83 -8.74
C PRO B 32 -15.10 -4.03 -7.65
N ALA B 33 -15.75 -5.20 -7.57
CA ALA B 33 -16.64 -5.55 -6.44
C ALA B 33 -15.88 -6.27 -5.31
N ALA B 34 -14.77 -6.96 -5.59
CA ALA B 34 -13.87 -7.49 -4.55
C ALA B 34 -13.38 -6.40 -3.58
N LEU B 35 -13.15 -5.16 -4.06
CA LEU B 35 -12.84 -3.98 -3.24
C LEU B 35 -13.88 -3.69 -2.14
N LYS B 36 -15.16 -4.01 -2.40
CA LYS B 36 -16.31 -3.62 -1.56
C LYS B 36 -16.60 -4.61 -0.43
N ASP B 37 -16.00 -5.80 -0.43
CA ASP B 37 -16.31 -6.88 0.53
C ASP B 37 -15.25 -7.03 1.64
N ARG B 38 -15.64 -7.66 2.75
CA ARG B 38 -14.83 -7.86 3.99
C ARG B 38 -13.47 -8.50 3.71
N ARG B 39 -13.37 -9.39 2.71
CA ARG B 39 -12.11 -10.01 2.24
C ARG B 39 -11.00 -8.99 1.91
N MET B 40 -11.38 -7.78 1.46
CA MET B 40 -10.47 -6.68 1.19
C MET B 40 -10.37 -5.70 2.37
N GLU B 41 -11.46 -5.45 3.11
CA GLU B 41 -11.42 -4.65 4.33
C GLU B 41 -10.43 -5.20 5.38
N ASN B 42 -10.18 -6.51 5.42
CA ASN B 42 -9.12 -7.11 6.24
C ASN B 42 -7.72 -6.56 5.94
N LEU B 43 -7.38 -6.39 4.65
CA LEU B 43 -6.13 -5.75 4.19
C LEU B 43 -6.15 -4.24 4.45
N VAL B 44 -7.26 -3.57 4.12
CA VAL B 44 -7.47 -2.14 4.38
C VAL B 44 -7.30 -1.79 5.87
N ALA B 45 -7.80 -2.60 6.80
CA ALA B 45 -7.64 -2.43 8.24
C ALA B 45 -6.17 -2.53 8.70
N TYR B 46 -5.41 -3.47 8.14
CA TYR B 46 -3.97 -3.57 8.36
C TYR B 46 -3.23 -2.35 7.76
N ALA B 47 -3.61 -1.88 6.57
CA ALA B 47 -3.08 -0.65 5.99
C ALA B 47 -3.42 0.60 6.83
N LYS B 48 -4.62 0.69 7.43
CA LYS B 48 -4.99 1.75 8.40
C LYS B 48 -4.11 1.72 9.65
N LYS B 49 -3.88 0.53 10.23
CA LYS B 49 -2.98 0.32 11.38
C LYS B 49 -1.54 0.74 11.07
N VAL B 50 -1.01 0.37 9.89
CA VAL B 50 0.32 0.80 9.42
C VAL B 50 0.37 2.31 9.20
N GLU B 51 -0.62 2.91 8.51
CA GLU B 51 -0.70 4.36 8.30
C GLU B 51 -0.59 5.14 9.62
N GLY B 52 -1.42 4.77 10.61
CA GLY B 52 -1.43 5.38 11.95
C GLY B 52 -0.13 5.21 12.77
N ASP B 53 0.78 4.33 12.34
CA ASP B 53 2.07 4.08 12.98
C ASP B 53 3.24 4.74 12.22
N MET B 54 3.20 4.76 10.88
CA MET B 54 4.14 5.53 10.05
C MET B 54 3.99 7.04 10.30
N TYR B 55 2.75 7.51 10.47
CA TYR B 55 2.37 8.88 10.83
C TYR B 55 2.91 9.32 12.19
N GLU B 56 3.21 8.38 13.09
CA GLU B 56 3.79 8.62 14.41
C GLU B 56 5.29 8.26 14.49
N SER B 57 5.92 7.98 13.34
CA SER B 57 7.34 7.57 13.23
C SER B 57 8.20 8.56 12.41
N ALA B 58 7.67 9.75 12.10
CA ALA B 58 8.28 10.72 11.19
C ALA B 58 8.38 12.14 11.80
N ASN B 59 9.47 12.85 11.49
CA ASN B 59 9.68 14.26 11.86
C ASN B 59 9.05 15.26 10.86
N SER B 60 8.58 14.78 9.69
CA SER B 60 7.92 15.59 8.65
C SER B 60 6.93 14.77 7.82
N ARG B 61 6.04 15.46 7.09
CA ARG B 61 5.11 14.85 6.13
C ARG B 61 5.83 14.08 5.02
N ASP B 62 6.95 14.63 4.53
CA ASP B 62 7.83 14.01 3.53
C ASP B 62 8.46 12.70 4.04
N GLU B 63 8.91 12.66 5.30
CA GLU B 63 9.43 11.44 5.91
C GLU B 63 8.30 10.40 6.17
N TYR B 64 7.10 10.84 6.56
CA TYR B 64 5.92 9.97 6.64
C TYR B 64 5.58 9.31 5.29
N TYR B 65 5.51 10.09 4.21
CA TYR B 65 5.41 9.57 2.84
C TYR B 65 6.52 8.57 2.49
N HIS B 66 7.78 8.88 2.78
CA HIS B 66 8.90 7.95 2.57
C HIS B 66 8.72 6.64 3.37
N LEU B 67 8.25 6.70 4.61
CA LEU B 67 7.97 5.53 5.44
C LEU B 67 6.80 4.68 4.89
N LEU B 68 5.71 5.30 4.40
CA LEU B 68 4.65 4.59 3.66
C LEU B 68 5.23 3.90 2.41
N ALA B 69 6.01 4.65 1.62
CA ALA B 69 6.59 4.21 0.36
C ALA B 69 7.62 3.07 0.54
N GLU B 70 8.32 3.01 1.68
CA GLU B 70 9.22 1.90 2.05
C GLU B 70 8.47 0.57 2.27
N LYS B 71 7.30 0.57 2.93
CA LYS B 71 6.48 -0.64 3.08
C LYS B 71 5.91 -1.09 1.73
N ILE B 72 5.50 -0.13 0.91
CA ILE B 72 5.12 -0.35 -0.49
C ILE B 72 6.25 -1.04 -1.27
N TYR B 73 7.47 -0.52 -1.23
CA TYR B 73 8.64 -1.12 -1.89
C TYR B 73 8.93 -2.53 -1.37
N LYS B 74 8.92 -2.76 -0.04
CA LYS B 74 9.05 -4.10 0.55
C LYS B 74 8.04 -5.06 -0.06
N ILE B 75 6.74 -4.74 0.03
CA ILE B 75 5.66 -5.57 -0.51
C ILE B 75 5.86 -5.84 -2.01
N GLN B 76 6.14 -4.80 -2.81
CA GLN B 76 6.34 -4.96 -4.25
C GLN B 76 7.52 -5.89 -4.61
N LYS B 77 8.69 -5.67 -4.01
CA LYS B 77 9.92 -6.44 -4.28
C LYS B 77 9.88 -7.85 -3.68
N GLU B 78 9.19 -8.04 -2.57
CA GLU B 78 8.98 -9.35 -1.94
C GLU B 78 7.97 -10.23 -2.71
N LEU B 79 6.94 -9.64 -3.32
CA LEU B 79 5.93 -10.38 -4.11
C LEU B 79 6.29 -10.54 -5.60
N GLU B 80 6.76 -9.50 -6.28
CA GLU B 80 6.92 -9.51 -7.75
C GLU B 80 7.79 -10.67 -8.26
N GLU B 81 8.93 -10.94 -7.61
CA GLU B 81 9.79 -12.09 -7.95
C GLU B 81 9.12 -13.43 -7.66
N LYS B 82 8.42 -13.55 -6.52
CA LYS B 82 7.75 -14.78 -6.06
C LYS B 82 6.42 -15.07 -6.77
N ARG B 83 5.92 -14.14 -7.59
CA ARG B 83 4.70 -14.26 -8.43
C ARG B 83 4.98 -14.20 -9.94
N ARG B 84 6.24 -13.97 -10.36
CA ARG B 84 6.71 -13.98 -11.76
C ARG B 84 8.04 -14.74 -11.91
N SER B 85 8.19 -15.83 -11.15
CA SER B 85 9.44 -16.58 -10.97
C SER B 85 10.05 -17.22 -12.23
N ARG B 86 9.25 -17.36 -13.31
CA ARG B 86 9.71 -17.78 -14.65
C ARG B 86 8.85 -17.16 -15.77
N LEU B 87 7.53 -17.37 -15.68
CA LEU B 87 6.46 -16.78 -16.50
C LEU B 87 5.14 -16.82 -15.73
N SER C 1 4.38 -10.51 17.59
CA SER C 1 3.13 -11.06 17.03
C SER C 1 3.44 -12.01 15.88
N ASP C 2 3.22 -13.32 16.08
CA ASP C 2 3.48 -14.36 15.08
C ASP C 2 2.62 -14.26 13.79
N ASP C 3 1.50 -13.53 13.86
CA ASP C 3 0.65 -13.23 12.70
C ASP C 3 1.25 -12.19 11.73
N GLY C 4 2.30 -11.46 12.13
CA GLY C 4 2.89 -10.35 11.36
C GLY C 4 2.12 -9.02 11.50
N ASN C 5 2.67 -7.94 10.96
CA ASN C 5 2.11 -6.58 11.06
C ASN C 5 2.32 -5.69 9.81
N ILE C 6 3.49 -5.76 9.17
CA ILE C 6 3.79 -5.04 7.91
C ILE C 6 3.26 -5.79 6.67
N LEU C 7 3.14 -7.11 6.75
CA LEU C 7 2.46 -7.99 5.78
C LEU C 7 1.89 -9.21 6.54
N PRO C 8 0.82 -9.02 7.34
CA PRO C 8 0.10 -10.06 8.07
C PRO C 8 -0.09 -11.36 7.27
N SER C 9 0.33 -12.50 7.82
CA SER C 9 0.39 -13.79 7.09
C SER C 9 -0.97 -14.25 6.56
N ASP C 10 -2.06 -14.01 7.29
CA ASP C 10 -3.42 -14.37 6.88
C ASP C 10 -3.92 -13.55 5.68
N ILE C 11 -3.54 -12.26 5.61
CA ILE C 11 -3.80 -11.40 4.44
C ILE C 11 -2.83 -11.75 3.30
N MET C 12 -1.54 -11.94 3.62
CA MET C 12 -0.50 -12.28 2.64
C MET C 12 -0.89 -13.50 1.81
N ASP C 13 -1.31 -14.59 2.44
CA ASP C 13 -1.75 -15.81 1.74
C ASP C 13 -2.84 -15.53 0.69
N PHE C 14 -3.79 -14.64 1.01
CA PHE C 14 -4.81 -14.17 0.07
C PHE C 14 -4.22 -13.32 -1.07
N VAL C 15 -3.30 -12.39 -0.78
CA VAL C 15 -2.56 -11.62 -1.82
C VAL C 15 -1.78 -12.57 -2.75
N LEU C 16 -1.04 -13.55 -2.20
CA LEU C 16 -0.23 -14.48 -2.99
C LEU C 16 -1.07 -15.37 -3.91
N LYS C 17 -2.23 -15.85 -3.45
CA LYS C 17 -3.14 -16.72 -4.23
C LYS C 17 -3.91 -15.97 -5.31
N ASN C 18 -4.28 -14.71 -5.08
CA ASN C 18 -5.02 -13.90 -6.04
C ASN C 18 -4.14 -13.28 -7.14
N THR C 19 -3.01 -12.64 -6.78
CA THR C 19 -2.20 -11.82 -7.70
C THR C 19 -1.68 -12.48 -8.99
N PRO C 20 -1.45 -13.81 -9.09
CA PRO C 20 -1.16 -14.50 -10.35
C PRO C 20 -2.19 -14.30 -11.47
N SER C 21 -3.40 -13.80 -11.19
CA SER C 21 -4.38 -13.39 -12.21
C SER C 21 -3.89 -12.28 -13.14
N MET C 22 -2.90 -11.48 -12.71
CA MET C 22 -2.23 -10.42 -13.49
C MET C 22 -1.23 -11.00 -14.51
N GLN C 23 -1.70 -11.92 -15.35
CA GLN C 23 -0.91 -12.77 -16.27
C GLN C 23 -0.13 -11.99 -17.36
N ALA C 24 -0.49 -10.74 -17.63
CA ALA C 24 0.22 -9.86 -18.56
C ALA C 24 1.69 -9.63 -18.16
N LEU C 25 2.56 -9.43 -19.16
CA LEU C 25 4.01 -9.20 -19.02
C LEU C 25 4.53 -8.36 -20.20
N GLY C 26 5.66 -7.68 -20.02
CA GLY C 26 6.33 -6.86 -21.02
C GLY C 26 7.82 -6.61 -20.75
N GLU C 27 8.50 -7.60 -20.15
CA GLU C 27 9.92 -7.56 -19.76
C GLU C 27 10.55 -8.96 -19.82
N SER C 28 11.88 -9.03 -20.03
CA SER C 28 12.64 -10.27 -20.22
C SER C 28 13.96 -10.25 -19.40
N PRO C 29 13.91 -10.59 -18.10
CA PRO C 29 15.10 -10.70 -17.23
C PRO C 29 16.21 -11.59 -17.80
N GLU C 30 17.46 -11.34 -17.39
CA GLU C 30 18.66 -12.04 -17.87
C GLU C 30 19.72 -12.33 -16.79
N SER C 31 19.44 -12.01 -15.51
CA SER C 31 20.30 -12.21 -14.33
C SER C 31 19.49 -12.36 -13.04
N LYS A 1 14.47 -3.95 -14.44
CA LYS A 1 13.98 -3.40 -13.15
C LYS A 1 14.79 -2.18 -12.71
N GLU A 2 14.33 -0.97 -13.06
CA GLU A 2 14.94 0.30 -12.62
C GLU A 2 13.94 1.46 -12.52
N LYS A 3 13.22 1.78 -13.61
CA LYS A 3 12.22 2.86 -13.64
C LYS A 3 11.13 2.65 -12.58
N ARG A 4 10.52 1.46 -12.54
CA ARG A 4 9.47 1.08 -11.58
C ARG A 4 9.89 1.24 -10.11
N ILE A 5 11.16 1.01 -9.79
CA ILE A 5 11.70 1.08 -8.42
C ILE A 5 11.59 2.50 -7.86
N LYS A 6 11.97 3.52 -8.64
CA LYS A 6 11.75 4.93 -8.26
C LYS A 6 10.31 5.39 -8.48
N GLU A 7 9.65 4.91 -9.54
CA GLU A 7 8.25 5.21 -9.86
C GLU A 7 7.31 4.87 -8.69
N LEU A 8 7.41 3.66 -8.14
CA LEU A 8 6.62 3.18 -7.03
C LEU A 8 6.83 4.03 -5.76
N GLU A 9 8.08 4.38 -5.45
CA GLU A 9 8.42 5.24 -4.32
C GLU A 9 7.81 6.65 -4.50
N LEU A 10 7.96 7.24 -5.69
CA LEU A 10 7.53 8.59 -6.05
C LEU A 10 6.00 8.73 -6.20
N LEU A 11 5.29 7.67 -6.58
CA LEU A 11 3.83 7.67 -6.75
C LEU A 11 3.09 8.18 -5.52
N LEU A 12 3.47 7.74 -4.31
CA LEU A 12 2.90 8.24 -3.06
C LEU A 12 3.19 9.72 -2.84
N MET A 13 4.45 10.15 -2.93
CA MET A 13 4.85 11.56 -2.74
C MET A 13 4.17 12.53 -3.72
N SER A 14 3.73 12.06 -4.89
CA SER A 14 2.97 12.82 -5.89
C SER A 14 1.49 13.04 -5.54
N THR A 15 0.91 12.23 -4.63
CA THR A 15 -0.55 12.18 -4.36
C THR A 15 -1.20 13.52 -4.01
N GLU A 16 -0.52 14.38 -3.26
CA GLU A 16 -1.04 15.71 -2.90
C GLU A 16 -1.38 16.62 -4.10
N ASN A 17 -0.82 16.37 -5.29
CA ASN A 17 -1.23 17.01 -6.55
C ASN A 17 -2.49 16.37 -7.17
N GLU A 18 -2.71 15.07 -6.96
CA GLU A 18 -3.80 14.26 -7.51
C GLU A 18 -5.15 14.42 -6.78
N LEU A 19 -5.14 14.91 -5.54
CA LEU A 19 -6.27 14.95 -4.59
C LEU A 19 -7.58 15.61 -5.07
N LYS A 20 -7.60 16.30 -6.22
CA LYS A 20 -8.81 16.83 -6.91
C LYS A 20 -9.67 15.71 -7.55
N GLY A 21 -9.73 14.54 -6.93
CA GLY A 21 -10.45 13.34 -7.40
C GLY A 21 -11.93 13.31 -7.02
N GLN A 22 -12.58 12.16 -7.29
CA GLN A 22 -14.02 11.94 -7.13
C GLN A 22 -14.33 10.53 -6.58
N GLN A 23 -15.60 10.26 -6.27
CA GLN A 23 -16.11 8.97 -5.78
C GLN A 23 -17.36 8.53 -6.59
N ALA A 24 -17.71 7.25 -6.50
CA ALA A 24 -18.78 6.61 -7.30
C ALA A 24 -19.69 5.69 -6.45
N LEU A 25 -19.76 5.94 -5.13
CA LEU A 25 -20.47 5.16 -4.11
C LEU A 25 -21.06 6.02 -2.97
N GLY B 1 14.17 16.00 25.20
CA GLY B 1 12.73 16.13 24.95
C GLY B 1 12.44 16.50 23.51
N VAL B 2 11.53 15.77 22.84
CA VAL B 2 11.09 15.99 21.45
C VAL B 2 9.57 15.79 21.38
N ARG B 3 8.87 16.60 20.56
CA ARG B 3 7.39 16.62 20.43
C ARG B 3 6.95 16.75 18.98
N LYS B 4 5.72 16.30 18.68
CA LYS B 4 5.04 16.49 17.38
C LYS B 4 4.69 17.97 17.11
N GLY B 5 4.33 18.28 15.86
CA GLY B 5 3.90 19.61 15.43
C GLY B 5 3.60 19.74 13.93
N TRP B 6 4.26 18.94 13.09
CA TRP B 6 4.12 18.92 11.62
C TRP B 6 2.72 18.53 11.09
N HIS B 7 1.85 17.98 11.94
CA HIS B 7 0.57 17.37 11.56
C HIS B 7 -0.37 18.33 10.81
N GLU B 8 -0.26 19.64 11.05
CA GLU B 8 -1.01 20.69 10.34
C GLU B 8 -0.79 20.73 8.82
N HIS B 9 0.30 20.11 8.32
CA HIS B 9 0.60 19.99 6.88
C HIS B 9 -0.23 18.92 6.16
N VAL B 10 -1.11 18.19 6.86
CA VAL B 10 -1.93 17.07 6.34
C VAL B 10 -3.41 17.25 6.74
N THR B 11 -4.32 16.68 5.95
CA THR B 11 -5.79 16.73 6.14
C THR B 11 -6.39 15.33 6.14
N GLN B 12 -7.60 15.17 6.70
CA GLN B 12 -8.32 13.90 6.71
C GLN B 12 -8.60 13.37 5.29
N ASP B 13 -8.79 14.26 4.31
CA ASP B 13 -8.94 13.90 2.89
C ASP B 13 -7.67 13.23 2.33
N LEU B 14 -6.49 13.79 2.63
CA LEU B 14 -5.21 13.17 2.25
C LEU B 14 -4.99 11.83 2.96
N ARG B 15 -5.25 11.74 4.28
CA ARG B 15 -5.20 10.47 5.04
C ARG B 15 -6.08 9.39 4.42
N SER B 16 -7.33 9.74 4.10
CA SER B 16 -8.31 8.83 3.46
C SER B 16 -7.82 8.30 2.11
N HIS B 17 -7.35 9.21 1.24
CA HIS B 17 -6.85 8.86 -0.07
C HIS B 17 -5.57 8.02 0.01
N LEU B 18 -4.61 8.38 0.88
CA LEU B 18 -3.38 7.62 1.07
C LEU B 18 -3.62 6.21 1.62
N VAL B 19 -4.57 6.00 2.54
CA VAL B 19 -5.00 4.65 2.97
C VAL B 19 -5.43 3.80 1.77
N HIS B 20 -6.32 4.33 0.92
CA HIS B 20 -6.81 3.60 -0.26
C HIS B 20 -5.69 3.32 -1.28
N LYS B 21 -4.82 4.31 -1.52
CA LYS B 21 -3.66 4.18 -2.42
C LYS B 21 -2.62 3.18 -1.92
N LEU B 22 -2.44 3.07 -0.59
CA LEU B 22 -1.64 2.02 0.05
C LEU B 22 -2.20 0.64 -0.36
N VAL B 23 -3.51 0.42 -0.13
CA VAL B 23 -4.22 -0.83 -0.45
C VAL B 23 -4.14 -1.20 -1.94
N GLN B 24 -4.35 -0.24 -2.85
CA GLN B 24 -4.32 -0.51 -4.30
C GLN B 24 -2.95 -0.96 -4.81
N ALA B 25 -1.85 -0.45 -4.23
CA ALA B 25 -0.53 -0.98 -4.56
C ALA B 25 -0.36 -2.41 -4.03
N ILE B 26 -0.75 -2.66 -2.76
CA ILE B 26 -0.61 -3.97 -2.10
C ILE B 26 -1.37 -5.06 -2.87
N PHE B 27 -2.62 -4.79 -3.26
CA PHE B 27 -3.40 -5.65 -4.15
C PHE B 27 -4.25 -4.81 -5.12
N PRO B 28 -3.80 -4.66 -6.38
CA PRO B 28 -4.60 -4.09 -7.48
C PRO B 28 -5.83 -4.98 -7.74
N THR B 29 -6.97 -4.62 -7.16
CA THR B 29 -8.21 -5.42 -7.12
C THR B 29 -8.66 -5.93 -8.51
N PRO B 30 -9.22 -7.16 -8.64
CA PRO B 30 -9.77 -7.68 -9.90
C PRO B 30 -10.95 -6.82 -10.38
N ASP B 31 -11.81 -6.44 -9.43
CA ASP B 31 -13.04 -5.66 -9.62
C ASP B 31 -13.40 -4.92 -8.31
N PRO B 32 -14.27 -3.90 -8.35
CA PRO B 32 -14.79 -3.27 -7.14
C PRO B 32 -15.71 -4.24 -6.35
N ALA B 33 -16.25 -5.27 -7.01
CA ALA B 33 -16.96 -6.39 -6.39
C ALA B 33 -16.09 -7.28 -5.48
N ALA B 34 -14.76 -7.20 -5.57
CA ALA B 34 -13.83 -7.92 -4.69
C ALA B 34 -13.42 -7.10 -3.45
N LEU B 35 -13.50 -5.77 -3.49
CA LEU B 35 -13.23 -4.88 -2.34
C LEU B 35 -14.17 -5.14 -1.13
N LYS B 36 -15.39 -5.62 -1.39
CA LYS B 36 -16.38 -6.01 -0.37
C LYS B 36 -16.16 -7.41 0.22
N ASP B 37 -15.19 -8.20 -0.28
CA ASP B 37 -14.80 -9.47 0.35
C ASP B 37 -14.14 -9.23 1.72
N ARG B 38 -14.56 -9.98 2.76
CA ARG B 38 -14.03 -9.87 4.13
C ARG B 38 -12.50 -9.90 4.21
N ARG B 39 -11.83 -10.69 3.35
CA ARG B 39 -10.36 -10.79 3.28
C ARG B 39 -9.72 -9.51 2.73
N MET B 40 -10.35 -8.86 1.76
CA MET B 40 -9.94 -7.54 1.28
C MET B 40 -10.22 -6.45 2.32
N GLU B 41 -11.33 -6.53 3.07
CA GLU B 41 -11.58 -5.68 4.24
C GLU B 41 -10.56 -5.87 5.37
N ASN B 42 -10.05 -7.09 5.58
CA ASN B 42 -8.95 -7.34 6.52
C ASN B 42 -7.63 -6.72 6.05
N LEU B 43 -7.32 -6.75 4.74
CA LEU B 43 -6.18 -6.00 4.17
C LEU B 43 -6.36 -4.49 4.37
N VAL B 44 -7.53 -3.95 4.03
CA VAL B 44 -7.93 -2.55 4.30
C VAL B 44 -7.73 -2.15 5.77
N ALA B 45 -8.09 -3.00 6.72
CA ALA B 45 -7.92 -2.76 8.16
C ALA B 45 -6.44 -2.78 8.60
N TYR B 46 -5.64 -3.75 8.14
CA TYR B 46 -4.19 -3.80 8.38
C TYR B 46 -3.48 -2.59 7.75
N ALA B 47 -3.84 -2.21 6.52
CA ALA B 47 -3.38 -0.99 5.87
C ALA B 47 -3.73 0.26 6.68
N LYS B 48 -4.98 0.42 7.17
CA LYS B 48 -5.36 1.54 8.06
C LYS B 48 -4.53 1.59 9.34
N LYS B 49 -4.38 0.45 10.02
CA LYS B 49 -3.65 0.33 11.29
C LYS B 49 -2.17 0.72 11.14
N VAL B 50 -1.50 0.24 10.09
CA VAL B 50 -0.09 0.54 9.84
C VAL B 50 0.10 1.94 9.23
N GLU B 51 -0.83 2.44 8.40
CA GLU B 51 -0.81 3.83 7.90
C GLU B 51 -0.78 4.84 9.07
N GLY B 52 -1.59 4.61 10.11
CA GLY B 52 -1.60 5.40 11.34
C GLY B 52 -0.32 5.26 12.19
N ASP B 53 0.39 4.12 12.09
CA ASP B 53 1.64 3.89 12.82
C ASP B 53 2.84 4.54 12.11
N MET B 54 2.85 4.52 10.77
CA MET B 54 3.84 5.23 9.94
C MET B 54 3.70 6.75 10.12
N TYR B 55 2.48 7.25 10.25
CA TYR B 55 2.15 8.63 10.62
C TYR B 55 2.66 8.99 12.02
N GLU B 56 2.38 8.17 13.04
CA GLU B 56 2.88 8.42 14.39
C GLU B 56 4.40 8.26 14.54
N SER B 57 5.05 7.51 13.64
CA SER B 57 6.51 7.35 13.61
C SER B 57 7.26 8.57 13.04
N ALA B 58 6.61 9.37 12.21
CA ALA B 58 7.23 10.45 11.44
C ALA B 58 7.33 11.78 12.19
N ASN B 59 8.29 12.59 11.75
CA ASN B 59 8.63 13.92 12.27
C ASN B 59 8.44 15.02 11.21
N SER B 60 8.08 14.63 9.99
CA SER B 60 7.64 15.52 8.89
C SER B 60 6.69 14.79 7.92
N ARG B 61 5.95 15.56 7.09
CA ARG B 61 5.10 15.00 6.02
C ARG B 61 5.90 14.20 4.99
N ASP B 62 7.08 14.69 4.63
CA ASP B 62 8.02 14.01 3.73
C ASP B 62 8.49 12.66 4.30
N GLU B 63 8.83 12.61 5.60
CA GLU B 63 9.21 11.36 6.28
C GLU B 63 8.04 10.39 6.41
N TYR B 64 6.82 10.88 6.70
CA TYR B 64 5.59 10.09 6.71
C TYR B 64 5.32 9.41 5.36
N TYR B 65 5.29 10.18 4.27
CA TYR B 65 5.26 9.65 2.90
C TYR B 65 6.38 8.62 2.64
N HIS B 66 7.62 8.91 3.01
CA HIS B 66 8.74 8.00 2.79
C HIS B 66 8.58 6.68 3.57
N LEU B 67 8.08 6.71 4.80
CA LEU B 67 7.77 5.54 5.61
C LEU B 67 6.62 4.70 5.00
N LEU B 68 5.54 5.33 4.53
CA LEU B 68 4.49 4.64 3.74
C LEU B 68 5.08 4.01 2.47
N ALA B 69 5.86 4.77 1.71
CA ALA B 69 6.44 4.32 0.45
C ALA B 69 7.47 3.20 0.64
N GLU B 70 8.22 3.18 1.75
CA GLU B 70 9.15 2.10 2.10
C GLU B 70 8.41 0.78 2.38
N LYS B 71 7.31 0.80 3.15
CA LYS B 71 6.42 -0.36 3.33
C LYS B 71 5.84 -0.84 1.99
N ILE B 72 5.39 0.10 1.16
CA ILE B 72 4.86 -0.19 -0.19
C ILE B 72 5.90 -0.86 -1.07
N TYR B 73 7.14 -0.35 -1.08
CA TYR B 73 8.28 -0.95 -1.78
C TYR B 73 8.60 -2.35 -1.24
N LYS B 74 8.79 -2.49 0.08
CA LYS B 74 8.96 -3.75 0.83
C LYS B 74 7.95 -4.83 0.40
N ILE B 75 6.67 -4.48 0.35
CA ILE B 75 5.59 -5.39 -0.10
C ILE B 75 5.74 -5.68 -1.61
N GLN B 76 5.80 -4.65 -2.45
CA GLN B 76 5.72 -4.81 -3.91
C GLN B 76 6.90 -5.59 -4.50
N LYS B 77 8.15 -5.20 -4.23
CA LYS B 77 9.32 -5.88 -4.86
C LYS B 77 9.55 -7.30 -4.32
N GLU B 78 9.05 -7.61 -3.12
CA GLU B 78 9.06 -8.97 -2.57
C GLU B 78 7.96 -9.85 -3.21
N LEU B 79 6.74 -9.34 -3.36
CA LEU B 79 5.67 -10.00 -4.13
C LEU B 79 6.10 -10.28 -5.57
N GLU B 80 6.77 -9.35 -6.22
CA GLU B 80 7.36 -9.51 -7.57
C GLU B 80 8.51 -10.53 -7.66
N GLU B 81 8.80 -11.26 -6.57
CA GLU B 81 9.70 -12.43 -6.56
C GLU B 81 9.04 -13.66 -5.92
N LYS B 82 8.35 -13.53 -4.78
CA LYS B 82 7.66 -14.64 -4.11
C LYS B 82 6.54 -15.29 -4.95
N ARG B 83 5.90 -14.53 -5.85
CA ARG B 83 4.91 -15.04 -6.83
C ARG B 83 5.53 -15.75 -8.04
N ARG B 84 6.87 -15.77 -8.16
CA ARG B 84 7.65 -16.43 -9.24
C ARG B 84 8.60 -17.51 -8.71
N SER B 85 9.12 -17.32 -7.50
CA SER B 85 10.19 -18.09 -6.86
C SER B 85 9.79 -18.42 -5.42
N ARG B 86 9.33 -19.67 -5.21
CA ARG B 86 8.95 -20.22 -3.89
C ARG B 86 10.07 -20.12 -2.83
N LEU B 87 11.33 -20.16 -3.26
CA LEU B 87 12.56 -20.08 -2.46
C LEU B 87 12.55 -18.94 -1.42
N SER C 1 14.53 -1.66 11.95
CA SER C 1 13.41 -2.40 12.59
C SER C 1 12.64 -3.23 11.56
N ASP C 2 12.17 -4.41 11.94
CA ASP C 2 11.37 -5.32 11.10
C ASP C 2 10.39 -6.16 11.95
N ASP C 3 9.19 -6.41 11.43
CA ASP C 3 8.18 -7.28 12.03
C ASP C 3 7.18 -7.80 10.96
N GLY C 4 6.66 -9.02 11.16
CA GLY C 4 5.69 -9.67 10.26
C GLY C 4 4.37 -8.90 10.09
N ASN C 5 4.00 -8.08 11.07
CA ASN C 5 2.79 -7.24 11.05
C ASN C 5 2.76 -6.20 9.90
N ILE C 6 3.89 -5.91 9.25
CA ILE C 6 3.96 -5.05 8.06
C ILE C 6 3.41 -5.74 6.79
N LEU C 7 3.32 -7.08 6.77
CA LEU C 7 2.62 -7.88 5.75
C LEU C 7 2.13 -9.19 6.42
N PRO C 8 1.00 -9.14 7.15
CA PRO C 8 0.37 -10.27 7.85
C PRO C 8 0.33 -11.56 7.02
N SER C 9 0.69 -12.69 7.62
CA SER C 9 0.86 -13.97 6.89
C SER C 9 -0.41 -14.46 6.15
N ASP C 10 -1.59 -14.29 6.74
CA ASP C 10 -2.87 -14.62 6.10
C ASP C 10 -3.18 -13.70 4.90
N ILE C 11 -2.87 -12.39 5.04
CA ILE C 11 -3.02 -11.40 3.98
C ILE C 11 -2.00 -11.64 2.85
N MET C 12 -0.75 -11.98 3.19
CA MET C 12 0.28 -12.35 2.23
C MET C 12 -0.23 -13.47 1.32
N ASP C 13 -0.67 -14.60 1.89
CA ASP C 13 -1.17 -15.75 1.12
C ASP C 13 -2.35 -15.37 0.20
N PHE C 14 -3.30 -14.55 0.68
CA PHE C 14 -4.39 -14.00 -0.12
C PHE C 14 -3.89 -13.14 -1.30
N VAL C 15 -2.96 -12.22 -1.05
CA VAL C 15 -2.37 -11.34 -2.08
C VAL C 15 -1.54 -12.14 -3.11
N LEU C 16 -0.74 -13.12 -2.67
CA LEU C 16 0.04 -13.98 -3.57
C LEU C 16 -0.85 -14.85 -4.47
N LYS C 17 -2.03 -15.28 -3.99
CA LYS C 17 -2.99 -16.10 -4.74
C LYS C 17 -3.77 -15.29 -5.78
N ASN C 18 -4.22 -14.09 -5.42
CA ASN C 18 -5.09 -13.25 -6.27
C ASN C 18 -4.33 -12.51 -7.38
N THR C 19 -3.27 -11.77 -7.04
CA THR C 19 -2.61 -10.83 -7.97
C THR C 19 -1.99 -11.40 -9.25
N PRO C 20 -1.50 -12.67 -9.34
CA PRO C 20 -0.99 -13.23 -10.60
C PRO C 20 -2.02 -13.45 -11.73
N SER C 21 -3.32 -13.34 -11.47
CA SER C 21 -4.38 -13.75 -12.42
C SER C 21 -5.57 -12.77 -12.50
N MET C 22 -6.34 -12.90 -13.59
CA MET C 22 -7.60 -12.19 -13.86
C MET C 22 -8.52 -13.03 -14.75
N GLN C 23 -9.84 -12.94 -14.56
CA GLN C 23 -10.83 -13.81 -15.21
C GLN C 23 -10.93 -13.63 -16.74
N ALA C 24 -10.81 -12.39 -17.23
CA ALA C 24 -10.85 -12.05 -18.66
C ALA C 24 -10.16 -10.71 -18.98
N LEU C 25 -9.81 -10.51 -20.26
CA LEU C 25 -9.27 -9.26 -20.82
C LEU C 25 -9.57 -9.14 -22.32
N GLY C 26 -9.46 -7.93 -22.88
CA GLY C 26 -9.63 -7.65 -24.31
C GLY C 26 -9.90 -6.17 -24.62
N GLU C 27 -10.07 -5.87 -25.91
CA GLU C 27 -10.40 -4.51 -26.40
C GLU C 27 -11.87 -4.14 -26.19
N SER C 28 -12.75 -5.13 -25.94
CA SER C 28 -14.20 -4.97 -25.79
C SER C 28 -14.83 -6.08 -24.93
N PRO C 29 -16.10 -5.92 -24.47
CA PRO C 29 -16.89 -6.96 -23.82
C PRO C 29 -17.10 -8.27 -24.62
N GLU C 30 -16.70 -8.32 -25.89
CA GLU C 30 -16.97 -9.43 -26.82
C GLU C 30 -15.71 -9.89 -27.61
N SER C 31 -14.52 -9.39 -27.21
CA SER C 31 -13.20 -9.78 -27.75
C SER C 31 -12.91 -11.29 -27.61
N LYS A 1 16.68 -1.36 -9.71
CA LYS A 1 15.89 -0.59 -8.71
C LYS A 1 15.47 0.79 -9.23
N GLU A 2 16.45 1.64 -9.54
CA GLU A 2 16.40 3.07 -9.86
C GLU A 2 15.07 3.61 -10.42
N LYS A 3 14.64 3.14 -11.59
CA LYS A 3 13.40 3.60 -12.24
C LYS A 3 12.15 3.20 -11.44
N ARG A 4 11.94 1.91 -11.19
CA ARG A 4 10.77 1.38 -10.47
C ARG A 4 10.68 1.89 -9.03
N ILE A 5 11.80 2.16 -8.35
CA ILE A 5 11.84 2.83 -7.04
C ILE A 5 11.09 4.16 -7.09
N LYS A 6 11.50 5.07 -7.97
CA LYS A 6 10.87 6.40 -8.10
C LYS A 6 9.45 6.30 -8.66
N GLU A 7 9.24 5.40 -9.62
CA GLU A 7 7.94 5.11 -10.24
C GLU A 7 6.88 4.69 -9.20
N LEU A 8 7.21 3.75 -8.31
CA LEU A 8 6.32 3.29 -7.25
C LEU A 8 6.18 4.32 -6.11
N GLU A 9 7.26 5.02 -5.76
CA GLU A 9 7.24 6.07 -4.73
C GLU A 9 6.35 7.26 -5.13
N LEU A 10 6.44 7.70 -6.39
CA LEU A 10 5.66 8.80 -6.97
C LEU A 10 4.14 8.53 -6.98
N LEU A 11 3.73 7.26 -7.12
CA LEU A 11 2.32 6.85 -7.08
C LEU A 11 1.63 7.26 -5.76
N LEU A 12 2.32 7.18 -4.61
CA LEU A 12 1.82 7.75 -3.36
C LEU A 12 1.98 9.27 -3.36
N MET A 13 3.21 9.76 -3.60
CA MET A 13 3.60 11.17 -3.43
C MET A 13 2.69 12.16 -4.17
N SER A 14 2.19 11.78 -5.36
CA SER A 14 1.32 12.62 -6.21
C SER A 14 0.03 13.09 -5.53
N THR A 15 -0.46 12.39 -4.50
CA THR A 15 -1.72 12.74 -3.80
C THR A 15 -1.71 14.15 -3.23
N GLU A 16 -0.58 14.62 -2.68
CA GLU A 16 -0.48 15.99 -2.17
C GLU A 16 -0.64 17.07 -3.28
N ASN A 17 -0.29 16.76 -4.53
CA ASN A 17 -0.53 17.63 -5.68
C ASN A 17 -1.99 17.52 -6.17
N GLU A 18 -2.54 16.30 -6.24
CA GLU A 18 -3.96 16.04 -6.57
C GLU A 18 -4.93 16.77 -5.62
N LEU A 19 -4.55 16.93 -4.35
CA LEU A 19 -5.27 17.65 -3.30
C LEU A 19 -4.91 19.17 -3.25
N LYS A 20 -4.25 19.70 -4.28
CA LYS A 20 -3.90 21.14 -4.43
C LYS A 20 -4.33 21.75 -5.77
N GLY A 21 -4.10 21.06 -6.89
CA GLY A 21 -4.52 21.49 -8.23
C GLY A 21 -3.54 21.14 -9.35
N GLN A 22 -3.74 21.76 -10.52
CA GLN A 22 -2.94 21.61 -11.75
C GLN A 22 -1.57 22.31 -11.68
N GLN A 23 -0.78 22.05 -10.63
CA GLN A 23 0.48 22.72 -10.32
C GLN A 23 1.58 22.62 -11.42
N ALA A 24 1.44 21.67 -12.36
CA ALA A 24 2.36 21.50 -13.50
C ALA A 24 2.28 22.62 -14.56
N LEU A 25 1.24 23.45 -14.57
CA LEU A 25 1.05 24.60 -15.47
C LEU A 25 2.18 25.65 -15.38
N GLY B 1 2.05 7.06 19.60
CA GLY B 1 3.22 7.96 19.49
C GLY B 1 2.92 9.32 20.10
N VAL B 2 3.50 10.39 19.55
CA VAL B 2 3.43 11.78 20.07
C VAL B 2 3.26 12.78 18.91
N ARG B 3 2.45 13.82 19.11
CA ARG B 3 2.26 14.97 18.21
C ARG B 3 3.58 15.59 17.76
N LYS B 4 3.66 15.89 16.47
CA LYS B 4 4.77 16.62 15.80
C LYS B 4 4.18 17.72 14.91
N GLY B 5 4.89 18.84 14.76
CA GLY B 5 4.38 20.07 14.13
C GLY B 5 3.74 19.89 12.75
N TRP B 6 4.28 18.99 11.94
CA TRP B 6 3.78 18.68 10.59
C TRP B 6 2.37 18.07 10.55
N HIS B 7 1.90 17.48 11.65
CA HIS B 7 0.56 16.89 11.76
C HIS B 7 -0.55 17.94 11.57
N GLU B 8 -0.28 19.20 11.92
CA GLU B 8 -1.18 20.34 11.78
C GLU B 8 -1.35 20.82 10.32
N HIS B 9 -0.66 20.17 9.38
CA HIS B 9 -0.67 20.43 7.93
C HIS B 9 -1.20 19.23 7.12
N VAL B 10 -1.93 18.32 7.78
CA VAL B 10 -2.53 17.10 7.21
C VAL B 10 -4.04 17.09 7.48
N THR B 11 -4.84 16.82 6.44
CA THR B 11 -6.30 16.68 6.54
C THR B 11 -6.71 15.20 6.70
N GLN B 12 -7.91 14.96 7.23
CA GLN B 12 -8.51 13.61 7.24
C GLN B 12 -8.70 13.07 5.82
N ASP B 13 -8.96 13.93 4.83
CA ASP B 13 -9.05 13.56 3.42
C ASP B 13 -7.71 13.01 2.87
N LEU B 14 -6.58 13.64 3.21
CA LEU B 14 -5.25 13.14 2.84
C LEU B 14 -4.98 11.76 3.47
N ARG B 15 -5.24 11.59 4.77
CA ARG B 15 -5.14 10.29 5.46
C ARG B 15 -5.99 9.21 4.79
N SER B 16 -7.28 9.51 4.55
CA SER B 16 -8.24 8.58 3.95
C SER B 16 -7.82 8.13 2.55
N HIS B 17 -7.46 9.08 1.69
CA HIS B 17 -7.03 8.80 0.33
C HIS B 17 -5.69 8.04 0.31
N LEU B 18 -4.71 8.41 1.15
CA LEU B 18 -3.45 7.67 1.24
C LEU B 18 -3.64 6.23 1.74
N VAL B 19 -4.54 5.95 2.69
CA VAL B 19 -4.93 4.58 3.06
C VAL B 19 -5.44 3.82 1.84
N HIS B 20 -6.40 4.39 1.09
CA HIS B 20 -6.94 3.78 -0.14
C HIS B 20 -5.86 3.50 -1.19
N LYS B 21 -4.86 4.39 -1.31
CA LYS B 21 -3.77 4.30 -2.28
C LYS B 21 -2.70 3.28 -1.86
N LEU B 22 -2.48 3.13 -0.55
CA LEU B 22 -1.68 2.06 0.04
C LEU B 22 -2.27 0.68 -0.32
N VAL B 23 -3.59 0.50 -0.15
CA VAL B 23 -4.33 -0.72 -0.48
C VAL B 23 -4.13 -1.16 -1.95
N GLN B 24 -4.13 -0.22 -2.91
CA GLN B 24 -3.90 -0.53 -4.33
C GLN B 24 -2.53 -1.17 -4.63
N ALA B 25 -1.54 -0.97 -3.75
CA ALA B 25 -0.20 -1.52 -3.85
C ALA B 25 0.09 -2.61 -2.79
N ILE B 26 -0.98 -3.13 -2.15
CA ILE B 26 -0.95 -4.32 -1.26
C ILE B 26 -1.69 -5.48 -1.95
N PHE B 27 -2.86 -5.21 -2.53
CA PHE B 27 -3.59 -6.13 -3.40
C PHE B 27 -4.13 -5.34 -4.60
N PRO B 28 -3.45 -5.38 -5.76
CA PRO B 28 -3.87 -4.73 -7.02
C PRO B 28 -5.25 -5.18 -7.59
N THR B 29 -5.92 -6.12 -6.92
CA THR B 29 -7.16 -6.85 -7.24
C THR B 29 -7.25 -7.56 -8.61
N PRO B 30 -8.02 -8.68 -8.70
CA PRO B 30 -8.29 -9.35 -9.97
C PRO B 30 -9.26 -8.56 -10.85
N ASP B 31 -10.12 -7.76 -10.22
CA ASP B 31 -11.27 -7.02 -10.79
C ASP B 31 -11.69 -5.92 -9.79
N PRO B 32 -12.24 -4.78 -10.21
CA PRO B 32 -12.65 -3.72 -9.30
C PRO B 32 -13.82 -4.10 -8.38
N ALA B 33 -14.58 -5.17 -8.68
CA ALA B 33 -15.56 -5.73 -7.74
C ALA B 33 -14.91 -6.44 -6.54
N ALA B 34 -13.68 -6.96 -6.66
CA ALA B 34 -12.95 -7.57 -5.53
C ALA B 34 -12.59 -6.57 -4.42
N LEU B 35 -12.52 -5.26 -4.73
CA LEU B 35 -12.41 -4.17 -3.74
C LEU B 35 -13.63 -4.09 -2.79
N LYS B 36 -14.80 -4.54 -3.27
CA LYS B 36 -16.08 -4.52 -2.52
C LYS B 36 -16.34 -5.82 -1.74
N ASP B 37 -15.54 -6.86 -1.95
CA ASP B 37 -15.67 -8.15 -1.25
C ASP B 37 -15.36 -8.02 0.27
N ARG B 38 -16.10 -8.75 1.10
CA ARG B 38 -16.04 -8.66 2.58
C ARG B 38 -14.70 -9.07 3.18
N ARG B 39 -13.92 -9.88 2.44
CA ARG B 39 -12.55 -10.27 2.81
C ARG B 39 -11.52 -9.16 2.57
N MET B 40 -11.76 -8.27 1.60
CA MET B 40 -10.87 -7.13 1.33
C MET B 40 -10.78 -6.16 2.53
N GLU B 41 -11.81 -6.06 3.35
CA GLU B 41 -11.82 -5.28 4.60
C GLU B 41 -10.70 -5.63 5.59
N ASN B 42 -10.20 -6.87 5.57
CA ASN B 42 -9.02 -7.28 6.36
C ASN B 42 -7.74 -6.58 5.87
N LEU B 43 -7.56 -6.50 4.54
CA LEU B 43 -6.42 -5.84 3.90
C LEU B 43 -6.49 -4.32 4.08
N VAL B 44 -7.68 -3.74 3.96
CA VAL B 44 -7.99 -2.34 4.30
C VAL B 44 -7.61 -1.99 5.75
N ALA B 45 -8.00 -2.81 6.74
CA ALA B 45 -7.65 -2.60 8.15
C ALA B 45 -6.15 -2.79 8.43
N TYR B 46 -5.51 -3.78 7.80
CA TYR B 46 -4.05 -3.95 7.80
C TYR B 46 -3.33 -2.71 7.22
N ALA B 47 -3.80 -2.19 6.08
CA ALA B 47 -3.30 -0.95 5.49
C ALA B 47 -3.49 0.25 6.42
N LYS B 48 -4.63 0.37 7.11
CA LYS B 48 -4.84 1.42 8.14
C LYS B 48 -3.82 1.32 9.30
N LYS B 49 -3.56 0.10 9.80
CA LYS B 49 -2.55 -0.16 10.85
C LYS B 49 -1.15 0.29 10.40
N VAL B 50 -0.70 -0.16 9.22
CA VAL B 50 0.60 0.23 8.65
C VAL B 50 0.67 1.75 8.43
N GLU B 51 -0.34 2.35 7.78
CA GLU B 51 -0.39 3.79 7.51
C GLU B 51 -0.27 4.63 8.78
N GLY B 52 -0.97 4.25 9.85
CA GLY B 52 -0.88 4.87 11.17
C GLY B 52 0.48 4.70 11.85
N ASP B 53 1.12 3.54 11.71
CA ASP B 53 2.42 3.26 12.33
C ASP B 53 3.57 4.05 11.67
N MET B 54 3.47 4.28 10.36
CA MET B 54 4.39 5.13 9.60
C MET B 54 4.16 6.63 9.92
N TYR B 55 2.90 7.05 10.06
CA TYR B 55 2.48 8.41 10.41
C TYR B 55 2.93 8.84 11.82
N GLU B 56 2.69 8.00 12.82
CA GLU B 56 2.96 8.30 14.24
C GLU B 56 4.44 8.54 14.59
N SER B 57 5.38 8.19 13.69
CA SER B 57 6.82 8.17 14.00
C SER B 57 7.73 8.96 13.04
N ALA B 58 7.22 9.48 11.92
CA ALA B 58 7.99 10.28 10.98
C ALA B 58 8.28 11.70 11.50
N ASN B 59 9.49 12.19 11.26
CA ASN B 59 9.93 13.54 11.59
C ASN B 59 9.23 14.65 10.77
N SER B 60 8.77 14.32 9.56
CA SER B 60 8.09 15.23 8.62
C SER B 60 7.08 14.50 7.73
N ARG B 61 6.22 15.25 7.04
CA ARG B 61 5.27 14.71 6.05
C ARG B 61 5.98 14.00 4.89
N ASP B 62 7.08 14.60 4.42
CA ASP B 62 7.97 14.01 3.42
C ASP B 62 8.58 12.67 3.88
N GLU B 63 9.05 12.58 5.13
CA GLU B 63 9.55 11.32 5.70
C GLU B 63 8.44 10.29 5.90
N TYR B 64 7.23 10.71 6.28
CA TYR B 64 6.04 9.85 6.36
C TYR B 64 5.70 9.23 5.00
N TYR B 65 5.60 10.05 3.95
CA TYR B 65 5.49 9.57 2.56
C TYR B 65 6.59 8.57 2.18
N HIS B 66 7.86 8.88 2.48
CA HIS B 66 8.97 7.98 2.18
C HIS B 66 8.86 6.64 2.94
N LEU B 67 8.47 6.66 4.22
CA LEU B 67 8.20 5.46 5.03
C LEU B 67 7.00 4.64 4.48
N LEU B 68 5.88 5.30 4.13
CA LEU B 68 4.76 4.64 3.44
C LEU B 68 5.25 3.95 2.16
N ALA B 69 5.94 4.69 1.30
CA ALA B 69 6.40 4.21 -0.01
C ALA B 69 7.48 3.11 0.10
N GLU B 70 8.35 3.15 1.12
CA GLU B 70 9.35 2.10 1.39
C GLU B 70 8.69 0.78 1.79
N LYS B 71 7.71 0.81 2.71
CA LYS B 71 6.88 -0.37 3.04
C LYS B 71 6.06 -0.84 1.84
N ILE B 72 5.51 0.09 1.05
CA ILE B 72 4.86 -0.23 -0.24
C ILE B 72 5.81 -0.93 -1.22
N TYR B 73 7.08 -0.54 -1.28
CA TYR B 73 8.09 -1.23 -2.08
C TYR B 73 8.32 -2.65 -1.55
N LYS B 74 8.52 -2.81 -0.24
CA LYS B 74 8.59 -4.09 0.47
C LYS B 74 7.42 -5.03 0.12
N ILE B 75 6.18 -4.56 0.11
CA ILE B 75 5.02 -5.37 -0.32
C ILE B 75 5.02 -5.64 -1.85
N GLN B 76 5.01 -4.60 -2.69
CA GLN B 76 4.78 -4.74 -4.13
C GLN B 76 5.97 -5.35 -4.90
N LYS B 77 7.22 -4.96 -4.59
CA LYS B 77 8.42 -5.48 -5.26
C LYS B 77 8.61 -6.98 -5.00
N GLU B 78 8.34 -7.42 -3.77
CA GLU B 78 8.36 -8.84 -3.42
C GLU B 78 7.33 -9.65 -4.23
N LEU B 79 6.08 -9.19 -4.32
CA LEU B 79 5.07 -9.79 -5.22
C LEU B 79 5.56 -9.82 -6.69
N GLU B 80 6.25 -8.78 -7.16
CA GLU B 80 6.78 -8.67 -8.52
C GLU B 80 7.85 -9.72 -8.91
N GLU B 81 8.37 -10.51 -7.96
CA GLU B 81 9.30 -11.63 -8.24
C GLU B 81 8.99 -12.95 -7.51
N LYS B 82 8.25 -12.90 -6.39
CA LYS B 82 7.77 -14.08 -5.63
C LYS B 82 6.32 -14.46 -5.94
N ARG B 83 5.63 -13.71 -6.82
CA ARG B 83 4.27 -14.01 -7.33
C ARG B 83 4.10 -13.84 -8.86
N ARG B 84 5.13 -13.32 -9.54
CA ARG B 84 5.16 -13.05 -10.99
C ARG B 84 6.38 -13.70 -11.66
N SER B 85 6.79 -14.85 -11.11
CA SER B 85 7.94 -15.68 -11.48
C SER B 85 7.85 -16.22 -12.92
N ARG B 86 8.37 -15.46 -13.89
CA ARG B 86 8.36 -15.75 -15.34
C ARG B 86 9.77 -15.89 -15.94
N LEU B 87 10.78 -16.08 -15.07
CA LEU B 87 12.22 -16.22 -15.37
C LEU B 87 12.92 -17.25 -14.46
N SER C 1 11.15 -10.74 11.13
CA SER C 1 11.42 -11.25 12.49
C SER C 1 10.12 -11.53 13.25
N ASP C 2 10.13 -12.48 14.19
CA ASP C 2 8.95 -12.93 14.96
C ASP C 2 8.29 -11.85 15.86
N ASP C 3 8.99 -10.74 16.11
CA ASP C 3 8.50 -9.55 16.83
C ASP C 3 8.80 -8.25 16.03
N GLY C 4 8.88 -8.37 14.70
CA GLY C 4 9.35 -7.33 13.77
C GLY C 4 8.98 -7.67 12.32
N ASN C 5 7.71 -7.51 11.96
CA ASN C 5 7.14 -7.81 10.64
C ASN C 5 6.08 -6.76 10.24
N ILE C 6 5.91 -6.54 8.93
CA ILE C 6 4.95 -5.60 8.32
C ILE C 6 4.07 -6.32 7.27
N LEU C 7 4.11 -7.65 7.18
CA LEU C 7 3.22 -8.48 6.35
C LEU C 7 2.80 -9.74 7.16
N PRO C 8 1.83 -9.58 8.10
CA PRO C 8 1.24 -10.66 8.90
C PRO C 8 0.82 -11.88 8.07
N SER C 9 1.07 -13.09 8.59
CA SER C 9 0.91 -14.36 7.84
C SER C 9 -0.51 -14.61 7.31
N ASP C 10 -1.55 -14.23 8.05
CA ASP C 10 -2.95 -14.39 7.61
C ASP C 10 -3.31 -13.46 6.43
N ILE C 11 -2.85 -12.21 6.48
CA ILE C 11 -2.97 -11.23 5.38
C ILE C 11 -2.13 -11.69 4.19
N MET C 12 -0.91 -12.17 4.44
CA MET C 12 0.01 -12.66 3.42
C MET C 12 -0.62 -13.82 2.63
N ASP C 13 -1.10 -14.88 3.30
CA ASP C 13 -1.69 -16.05 2.66
C ASP C 13 -2.84 -15.71 1.70
N PHE C 14 -3.70 -14.76 2.07
CA PHE C 14 -4.76 -14.25 1.20
C PHE C 14 -4.20 -13.52 -0.04
N VAL C 15 -3.21 -12.64 0.11
CA VAL C 15 -2.50 -12.03 -1.02
C VAL C 15 -1.81 -13.07 -1.90
N LEU C 16 -1.11 -14.06 -1.32
CA LEU C 16 -0.39 -15.10 -2.08
C LEU C 16 -1.34 -15.99 -2.90
N LYS C 17 -2.56 -16.24 -2.43
CA LYS C 17 -3.61 -16.97 -3.16
C LYS C 17 -4.14 -16.17 -4.35
N ASN C 18 -4.47 -14.89 -4.13
CA ASN C 18 -5.16 -14.05 -5.11
C ASN C 18 -4.28 -13.45 -6.22
N THR C 19 -3.06 -13.01 -5.90
CA THR C 19 -2.19 -12.22 -6.81
C THR C 19 -1.36 -12.93 -7.91
N PRO C 20 -1.22 -14.28 -8.01
CA PRO C 20 -0.48 -14.96 -9.08
C PRO C 20 -0.86 -14.59 -10.54
N SER C 21 0.05 -14.94 -11.46
CA SER C 21 -0.08 -14.75 -12.92
C SER C 21 0.35 -16.01 -13.70
N MET C 22 0.10 -17.19 -13.12
CA MET C 22 0.51 -18.51 -13.64
C MET C 22 -0.50 -19.61 -13.26
N GLN C 23 -0.24 -20.85 -13.72
CA GLN C 23 -1.03 -22.06 -13.40
C GLN C 23 -0.08 -23.22 -13.08
N ALA C 24 -0.45 -24.06 -12.10
CA ALA C 24 0.27 -25.28 -11.75
C ALA C 24 0.34 -26.30 -12.92
N LEU C 25 1.36 -27.16 -12.89
CA LEU C 25 1.64 -28.25 -13.83
C LEU C 25 2.19 -29.49 -13.08
N GLY C 26 2.22 -30.64 -13.75
CA GLY C 26 2.73 -31.90 -13.18
C GLY C 26 2.90 -33.05 -14.17
N GLU C 27 3.09 -32.75 -15.46
CA GLU C 27 3.26 -33.75 -16.54
C GLU C 27 4.65 -34.42 -16.55
N SER C 28 5.64 -33.83 -15.86
CA SER C 28 7.03 -34.31 -15.78
C SER C 28 7.18 -35.68 -15.09
N PRO C 29 8.21 -36.48 -15.44
CA PRO C 29 8.57 -37.71 -14.72
C PRO C 29 9.15 -37.43 -13.32
N GLU C 30 9.29 -38.50 -12.52
CA GLU C 30 9.69 -38.43 -11.10
C GLU C 30 10.78 -39.46 -10.71
N SER C 31 11.27 -40.25 -11.66
CA SER C 31 12.32 -41.28 -11.51
C SER C 31 13.08 -41.53 -12.83
N LYS A 1 16.80 -3.15 -11.58
CA LYS A 1 16.13 -2.02 -10.89
C LYS A 1 16.32 -0.75 -11.69
N GLU A 2 15.23 -0.05 -11.96
CA GLU A 2 15.20 1.10 -12.87
C GLU A 2 13.99 2.02 -12.59
N LYS A 3 13.55 2.86 -13.55
CA LYS A 3 12.50 3.88 -13.40
C LYS A 3 11.23 3.42 -12.67
N ARG A 4 10.80 2.16 -12.82
CA ARG A 4 9.68 1.55 -12.06
C ARG A 4 9.83 1.69 -10.53
N ILE A 5 11.06 1.68 -10.02
CA ILE A 5 11.34 1.86 -8.59
C ILE A 5 10.96 3.28 -8.14
N LYS A 6 11.45 4.32 -8.84
CA LYS A 6 11.06 5.72 -8.59
C LYS A 6 9.57 5.95 -8.86
N GLU A 7 9.02 5.34 -9.91
CA GLU A 7 7.60 5.38 -10.28
C GLU A 7 6.70 4.91 -9.12
N LEU A 8 6.98 3.72 -8.56
CA LEU A 8 6.26 3.14 -7.42
C LEU A 8 6.40 4.01 -6.16
N GLU A 9 7.60 4.51 -5.89
CA GLU A 9 7.91 5.35 -4.73
C GLU A 9 7.21 6.73 -4.79
N LEU A 10 7.26 7.38 -5.95
CA LEU A 10 6.68 8.71 -6.22
C LEU A 10 5.14 8.70 -6.28
N LEU A 11 4.52 7.56 -6.62
CA LEU A 11 3.05 7.43 -6.75
C LEU A 11 2.29 7.88 -5.50
N LEU A 12 2.78 7.54 -4.31
CA LEU A 12 2.27 8.06 -3.03
C LEU A 12 2.43 9.58 -2.94
N MET A 13 3.67 10.06 -3.11
CA MET A 13 4.09 11.45 -2.90
C MET A 13 3.35 12.47 -3.78
N SER A 14 2.87 12.04 -4.95
CA SER A 14 2.09 12.87 -5.91
C SER A 14 0.80 13.48 -5.33
N THR A 15 0.19 12.85 -4.31
CA THR A 15 -1.14 13.20 -3.78
C THR A 15 -1.24 14.64 -3.27
N GLU A 16 -0.20 15.16 -2.62
CA GLU A 16 -0.22 16.53 -2.09
C GLU A 16 -0.35 17.58 -3.22
N ASN A 17 0.33 17.35 -4.35
CA ASN A 17 0.22 18.18 -5.56
C ASN A 17 -1.18 18.11 -6.19
N GLU A 18 -1.87 16.96 -6.12
CA GLU A 18 -3.25 16.81 -6.57
C GLU A 18 -4.26 17.55 -5.67
N LEU A 19 -4.02 17.56 -4.35
CA LEU A 19 -4.98 18.07 -3.34
C LEU A 19 -4.84 19.57 -3.07
N LYS A 20 -3.66 20.05 -2.66
CA LYS A 20 -3.45 21.46 -2.24
C LYS A 20 -2.13 22.12 -2.69
N GLY A 21 -1.27 21.37 -3.39
CA GLY A 21 -0.07 21.90 -4.07
C GLY A 21 -0.34 22.33 -5.52
N GLN A 22 -1.61 22.54 -5.87
CA GLN A 22 -2.10 22.77 -7.24
C GLN A 22 -1.56 24.05 -7.90
N GLN A 23 -1.18 25.05 -7.10
CA GLN A 23 -0.65 26.35 -7.52
C GLN A 23 0.43 26.86 -6.54
N ALA A 24 1.18 27.89 -6.94
CA ALA A 24 2.09 28.63 -6.06
C ALA A 24 1.37 29.47 -4.97
N LEU A 25 0.06 29.74 -5.16
CA LEU A 25 -0.82 30.51 -4.28
C LEU A 25 -2.26 29.95 -4.29
N GLY B 1 6.17 20.08 24.84
CA GLY B 1 5.24 20.13 23.69
C GLY B 1 5.31 18.85 22.86
N VAL B 2 4.99 18.96 21.55
CA VAL B 2 4.98 17.85 20.58
C VAL B 2 5.63 18.32 19.28
N ARG B 3 6.78 17.74 18.91
CA ARG B 3 7.60 18.16 17.75
C ARG B 3 7.00 17.84 16.37
N LYS B 4 5.99 16.96 16.31
CA LYS B 4 5.27 16.51 15.10
C LYS B 4 4.28 17.58 14.56
N GLY B 5 4.71 18.84 14.50
CA GLY B 5 3.90 20.01 14.09
C GLY B 5 3.34 19.93 12.66
N TRP B 6 3.88 19.07 11.81
CA TRP B 6 3.38 18.76 10.46
C TRP B 6 1.89 18.37 10.39
N HIS B 7 1.33 17.90 11.50
CA HIS B 7 -0.10 17.61 11.66
C HIS B 7 -1.01 18.83 11.37
N GLU B 8 -0.52 20.05 11.58
CA GLU B 8 -1.22 21.31 11.25
C GLU B 8 -1.42 21.53 9.74
N HIS B 9 -0.82 20.69 8.89
CA HIS B 9 -0.89 20.74 7.42
C HIS B 9 -1.45 19.44 6.79
N VAL B 10 -1.87 18.47 7.62
CA VAL B 10 -2.58 17.25 7.19
C VAL B 10 -4.07 17.55 6.97
N THR B 11 -4.72 16.79 6.09
CA THR B 11 -6.18 16.80 5.87
C THR B 11 -6.73 15.37 5.86
N GLN B 12 -8.02 15.19 6.19
CA GLN B 12 -8.67 13.87 6.11
C GLN B 12 -8.67 13.33 4.67
N ASP B 13 -8.84 14.20 3.67
CA ASP B 13 -8.75 13.84 2.25
C ASP B 13 -7.39 13.24 1.88
N LEU B 14 -6.29 13.80 2.40
CA LEU B 14 -4.95 13.24 2.23
C LEU B 14 -4.86 11.85 2.87
N ARG B 15 -5.21 11.71 4.17
CA ARG B 15 -5.19 10.42 4.88
C ARG B 15 -6.00 9.34 4.14
N SER B 16 -7.22 9.65 3.71
CA SER B 16 -8.07 8.73 2.93
C SER B 16 -7.41 8.26 1.64
N HIS B 17 -6.95 9.19 0.80
CA HIS B 17 -6.36 8.87 -0.49
C HIS B 17 -5.02 8.13 -0.35
N LEU B 18 -4.19 8.49 0.65
CA LEU B 18 -2.94 7.77 0.93
C LEU B 18 -3.18 6.34 1.42
N VAL B 19 -4.17 6.09 2.30
CA VAL B 19 -4.60 4.72 2.65
C VAL B 19 -5.03 3.95 1.38
N HIS B 20 -5.88 4.55 0.54
CA HIS B 20 -6.35 3.93 -0.70
C HIS B 20 -5.20 3.57 -1.65
N LYS B 21 -4.25 4.48 -1.85
CA LYS B 21 -3.07 4.27 -2.70
C LYS B 21 -2.10 3.22 -2.12
N LEU B 22 -2.01 3.11 -0.80
CA LEU B 22 -1.31 2.01 -0.12
C LEU B 22 -1.99 0.68 -0.48
N VAL B 23 -3.32 0.57 -0.28
CA VAL B 23 -4.13 -0.62 -0.58
C VAL B 23 -4.02 -1.07 -2.04
N GLN B 24 -4.10 -0.15 -3.01
CA GLN B 24 -4.01 -0.47 -4.45
C GLN B 24 -2.68 -1.13 -4.81
N ALA B 25 -1.57 -0.69 -4.23
CA ALA B 25 -0.27 -1.33 -4.44
C ALA B 25 -0.17 -2.69 -3.72
N ILE B 26 -0.68 -2.77 -2.47
CA ILE B 26 -0.70 -4.01 -1.66
C ILE B 26 -1.43 -5.14 -2.40
N PHE B 27 -2.63 -4.85 -2.95
CA PHE B 27 -3.34 -5.77 -3.82
C PHE B 27 -4.20 -4.99 -4.85
N PRO B 28 -3.83 -4.98 -6.15
CA PRO B 28 -4.59 -4.32 -7.23
C PRO B 28 -6.05 -4.76 -7.43
N THR B 29 -6.52 -5.82 -6.72
CA THR B 29 -7.87 -6.41 -6.73
C THR B 29 -8.22 -7.19 -8.02
N PRO B 30 -9.03 -8.28 -7.94
CA PRO B 30 -9.46 -9.06 -9.09
C PRO B 30 -10.70 -8.47 -9.79
N ASP B 31 -11.56 -7.77 -9.03
CA ASP B 31 -12.85 -7.19 -9.41
C ASP B 31 -13.26 -6.13 -8.37
N PRO B 32 -13.95 -5.04 -8.72
CA PRO B 32 -14.28 -3.98 -7.78
C PRO B 32 -15.28 -4.41 -6.68
N ALA B 33 -15.98 -5.54 -6.84
CA ALA B 33 -16.78 -6.13 -5.76
C ALA B 33 -15.88 -6.74 -4.65
N ALA B 34 -14.68 -7.23 -5.01
CA ALA B 34 -13.73 -7.80 -4.03
C ALA B 34 -13.17 -6.74 -3.05
N LEU B 35 -13.09 -5.47 -3.44
CA LEU B 35 -12.67 -4.34 -2.60
C LEU B 35 -13.47 -4.20 -1.29
N LYS B 36 -14.70 -4.72 -1.25
CA LYS B 36 -15.60 -4.75 -0.06
C LYS B 36 -15.91 -6.15 0.46
N ASP B 37 -15.37 -7.20 -0.17
CA ASP B 37 -15.42 -8.57 0.34
C ASP B 37 -14.59 -8.67 1.64
N ARG B 38 -15.03 -9.50 2.60
CA ARG B 38 -14.40 -9.61 3.92
C ARG B 38 -12.95 -10.12 3.85
N ARG B 39 -12.62 -10.84 2.77
CA ARG B 39 -11.25 -11.29 2.42
C ARG B 39 -10.30 -10.15 2.02
N MET B 40 -10.82 -8.96 1.67
CA MET B 40 -10.02 -7.74 1.42
C MET B 40 -10.27 -6.64 2.46
N GLU B 41 -11.43 -6.57 3.13
CA GLU B 41 -11.65 -5.68 4.28
C GLU B 41 -10.62 -5.90 5.40
N ASN B 42 -10.18 -7.14 5.61
CA ASN B 42 -9.12 -7.50 6.57
C ASN B 42 -7.74 -6.96 6.14
N LEU B 43 -7.42 -7.07 4.84
CA LEU B 43 -6.21 -6.49 4.22
C LEU B 43 -6.22 -4.95 4.32
N VAL B 44 -7.34 -4.33 3.99
CA VAL B 44 -7.62 -2.89 4.12
C VAL B 44 -7.47 -2.40 5.57
N ALA B 45 -7.95 -3.16 6.55
CA ALA B 45 -7.77 -2.87 7.97
C ALA B 45 -6.30 -2.94 8.41
N TYR B 46 -5.54 -3.92 7.91
CA TYR B 46 -4.08 -3.95 8.10
C TYR B 46 -3.42 -2.73 7.46
N ALA B 47 -3.77 -2.38 6.22
CA ALA B 47 -3.24 -1.20 5.53
C ALA B 47 -3.54 0.10 6.30
N LYS B 48 -4.75 0.25 6.87
CA LYS B 48 -5.11 1.37 7.77
C LYS B 48 -4.27 1.39 9.04
N LYS B 49 -4.08 0.23 9.69
CA LYS B 49 -3.26 0.08 10.91
C LYS B 49 -1.78 0.42 10.66
N VAL B 50 -1.22 -0.04 9.54
CA VAL B 50 0.13 0.34 9.08
C VAL B 50 0.21 1.85 8.84
N GLU B 51 -0.70 2.42 8.05
CA GLU B 51 -0.70 3.85 7.73
C GLU B 51 -0.73 4.73 8.99
N GLY B 52 -1.58 4.40 9.97
CA GLY B 52 -1.68 5.09 11.25
C GLY B 52 -0.47 4.93 12.17
N ASP B 53 0.31 3.86 12.03
CA ASP B 53 1.54 3.63 12.80
C ASP B 53 2.75 4.34 12.18
N MET B 54 2.82 4.39 10.84
CA MET B 54 3.83 5.15 10.09
C MET B 54 3.65 6.66 10.30
N TYR B 55 2.40 7.12 10.38
CA TYR B 55 2.00 8.49 10.75
C TYR B 55 2.51 8.91 12.15
N GLU B 56 2.60 7.98 13.10
CA GLU B 56 3.15 8.22 14.45
C GLU B 56 4.66 7.95 14.55
N SER B 57 5.31 7.50 13.47
CA SER B 57 6.74 7.14 13.43
C SER B 57 7.61 8.16 12.69
N ALA B 58 7.08 9.35 12.36
CA ALA B 58 7.72 10.33 11.49
C ALA B 58 7.66 11.77 12.05
N ASN B 59 8.82 12.45 12.09
CA ASN B 59 8.95 13.83 12.56
C ASN B 59 8.42 14.89 11.55
N SER B 60 8.18 14.49 10.30
CA SER B 60 7.68 15.36 9.22
C SER B 60 6.78 14.59 8.25
N ARG B 61 5.97 15.32 7.47
CA ARG B 61 5.12 14.75 6.42
C ARG B 61 5.93 14.06 5.31
N ASP B 62 7.12 14.58 5.01
CA ASP B 62 8.08 13.99 4.08
C ASP B 62 8.64 12.64 4.58
N GLU B 63 9.00 12.54 5.87
CA GLU B 63 9.43 11.27 6.48
C GLU B 63 8.28 10.25 6.54
N TYR B 64 7.05 10.69 6.83
CA TYR B 64 5.85 9.87 6.79
C TYR B 64 5.61 9.25 5.40
N TYR B 65 5.62 10.06 4.33
CA TYR B 65 5.62 9.57 2.96
C TYR B 65 6.75 8.58 2.68
N HIS B 66 7.98 8.86 3.12
CA HIS B 66 9.12 7.97 2.93
C HIS B 66 8.88 6.60 3.59
N LEU B 67 8.31 6.55 4.80
CA LEU B 67 7.90 5.31 5.46
C LEU B 67 6.76 4.60 4.71
N LEU B 68 5.70 5.30 4.29
CA LEU B 68 4.62 4.70 3.49
C LEU B 68 5.16 4.11 2.17
N ALA B 69 6.02 4.83 1.46
CA ALA B 69 6.60 4.41 0.20
C ALA B 69 7.59 3.24 0.38
N GLU B 70 8.34 3.19 1.48
CA GLU B 70 9.15 2.02 1.86
C GLU B 70 8.26 0.80 2.08
N LYS B 71 7.12 0.95 2.77
CA LYS B 71 6.16 -0.13 3.01
C LYS B 71 5.50 -0.60 1.71
N ILE B 72 5.13 0.30 0.80
CA ILE B 72 4.69 -0.08 -0.57
C ILE B 72 5.80 -0.90 -1.27
N TYR B 73 7.04 -0.40 -1.28
CA TYR B 73 8.18 -1.06 -1.94
C TYR B 73 8.42 -2.46 -1.36
N LYS B 74 8.49 -2.60 -0.03
CA LYS B 74 8.64 -3.90 0.65
C LYS B 74 7.56 -4.88 0.21
N ILE B 75 6.29 -4.51 0.34
CA ILE B 75 5.16 -5.40 0.01
C ILE B 75 5.23 -5.80 -1.46
N GLN B 76 5.37 -4.84 -2.39
CA GLN B 76 5.44 -5.13 -3.82
C GLN B 76 6.62 -6.05 -4.18
N LYS B 77 7.82 -5.81 -3.62
CA LYS B 77 9.03 -6.59 -3.88
C LYS B 77 9.01 -7.98 -3.23
N GLU B 78 8.53 -8.07 -2.00
CA GLU B 78 8.34 -9.35 -1.29
C GLU B 78 7.38 -10.28 -2.05
N LEU B 79 6.22 -9.74 -2.46
CA LEU B 79 5.25 -10.46 -3.30
C LEU B 79 5.88 -10.89 -4.63
N GLU B 80 6.50 -9.96 -5.38
CA GLU B 80 7.15 -10.25 -6.66
C GLU B 80 8.21 -11.37 -6.57
N GLU B 81 9.06 -11.35 -5.54
CA GLU B 81 10.09 -12.38 -5.30
C GLU B 81 9.47 -13.73 -4.90
N LYS B 82 8.50 -13.75 -3.98
CA LYS B 82 7.80 -14.98 -3.58
C LYS B 82 6.95 -15.60 -4.71
N ARG B 83 6.44 -14.79 -5.63
CA ARG B 83 5.76 -15.23 -6.87
C ARG B 83 6.74 -15.79 -7.91
N ARG B 84 7.93 -15.20 -8.04
CA ARG B 84 9.00 -15.66 -8.95
C ARG B 84 9.72 -16.93 -8.48
N SER B 85 9.81 -17.13 -7.17
CA SER B 85 10.56 -18.22 -6.50
C SER B 85 9.66 -19.04 -5.56
N ARG B 86 8.42 -19.30 -6.01
CA ARG B 86 7.32 -19.94 -5.25
C ARG B 86 7.59 -21.35 -4.72
N LEU B 87 8.56 -22.08 -5.28
CA LEU B 87 8.97 -23.45 -4.92
C LEU B 87 10.50 -23.61 -4.96
N SER C 1 4.84 -0.58 15.44
CA SER C 1 6.03 -1.37 15.05
C SER C 1 5.83 -2.06 13.71
N ASP C 2 6.93 -2.41 13.02
CA ASP C 2 6.95 -2.89 11.63
C ASP C 2 7.64 -4.27 11.44
N ASP C 3 7.84 -5.02 12.53
CA ASP C 3 8.47 -6.34 12.53
C ASP C 3 7.65 -7.47 11.85
N GLY C 4 6.37 -7.23 11.51
CA GLY C 4 5.51 -8.21 10.82
C GLY C 4 4.14 -7.71 10.37
N ASN C 5 3.56 -6.73 11.09
CA ASN C 5 2.24 -6.12 10.76
C ASN C 5 2.17 -5.48 9.35
N ILE C 6 3.32 -5.22 8.72
CA ILE C 6 3.42 -4.72 7.35
C ILE C 6 2.86 -5.70 6.29
N LEU C 7 2.83 -7.01 6.58
CA LEU C 7 2.31 -8.04 5.68
C LEU C 7 1.95 -9.31 6.49
N PRO C 8 0.81 -9.31 7.19
CA PRO C 8 0.24 -10.48 7.89
C PRO C 8 0.24 -11.75 7.02
N SER C 9 0.77 -12.87 7.54
CA SER C 9 1.00 -14.10 6.75
C SER C 9 -0.26 -14.72 6.14
N ASP C 10 -1.38 -14.73 6.87
CA ASP C 10 -2.67 -15.26 6.39
C ASP C 10 -3.26 -14.40 5.25
N ILE C 11 -3.05 -13.09 5.30
CA ILE C 11 -3.44 -12.13 4.27
C ILE C 11 -2.48 -12.20 3.07
N MET C 12 -1.18 -12.33 3.33
CA MET C 12 -0.14 -12.52 2.31
C MET C 12 -0.45 -13.71 1.41
N ASP C 13 -0.83 -14.86 1.96
CA ASP C 13 -1.19 -16.06 1.19
C ASP C 13 -2.31 -15.79 0.16
N PHE C 14 -3.34 -15.03 0.53
CA PHE C 14 -4.40 -14.59 -0.38
C PHE C 14 -3.88 -13.63 -1.47
N VAL C 15 -3.00 -12.68 -1.13
CA VAL C 15 -2.36 -11.79 -2.11
C VAL C 15 -1.44 -12.56 -3.08
N LEU C 16 -0.64 -13.52 -2.59
CA LEU C 16 0.20 -14.38 -3.43
C LEU C 16 -0.64 -15.29 -4.35
N LYS C 17 -1.82 -15.73 -3.91
CA LYS C 17 -2.75 -16.54 -4.71
C LYS C 17 -3.41 -15.73 -5.84
N ASN C 18 -3.86 -14.51 -5.56
CA ASN C 18 -4.61 -13.67 -6.49
C ASN C 18 -3.73 -12.95 -7.54
N THR C 19 -2.64 -12.30 -7.11
CA THR C 19 -1.86 -11.40 -7.98
C THR C 19 -1.14 -12.00 -9.20
N PRO C 20 -0.62 -13.25 -9.21
CA PRO C 20 0.02 -13.84 -10.40
C PRO C 20 -0.96 -14.41 -11.45
N SER C 21 -2.26 -14.47 -11.15
CA SER C 21 -3.32 -15.12 -11.98
C SER C 21 -3.71 -14.33 -13.25
N MET C 22 -2.73 -13.80 -13.98
CA MET C 22 -2.91 -12.98 -15.20
C MET C 22 -3.70 -13.67 -16.33
N GLN C 23 -3.80 -15.01 -16.31
CA GLN C 23 -4.61 -15.82 -17.23
C GLN C 23 -6.14 -15.56 -17.11
N ALA C 24 -6.61 -14.99 -15.99
CA ALA C 24 -8.01 -14.60 -15.78
C ALA C 24 -8.48 -13.46 -16.72
N LEU C 25 -9.78 -13.16 -16.69
CA LEU C 25 -10.40 -12.04 -17.43
C LEU C 25 -9.84 -10.68 -16.99
N GLY C 26 -9.89 -9.69 -17.89
CA GLY C 26 -9.37 -8.32 -17.64
C GLY C 26 -9.08 -7.47 -18.88
N GLU C 27 -9.25 -7.99 -20.10
CA GLU C 27 -9.07 -7.25 -21.36
C GLU C 27 -9.99 -6.02 -21.47
N SER C 28 -9.56 -5.01 -22.23
CA SER C 28 -10.25 -3.73 -22.42
C SER C 28 -10.00 -3.12 -23.82
N PRO C 29 -10.82 -2.15 -24.29
CA PRO C 29 -10.64 -1.48 -25.58
C PRO C 29 -9.26 -0.83 -25.79
N GLU C 30 -8.88 -0.65 -27.06
CA GLU C 30 -7.58 -0.09 -27.50
C GLU C 30 -7.74 1.00 -28.60
N SER C 31 -8.99 1.32 -28.97
CA SER C 31 -9.37 2.34 -29.97
C SER C 31 -8.88 3.76 -29.64
N LYS A 1 15.00 -1.22 -14.87
CA LYS A 1 14.38 -1.09 -13.52
C LYS A 1 14.13 0.35 -13.07
N GLU A 2 15.11 1.26 -13.18
CA GLU A 2 15.06 2.61 -12.57
C GLU A 2 13.77 3.41 -12.80
N LYS A 3 13.16 3.34 -14.01
CA LYS A 3 11.89 4.02 -14.29
C LYS A 3 10.77 3.55 -13.35
N ARG A 4 10.42 2.25 -13.35
CA ARG A 4 9.32 1.74 -12.49
C ARG A 4 9.62 1.85 -11.00
N ILE A 5 10.90 1.75 -10.62
CA ILE A 5 11.36 1.86 -9.24
C ILE A 5 11.10 3.26 -8.69
N LYS A 6 11.44 4.31 -9.45
CA LYS A 6 11.05 5.70 -9.13
C LYS A 6 9.55 5.94 -9.29
N GLU A 7 8.91 5.36 -10.30
CA GLU A 7 7.47 5.50 -10.57
C GLU A 7 6.58 5.01 -9.42
N LEU A 8 6.86 3.84 -8.83
CA LEU A 8 6.15 3.33 -7.65
C LEU A 8 6.31 4.27 -6.44
N GLU A 9 7.52 4.76 -6.21
CA GLU A 9 7.82 5.72 -5.13
C GLU A 9 7.08 7.06 -5.35
N LEU A 10 7.12 7.58 -6.58
CA LEU A 10 6.52 8.84 -7.02
C LEU A 10 4.99 8.84 -7.00
N LEU A 11 4.33 7.70 -7.26
CA LEU A 11 2.86 7.59 -7.27
C LEU A 11 2.18 8.10 -5.98
N LEU A 12 2.78 7.82 -4.82
CA LEU A 12 2.31 8.34 -3.52
C LEU A 12 2.74 9.81 -3.27
N MET A 13 3.78 10.31 -3.96
CA MET A 13 4.25 11.69 -3.81
C MET A 13 3.36 12.66 -4.61
N SER A 14 2.91 12.23 -5.79
CA SER A 14 1.92 12.95 -6.61
C SER A 14 0.69 13.34 -5.80
N THR A 15 0.26 12.49 -4.85
CA THR A 15 -0.84 12.75 -3.92
C THR A 15 -0.74 14.09 -3.20
N GLU A 16 0.45 14.46 -2.71
CA GLU A 16 0.63 15.72 -1.98
C GLU A 16 0.52 16.95 -2.92
N ASN A 17 0.89 16.76 -4.19
CA ASN A 17 0.74 17.75 -5.27
C ASN A 17 -0.68 17.80 -5.87
N GLU A 18 -1.48 16.74 -5.75
CA GLU A 18 -2.91 16.71 -6.08
C GLU A 18 -3.78 17.50 -5.09
N LEU A 19 -3.26 17.75 -3.88
CA LEU A 19 -3.98 18.29 -2.71
C LEU A 19 -3.51 19.70 -2.29
N LYS A 20 -3.20 20.58 -3.26
CA LYS A 20 -2.80 21.99 -3.03
C LYS A 20 -3.81 22.83 -2.22
N GLY A 21 -5.08 22.43 -2.20
CA GLY A 21 -6.17 23.10 -1.47
C GLY A 21 -7.50 22.33 -1.55
N GLN A 22 -8.56 22.92 -0.99
CA GLN A 22 -9.89 22.31 -0.86
C GLN A 22 -11.08 23.26 -1.17
N GLN A 23 -10.80 24.51 -1.54
CA GLN A 23 -11.79 25.54 -1.88
C GLN A 23 -11.20 26.63 -2.81
N ALA A 24 -12.04 27.49 -3.36
CA ALA A 24 -11.63 28.68 -4.12
C ALA A 24 -10.90 29.72 -3.24
N LEU A 25 -10.11 30.58 -3.87
CA LEU A 25 -9.34 31.69 -3.27
C LEU A 25 -9.13 32.89 -4.22
N GLY B 1 -2.59 14.96 23.99
CA GLY B 1 -1.97 16.15 23.38
C GLY B 1 -0.87 15.75 22.40
N VAL B 2 -0.94 16.22 21.15
CA VAL B 2 0.08 15.97 20.11
C VAL B 2 1.40 16.68 20.46
N ARG B 3 2.45 15.88 20.76
CA ARG B 3 3.81 16.40 21.02
C ARG B 3 4.53 16.90 19.76
N LYS B 4 4.22 16.31 18.59
CA LYS B 4 4.80 16.63 17.29
C LYS B 4 4.42 18.05 16.79
N GLY B 5 5.15 18.54 15.79
CA GLY B 5 5.02 19.90 15.25
C GLY B 5 4.56 20.01 13.78
N TRP B 6 3.95 18.95 13.23
CA TRP B 6 3.56 18.88 11.80
C TRP B 6 2.09 18.52 11.52
N HIS B 7 1.34 18.09 12.54
CA HIS B 7 -0.04 17.64 12.37
C HIS B 7 -1.02 18.76 11.96
N GLU B 8 -0.69 20.03 12.27
CA GLU B 8 -1.46 21.21 11.86
C GLU B 8 -1.50 21.44 10.33
N HIS B 9 -0.59 20.82 9.58
CA HIS B 9 -0.50 20.89 8.12
C HIS B 9 -1.25 19.74 7.40
N VAL B 10 -1.57 18.65 8.12
CA VAL B 10 -2.27 17.47 7.62
C VAL B 10 -3.77 17.78 7.39
N THR B 11 -4.38 17.08 6.44
CA THR B 11 -5.84 17.09 6.17
C THR B 11 -6.39 15.66 6.15
N GLN B 12 -7.70 15.50 6.42
CA GLN B 12 -8.37 14.20 6.33
C GLN B 12 -8.26 13.59 4.92
N ASP B 13 -8.40 14.42 3.87
CA ASP B 13 -8.34 13.96 2.49
C ASP B 13 -6.97 13.38 2.10
N LEU B 14 -5.87 13.93 2.64
CA LEU B 14 -4.52 13.35 2.48
C LEU B 14 -4.44 11.94 3.07
N ARG B 15 -4.93 11.75 4.31
CA ARG B 15 -5.02 10.44 4.96
C ARG B 15 -5.87 9.47 4.16
N SER B 16 -7.09 9.86 3.76
CA SER B 16 -8.01 9.02 2.98
C SER B 16 -7.40 8.52 1.67
N HIS B 17 -6.84 9.43 0.87
CA HIS B 17 -6.27 9.09 -0.43
C HIS B 17 -5.01 8.21 -0.28
N LEU B 18 -4.13 8.52 0.69
CA LEU B 18 -2.95 7.69 0.97
C LEU B 18 -3.31 6.29 1.50
N VAL B 19 -4.33 6.13 2.36
CA VAL B 19 -4.86 4.80 2.74
C VAL B 19 -5.35 4.04 1.50
N HIS B 20 -6.17 4.68 0.65
CA HIS B 20 -6.72 4.02 -0.54
C HIS B 20 -5.64 3.57 -1.53
N LYS B 21 -4.69 4.45 -1.84
CA LYS B 21 -3.59 4.14 -2.76
C LYS B 21 -2.61 3.11 -2.19
N LEU B 22 -2.49 3.02 -0.85
CA LEU B 22 -1.78 1.93 -0.17
C LEU B 22 -2.43 0.59 -0.57
N VAL B 23 -3.75 0.46 -0.36
CA VAL B 23 -4.52 -0.75 -0.69
C VAL B 23 -4.38 -1.14 -2.16
N GLN B 24 -4.48 -0.18 -3.10
CA GLN B 24 -4.37 -0.44 -4.54
C GLN B 24 -3.01 -1.05 -4.94
N ALA B 25 -1.90 -0.61 -4.34
CA ALA B 25 -0.61 -1.22 -4.59
C ALA B 25 -0.49 -2.61 -3.91
N ILE B 26 -0.90 -2.71 -2.64
CA ILE B 26 -0.78 -3.92 -1.81
C ILE B 26 -1.50 -5.11 -2.46
N PHE B 27 -2.74 -4.92 -2.94
CA PHE B 27 -3.44 -5.90 -3.76
C PHE B 27 -4.29 -5.15 -4.82
N PRO B 28 -3.87 -5.13 -6.10
CA PRO B 28 -4.58 -4.47 -7.20
C PRO B 28 -6.02 -4.94 -7.48
N THR B 29 -6.45 -6.05 -6.85
CA THR B 29 -7.70 -6.81 -7.06
C THR B 29 -7.90 -7.41 -8.47
N PRO B 30 -8.58 -8.58 -8.59
CA PRO B 30 -8.89 -9.19 -9.88
C PRO B 30 -9.97 -8.41 -10.65
N ASP B 31 -10.92 -7.84 -9.92
CA ASP B 31 -12.11 -7.13 -10.39
C ASP B 31 -12.59 -6.16 -9.28
N PRO B 32 -13.37 -5.11 -9.60
CA PRO B 32 -13.81 -4.13 -8.61
C PRO B 32 -14.82 -4.69 -7.59
N ALA B 33 -15.43 -5.84 -7.87
CA ALA B 33 -16.23 -6.59 -6.89
C ALA B 33 -15.37 -7.11 -5.71
N ALA B 34 -14.10 -7.43 -5.96
CA ALA B 34 -13.17 -7.95 -4.95
C ALA B 34 -12.66 -6.86 -3.97
N LEU B 35 -12.72 -5.56 -4.32
CA LEU B 35 -12.41 -4.43 -3.44
C LEU B 35 -13.25 -4.40 -2.15
N LYS B 36 -14.41 -5.08 -2.15
CA LYS B 36 -15.37 -5.17 -1.03
C LYS B 36 -15.64 -6.61 -0.56
N ASP B 37 -14.81 -7.57 -0.97
CA ASP B 37 -14.84 -8.96 -0.48
C ASP B 37 -14.61 -9.02 1.05
N ARG B 38 -15.29 -9.95 1.74
CA ARG B 38 -15.18 -10.17 3.20
C ARG B 38 -13.78 -10.48 3.76
N ARG B 39 -12.79 -10.77 2.91
CA ARG B 39 -11.36 -10.88 3.26
C ARG B 39 -10.51 -9.70 2.74
N MET B 40 -10.98 -8.96 1.73
CA MET B 40 -10.36 -7.70 1.33
C MET B 40 -10.48 -6.66 2.47
N GLU B 41 -11.58 -6.68 3.22
CA GLU B 41 -11.77 -5.91 4.47
C GLU B 41 -10.64 -6.11 5.50
N ASN B 42 -10.11 -7.32 5.63
CA ASN B 42 -8.97 -7.61 6.52
C ASN B 42 -7.68 -6.95 6.01
N LEU B 43 -7.45 -6.99 4.69
CA LEU B 43 -6.32 -6.32 4.04
C LEU B 43 -6.43 -4.78 4.10
N VAL B 44 -7.64 -4.25 3.97
CA VAL B 44 -7.98 -2.83 4.15
C VAL B 44 -7.72 -2.36 5.58
N ALA B 45 -8.07 -3.15 6.59
CA ALA B 45 -7.75 -2.88 8.00
C ALA B 45 -6.23 -2.96 8.27
N TYR B 46 -5.52 -3.92 7.67
CA TYR B 46 -4.06 -4.00 7.67
C TYR B 46 -3.43 -2.75 7.03
N ALA B 47 -3.92 -2.30 5.87
CA ALA B 47 -3.47 -1.07 5.22
C ALA B 47 -3.74 0.16 6.11
N LYS B 48 -4.90 0.27 6.75
CA LYS B 48 -5.19 1.35 7.72
C LYS B 48 -4.25 1.33 8.94
N LYS B 49 -3.98 0.13 9.49
CA LYS B 49 -3.05 -0.08 10.61
C LYS B 49 -1.61 0.31 10.24
N VAL B 50 -1.12 -0.16 9.10
CA VAL B 50 0.19 0.24 8.53
C VAL B 50 0.23 1.75 8.32
N GLU B 51 -0.77 2.34 7.66
CA GLU B 51 -0.83 3.78 7.40
C GLU B 51 -0.74 4.62 8.68
N GLY B 52 -1.48 4.24 9.73
CA GLY B 52 -1.43 4.88 11.04
C GLY B 52 -0.11 4.69 11.78
N ASP B 53 0.57 3.55 11.60
CA ASP B 53 1.88 3.30 12.21
C ASP B 53 2.99 4.11 11.53
N MET B 54 2.96 4.22 10.20
CA MET B 54 3.89 5.02 9.39
C MET B 54 3.71 6.52 9.66
N TYR B 55 2.48 6.96 9.89
CA TYR B 55 2.12 8.31 10.35
C TYR B 55 2.68 8.62 11.76
N GLU B 56 2.45 7.74 12.73
CA GLU B 56 2.96 7.91 14.10
C GLU B 56 4.50 7.84 14.20
N SER B 57 5.16 7.14 13.26
CA SER B 57 6.62 7.01 13.21
C SER B 57 7.35 8.24 12.64
N ALA B 58 6.63 9.23 12.10
CA ALA B 58 7.23 10.34 11.35
C ALA B 58 7.30 11.66 12.15
N ASN B 59 8.42 12.37 11.96
CA ASN B 59 8.69 13.71 12.50
C ASN B 59 8.25 14.84 11.55
N SER B 60 7.90 14.48 10.31
CA SER B 60 7.38 15.39 9.27
C SER B 60 6.43 14.70 8.29
N ARG B 61 5.64 15.49 7.55
CA ARG B 61 4.76 15.01 6.47
C ARG B 61 5.53 14.26 5.39
N ASP B 62 6.71 14.76 5.03
CA ASP B 62 7.63 14.15 4.06
C ASP B 62 8.15 12.78 4.54
N GLU B 63 8.54 12.65 5.81
CA GLU B 63 8.96 11.37 6.38
C GLU B 63 7.79 10.36 6.45
N TYR B 64 6.58 10.81 6.78
CA TYR B 64 5.35 10.00 6.74
C TYR B 64 5.10 9.41 5.35
N TYR B 65 5.04 10.25 4.32
CA TYR B 65 5.00 9.82 2.91
C TYR B 65 6.13 8.81 2.58
N HIS B 66 7.38 9.09 2.98
CA HIS B 66 8.53 8.24 2.65
C HIS B 66 8.42 6.84 3.30
N LEU B 67 7.99 6.78 4.56
CA LEU B 67 7.73 5.54 5.28
C LEU B 67 6.61 4.70 4.63
N LEU B 68 5.51 5.33 4.19
CA LEU B 68 4.47 4.67 3.40
C LEU B 68 5.04 4.06 2.11
N ALA B 69 5.76 4.87 1.32
CA ALA B 69 6.31 4.44 0.04
C ALA B 69 7.36 3.33 0.17
N GLU B 70 8.15 3.32 1.25
CA GLU B 70 9.11 2.24 1.55
C GLU B 70 8.40 0.90 1.85
N LYS B 71 7.37 0.89 2.71
CA LYS B 71 6.62 -0.35 3.02
C LYS B 71 5.81 -0.83 1.81
N ILE B 72 5.36 0.09 0.96
CA ILE B 72 4.75 -0.20 -0.35
C ILE B 72 5.74 -0.91 -1.29
N TYR B 73 6.97 -0.39 -1.41
CA TYR B 73 8.05 -1.06 -2.15
C TYR B 73 8.38 -2.43 -1.56
N LYS B 74 8.52 -2.53 -0.23
CA LYS B 74 8.75 -3.78 0.52
C LYS B 74 7.73 -4.86 0.15
N ILE B 75 6.44 -4.55 0.27
CA ILE B 75 5.32 -5.46 -0.05
C ILE B 75 5.34 -5.86 -1.53
N GLN B 76 5.44 -4.88 -2.44
CA GLN B 76 5.36 -5.13 -3.88
C GLN B 76 6.51 -6.01 -4.38
N LYS B 77 7.75 -5.70 -3.97
CA LYS B 77 8.97 -6.43 -4.38
C LYS B 77 9.10 -7.81 -3.74
N GLU B 78 8.54 -8.01 -2.55
CA GLU B 78 8.48 -9.33 -1.89
C GLU B 78 7.64 -10.33 -2.70
N LEU B 79 6.50 -9.88 -3.26
CA LEU B 79 5.53 -10.75 -3.91
C LEU B 79 5.71 -10.86 -5.43
N GLU B 80 6.03 -9.76 -6.12
CA GLU B 80 6.01 -9.73 -7.60
C GLU B 80 6.88 -10.82 -8.25
N GLU B 81 8.10 -11.06 -7.75
CA GLU B 81 8.98 -12.09 -8.32
C GLU B 81 8.46 -13.53 -8.12
N LYS B 82 7.57 -13.75 -7.13
CA LYS B 82 6.89 -15.03 -6.89
C LYS B 82 5.56 -15.18 -7.64
N ARG B 83 5.04 -14.08 -8.23
CA ARG B 83 3.68 -13.97 -8.82
C ARG B 83 3.68 -13.48 -10.28
N ARG B 84 4.83 -13.05 -10.81
CA ARG B 84 5.02 -12.45 -12.15
C ARG B 84 6.32 -12.94 -12.84
N SER B 85 6.88 -14.07 -12.38
CA SER B 85 8.19 -14.62 -12.79
C SER B 85 8.39 -14.83 -14.30
N ARG B 86 7.30 -15.05 -15.05
CA ARG B 86 7.27 -15.19 -16.52
C ARG B 86 7.63 -13.91 -17.31
N LEU B 87 7.61 -12.74 -16.67
CA LEU B 87 7.77 -11.41 -17.29
C LEU B 87 9.23 -10.89 -17.14
N SER C 1 4.72 -14.06 21.72
CA SER C 1 5.40 -13.86 20.42
C SER C 1 6.60 -12.92 20.57
N ASP C 2 7.65 -13.16 19.79
CA ASP C 2 8.94 -12.44 19.84
C ASP C 2 9.50 -12.08 18.43
N ASP C 3 8.69 -12.27 17.38
CA ASP C 3 9.06 -12.06 15.98
C ASP C 3 7.87 -11.59 15.11
N GLY C 4 8.17 -11.02 13.93
CA GLY C 4 7.19 -10.51 12.97
C GLY C 4 7.84 -9.81 11.77
N ASN C 5 7.01 -9.30 10.85
CA ASN C 5 7.44 -8.50 9.69
C ASN C 5 6.33 -7.51 9.26
N ILE C 6 6.60 -6.67 8.24
CA ILE C 6 5.65 -5.67 7.70
C ILE C 6 4.33 -6.28 7.18
N LEU C 7 4.35 -7.54 6.72
CA LEU C 7 3.24 -8.26 6.07
C LEU C 7 2.93 -9.57 6.84
N PRO C 8 2.09 -9.52 7.89
CA PRO C 8 1.66 -10.68 8.69
C PRO C 8 1.19 -11.87 7.84
N SER C 9 1.57 -13.10 8.22
CA SER C 9 1.34 -14.31 7.43
C SER C 9 -0.13 -14.61 7.11
N ASP C 10 -1.06 -14.36 8.05
CA ASP C 10 -2.50 -14.56 7.85
C ASP C 10 -3.09 -13.60 6.80
N ILE C 11 -2.61 -12.35 6.76
CA ILE C 11 -2.95 -11.38 5.70
C ILE C 11 -2.23 -11.74 4.40
N MET C 12 -0.94 -12.12 4.48
CA MET C 12 -0.10 -12.45 3.34
C MET C 12 -0.72 -13.52 2.47
N ASP C 13 -1.20 -14.63 3.06
CA ASP C 13 -1.79 -15.77 2.35
C ASP C 13 -2.94 -15.37 1.40
N PHE C 14 -3.79 -14.40 1.80
CA PHE C 14 -4.83 -13.85 0.93
C PHE C 14 -4.26 -13.12 -0.29
N VAL C 15 -3.20 -12.32 -0.12
CA VAL C 15 -2.50 -11.63 -1.21
C VAL C 15 -1.74 -12.64 -2.10
N LEU C 16 -1.03 -13.61 -1.52
CA LEU C 16 -0.30 -14.65 -2.29
C LEU C 16 -1.22 -15.48 -3.18
N LYS C 17 -2.40 -15.88 -2.67
CA LYS C 17 -3.36 -16.72 -3.41
C LYS C 17 -4.00 -15.99 -4.60
N ASN C 18 -4.34 -14.72 -4.42
CA ASN C 18 -5.04 -13.91 -5.43
C ASN C 18 -4.15 -13.33 -6.55
N THR C 19 -2.90 -12.95 -6.24
CA THR C 19 -2.03 -12.19 -7.17
C THR C 19 -1.27 -12.89 -8.32
N PRO C 20 -1.16 -14.24 -8.46
CA PRO C 20 -0.35 -14.83 -9.53
C PRO C 20 -0.98 -14.60 -10.92
N SER C 21 -0.22 -13.99 -11.84
CA SER C 21 -0.71 -13.63 -13.18
C SER C 21 -0.94 -14.83 -14.11
N MET C 22 -0.27 -15.97 -13.84
CA MET C 22 -0.41 -17.25 -14.55
C MET C 22 0.07 -18.41 -13.66
N GLN C 23 -0.61 -19.56 -13.71
CA GLN C 23 -0.16 -20.80 -13.06
C GLN C 23 0.94 -21.48 -13.90
N ALA C 24 2.04 -21.89 -13.26
CA ALA C 24 3.18 -22.58 -13.89
C ALA C 24 3.95 -23.45 -12.88
N LEU C 25 4.75 -24.40 -13.39
CA LEU C 25 5.61 -25.31 -12.61
C LEU C 25 7.05 -25.29 -13.17
N GLY C 26 8.04 -25.38 -12.28
CA GLY C 26 9.47 -25.47 -12.61
C GLY C 26 10.39 -25.02 -11.47
N GLU C 27 11.69 -25.26 -11.63
CA GLU C 27 12.75 -24.86 -10.69
C GLU C 27 14.05 -24.50 -11.45
N SER C 28 14.92 -23.72 -10.81
CA SER C 28 16.24 -23.33 -11.35
C SER C 28 17.20 -24.54 -11.50
N PRO C 29 18.17 -24.51 -12.44
CA PRO C 29 19.24 -25.51 -12.54
C PRO C 29 19.99 -25.76 -11.22
N GLU C 30 20.37 -27.01 -10.97
CA GLU C 30 21.00 -27.46 -9.72
C GLU C 30 22.55 -27.44 -9.74
N SER C 31 23.15 -27.23 -10.93
CA SER C 31 24.61 -27.22 -11.19
C SER C 31 25.03 -26.10 -12.13
N LYS A 1 18.05 0.44 -12.30
CA LYS A 1 17.12 0.17 -11.15
C LYS A 1 16.50 1.44 -10.57
N GLU A 2 17.30 2.44 -10.24
CA GLU A 2 16.96 3.69 -9.54
C GLU A 2 15.78 4.47 -10.12
N LYS A 3 15.56 4.42 -11.45
CA LYS A 3 14.40 5.03 -12.11
C LYS A 3 13.07 4.50 -11.56
N ARG A 4 12.89 3.18 -11.43
CA ARG A 4 11.68 2.58 -10.84
C ARG A 4 11.56 2.89 -9.34
N ILE A 5 12.68 2.97 -8.62
CA ILE A 5 12.68 3.31 -7.19
C ILE A 5 12.08 4.71 -6.98
N LYS A 6 12.57 5.71 -7.72
CA LYS A 6 12.02 7.08 -7.73
C LYS A 6 10.60 7.12 -8.29
N GLU A 7 10.30 6.37 -9.35
CA GLU A 7 8.96 6.24 -9.94
C GLU A 7 7.92 5.80 -8.91
N LEU A 8 8.13 4.67 -8.23
CA LEU A 8 7.19 4.16 -7.22
C LEU A 8 7.12 5.08 -5.99
N GLU A 9 8.25 5.64 -5.54
CA GLU A 9 8.26 6.61 -4.44
C GLU A 9 7.40 7.85 -4.78
N LEU A 10 7.50 8.35 -6.02
CA LEU A 10 6.72 9.46 -6.53
C LEU A 10 5.22 9.15 -6.71
N LEU A 11 4.82 7.89 -6.97
CA LEU A 11 3.41 7.49 -7.09
C LEU A 11 2.57 7.91 -5.88
N LEU A 12 3.11 7.76 -4.65
CA LEU A 12 2.46 8.27 -3.43
C LEU A 12 2.66 9.79 -3.27
N MET A 13 3.87 10.32 -3.47
CA MET A 13 4.13 11.74 -3.20
C MET A 13 3.34 12.71 -4.09
N SER A 14 2.94 12.31 -5.31
CA SER A 14 2.10 13.09 -6.23
C SER A 14 0.66 13.33 -5.75
N THR A 15 0.17 12.52 -4.80
CA THR A 15 -1.22 12.45 -4.37
C THR A 15 -1.86 13.79 -3.95
N GLU A 16 -1.10 14.76 -3.45
CA GLU A 16 -1.63 16.09 -3.10
C GLU A 16 -2.35 16.80 -4.26
N ASN A 17 -1.86 16.63 -5.50
CA ASN A 17 -2.50 17.16 -6.71
C ASN A 17 -3.78 16.38 -7.09
N GLU A 18 -3.81 15.07 -6.80
CA GLU A 18 -4.93 14.16 -7.13
C GLU A 18 -6.17 14.44 -6.26
N LEU A 19 -6.00 14.87 -5.00
CA LEU A 19 -7.09 15.36 -4.15
C LEU A 19 -7.66 16.74 -4.59
N LYS A 20 -6.97 17.42 -5.53
CA LYS A 20 -7.30 18.76 -6.05
C LYS A 20 -7.61 18.74 -7.56
N GLY A 21 -8.03 17.57 -8.06
CA GLY A 21 -8.34 17.28 -9.45
C GLY A 21 -9.46 16.24 -9.59
N GLN A 22 -9.53 15.59 -10.75
CA GLN A 22 -10.58 14.65 -11.16
C GLN A 22 -10.00 13.23 -11.41
N GLN A 23 -9.06 12.81 -10.55
CA GLN A 23 -8.38 11.51 -10.62
C GLN A 23 -9.36 10.31 -10.68
N ALA A 24 -9.02 9.30 -11.47
CA ALA A 24 -9.80 8.08 -11.69
C ALA A 24 -8.89 6.87 -12.06
N LEU A 25 -9.47 5.66 -12.05
CA LEU A 25 -8.81 4.41 -12.46
C LEU A 25 -8.30 4.41 -13.93
N GLY B 1 14.39 16.35 23.16
CA GLY B 1 15.03 16.20 21.83
C GLY B 1 14.02 16.41 20.71
N VAL B 2 13.85 15.43 19.83
CA VAL B 2 12.86 15.44 18.73
C VAL B 2 11.43 15.52 19.29
N ARG B 3 10.56 16.27 18.59
CA ARG B 3 9.13 16.46 18.92
C ARG B 3 8.29 16.60 17.64
N LYS B 4 7.02 16.18 17.69
CA LYS B 4 6.03 16.38 16.61
C LYS B 4 5.68 17.86 16.38
N GLY B 5 5.06 18.14 15.23
CA GLY B 5 4.56 19.48 14.86
C GLY B 5 4.08 19.61 13.42
N TRP B 6 4.67 18.83 12.49
CA TRP B 6 4.38 18.85 11.05
C TRP B 6 2.94 18.46 10.65
N HIS B 7 2.17 17.87 11.58
CA HIS B 7 0.85 17.28 11.33
C HIS B 7 -0.20 18.29 10.82
N GLU B 8 -0.03 19.59 11.09
CA GLU B 8 -0.91 20.67 10.62
C GLU B 8 -0.99 20.80 9.08
N HIS B 9 -0.05 20.20 8.35
CA HIS B 9 0.02 20.21 6.88
C HIS B 9 -0.64 18.98 6.22
N VAL B 10 -1.43 18.20 6.98
CA VAL B 10 -2.19 17.02 6.51
C VAL B 10 -3.63 17.07 7.01
N THR B 11 -4.58 16.54 6.22
CA THR B 11 -6.04 16.58 6.44
C THR B 11 -6.65 15.20 6.14
N GLN B 12 -7.78 14.87 6.77
CA GLN B 12 -8.43 13.56 6.68
C GLN B 12 -8.66 13.06 5.24
N ASP B 13 -9.09 13.93 4.33
CA ASP B 13 -9.28 13.56 2.91
C ASP B 13 -8.02 12.97 2.27
N LEU B 14 -6.83 13.51 2.60
CA LEU B 14 -5.55 12.96 2.17
C LEU B 14 -5.27 11.61 2.86
N ARG B 15 -5.45 11.51 4.18
CA ARG B 15 -5.30 10.25 4.95
C ARG B 15 -6.13 9.10 4.37
N SER B 16 -7.43 9.34 4.13
CA SER B 16 -8.38 8.38 3.54
C SER B 16 -7.90 7.85 2.18
N HIS B 17 -7.46 8.76 1.32
CA HIS B 17 -6.95 8.43 -0.02
C HIS B 17 -5.61 7.68 0.04
N LEU B 18 -4.66 8.10 0.88
CA LEU B 18 -3.36 7.43 1.04
C LEU B 18 -3.50 6.01 1.60
N VAL B 19 -4.44 5.75 2.51
CA VAL B 19 -4.79 4.38 2.95
C VAL B 19 -5.22 3.52 1.76
N HIS B 20 -6.18 4.00 0.96
CA HIS B 20 -6.64 3.28 -0.23
C HIS B 20 -5.53 3.06 -1.27
N LYS B 21 -4.66 4.05 -1.44
CA LYS B 21 -3.50 4.00 -2.34
C LYS B 21 -2.44 2.99 -1.87
N LEU B 22 -2.27 2.81 -0.56
CA LEU B 22 -1.47 1.73 0.04
C LEU B 22 -2.08 0.37 -0.39
N VAL B 23 -3.39 0.19 -0.17
CA VAL B 23 -4.12 -1.06 -0.49
C VAL B 23 -4.01 -1.48 -1.96
N GLN B 24 -4.20 -0.55 -2.91
CA GLN B 24 -4.16 -0.86 -4.35
C GLN B 24 -2.81 -1.42 -4.80
N ALA B 25 -1.69 -0.90 -4.25
CA ALA B 25 -0.36 -1.43 -4.55
C ALA B 25 -0.11 -2.83 -3.95
N ILE B 26 -0.76 -3.15 -2.83
CA ILE B 26 -0.64 -4.44 -2.14
C ILE B 26 -1.41 -5.53 -2.90
N PHE B 27 -2.68 -5.26 -3.26
CA PHE B 27 -3.49 -6.15 -4.10
C PHE B 27 -4.33 -5.32 -5.09
N PRO B 28 -3.90 -5.21 -6.36
CA PRO B 28 -4.71 -4.65 -7.45
C PRO B 28 -5.87 -5.64 -7.74
N THR B 29 -7.03 -5.41 -7.13
CA THR B 29 -8.19 -6.31 -7.13
C THR B 29 -8.69 -6.70 -8.53
N PRO B 30 -9.24 -7.93 -8.71
CA PRO B 30 -9.68 -8.42 -10.01
C PRO B 30 -10.93 -7.68 -10.53
N ASP B 31 -11.79 -7.26 -9.61
CA ASP B 31 -13.07 -6.57 -9.84
C ASP B 31 -13.43 -5.70 -8.62
N PRO B 32 -14.31 -4.68 -8.78
CA PRO B 32 -14.77 -3.86 -7.67
C PRO B 32 -15.67 -4.65 -6.68
N ALA B 33 -16.26 -5.76 -7.12
CA ALA B 33 -16.95 -6.71 -6.24
C ALA B 33 -15.97 -7.36 -5.23
N ALA B 34 -14.79 -7.79 -5.68
CA ALA B 34 -13.73 -8.33 -4.83
C ALA B 34 -13.17 -7.27 -3.87
N LEU B 35 -13.04 -6.01 -4.33
CA LEU B 35 -12.66 -4.85 -3.52
C LEU B 35 -13.67 -4.57 -2.38
N LYS B 36 -14.97 -4.60 -2.68
CA LYS B 36 -16.06 -4.35 -1.72
C LYS B 36 -16.28 -5.48 -0.71
N ASP B 37 -16.01 -6.73 -1.10
CA ASP B 37 -16.19 -7.93 -0.27
C ASP B 37 -15.35 -7.90 1.03
N ARG B 38 -15.93 -8.40 2.14
CA ARG B 38 -15.30 -8.47 3.47
C ARG B 38 -13.92 -9.14 3.53
N ARG B 39 -13.56 -10.01 2.58
CA ARG B 39 -12.20 -10.59 2.46
C ARG B 39 -11.11 -9.53 2.26
N MET B 40 -11.44 -8.44 1.56
CA MET B 40 -10.54 -7.31 1.33
C MET B 40 -10.43 -6.39 2.55
N GLU B 41 -11.51 -6.22 3.31
CA GLU B 41 -11.50 -5.42 4.56
C GLU B 41 -10.45 -5.88 5.58
N ASN B 42 -10.12 -7.18 5.59
CA ASN B 42 -9.05 -7.76 6.41
C ASN B 42 -7.66 -7.18 6.06
N LEU B 43 -7.38 -6.94 4.78
CA LEU B 43 -6.20 -6.23 4.28
C LEU B 43 -6.30 -4.71 4.51
N VAL B 44 -7.45 -4.11 4.20
CA VAL B 44 -7.71 -2.67 4.38
C VAL B 44 -7.48 -2.22 5.84
N ALA B 45 -7.87 -3.02 6.82
CA ALA B 45 -7.63 -2.78 8.25
C ALA B 45 -6.14 -2.82 8.60
N TYR B 46 -5.36 -3.75 8.02
CA TYR B 46 -3.91 -3.78 8.16
C TYR B 46 -3.28 -2.54 7.49
N ALA B 47 -3.74 -2.15 6.29
CA ALA B 47 -3.29 -0.94 5.63
C ALA B 47 -3.58 0.33 6.46
N LYS B 48 -4.75 0.42 7.12
CA LYS B 48 -5.02 1.49 8.11
C LYS B 48 -4.04 1.47 9.29
N LYS B 49 -3.79 0.30 9.88
CA LYS B 49 -2.85 0.12 11.00
C LYS B 49 -1.41 0.51 10.63
N VAL B 50 -0.94 0.09 9.46
CA VAL B 50 0.38 0.48 8.91
C VAL B 50 0.43 1.99 8.64
N GLU B 51 -0.54 2.55 7.91
CA GLU B 51 -0.59 4.00 7.61
C GLU B 51 -0.51 4.86 8.88
N GLY B 52 -1.26 4.48 9.91
CA GLY B 52 -1.26 5.15 11.21
C GLY B 52 0.06 5.00 11.98
N ASP B 53 0.77 3.88 11.83
CA ASP B 53 2.05 3.65 12.52
C ASP B 53 3.20 4.42 11.85
N MET B 54 3.17 4.55 10.52
CA MET B 54 4.12 5.37 9.75
C MET B 54 3.92 6.86 10.06
N TYR B 55 2.66 7.29 10.20
CA TYR B 55 2.27 8.64 10.61
C TYR B 55 2.70 8.97 12.05
N GLU B 56 2.44 8.08 13.02
CA GLU B 56 2.81 8.27 14.42
C GLU B 56 4.33 8.27 14.67
N SER B 57 5.15 7.71 13.78
CA SER B 57 6.59 7.53 13.99
C SER B 57 7.49 8.50 13.23
N ALA B 58 7.05 9.04 12.09
CA ALA B 58 7.83 9.95 11.26
C ALA B 58 8.10 11.31 11.95
N ASN B 59 9.36 11.75 11.94
CA ASN B 59 9.77 13.07 12.45
C ASN B 59 9.46 14.24 11.49
N SER B 60 9.07 13.96 10.24
CA SER B 60 8.66 14.96 9.25
C SER B 60 7.62 14.42 8.26
N ARG B 61 6.95 15.34 7.54
CA ARG B 61 5.97 15.04 6.48
C ARG B 61 6.59 14.30 5.28
N ASP B 62 7.83 14.66 4.94
CA ASP B 62 8.62 14.00 3.89
C ASP B 62 9.02 12.57 4.30
N GLU B 63 9.47 12.39 5.55
CA GLU B 63 9.78 11.07 6.11
C GLU B 63 8.53 10.18 6.22
N TYR B 64 7.36 10.76 6.52
CA TYR B 64 6.07 10.07 6.54
C TYR B 64 5.70 9.49 5.16
N TYR B 65 5.65 10.31 4.10
CA TYR B 65 5.50 9.79 2.72
C TYR B 65 6.56 8.75 2.34
N HIS B 66 7.84 9.00 2.66
CA HIS B 66 8.92 8.05 2.39
C HIS B 66 8.69 6.69 3.08
N LEU B 67 8.25 6.69 4.34
CA LEU B 67 7.89 5.48 5.08
C LEU B 67 6.66 4.78 4.51
N LEU B 68 5.60 5.50 4.14
CA LEU B 68 4.45 4.93 3.41
C LEU B 68 4.90 4.25 2.11
N ALA B 69 5.72 4.93 1.30
CA ALA B 69 6.19 4.43 0.02
C ALA B 69 7.17 3.26 0.14
N GLU B 70 8.05 3.26 1.15
CA GLU B 70 8.89 2.12 1.50
C GLU B 70 8.04 0.90 1.90
N LYS B 71 6.99 1.09 2.71
CA LYS B 71 6.04 0.02 3.07
C LYS B 71 5.25 -0.49 1.87
N ILE B 72 4.78 0.37 0.96
CA ILE B 72 4.21 -0.06 -0.33
C ILE B 72 5.20 -0.98 -1.05
N TYR B 73 6.43 -0.51 -1.24
CA TYR B 73 7.37 -1.22 -2.10
C TYR B 73 7.86 -2.52 -1.47
N LYS B 74 8.16 -2.54 -0.16
CA LYS B 74 8.55 -3.75 0.57
C LYS B 74 7.57 -4.89 0.34
N ILE B 75 6.27 -4.62 0.45
CA ILE B 75 5.22 -5.61 0.13
C ILE B 75 5.33 -6.05 -1.34
N GLN B 76 5.43 -5.10 -2.27
CA GLN B 76 5.32 -5.39 -3.71
C GLN B 76 6.58 -6.05 -4.32
N LYS B 77 7.80 -5.52 -4.12
CA LYS B 77 9.03 -6.15 -4.66
C LYS B 77 9.40 -7.46 -3.95
N GLU B 78 8.85 -7.73 -2.77
CA GLU B 78 8.96 -9.05 -2.13
C GLU B 78 7.96 -10.03 -2.76
N LEU B 79 6.71 -9.63 -3.01
CA LEU B 79 5.75 -10.43 -3.79
C LEU B 79 6.22 -10.72 -5.22
N GLU B 80 6.91 -9.77 -5.87
CA GLU B 80 7.59 -10.00 -7.16
C GLU B 80 8.63 -11.14 -7.11
N GLU B 81 9.15 -11.49 -5.93
CA GLU B 81 9.98 -12.68 -5.71
C GLU B 81 9.15 -13.91 -5.28
N LYS B 82 8.23 -13.76 -4.32
CA LYS B 82 7.41 -14.86 -3.80
C LYS B 82 6.36 -15.40 -4.77
N ARG B 83 6.15 -14.74 -5.92
CA ARG B 83 5.34 -15.18 -7.07
C ARG B 83 6.19 -15.52 -8.31
N ARG B 84 7.52 -15.58 -8.18
CA ARG B 84 8.50 -15.90 -9.24
C ARG B 84 9.49 -17.02 -8.86
N SER B 85 9.70 -17.26 -7.57
CA SER B 85 10.58 -18.30 -7.02
C SER B 85 10.04 -19.73 -7.22
N ARG B 86 10.23 -20.28 -8.41
CA ARG B 86 9.84 -21.67 -8.77
C ARG B 86 10.68 -22.75 -8.05
N LEU B 87 11.88 -22.41 -7.59
CA LEU B 87 12.82 -23.29 -6.86
C LEU B 87 12.24 -23.79 -5.52
N SER C 1 5.60 0.43 15.69
CA SER C 1 5.41 -1.03 15.57
C SER C 1 6.20 -1.78 16.64
N ASP C 2 5.53 -2.55 17.50
CA ASP C 2 6.17 -3.39 18.54
C ASP C 2 6.93 -4.59 17.95
N ASP C 3 6.45 -5.14 16.82
CA ASP C 3 7.05 -6.25 16.06
C ASP C 3 6.65 -6.16 14.58
N GLY C 4 7.27 -6.97 13.72
CA GLY C 4 7.00 -7.03 12.27
C GLY C 4 5.54 -7.39 11.95
N ASN C 5 4.81 -6.44 11.35
CA ASN C 5 3.38 -6.56 11.01
C ASN C 5 3.02 -5.98 9.62
N ILE C 6 4.01 -5.55 8.84
CA ILE C 6 3.86 -4.90 7.53
C ILE C 6 3.20 -5.79 6.46
N LEU C 7 3.25 -7.13 6.62
CA LEU C 7 2.60 -8.13 5.76
C LEU C 7 2.21 -9.34 6.65
N PRO C 8 1.05 -9.29 7.34
CA PRO C 8 0.55 -10.19 8.39
C PRO C 8 0.57 -11.73 8.27
N SER C 9 1.16 -12.32 7.22
CA SER C 9 1.18 -13.78 6.90
C SER C 9 -0.18 -14.39 6.54
N ASP C 10 -1.24 -14.17 7.35
CA ASP C 10 -2.60 -14.61 7.07
C ASP C 10 -3.21 -13.85 5.86
N ILE C 11 -3.05 -12.52 5.84
CA ILE C 11 -3.39 -11.70 4.66
C ILE C 11 -2.41 -11.99 3.51
N MET C 12 -1.12 -12.26 3.79
CA MET C 12 -0.14 -12.58 2.75
C MET C 12 -0.60 -13.76 1.89
N ASP C 13 -1.01 -14.88 2.51
CA ASP C 13 -1.53 -16.07 1.79
C ASP C 13 -2.71 -15.73 0.85
N PHE C 14 -3.64 -14.88 1.31
CA PHE C 14 -4.73 -14.33 0.51
C PHE C 14 -4.23 -13.50 -0.69
N VAL C 15 -3.29 -12.57 -0.50
CA VAL C 15 -2.68 -11.79 -1.60
C VAL C 15 -1.92 -12.71 -2.57
N LEU C 16 -1.13 -13.67 -2.07
CA LEU C 16 -0.34 -14.60 -2.90
C LEU C 16 -1.22 -15.48 -3.80
N LYS C 17 -2.40 -15.91 -3.33
CA LYS C 17 -3.35 -16.73 -4.08
C LYS C 17 -4.15 -15.92 -5.11
N ASN C 18 -4.56 -14.71 -4.76
CA ASN C 18 -5.41 -13.87 -5.63
C ASN C 18 -4.64 -13.12 -6.75
N THR C 19 -3.42 -12.65 -6.50
CA THR C 19 -2.70 -11.77 -7.44
C THR C 19 -2.14 -12.40 -8.73
N PRO C 20 -1.63 -13.65 -8.77
CA PRO C 20 -1.07 -14.23 -10.01
C PRO C 20 -2.13 -14.87 -10.91
N SER C 21 -1.74 -15.21 -12.14
CA SER C 21 -2.56 -15.86 -13.19
C SER C 21 -2.94 -17.33 -12.92
N MET C 22 -2.96 -17.76 -11.65
CA MET C 22 -3.14 -19.16 -11.21
C MET C 22 -4.09 -19.27 -9.99
N GLN C 23 -5.08 -18.37 -9.93
CA GLN C 23 -6.03 -18.22 -8.82
C GLN C 23 -6.69 -19.55 -8.40
N ALA C 24 -6.63 -19.87 -7.11
CA ALA C 24 -7.22 -21.06 -6.49
C ALA C 24 -7.51 -20.82 -5.00
N LEU C 25 -8.37 -21.67 -4.40
CA LEU C 25 -8.70 -21.63 -2.97
C LEU C 25 -9.11 -23.01 -2.40
N GLY C 26 -10.00 -23.72 -3.10
CA GLY C 26 -10.46 -25.07 -2.74
C GLY C 26 -11.76 -25.49 -3.43
N GLU C 27 -12.21 -26.72 -3.17
CA GLU C 27 -13.49 -27.25 -3.65
C GLU C 27 -14.70 -26.52 -3.02
N SER C 28 -15.79 -26.36 -3.78
CA SER C 28 -17.03 -25.73 -3.30
C SER C 28 -17.66 -26.51 -2.11
N PRO C 29 -18.02 -25.85 -0.99
CA PRO C 29 -18.73 -26.47 0.12
C PRO C 29 -20.03 -27.18 -0.29
N GLU C 30 -20.36 -28.29 0.38
CA GLU C 30 -21.59 -29.08 0.13
C GLU C 30 -22.86 -28.46 0.77
N SER C 31 -22.68 -27.54 1.74
CA SER C 31 -23.74 -26.90 2.54
C SER C 31 -23.43 -25.43 2.83
N LYS A 1 17.62 -1.20 -13.22
CA LYS A 1 16.66 -0.51 -12.29
C LYS A 1 17.00 0.98 -12.19
N GLU A 2 16.08 1.87 -12.57
CA GLU A 2 16.23 3.31 -12.30
C GLU A 2 14.87 4.03 -12.22
N LYS A 3 14.21 4.28 -13.36
CA LYS A 3 12.97 5.10 -13.46
C LYS A 3 11.84 4.55 -12.60
N ARG A 4 11.46 3.28 -12.79
CA ARG A 4 10.32 2.64 -12.11
C ARG A 4 10.44 2.65 -10.59
N ILE A 5 11.67 2.59 -10.05
CA ILE A 5 11.90 2.60 -8.60
C ILE A 5 11.52 3.96 -7.99
N LYS A 6 12.02 5.06 -8.57
CA LYS A 6 11.61 6.41 -8.19
C LYS A 6 10.13 6.64 -8.49
N GLU A 7 9.63 6.16 -9.62
CA GLU A 7 8.21 6.23 -10.02
C GLU A 7 7.27 5.60 -8.97
N LEU A 8 7.59 4.41 -8.45
CA LEU A 8 6.82 3.77 -7.37
C LEU A 8 6.93 4.53 -6.05
N GLU A 9 8.12 4.98 -5.66
CA GLU A 9 8.30 5.67 -4.38
C GLU A 9 7.61 7.06 -4.39
N LEU A 10 7.73 7.79 -5.50
CA LEU A 10 7.14 9.11 -5.74
C LEU A 10 5.61 9.04 -5.96
N LEU A 11 5.06 7.91 -6.43
CA LEU A 11 3.63 7.71 -6.71
C LEU A 11 2.72 8.12 -5.54
N LEU A 12 3.12 7.76 -4.31
CA LEU A 12 2.48 8.20 -3.07
C LEU A 12 2.68 9.70 -2.83
N MET A 13 3.93 10.18 -2.83
CA MET A 13 4.29 11.57 -2.53
C MET A 13 3.64 12.61 -3.47
N SER A 14 3.39 12.25 -4.74
CA SER A 14 2.67 13.05 -5.75
C SER A 14 1.21 13.37 -5.39
N THR A 15 0.58 12.61 -4.48
CA THR A 15 -0.86 12.73 -4.12
C THR A 15 -1.28 14.13 -3.67
N GLU A 16 -0.36 14.98 -3.18
CA GLU A 16 -0.67 16.39 -2.87
C GLU A 16 -1.33 17.16 -4.04
N ASN A 17 -1.01 16.78 -5.29
CA ASN A 17 -1.66 17.31 -6.49
C ASN A 17 -3.10 16.81 -6.67
N GLU A 18 -3.37 15.54 -6.35
CA GLU A 18 -4.68 14.90 -6.50
C GLU A 18 -5.73 15.42 -5.51
N LEU A 19 -5.32 15.91 -4.33
CA LEU A 19 -6.20 16.63 -3.38
C LEU A 19 -6.75 17.96 -3.95
N LYS A 20 -6.26 18.40 -5.12
CA LYS A 20 -6.76 19.55 -5.91
C LYS A 20 -6.88 19.20 -7.42
N GLY A 21 -7.02 17.91 -7.75
CA GLY A 21 -6.96 17.40 -9.12
C GLY A 21 -7.23 15.89 -9.24
N GLN A 22 -8.21 15.37 -8.50
CA GLN A 22 -8.52 13.95 -8.39
C GLN A 22 -8.99 13.29 -9.71
N GLN A 23 -8.95 11.96 -9.76
CA GLN A 23 -9.30 11.13 -10.92
C GLN A 23 -10.20 9.92 -10.57
N ALA A 24 -10.75 9.89 -9.35
CA ALA A 24 -11.57 8.80 -8.81
C ALA A 24 -13.01 8.71 -9.37
N LEU A 25 -13.41 9.66 -10.24
CA LEU A 25 -14.75 9.84 -10.80
C LEU A 25 -14.74 10.36 -12.26
N GLY B 1 -2.41 13.97 25.16
CA GLY B 1 -2.01 15.05 24.24
C GLY B 1 -1.14 14.52 23.09
N VAL B 2 -0.47 15.43 22.37
CA VAL B 2 0.42 15.14 21.22
C VAL B 2 1.66 16.03 21.29
N ARG B 3 2.84 15.45 21.06
CA ARG B 3 4.16 16.14 21.14
C ARG B 3 4.74 16.53 19.76
N LYS B 4 4.31 15.88 18.68
CA LYS B 4 4.60 16.27 17.29
C LYS B 4 3.99 17.62 16.90
N GLY B 5 4.49 18.20 15.80
CA GLY B 5 4.12 19.55 15.33
C GLY B 5 4.20 19.73 13.80
N TRP B 6 3.94 18.66 13.04
CA TRP B 6 3.90 18.65 11.57
C TRP B 6 2.53 18.29 10.98
N HIS B 7 1.57 17.92 11.83
CA HIS B 7 0.24 17.46 11.44
C HIS B 7 -0.58 18.58 10.76
N GLU B 8 -0.22 19.83 11.02
CA GLU B 8 -0.76 21.05 10.42
C GLU B 8 -0.54 21.12 8.88
N HIS B 9 0.40 20.34 8.33
CA HIS B 9 0.66 20.21 6.89
C HIS B 9 -0.16 19.08 6.23
N VAL B 10 -1.08 18.46 6.96
CA VAL B 10 -1.85 17.26 6.58
C VAL B 10 -3.34 17.44 6.93
N THR B 11 -4.23 16.66 6.31
CA THR B 11 -5.68 16.64 6.56
C THR B 11 -6.26 15.23 6.40
N GLN B 12 -7.42 14.96 7.03
CA GLN B 12 -8.08 13.64 7.02
C GLN B 12 -8.40 13.13 5.61
N ASP B 13 -8.73 14.02 4.66
CA ASP B 13 -8.95 13.65 3.25
C ASP B 13 -7.68 13.11 2.59
N LEU B 14 -6.49 13.65 2.94
CA LEU B 14 -5.21 13.13 2.49
C LEU B 14 -4.94 11.75 3.12
N ARG B 15 -5.09 11.61 4.45
CA ARG B 15 -4.95 10.31 5.15
C ARG B 15 -5.81 9.21 4.50
N SER B 16 -7.08 9.53 4.23
CA SER B 16 -8.04 8.65 3.56
C SER B 16 -7.57 8.20 2.18
N HIS B 17 -7.16 9.15 1.33
CA HIS B 17 -6.68 8.84 -0.01
C HIS B 17 -5.33 8.09 0.01
N LEU B 18 -4.41 8.41 0.93
CA LEU B 18 -3.15 7.68 1.06
C LEU B 18 -3.37 6.21 1.42
N VAL B 19 -4.32 5.89 2.31
CA VAL B 19 -4.75 4.48 2.55
C VAL B 19 -5.25 3.84 1.25
N HIS B 20 -6.13 4.50 0.51
CA HIS B 20 -6.64 3.99 -0.78
C HIS B 20 -5.52 3.71 -1.80
N LYS B 21 -4.52 4.59 -1.89
CA LYS B 21 -3.33 4.39 -2.74
C LYS B 21 -2.39 3.28 -2.21
N LEU B 22 -2.26 3.16 -0.89
CA LEU B 22 -1.52 2.07 -0.23
C LEU B 22 -2.14 0.70 -0.61
N VAL B 23 -3.46 0.57 -0.42
CA VAL B 23 -4.25 -0.65 -0.64
C VAL B 23 -4.12 -1.20 -2.07
N GLN B 24 -4.26 -0.35 -3.10
CA GLN B 24 -4.19 -0.82 -4.49
C GLN B 24 -2.78 -1.27 -4.93
N ALA B 25 -1.72 -0.68 -4.37
CA ALA B 25 -0.36 -1.19 -4.60
C ALA B 25 -0.12 -2.54 -3.89
N ILE B 26 -0.68 -2.72 -2.68
CA ILE B 26 -0.61 -3.99 -1.92
C ILE B 26 -1.34 -5.12 -2.67
N PHE B 27 -2.59 -4.90 -3.08
CA PHE B 27 -3.37 -5.88 -3.85
C PHE B 27 -4.31 -5.16 -4.85
N PRO B 28 -3.98 -5.16 -6.15
CA PRO B 28 -4.78 -4.53 -7.22
C PRO B 28 -6.21 -5.08 -7.40
N THR B 29 -6.54 -6.23 -6.78
CA THR B 29 -7.75 -7.06 -6.95
C THR B 29 -7.93 -7.69 -8.35
N PRO B 30 -8.53 -8.90 -8.45
CA PRO B 30 -8.76 -9.57 -9.73
C PRO B 30 -9.85 -8.88 -10.57
N ASP B 31 -10.85 -8.32 -9.90
CA ASP B 31 -12.06 -7.68 -10.43
C ASP B 31 -12.63 -6.71 -9.37
N PRO B 32 -13.45 -5.71 -9.74
CA PRO B 32 -13.99 -4.73 -8.80
C PRO B 32 -14.99 -5.34 -7.79
N ALA B 33 -15.56 -6.52 -8.09
CA ALA B 33 -16.35 -7.30 -7.14
C ALA B 33 -15.52 -7.76 -5.92
N ALA B 34 -14.22 -8.04 -6.09
CA ALA B 34 -13.34 -8.50 -5.02
C ALA B 34 -13.02 -7.41 -3.96
N LEU B 35 -13.17 -6.12 -4.31
CA LEU B 35 -13.09 -4.99 -3.36
C LEU B 35 -14.15 -5.07 -2.24
N LYS B 36 -15.30 -5.70 -2.52
CA LYS B 36 -16.41 -5.89 -1.58
C LYS B 36 -16.17 -7.02 -0.54
N ASP B 37 -15.22 -7.92 -0.79
CA ASP B 37 -14.95 -9.09 0.04
C ASP B 37 -14.48 -8.72 1.46
N ARG B 38 -14.90 -9.49 2.48
CA ARG B 38 -14.56 -9.24 3.90
C ARG B 38 -13.07 -9.33 4.20
N ARG B 39 -12.35 -10.17 3.44
CA ARG B 39 -10.88 -10.25 3.51
C ARG B 39 -10.20 -9.04 2.87
N MET B 40 -10.78 -8.44 1.82
CA MET B 40 -10.30 -7.16 1.30
C MET B 40 -10.59 -6.02 2.29
N GLU B 41 -11.73 -6.04 2.99
CA GLU B 41 -12.03 -5.13 4.11
C GLU B 41 -11.05 -5.30 5.29
N ASN B 42 -10.63 -6.53 5.59
CA ASN B 42 -9.55 -6.78 6.56
C ASN B 42 -8.18 -6.25 6.07
N LEU B 43 -7.85 -6.41 4.78
CA LEU B 43 -6.64 -5.82 4.17
C LEU B 43 -6.67 -4.28 4.23
N VAL B 44 -7.80 -3.67 3.91
CA VAL B 44 -8.09 -2.23 4.07
C VAL B 44 -7.87 -1.77 5.52
N ALA B 45 -8.35 -2.52 6.51
CA ALA B 45 -8.13 -2.24 7.94
C ALA B 45 -6.64 -2.41 8.36
N TYR B 46 -5.95 -3.42 7.85
CA TYR B 46 -4.50 -3.58 7.99
C TYR B 46 -3.73 -2.39 7.40
N ALA B 47 -4.11 -1.92 6.20
CA ALA B 47 -3.55 -0.72 5.60
C ALA B 47 -3.83 0.54 6.45
N LYS B 48 -5.03 0.70 7.04
CA LYS B 48 -5.31 1.79 8.00
C LYS B 48 -4.41 1.71 9.25
N LYS B 49 -4.26 0.53 9.83
CA LYS B 49 -3.39 0.27 11.01
C LYS B 49 -1.93 0.59 10.72
N VAL B 50 -1.38 0.11 9.59
CA VAL B 50 0.00 0.38 9.18
C VAL B 50 0.19 1.85 8.80
N GLU B 51 -0.74 2.49 8.09
CA GLU B 51 -0.69 3.93 7.79
C GLU B 51 -0.53 4.76 9.07
N GLY B 52 -1.37 4.48 10.09
CA GLY B 52 -1.26 5.09 11.41
C GLY B 52 0.07 4.80 12.12
N ASP B 53 0.62 3.59 12.00
CA ASP B 53 1.91 3.22 12.61
C ASP B 53 3.10 3.95 11.96
N MET B 54 3.03 4.18 10.64
CA MET B 54 4.05 4.92 9.88
C MET B 54 3.98 6.42 10.19
N TYR B 55 2.77 6.97 10.34
CA TYR B 55 2.50 8.34 10.78
C TYR B 55 3.02 8.62 12.20
N GLU B 56 2.88 7.65 13.11
CA GLU B 56 3.43 7.69 14.48
C GLU B 56 4.94 7.34 14.56
N SER B 57 5.62 7.15 13.43
CA SER B 57 7.05 6.80 13.33
C SER B 57 7.87 7.84 12.55
N ALA B 58 7.33 9.04 12.29
CA ALA B 58 7.93 10.06 11.45
C ALA B 58 7.96 11.45 12.09
N ASN B 59 8.96 12.26 11.72
CA ASN B 59 9.22 13.60 12.24
C ASN B 59 8.79 14.72 11.25
N SER B 60 8.31 14.35 10.06
CA SER B 60 7.69 15.22 9.06
C SER B 60 6.73 14.41 8.18
N ARG B 61 5.80 15.08 7.48
CA ARG B 61 4.91 14.37 6.54
C ARG B 61 5.65 13.75 5.35
N ASP B 62 6.80 14.31 4.95
CA ASP B 62 7.66 13.75 3.89
C ASP B 62 8.36 12.47 4.34
N GLU B 63 8.80 12.40 5.61
CA GLU B 63 9.32 11.16 6.20
C GLU B 63 8.23 10.10 6.35
N TYR B 64 7.01 10.49 6.74
CA TYR B 64 5.82 9.62 6.74
C TYR B 64 5.53 9.06 5.33
N TYR B 65 5.43 9.93 4.31
CA TYR B 65 5.37 9.50 2.90
C TYR B 65 6.47 8.49 2.52
N HIS B 66 7.74 8.76 2.88
CA HIS B 66 8.85 7.86 2.59
C HIS B 66 8.69 6.49 3.28
N LEU B 67 8.27 6.46 4.56
CA LEU B 67 8.01 5.22 5.29
C LEU B 67 6.84 4.41 4.70
N LEU B 68 5.73 5.07 4.31
CA LEU B 68 4.65 4.43 3.53
C LEU B 68 5.21 3.82 2.25
N ALA B 69 5.90 4.63 1.44
CA ALA B 69 6.37 4.22 0.12
C ALA B 69 7.48 3.14 0.17
N GLU B 70 8.30 3.09 1.22
CA GLU B 70 9.27 2.01 1.44
C GLU B 70 8.57 0.67 1.75
N LYS B 71 7.52 0.67 2.57
CA LYS B 71 6.72 -0.56 2.82
C LYS B 71 5.98 -1.02 1.56
N ILE B 72 5.52 -0.08 0.74
CA ILE B 72 4.95 -0.33 -0.60
C ILE B 72 6.01 -0.92 -1.54
N TYR B 73 7.21 -0.35 -1.59
CA TYR B 73 8.33 -0.92 -2.34
C TYR B 73 8.62 -2.37 -1.91
N LYS B 74 8.72 -2.65 -0.61
CA LYS B 74 8.87 -4.02 -0.09
C LYS B 74 7.78 -4.95 -0.63
N ILE B 75 6.51 -4.64 -0.38
CA ILE B 75 5.38 -5.50 -0.78
C ILE B 75 5.35 -5.71 -2.30
N GLN B 76 5.45 -4.64 -3.09
CA GLN B 76 5.42 -4.70 -4.55
C GLN B 76 6.59 -5.51 -5.12
N LYS B 77 7.83 -5.19 -4.73
CA LYS B 77 9.05 -5.82 -5.24
C LYS B 77 9.19 -7.27 -4.79
N GLU B 78 8.78 -7.58 -3.56
CA GLU B 78 8.78 -8.96 -3.04
C GLU B 78 7.74 -9.84 -3.74
N LEU B 79 6.47 -9.41 -3.85
CA LEU B 79 5.45 -10.23 -4.51
C LEU B 79 5.74 -10.43 -6.00
N GLU B 80 6.36 -9.47 -6.69
CA GLU B 80 6.88 -9.63 -8.05
C GLU B 80 7.98 -10.72 -8.22
N GLU B 81 8.48 -11.34 -7.14
CA GLU B 81 9.35 -12.53 -7.20
C GLU B 81 8.79 -13.73 -6.42
N LYS B 82 8.15 -13.54 -5.26
CA LYS B 82 7.44 -14.59 -4.49
C LYS B 82 6.25 -15.22 -5.24
N ARG B 83 5.81 -14.63 -6.35
CA ARG B 83 4.78 -15.17 -7.28
C ARG B 83 5.34 -15.51 -8.68
N ARG B 84 6.68 -15.51 -8.85
CA ARG B 84 7.36 -15.74 -10.16
C ARG B 84 8.63 -16.61 -10.09
N SER B 85 9.19 -16.87 -8.91
CA SER B 85 10.45 -17.61 -8.71
C SER B 85 10.48 -19.05 -9.27
N ARG B 86 9.31 -19.70 -9.43
CA ARG B 86 9.16 -21.06 -9.98
C ARG B 86 9.42 -21.15 -11.50
N LEU B 87 9.22 -20.05 -12.25
CA LEU B 87 9.38 -19.98 -13.72
C LEU B 87 10.85 -20.13 -14.15
N SER C 1 0.08 -11.50 20.65
CA SER C 1 0.82 -11.88 19.42
C SER C 1 1.74 -10.75 18.95
N ASP C 2 2.81 -11.10 18.23
CA ASP C 2 3.83 -10.19 17.70
C ASP C 2 4.30 -10.63 16.30
N ASP C 3 5.01 -9.75 15.59
CA ASP C 3 5.50 -9.97 14.22
C ASP C 3 6.87 -9.30 13.95
N GLY C 4 7.47 -9.65 12.80
CA GLY C 4 8.80 -9.17 12.35
C GLY C 4 8.83 -8.78 10.87
N ASN C 5 7.70 -8.27 10.37
CA ASN C 5 7.47 -7.87 8.97
C ASN C 5 6.44 -6.70 8.90
N ILE C 6 6.02 -6.31 7.70
CA ILE C 6 5.03 -5.24 7.46
C ILE C 6 3.85 -5.76 6.59
N LEU C 7 3.66 -7.08 6.54
CA LEU C 7 2.62 -7.80 5.78
C LEU C 7 2.21 -9.06 6.59
N PRO C 8 1.41 -8.89 7.66
CA PRO C 8 0.88 -9.96 8.53
C PRO C 8 0.39 -11.20 7.78
N SER C 9 0.74 -12.38 8.30
CA SER C 9 0.57 -13.68 7.64
C SER C 9 -0.83 -13.97 7.08
N ASP C 10 -1.90 -13.60 7.79
CA ASP C 10 -3.28 -13.84 7.34
C ASP C 10 -3.73 -12.92 6.20
N ILE C 11 -3.17 -11.70 6.08
CA ILE C 11 -3.34 -10.83 4.91
C ILE C 11 -2.41 -11.31 3.80
N MET C 12 -1.15 -11.66 4.12
CA MET C 12 -0.17 -12.16 3.15
C MET C 12 -0.73 -13.33 2.37
N ASP C 13 -1.20 -14.38 3.06
CA ASP C 13 -1.79 -15.57 2.44
C ASP C 13 -2.95 -15.25 1.47
N PHE C 14 -3.82 -14.31 1.85
CA PHE C 14 -4.90 -13.81 0.99
C PHE C 14 -4.36 -13.12 -0.28
N VAL C 15 -3.37 -12.22 -0.18
CA VAL C 15 -2.73 -11.61 -1.35
C VAL C 15 -2.00 -12.66 -2.21
N LEU C 16 -1.26 -13.60 -1.60
CA LEU C 16 -0.48 -14.61 -2.33
C LEU C 16 -1.36 -15.59 -3.13
N LYS C 17 -2.55 -15.96 -2.62
CA LYS C 17 -3.49 -16.84 -3.33
C LYS C 17 -4.29 -16.14 -4.42
N ASN C 18 -4.64 -14.87 -4.23
CA ASN C 18 -5.42 -14.12 -5.22
C ASN C 18 -4.58 -13.64 -6.41
N THR C 19 -3.41 -13.04 -6.16
CA THR C 19 -2.60 -12.36 -7.21
C THR C 19 -2.17 -13.22 -8.41
N PRO C 20 -1.87 -14.53 -8.30
CA PRO C 20 -1.58 -15.39 -9.46
C PRO C 20 -2.83 -16.10 -10.05
N SER C 21 -3.99 -16.02 -9.39
CA SER C 21 -5.18 -16.81 -9.73
C SER C 21 -6.02 -16.23 -10.88
N MET C 22 -6.85 -17.08 -11.48
CA MET C 22 -7.88 -16.77 -12.48
C MET C 22 -8.99 -17.82 -12.45
N GLN C 23 -10.21 -17.45 -12.87
CA GLN C 23 -11.42 -18.29 -12.78
C GLN C 23 -12.20 -18.41 -14.10
N ALA C 24 -11.78 -17.71 -15.17
CA ALA C 24 -12.33 -17.79 -16.52
C ALA C 24 -11.26 -17.41 -17.57
N LEU C 25 -11.51 -17.78 -18.84
CA LEU C 25 -10.65 -17.48 -19.99
C LEU C 25 -11.46 -17.39 -21.31
N GLY C 26 -10.86 -16.80 -22.34
CA GLY C 26 -11.46 -16.62 -23.66
C GLY C 26 -11.51 -17.88 -24.54
N GLU C 27 -12.21 -17.79 -25.67
CA GLU C 27 -12.39 -18.88 -26.65
C GLU C 27 -12.23 -18.42 -28.12
N SER C 28 -12.18 -17.09 -28.36
CA SER C 28 -12.04 -16.46 -29.67
C SER C 28 -11.36 -15.07 -29.54
N PRO C 29 -10.82 -14.49 -30.64
CA PRO C 29 -10.26 -13.13 -30.64
C PRO C 29 -11.23 -12.03 -30.21
N GLU C 30 -12.52 -12.17 -30.53
CA GLU C 30 -13.61 -11.23 -30.20
C GLU C 30 -14.99 -11.91 -30.20
N SER C 31 -15.97 -11.29 -29.53
CA SER C 31 -17.34 -11.79 -29.35
C SER C 31 -18.35 -10.64 -29.21
N LYS A 1 12.90 -2.16 -14.98
CA LYS A 1 12.88 -1.81 -13.53
C LYS A 1 12.74 -0.30 -13.28
N GLU A 2 13.80 0.48 -13.46
CA GLU A 2 13.94 1.90 -13.07
C GLU A 2 12.67 2.77 -13.16
N LYS A 3 11.97 2.75 -14.30
CA LYS A 3 10.71 3.48 -14.51
C LYS A 3 9.63 3.11 -13.50
N ARG A 4 9.25 1.83 -13.42
CA ARG A 4 8.25 1.31 -12.46
C ARG A 4 8.70 1.43 -11.00
N ILE A 5 10.00 1.23 -10.76
CA ILE A 5 10.62 1.35 -9.43
C ILE A 5 10.44 2.76 -8.86
N LYS A 6 10.69 3.81 -9.66
CA LYS A 6 10.39 5.20 -9.26
C LYS A 6 8.90 5.51 -9.30
N GLU A 7 8.15 4.98 -10.27
CA GLU A 7 6.70 5.16 -10.39
C GLU A 7 5.95 4.73 -9.13
N LEU A 8 6.26 3.55 -8.57
CA LEU A 8 5.66 3.03 -7.34
C LEU A 8 5.89 3.97 -6.15
N GLU A 9 7.11 4.49 -6.00
CA GLU A 9 7.46 5.46 -4.96
C GLU A 9 6.73 6.80 -5.16
N LEU A 10 6.77 7.33 -6.39
CA LEU A 10 6.24 8.64 -6.78
C LEU A 10 4.69 8.70 -6.74
N LEU A 11 3.99 7.58 -6.96
CA LEU A 11 2.53 7.50 -6.94
C LEU A 11 1.90 8.09 -5.66
N LEU A 12 2.47 7.79 -4.49
CA LEU A 12 2.01 8.35 -3.21
C LEU A 12 2.35 9.84 -3.03
N MET A 13 3.32 10.37 -3.79
CA MET A 13 3.63 11.80 -3.80
C MET A 13 2.62 12.56 -4.68
N SER A 14 2.28 11.98 -5.85
CA SER A 14 1.27 12.51 -6.77
C SER A 14 -0.10 12.73 -6.11
N THR A 15 -0.43 11.97 -5.06
CA THR A 15 -1.60 12.20 -4.18
C THR A 15 -1.76 13.67 -3.77
N GLU A 16 -0.66 14.35 -3.45
CA GLU A 16 -0.68 15.76 -3.03
C GLU A 16 -1.21 16.69 -4.13
N ASN A 17 -0.96 16.37 -5.40
CA ASN A 17 -1.51 17.04 -6.57
C ASN A 17 -2.95 16.60 -6.89
N GLU A 18 -3.27 15.30 -6.83
CA GLU A 18 -4.61 14.75 -7.13
C GLU A 18 -5.72 15.38 -6.27
N LEU A 19 -5.38 15.81 -5.06
CA LEU A 19 -6.27 16.48 -4.10
C LEU A 19 -6.51 17.98 -4.39
N LYS A 20 -5.89 18.56 -5.43
CA LYS A 20 -6.02 19.98 -5.83
C LYS A 20 -6.08 20.27 -7.34
N GLY A 21 -5.80 19.28 -8.20
CA GLY A 21 -5.78 19.44 -9.67
C GLY A 21 -5.61 18.15 -10.46
N GLN A 22 -5.70 18.28 -11.78
CA GLN A 22 -5.48 17.21 -12.76
C GLN A 22 -4.05 16.63 -12.74
N GLN A 23 -3.87 15.43 -13.30
CA GLN A 23 -2.62 14.64 -13.23
C GLN A 23 -2.21 14.00 -14.58
N ALA A 24 -2.71 14.51 -15.71
CA ALA A 24 -2.34 14.03 -17.05
C ALA A 24 -0.89 14.40 -17.45
N LEU A 25 -0.36 13.67 -18.44
CA LEU A 25 0.98 13.87 -19.04
C LEU A 25 1.11 15.26 -19.72
N GLY B 1 2.90 10.07 20.92
CA GLY B 1 2.91 11.56 20.94
C GLY B 1 1.85 12.13 20.01
N VAL B 2 0.86 12.85 20.57
CA VAL B 2 -0.31 13.39 19.85
C VAL B 2 0.05 14.41 18.77
N ARG B 3 1.15 15.15 18.95
CA ARG B 3 1.65 16.21 18.04
C ARG B 3 3.18 16.27 18.05
N LYS B 4 3.82 15.62 17.07
CA LYS B 4 5.29 15.58 16.90
C LYS B 4 5.89 16.85 16.25
N GLY B 5 5.04 17.81 15.85
CA GLY B 5 5.44 19.13 15.32
C GLY B 5 4.92 19.43 13.90
N TRP B 6 4.33 18.43 13.22
CA TRP B 6 3.95 18.48 11.81
C TRP B 6 2.53 17.98 11.50
N HIS B 7 1.83 17.41 12.50
CA HIS B 7 0.55 16.71 12.33
C HIS B 7 -0.56 17.60 11.76
N GLU B 8 -0.48 18.91 12.06
CA GLU B 8 -1.38 19.97 11.57
C GLU B 8 -1.22 20.31 10.06
N HIS B 9 -0.12 19.90 9.42
CA HIS B 9 0.12 20.13 7.98
C HIS B 9 -0.74 19.20 7.10
N VAL B 10 -0.85 17.93 7.50
CA VAL B 10 -1.67 16.91 6.81
C VAL B 10 -3.16 17.17 7.05
N THR B 11 -4.01 16.80 6.09
CA THR B 11 -5.49 16.91 6.15
C THR B 11 -6.15 15.53 6.21
N GLN B 12 -7.41 15.47 6.64
CA GLN B 12 -8.22 14.25 6.57
C GLN B 12 -8.35 13.68 5.16
N ASP B 13 -8.39 14.53 4.12
CA ASP B 13 -8.42 14.09 2.72
C ASP B 13 -7.09 13.43 2.33
N LEU B 14 -5.95 13.99 2.77
CA LEU B 14 -4.63 13.41 2.52
C LEU B 14 -4.48 12.04 3.21
N ARG B 15 -4.87 11.92 4.49
CA ARG B 15 -4.92 10.63 5.22
C ARG B 15 -5.85 9.64 4.52
N SER B 16 -7.10 10.03 4.24
CA SER B 16 -8.08 9.18 3.53
C SER B 16 -7.56 8.62 2.20
N HIS B 17 -7.01 9.49 1.35
CA HIS B 17 -6.54 9.08 0.03
C HIS B 17 -5.24 8.26 0.11
N LEU B 18 -4.30 8.60 1.00
CA LEU B 18 -3.09 7.80 1.20
C LEU B 18 -3.43 6.38 1.71
N VAL B 19 -4.46 6.18 2.55
CA VAL B 19 -4.97 4.83 2.88
C VAL B 19 -5.46 4.11 1.63
N HIS B 20 -6.31 4.75 0.82
CA HIS B 20 -6.86 4.16 -0.41
C HIS B 20 -5.77 3.77 -1.41
N LYS B 21 -4.78 4.64 -1.63
CA LYS B 21 -3.63 4.35 -2.51
C LYS B 21 -2.70 3.28 -1.93
N LEU B 22 -2.54 3.21 -0.60
CA LEU B 22 -1.85 2.11 0.10
C LEU B 22 -2.49 0.78 -0.31
N VAL B 23 -3.82 0.64 -0.18
CA VAL B 23 -4.57 -0.57 -0.57
C VAL B 23 -4.26 -1.01 -2.01
N GLN B 24 -4.24 -0.08 -2.98
CA GLN B 24 -4.04 -0.42 -4.39
C GLN B 24 -2.65 -1.02 -4.71
N ALA B 25 -1.62 -0.76 -3.90
CA ALA B 25 -0.29 -1.36 -4.08
C ALA B 25 0.02 -2.48 -3.07
N ILE B 26 -0.61 -2.47 -1.88
CA ILE B 26 -0.57 -3.60 -0.94
C ILE B 26 -1.16 -4.85 -1.61
N PHE B 27 -2.29 -4.70 -2.32
CA PHE B 27 -2.85 -5.73 -3.19
C PHE B 27 -3.41 -5.05 -4.46
N PRO B 28 -2.72 -5.16 -5.63
CA PRO B 28 -3.25 -4.75 -6.92
C PRO B 28 -4.45 -5.63 -7.33
N THR B 29 -5.64 -5.18 -6.97
CA THR B 29 -6.92 -5.89 -7.10
C THR B 29 -7.17 -6.44 -8.53
N PRO B 30 -7.73 -7.67 -8.67
CA PRO B 30 -7.90 -8.31 -9.98
C PRO B 30 -9.01 -7.64 -10.81
N ASP B 31 -10.01 -7.09 -10.12
CA ASP B 31 -11.13 -6.29 -10.62
C ASP B 31 -11.57 -5.31 -9.51
N PRO B 32 -12.29 -4.21 -9.83
CA PRO B 32 -12.78 -3.28 -8.81
C PRO B 32 -13.89 -3.89 -7.95
N ALA B 33 -14.56 -4.94 -8.43
CA ALA B 33 -15.50 -5.75 -7.64
C ALA B 33 -14.82 -6.52 -6.49
N ALA B 34 -13.56 -6.92 -6.64
CA ALA B 34 -12.82 -7.65 -5.61
C ALA B 34 -12.46 -6.77 -4.38
N LEU B 35 -12.43 -5.44 -4.53
CA LEU B 35 -12.32 -4.49 -3.41
C LEU B 35 -13.52 -4.56 -2.44
N LYS B 36 -14.69 -4.99 -2.95
CA LYS B 36 -15.96 -5.09 -2.20
C LYS B 36 -16.09 -6.41 -1.42
N ASP B 37 -15.24 -7.39 -1.70
CA ASP B 37 -15.27 -8.70 -1.04
C ASP B 37 -14.94 -8.61 0.46
N ARG B 38 -15.65 -9.40 1.28
CA ARG B 38 -15.46 -9.51 2.74
C ARG B 38 -14.00 -9.73 3.19
N ARG B 39 -13.21 -10.48 2.42
CA ARG B 39 -11.79 -10.75 2.73
C ARG B 39 -10.87 -9.55 2.46
N MET B 40 -11.20 -8.69 1.49
CA MET B 40 -10.48 -7.44 1.23
C MET B 40 -10.61 -6.45 2.39
N GLU B 41 -11.66 -6.54 3.22
CA GLU B 41 -11.75 -5.76 4.47
C GLU B 41 -10.59 -6.00 5.45
N ASN B 42 -10.00 -7.22 5.49
CA ASN B 42 -8.80 -7.49 6.28
C ASN B 42 -7.58 -6.73 5.73
N LEU B 43 -7.43 -6.70 4.40
CA LEU B 43 -6.37 -5.98 3.67
C LEU B 43 -6.50 -4.46 3.87
N VAL B 44 -7.72 -3.93 3.69
CA VAL B 44 -8.12 -2.54 4.00
C VAL B 44 -7.83 -2.14 5.46
N ALA B 45 -8.18 -2.98 6.44
CA ALA B 45 -7.91 -2.74 7.86
C ALA B 45 -6.39 -2.77 8.17
N TYR B 46 -5.65 -3.70 7.58
CA TYR B 46 -4.18 -3.73 7.61
C TYR B 46 -3.58 -2.46 6.99
N ALA B 47 -4.07 -2.00 5.84
CA ALA B 47 -3.65 -0.74 5.21
C ALA B 47 -3.94 0.48 6.10
N LYS B 48 -5.10 0.53 6.77
CA LYS B 48 -5.41 1.56 7.78
C LYS B 48 -4.44 1.53 8.97
N LYS B 49 -4.11 0.34 9.47
CA LYS B 49 -3.12 0.15 10.56
C LYS B 49 -1.72 0.60 10.14
N VAL B 50 -1.25 0.16 8.97
CA VAL B 50 0.06 0.55 8.40
C VAL B 50 0.14 2.07 8.18
N GLU B 51 -0.91 2.72 7.67
CA GLU B 51 -0.93 4.18 7.54
C GLU B 51 -0.69 4.88 8.90
N GLY B 52 -1.35 4.39 9.95
CA GLY B 52 -1.14 4.86 11.33
C GLY B 52 0.26 4.54 11.90
N ASP B 53 0.85 3.39 11.57
CA ASP B 53 2.18 2.99 12.05
C ASP B 53 3.29 3.83 11.42
N MET B 54 3.17 4.14 10.12
CA MET B 54 4.13 4.97 9.38
C MET B 54 4.04 6.45 9.79
N TYR B 55 2.83 6.93 10.11
CA TYR B 55 2.57 8.24 10.72
C TYR B 55 3.15 8.36 12.15
N GLU B 56 2.94 7.33 12.98
CA GLU B 56 3.53 7.22 14.32
C GLU B 56 5.06 7.16 14.29
N SER B 57 5.65 6.60 13.24
CA SER B 57 7.10 6.42 13.09
C SER B 57 7.84 7.64 12.52
N ALA B 58 7.14 8.70 12.10
CA ALA B 58 7.71 9.82 11.36
C ALA B 58 7.92 11.09 12.20
N ASN B 59 9.14 11.63 12.14
CA ASN B 59 9.55 12.90 12.76
C ASN B 59 9.20 14.14 11.89
N SER B 60 8.79 13.94 10.64
CA SER B 60 8.32 15.02 9.74
C SER B 60 7.25 14.53 8.75
N ARG B 61 6.53 15.48 8.14
CA ARG B 61 5.51 15.21 7.11
C ARG B 61 6.10 14.60 5.83
N ASP B 62 7.34 14.94 5.51
CA ASP B 62 8.10 14.33 4.40
C ASP B 62 8.51 12.87 4.74
N GLU B 63 8.99 12.63 5.96
CA GLU B 63 9.36 11.29 6.43
C GLU B 63 8.15 10.35 6.52
N TYR B 64 6.97 10.87 6.87
CA TYR B 64 5.68 10.14 6.85
C TYR B 64 5.36 9.57 5.45
N TYR B 65 5.22 10.43 4.45
CA TYR B 65 5.13 10.01 3.04
C TYR B 65 6.26 9.03 2.64
N HIS B 66 7.51 9.32 3.00
CA HIS B 66 8.65 8.48 2.60
C HIS B 66 8.58 7.07 3.20
N LEU B 67 8.20 6.95 4.48
CA LEU B 67 7.95 5.67 5.15
C LEU B 67 6.79 4.89 4.53
N LEU B 68 5.67 5.56 4.23
CA LEU B 68 4.54 4.96 3.50
C LEU B 68 5.02 4.36 2.17
N ALA B 69 5.68 5.16 1.33
CA ALA B 69 6.16 4.75 0.02
C ALA B 69 7.27 3.67 0.07
N GLU B 70 8.15 3.69 1.09
CA GLU B 70 9.16 2.64 1.30
C GLU B 70 8.53 1.30 1.74
N LYS B 71 7.59 1.29 2.69
CA LYS B 71 6.90 0.05 3.09
C LYS B 71 5.97 -0.48 1.99
N ILE B 72 5.47 0.39 1.11
CA ILE B 72 4.76 -0.01 -0.11
C ILE B 72 5.71 -0.73 -1.07
N TYR B 73 6.89 -0.17 -1.30
CA TYR B 73 7.97 -0.83 -2.05
C TYR B 73 8.36 -2.17 -1.42
N LYS B 74 8.52 -2.26 -0.08
CA LYS B 74 8.73 -3.52 0.66
C LYS B 74 7.64 -4.55 0.36
N ILE B 75 6.38 -4.22 0.64
CA ILE B 75 5.22 -5.12 0.47
C ILE B 75 5.12 -5.63 -0.98
N GLN B 76 5.29 -4.73 -1.95
CA GLN B 76 5.28 -5.09 -3.37
C GLN B 76 6.47 -6.00 -3.74
N LYS B 77 7.71 -5.52 -3.55
CA LYS B 77 8.94 -6.18 -4.04
C LYS B 77 9.25 -7.51 -3.36
N GLU B 78 8.94 -7.63 -2.07
CA GLU B 78 9.10 -8.89 -1.32
C GLU B 78 8.20 -10.02 -1.87
N LEU B 79 7.03 -9.67 -2.41
CA LEU B 79 6.11 -10.62 -3.05
C LEU B 79 6.40 -10.84 -4.54
N GLU B 80 6.80 -9.82 -5.31
CA GLU B 80 6.99 -9.94 -6.76
C GLU B 80 7.91 -11.11 -7.17
N GLU B 81 9.08 -11.26 -6.55
CA GLU B 81 10.00 -12.38 -6.85
C GLU B 81 9.48 -13.76 -6.40
N LYS B 82 8.39 -13.81 -5.62
CA LYS B 82 7.66 -15.03 -5.23
C LYS B 82 6.37 -15.26 -6.03
N ARG B 83 5.98 -14.30 -6.88
CA ARG B 83 4.70 -14.25 -7.65
C ARG B 83 4.90 -14.10 -9.17
N ARG B 84 6.12 -13.83 -9.64
CA ARG B 84 6.53 -13.86 -11.07
C ARG B 84 7.52 -14.99 -11.39
N SER B 85 7.97 -15.74 -10.38
CA SER B 85 8.89 -16.89 -10.49
C SER B 85 8.39 -18.05 -11.38
N ARG B 86 7.09 -18.09 -11.70
CA ARG B 86 6.46 -19.02 -12.65
C ARG B 86 7.01 -18.90 -14.08
N LEU B 87 7.44 -17.69 -14.50
CA LEU B 87 8.06 -17.44 -15.82
C LEU B 87 9.48 -18.06 -15.91
N SER C 1 15.56 -3.24 14.25
CA SER C 1 16.61 -4.20 13.83
C SER C 1 15.98 -5.37 13.07
N ASP C 2 16.63 -6.55 13.03
CA ASP C 2 16.23 -7.77 12.31
C ASP C 2 14.77 -8.23 12.55
N ASP C 3 14.21 -7.95 13.74
CA ASP C 3 12.82 -8.22 14.11
C ASP C 3 11.75 -7.41 13.32
N GLY C 4 12.16 -6.46 12.46
CA GLY C 4 11.35 -5.49 11.72
C GLY C 4 10.43 -6.04 10.62
N ASN C 5 9.61 -7.04 10.94
CA ASN C 5 8.53 -7.57 10.11
C ASN C 5 7.45 -6.51 9.78
N ILE C 6 6.68 -6.72 8.70
CA ILE C 6 5.69 -5.75 8.18
C ILE C 6 4.34 -6.38 7.80
N LEU C 7 4.29 -7.59 7.23
CA LEU C 7 3.10 -8.22 6.63
C LEU C 7 2.70 -9.52 7.40
N PRO C 8 1.68 -9.47 8.28
CA PRO C 8 1.10 -10.63 8.98
C PRO C 8 0.73 -11.80 8.07
N SER C 9 0.85 -13.04 8.58
CA SER C 9 0.65 -14.28 7.81
C SER C 9 -0.76 -14.46 7.22
N ASP C 10 -1.81 -14.08 7.95
CA ASP C 10 -3.20 -14.18 7.45
C ASP C 10 -3.48 -13.20 6.29
N ILE C 11 -2.94 -11.98 6.38
CA ILE C 11 -3.05 -10.97 5.32
C ILE C 11 -2.15 -11.38 4.14
N MET C 12 -0.92 -11.85 4.41
CA MET C 12 0.01 -12.37 3.41
C MET C 12 -0.66 -13.41 2.52
N ASP C 13 -1.24 -14.47 3.09
CA ASP C 13 -1.87 -15.57 2.34
C ASP C 13 -2.93 -15.10 1.33
N PHE C 14 -3.77 -14.14 1.73
CA PHE C 14 -4.76 -13.52 0.84
C PHE C 14 -4.10 -12.77 -0.34
N VAL C 15 -3.03 -12.00 -0.09
CA VAL C 15 -2.25 -11.34 -1.15
C VAL C 15 -1.54 -12.38 -2.03
N LEU C 16 -0.93 -13.42 -1.47
CA LEU C 16 -0.20 -14.47 -2.21
C LEU C 16 -1.10 -15.21 -3.22
N LYS C 17 -2.32 -15.60 -2.81
CA LYS C 17 -3.26 -16.36 -3.66
C LYS C 17 -3.79 -15.54 -4.85
N ASN C 18 -4.06 -14.26 -4.64
CA ASN C 18 -4.65 -13.37 -5.64
C ASN C 18 -3.67 -12.82 -6.70
N THR C 19 -2.46 -12.44 -6.29
CA THR C 19 -1.49 -11.68 -7.11
C THR C 19 -0.61 -12.38 -8.18
N PRO C 20 -0.48 -13.73 -8.31
CA PRO C 20 0.54 -14.33 -9.19
C PRO C 20 0.24 -14.18 -10.70
N SER C 21 1.27 -14.35 -11.53
CA SER C 21 1.15 -14.38 -13.01
C SER C 21 0.28 -15.53 -13.52
N MET C 22 0.23 -16.64 -12.77
CA MET C 22 -0.68 -17.76 -12.96
C MET C 22 -1.00 -18.40 -11.60
N GLN C 23 -2.28 -18.63 -11.32
CA GLN C 23 -2.78 -19.21 -10.06
C GLN C 23 -2.61 -20.74 -10.02
N ALA C 24 -1.36 -21.20 -10.10
CA ALA C 24 -0.96 -22.61 -10.11
C ALA C 24 -1.31 -23.41 -8.83
N LEU C 25 -1.76 -22.74 -7.76
CA LEU C 25 -2.22 -23.31 -6.51
C LEU C 25 -3.44 -22.52 -6.00
N GLY C 26 -4.61 -23.17 -5.92
CA GLY C 26 -5.88 -22.56 -5.49
C GLY C 26 -7.15 -23.29 -5.94
N GLU C 27 -7.06 -24.59 -6.27
CA GLU C 27 -8.14 -25.42 -6.82
C GLU C 27 -9.37 -25.56 -5.89
N SER C 28 -10.53 -25.88 -6.47
CA SER C 28 -11.80 -26.11 -5.74
C SER C 28 -12.75 -27.11 -6.43
N PRO C 29 -12.94 -27.12 -7.77
CA PRO C 29 -13.76 -28.14 -8.45
C PRO C 29 -13.30 -29.60 -8.25
N GLU C 30 -11.99 -29.79 -8.05
CA GLU C 30 -11.34 -31.09 -7.78
C GLU C 30 -10.06 -30.86 -6.96
N SER C 31 -9.61 -31.86 -6.19
CA SER C 31 -8.38 -31.85 -5.36
C SER C 31 -7.79 -33.25 -5.17
N LYS A 1 15.95 -3.14 -13.21
CA LYS A 1 14.93 -2.13 -12.83
C LYS A 1 15.62 -0.93 -12.17
N GLU A 2 15.44 0.27 -12.71
CA GLU A 2 16.06 1.49 -12.14
C GLU A 2 15.07 2.66 -12.06
N LYS A 3 14.51 3.14 -13.19
CA LYS A 3 13.54 4.25 -13.19
C LYS A 3 12.22 3.89 -12.50
N ARG A 4 11.70 2.67 -12.72
CA ARG A 4 10.45 2.18 -12.11
C ARG A 4 10.53 2.08 -10.58
N ILE A 5 11.71 1.78 -10.05
CA ILE A 5 11.98 1.69 -8.59
C ILE A 5 11.69 3.03 -7.91
N LYS A 6 12.22 4.14 -8.45
CA LYS A 6 11.95 5.48 -7.93
C LYS A 6 10.53 5.93 -8.31
N GLU A 7 10.07 5.64 -9.52
CA GLU A 7 8.70 5.93 -9.99
C GLU A 7 7.62 5.39 -9.02
N LEU A 8 7.70 4.11 -8.65
CA LEU A 8 6.77 3.43 -7.74
C LEU A 8 6.75 4.06 -6.33
N GLU A 9 7.91 4.46 -5.81
CA GLU A 9 8.02 5.24 -4.57
C GLU A 9 7.34 6.63 -4.73
N LEU A 10 7.67 7.34 -5.81
CA LEU A 10 7.20 8.69 -6.16
C LEU A 10 5.67 8.77 -6.39
N LEU A 11 5.01 7.68 -6.81
CA LEU A 11 3.55 7.58 -6.98
C LEU A 11 2.73 8.11 -5.79
N LEU A 12 3.19 7.90 -4.56
CA LEU A 12 2.56 8.42 -3.35
C LEU A 12 2.70 9.95 -3.18
N MET A 13 3.74 10.60 -3.71
CA MET A 13 4.03 12.01 -3.42
C MET A 13 3.04 12.93 -4.14
N SER A 14 2.74 12.60 -5.40
CA SER A 14 1.76 13.28 -6.27
C SER A 14 0.37 13.39 -5.64
N THR A 15 0.06 12.56 -4.64
CA THR A 15 -1.15 12.68 -3.80
C THR A 15 -1.34 14.07 -3.23
N GLU A 16 -0.29 14.69 -2.67
CA GLU A 16 -0.41 16.06 -2.13
C GLU A 16 -0.66 17.08 -3.26
N ASN A 17 0.03 16.94 -4.39
CA ASN A 17 -0.12 17.82 -5.55
C ASN A 17 -1.56 17.80 -6.10
N GLU A 18 -2.14 16.59 -6.22
CA GLU A 18 -3.53 16.37 -6.65
C GLU A 18 -4.56 16.96 -5.67
N LEU A 19 -4.36 16.78 -4.36
CA LEU A 19 -5.30 17.22 -3.31
C LEU A 19 -5.22 18.73 -3.02
N LYS A 20 -4.05 19.35 -3.15
CA LYS A 20 -3.78 20.74 -2.72
C LYS A 20 -3.68 21.75 -3.88
N GLY A 21 -3.75 21.29 -5.13
CA GLY A 21 -3.79 22.15 -6.32
C GLY A 21 -2.51 22.98 -6.53
N GLN A 22 -1.35 22.39 -6.25
CA GLN A 22 -0.01 23.01 -6.35
C GLN A 22 1.02 21.98 -6.89
N GLN A 23 2.20 22.46 -7.27
CA GLN A 23 3.30 21.65 -7.84
C GLN A 23 4.66 22.00 -7.21
N ALA A 24 5.66 21.15 -7.43
CA ALA A 24 7.04 21.34 -6.96
C ALA A 24 7.71 22.62 -7.52
N LEU A 25 8.69 23.14 -6.78
CA LEU A 25 9.44 24.38 -7.08
C LEU A 25 10.90 24.30 -6.56
N GLY B 1 14.08 20.90 22.52
CA GLY B 1 14.24 21.02 21.05
C GLY B 1 12.89 21.01 20.34
N VAL B 2 12.76 20.24 19.25
CA VAL B 2 11.55 20.17 18.40
C VAL B 2 11.26 18.71 18.04
N ARG B 3 9.99 18.31 18.13
CA ARG B 3 9.45 16.96 17.80
C ARG B 3 8.23 17.11 16.87
N LYS B 4 7.12 16.40 17.11
CA LYS B 4 5.85 16.52 16.37
C LYS B 4 5.39 17.98 16.25
N GLY B 5 4.97 18.37 15.04
CA GLY B 5 4.58 19.75 14.70
C GLY B 5 4.19 19.95 13.24
N TRP B 6 3.58 18.94 12.62
CA TRP B 6 3.31 18.87 11.17
C TRP B 6 1.87 18.50 10.79
N HIS B 7 1.04 18.17 11.78
CA HIS B 7 -0.32 17.63 11.55
C HIS B 7 -1.28 18.68 10.95
N GLU B 8 -0.98 19.99 11.10
CA GLU B 8 -1.70 21.09 10.46
C GLU B 8 -1.63 21.09 8.92
N HIS B 9 -0.70 20.34 8.32
CA HIS B 9 -0.55 20.20 6.86
C HIS B 9 -1.27 18.95 6.29
N VAL B 10 -2.13 18.32 7.09
CA VAL B 10 -2.80 17.04 6.80
C VAL B 10 -4.33 17.20 6.81
N THR B 11 -5.04 16.39 6.01
CA THR B 11 -6.51 16.30 5.95
C THR B 11 -6.96 14.85 5.95
N GLN B 12 -8.24 14.60 6.28
CA GLN B 12 -8.82 13.25 6.20
C GLN B 12 -8.75 12.67 4.77
N ASP B 13 -8.88 13.51 3.73
CA ASP B 13 -8.77 13.06 2.34
C ASP B 13 -7.33 12.67 1.96
N LEU B 14 -6.31 13.34 2.53
CA LEU B 14 -4.90 12.95 2.37
C LEU B 14 -4.65 11.57 2.98
N ARG B 15 -5.10 11.33 4.22
CA ARG B 15 -5.06 10.01 4.87
C ARG B 15 -5.78 8.95 4.03
N SER B 16 -6.99 9.27 3.56
CA SER B 16 -7.82 8.38 2.74
C SER B 16 -7.14 7.94 1.44
N HIS B 17 -6.64 8.89 0.66
CA HIS B 17 -6.03 8.62 -0.65
C HIS B 17 -4.67 7.90 -0.51
N LEU B 18 -3.83 8.30 0.47
CA LEU B 18 -2.57 7.61 0.76
C LEU B 18 -2.80 6.14 1.16
N VAL B 19 -3.78 5.86 2.03
CA VAL B 19 -4.20 4.48 2.36
C VAL B 19 -4.73 3.74 1.13
N HIS B 20 -5.63 4.33 0.34
CA HIS B 20 -6.21 3.67 -0.82
C HIS B 20 -5.14 3.26 -1.85
N LYS B 21 -4.20 4.16 -2.15
CA LYS B 21 -3.08 3.86 -3.06
C LYS B 21 -2.13 2.80 -2.51
N LEU B 22 -1.91 2.77 -1.19
CA LEU B 22 -1.20 1.68 -0.50
C LEU B 22 -1.94 0.34 -0.67
N VAL B 23 -3.25 0.30 -0.41
CA VAL B 23 -4.12 -0.87 -0.63
C VAL B 23 -4.05 -1.39 -2.08
N GLN B 24 -4.14 -0.49 -3.08
CA GLN B 24 -4.04 -0.86 -4.50
C GLN B 24 -2.68 -1.45 -4.87
N ALA B 25 -1.58 -0.88 -4.36
CA ALA B 25 -0.24 -1.43 -4.61
C ALA B 25 -0.03 -2.81 -3.95
N ILE B 26 -0.57 -3.02 -2.74
CA ILE B 26 -0.56 -4.31 -2.04
C ILE B 26 -1.37 -5.36 -2.81
N PHE B 27 -2.63 -5.07 -3.15
CA PHE B 27 -3.49 -5.96 -3.94
C PHE B 27 -4.34 -5.16 -4.95
N PRO B 28 -3.98 -5.18 -6.26
CA PRO B 28 -4.66 -4.42 -7.33
C PRO B 28 -6.15 -4.71 -7.56
N THR B 29 -6.71 -5.74 -6.90
CA THR B 29 -8.11 -6.24 -7.01
C THR B 29 -8.41 -6.93 -8.36
N PRO B 30 -9.05 -8.11 -8.38
CA PRO B 30 -9.29 -8.90 -9.58
C PRO B 30 -10.60 -8.51 -10.30
N ASP B 31 -11.61 -8.07 -9.55
CA ASP B 31 -12.93 -7.64 -10.03
C ASP B 31 -13.63 -6.68 -9.03
N PRO B 32 -14.60 -5.83 -9.47
CA PRO B 32 -15.21 -4.82 -8.61
C PRO B 32 -16.15 -5.34 -7.51
N ALA B 33 -16.38 -6.66 -7.40
CA ALA B 33 -17.08 -7.27 -6.27
C ALA B 33 -16.11 -7.91 -5.26
N ALA B 34 -14.91 -8.36 -5.68
CA ALA B 34 -13.87 -8.85 -4.77
C ALA B 34 -13.47 -7.83 -3.68
N LEU B 35 -13.37 -6.54 -4.03
CA LEU B 35 -13.06 -5.49 -3.04
C LEU B 35 -14.18 -5.18 -2.02
N LYS B 36 -15.40 -5.72 -2.22
CA LYS B 36 -16.49 -5.67 -1.23
C LYS B 36 -16.45 -6.83 -0.22
N ASP B 37 -15.61 -7.84 -0.43
CA ASP B 37 -15.48 -8.99 0.48
C ASP B 37 -14.82 -8.61 1.81
N ARG B 38 -15.24 -9.29 2.90
CA ARG B 38 -14.70 -9.15 4.27
C ARG B 38 -13.17 -9.27 4.32
N ARG B 39 -12.55 -10.14 3.53
CA ARG B 39 -11.07 -10.27 3.47
C ARG B 39 -10.37 -9.05 2.85
N MET B 40 -11.02 -8.31 1.94
CA MET B 40 -10.47 -7.02 1.48
C MET B 40 -10.71 -5.92 2.52
N GLU B 41 -11.81 -5.95 3.29
CA GLU B 41 -11.99 -5.07 4.45
C GLU B 41 -10.92 -5.32 5.53
N ASN B 42 -10.47 -6.57 5.70
CA ASN B 42 -9.31 -6.91 6.54
C ASN B 42 -8.00 -6.35 5.96
N LEU B 43 -7.77 -6.43 4.64
CA LEU B 43 -6.63 -5.80 3.96
C LEU B 43 -6.61 -4.28 4.21
N VAL B 44 -7.74 -3.62 3.96
CA VAL B 44 -8.00 -2.20 4.22
C VAL B 44 -7.73 -1.83 5.69
N ALA B 45 -8.17 -2.63 6.66
CA ALA B 45 -7.96 -2.41 8.09
C ALA B 45 -6.48 -2.58 8.49
N TYR B 46 -5.79 -3.61 7.99
CA TYR B 46 -4.33 -3.78 8.17
C TYR B 46 -3.56 -2.59 7.57
N ALA B 47 -3.90 -2.17 6.36
CA ALA B 47 -3.31 -1.00 5.71
C ALA B 47 -3.52 0.27 6.54
N LYS B 48 -4.73 0.52 7.08
CA LYS B 48 -5.00 1.64 7.98
C LYS B 48 -4.22 1.57 9.31
N LYS B 49 -4.19 0.39 9.93
CA LYS B 49 -3.47 0.12 11.19
C LYS B 49 -1.97 0.40 11.08
N VAL B 50 -1.35 -0.05 9.99
CA VAL B 50 0.08 0.17 9.72
C VAL B 50 0.35 1.61 9.25
N GLU B 51 -0.49 2.20 8.39
CA GLU B 51 -0.39 3.62 8.00
C GLU B 51 -0.39 4.55 9.24
N GLY B 52 -1.22 4.23 10.25
CA GLY B 52 -1.25 4.93 11.53
C GLY B 52 0.04 4.79 12.35
N ASP B 53 0.77 3.67 12.21
CA ASP B 53 2.06 3.48 12.90
C ASP B 53 3.18 4.30 12.23
N MET B 54 3.13 4.47 10.91
CA MET B 54 4.05 5.33 10.16
C MET B 54 3.82 6.81 10.50
N TYR B 55 2.56 7.19 10.67
CA TYR B 55 2.12 8.53 11.07
C TYR B 55 2.55 8.88 12.50
N GLU B 56 2.30 7.98 13.47
CA GLU B 56 2.65 8.20 14.87
C GLU B 56 4.17 8.16 15.16
N SER B 57 4.98 7.55 14.29
CA SER B 57 6.43 7.38 14.52
C SER B 57 7.30 8.43 13.82
N ALA B 58 6.88 8.97 12.69
CA ALA B 58 7.60 10.00 11.94
C ALA B 58 7.69 11.33 12.70
N ASN B 59 8.83 12.02 12.56
CA ASN B 59 9.05 13.37 13.09
C ASN B 59 8.50 14.47 12.15
N SER B 60 8.31 14.18 10.87
CA SER B 60 7.78 15.08 9.84
C SER B 60 6.85 14.39 8.84
N ARG B 61 6.04 15.17 8.11
CA ARG B 61 5.16 14.69 7.04
C ARG B 61 5.94 14.01 5.91
N ASP B 62 7.12 14.54 5.59
CA ASP B 62 8.05 13.98 4.62
C ASP B 62 8.62 12.61 5.05
N GLU B 63 8.99 12.44 6.33
CA GLU B 63 9.42 11.14 6.86
C GLU B 63 8.26 10.12 6.91
N TYR B 64 7.05 10.57 7.28
CA TYR B 64 5.82 9.76 7.20
C TYR B 64 5.55 9.26 5.78
N TYR B 65 5.51 10.15 4.78
CA TYR B 65 5.47 9.80 3.36
C TYR B 65 6.58 8.81 2.96
N HIS B 66 7.84 9.02 3.38
CA HIS B 66 8.94 8.12 3.05
C HIS B 66 8.73 6.70 3.59
N LEU B 67 8.25 6.57 4.84
CA LEU B 67 7.88 5.29 5.46
C LEU B 67 6.72 4.60 4.71
N LEU B 68 5.69 5.35 4.30
CA LEU B 68 4.61 4.83 3.44
C LEU B 68 5.14 4.33 2.08
N ALA B 69 6.01 5.11 1.44
CA ALA B 69 6.52 4.79 0.11
C ALA B 69 7.52 3.61 0.13
N GLU B 70 8.25 3.42 1.23
CA GLU B 70 9.06 2.21 1.45
C GLU B 70 8.17 0.97 1.63
N LYS B 71 7.03 1.10 2.34
CA LYS B 71 6.02 0.04 2.46
C LYS B 71 5.39 -0.36 1.11
N ILE B 72 5.07 0.61 0.24
CA ILE B 72 4.67 0.35 -1.17
C ILE B 72 5.75 -0.51 -1.83
N TYR B 73 6.98 0.01 -1.83
CA TYR B 73 8.11 -0.54 -2.56
C TYR B 73 8.41 -1.98 -2.15
N LYS B 74 8.67 -2.22 -0.86
CA LYS B 74 9.01 -3.55 -0.33
C LYS B 74 7.95 -4.59 -0.66
N ILE B 75 6.69 -4.31 -0.36
CA ILE B 75 5.58 -5.24 -0.64
C ILE B 75 5.49 -5.54 -2.14
N GLN B 76 5.68 -4.55 -3.01
CA GLN B 76 5.55 -4.74 -4.45
C GLN B 76 6.64 -5.67 -5.01
N LYS B 77 7.93 -5.32 -4.83
CA LYS B 77 9.03 -6.16 -5.37
C LYS B 77 9.15 -7.53 -4.70
N GLU B 78 8.68 -7.68 -3.45
CA GLU B 78 8.54 -8.98 -2.79
C GLU B 78 7.47 -9.82 -3.51
N LEU B 79 6.22 -9.36 -3.58
CA LEU B 79 5.10 -10.10 -4.18
C LEU B 79 5.36 -10.48 -5.65
N GLU B 80 5.92 -9.57 -6.46
CA GLU B 80 6.22 -9.81 -7.88
C GLU B 80 7.18 -10.98 -8.16
N GLU B 81 7.95 -11.44 -7.16
CA GLU B 81 8.79 -12.64 -7.25
C GLU B 81 8.30 -13.77 -6.33
N LYS B 82 7.73 -13.46 -5.17
CA LYS B 82 7.26 -14.44 -4.18
C LYS B 82 6.05 -15.25 -4.67
N ARG B 83 5.19 -14.66 -5.52
CA ARG B 83 4.11 -15.37 -6.24
C ARG B 83 4.68 -16.36 -7.29
N ARG B 84 5.73 -15.94 -8.01
CA ARG B 84 6.42 -16.70 -9.07
C ARG B 84 7.33 -17.82 -8.54
N SER B 85 7.79 -17.71 -7.30
CA SER B 85 8.74 -18.61 -6.63
C SER B 85 8.23 -19.05 -5.24
N ARG B 86 6.93 -19.36 -5.15
CA ARG B 86 6.20 -19.72 -3.92
C ARG B 86 6.71 -20.96 -3.16
N LEU B 87 7.51 -21.81 -3.83
CA LEU B 87 8.10 -23.09 -3.38
C LEU B 87 7.17 -23.91 -2.45
N SER C 1 11.40 -7.52 18.32
CA SER C 1 10.88 -8.77 17.68
C SER C 1 10.24 -8.46 16.33
N ASP C 2 11.00 -8.61 15.24
CA ASP C 2 10.53 -8.38 13.87
C ASP C 2 11.27 -9.29 12.86
N ASP C 3 10.52 -9.89 11.94
CA ASP C 3 11.01 -10.69 10.82
C ASP C 3 10.23 -10.42 9.51
N GLY C 4 9.45 -9.33 9.47
CA GLY C 4 8.55 -8.98 8.36
C GLY C 4 7.21 -8.39 8.81
N ASN C 5 7.12 -7.81 10.01
CA ASN C 5 5.87 -7.39 10.67
C ASN C 5 5.00 -6.42 9.85
N ILE C 6 5.60 -5.67 8.91
CA ILE C 6 4.91 -4.75 7.99
C ILE C 6 3.91 -5.46 7.05
N LEU C 7 4.04 -6.78 6.83
CA LEU C 7 3.11 -7.59 6.02
C LEU C 7 2.77 -8.91 6.76
N PRO C 8 1.76 -8.87 7.67
CA PRO C 8 1.18 -10.02 8.35
C PRO C 8 0.92 -11.23 7.44
N SER C 9 1.29 -12.43 7.90
CA SER C 9 1.21 -13.67 7.12
C SER C 9 -0.20 -14.07 6.67
N ASP C 10 -1.22 -13.83 7.51
CA ASP C 10 -2.63 -14.12 7.19
C ASP C 10 -3.15 -13.25 6.02
N ILE C 11 -2.73 -11.98 5.97
CA ILE C 11 -2.96 -11.09 4.82
C ILE C 11 -2.10 -11.55 3.63
N MET C 12 -0.81 -11.82 3.84
CA MET C 12 0.14 -12.13 2.77
C MET C 12 -0.31 -13.34 1.94
N ASP C 13 -0.68 -14.45 2.57
CA ASP C 13 -1.14 -15.66 1.89
C ASP C 13 -2.36 -15.39 0.99
N PHE C 14 -3.34 -14.62 1.48
CA PHE C 14 -4.47 -14.14 0.69
C PHE C 14 -4.03 -13.26 -0.49
N VAL C 15 -3.13 -12.30 -0.27
CA VAL C 15 -2.58 -11.42 -1.32
C VAL C 15 -1.83 -12.21 -2.40
N LEU C 16 -1.01 -13.23 -2.06
CA LEU C 16 -0.29 -13.99 -3.09
C LEU C 16 -1.24 -14.87 -3.92
N LYS C 17 -2.19 -15.55 -3.27
CA LYS C 17 -3.12 -16.51 -3.90
C LYS C 17 -4.11 -15.88 -4.88
N ASN C 18 -4.47 -14.61 -4.69
CA ASN C 18 -5.57 -13.96 -5.42
C ASN C 18 -5.30 -13.69 -6.92
N THR C 19 -4.14 -13.12 -7.27
CA THR C 19 -3.88 -12.62 -8.64
C THR C 19 -3.49 -13.65 -9.73
N PRO C 20 -2.74 -14.76 -9.47
CA PRO C 20 -2.29 -15.67 -10.52
C PRO C 20 -3.44 -16.33 -11.31
N SER C 21 -3.45 -16.16 -12.63
CA SER C 21 -4.43 -16.77 -13.55
C SER C 21 -4.13 -18.24 -13.89
N MET C 22 -2.90 -18.71 -13.68
CA MET C 22 -2.41 -20.05 -14.04
C MET C 22 -3.06 -21.21 -13.27
N GLN C 23 -3.82 -20.93 -12.21
CA GLN C 23 -4.40 -21.92 -11.27
C GLN C 23 -5.38 -22.93 -11.90
N ALA C 24 -5.82 -22.71 -13.15
CA ALA C 24 -6.64 -23.63 -13.95
C ALA C 24 -6.14 -23.79 -15.40
N LEU C 25 -4.91 -23.34 -15.71
CA LEU C 25 -4.30 -23.40 -17.05
C LEU C 25 -4.00 -24.86 -17.46
N GLY C 26 -4.74 -25.37 -18.45
CA GLY C 26 -4.54 -26.70 -19.04
C GLY C 26 -5.78 -27.30 -19.72
N GLU C 27 -6.98 -26.90 -19.28
CA GLU C 27 -8.27 -27.36 -19.81
C GLU C 27 -9.36 -26.27 -19.66
N SER C 28 -10.30 -26.21 -20.61
CA SER C 28 -11.40 -25.23 -20.62
C SER C 28 -12.37 -25.38 -19.43
N PRO C 29 -12.92 -24.27 -18.89
CA PRO C 29 -13.94 -24.31 -17.83
C PRO C 29 -15.31 -24.75 -18.37
N GLU C 30 -16.22 -25.12 -17.44
CA GLU C 30 -17.62 -25.49 -17.71
C GLU C 30 -18.50 -25.17 -16.50
N SER C 31 -19.76 -24.78 -16.73
CA SER C 31 -20.79 -24.48 -15.71
C SER C 31 -22.21 -24.74 -16.24
N LYS A 1 13.86 -1.79 -15.11
CA LYS A 1 13.23 -1.61 -13.77
C LYS A 1 13.08 -0.13 -13.40
N GLU A 2 14.13 0.66 -13.53
CA GLU A 2 14.33 2.05 -13.06
C GLU A 2 13.10 2.98 -13.17
N LYS A 3 12.37 2.93 -14.29
CA LYS A 3 11.13 3.71 -14.49
C LYS A 3 10.04 3.40 -13.46
N ARG A 4 9.59 2.14 -13.37
CA ARG A 4 8.56 1.74 -12.38
C ARG A 4 9.06 1.82 -10.93
N ILE A 5 10.37 1.67 -10.70
CA ILE A 5 10.99 1.78 -9.37
C ILE A 5 10.78 3.19 -8.80
N LYS A 6 11.09 4.23 -9.58
CA LYS A 6 10.81 5.63 -9.21
C LYS A 6 9.31 5.95 -9.24
N GLU A 7 8.57 5.43 -10.21
CA GLU A 7 7.12 5.62 -10.33
C GLU A 7 6.36 5.13 -9.08
N LEU A 8 6.68 3.93 -8.57
CA LEU A 8 6.07 3.36 -7.37
C LEU A 8 6.30 4.25 -6.13
N GLU A 9 7.53 4.76 -5.98
CA GLU A 9 7.91 5.64 -4.87
C GLU A 9 7.20 7.01 -4.97
N LEU A 10 7.16 7.60 -6.17
CA LEU A 10 6.57 8.91 -6.46
C LEU A 10 5.03 8.92 -6.45
N LEU A 11 4.38 7.79 -6.75
CA LEU A 11 2.92 7.65 -6.81
C LEU A 11 2.23 8.13 -5.53
N LEU A 12 2.75 7.76 -4.35
CA LEU A 12 2.27 8.25 -3.06
C LEU A 12 2.49 9.77 -2.91
N MET A 13 3.73 10.23 -3.07
CA MET A 13 4.13 11.63 -2.86
C MET A 13 3.41 12.65 -3.76
N SER A 14 2.93 12.21 -4.94
CA SER A 14 2.21 13.05 -5.92
C SER A 14 0.84 13.58 -5.43
N THR A 15 0.25 12.96 -4.41
CA THR A 15 -1.14 13.22 -3.96
C THR A 15 -1.43 14.69 -3.64
N GLU A 16 -0.53 15.39 -2.96
CA GLU A 16 -0.79 16.78 -2.57
C GLU A 16 -0.90 17.75 -3.77
N ASN A 17 -0.34 17.39 -4.93
CA ASN A 17 -0.53 18.14 -6.18
C ASN A 17 -1.90 17.86 -6.84
N GLU A 18 -2.46 16.67 -6.65
CA GLU A 18 -3.80 16.28 -7.14
C GLU A 18 -4.94 16.80 -6.24
N LEU A 19 -4.64 17.06 -4.96
CA LEU A 19 -5.51 17.74 -3.98
C LEU A 19 -5.78 19.23 -4.28
N LYS A 20 -5.34 19.76 -5.44
CA LYS A 20 -5.70 21.08 -5.97
C LYS A 20 -7.22 21.29 -6.16
N GLY A 21 -7.98 20.20 -6.33
CA GLY A 21 -9.45 20.21 -6.37
C GLY A 21 -10.08 20.74 -5.07
N GLN A 22 -11.00 21.70 -5.19
CA GLN A 22 -11.54 22.47 -4.06
C GLN A 22 -13.01 22.92 -4.22
N GLN A 23 -13.70 22.47 -5.28
CA GLN A 23 -15.10 22.83 -5.58
C GLN A 23 -16.16 22.23 -4.63
N ALA A 24 -15.76 21.31 -3.74
CA ALA A 24 -16.65 20.59 -2.81
C ALA A 24 -16.58 21.09 -1.35
N LEU A 25 -15.76 22.11 -1.06
CA LEU A 25 -15.62 22.76 0.26
C LEU A 25 -16.91 23.49 0.68
N GLY B 1 4.62 16.00 24.05
CA GLY B 1 3.35 16.54 23.48
C GLY B 1 2.47 15.44 22.92
N VAL B 2 1.16 15.72 22.77
CA VAL B 2 0.14 14.77 22.27
C VAL B 2 0.39 14.33 20.81
N ARG B 3 1.01 15.20 20.01
CA ARG B 3 1.31 15.03 18.58
C ARG B 3 2.70 15.60 18.24
N LYS B 4 3.26 15.24 17.08
CA LYS B 4 4.61 15.65 16.62
C LYS B 4 4.64 16.99 15.87
N GLY B 5 3.56 17.79 15.96
CA GLY B 5 3.48 19.18 15.48
C GLY B 5 3.18 19.33 13.99
N TRP B 6 3.88 18.59 13.15
CA TRP B 6 3.70 18.56 11.69
C TRP B 6 2.31 18.06 11.24
N HIS B 7 1.56 17.42 12.15
CA HIS B 7 0.22 16.88 11.93
C HIS B 7 -0.79 17.95 11.47
N GLU B 8 -0.56 19.22 11.82
CA GLU B 8 -1.36 20.37 11.38
C GLU B 8 -1.38 20.59 9.85
N HIS B 9 -0.39 20.08 9.12
CA HIS B 9 -0.29 20.18 7.65
C HIS B 9 -1.13 19.14 6.89
N VAL B 10 -1.81 18.23 7.61
CA VAL B 10 -2.50 17.05 7.05
C VAL B 10 -4.02 17.11 7.31
N THR B 11 -4.79 16.47 6.41
CA THR B 11 -6.26 16.40 6.46
C THR B 11 -6.75 14.96 6.26
N GLN B 12 -7.98 14.66 6.71
CA GLN B 12 -8.60 13.34 6.52
C GLN B 12 -8.72 12.95 5.03
N ASP B 13 -8.88 13.91 4.12
CA ASP B 13 -8.91 13.66 2.68
C ASP B 13 -7.56 13.15 2.15
N LEU B 14 -6.43 13.73 2.62
CA LEU B 14 -5.09 13.22 2.33
C LEU B 14 -4.91 11.82 2.90
N ARG B 15 -5.19 11.61 4.20
CA ARG B 15 -5.10 10.28 4.86
C ARG B 15 -5.88 9.21 4.09
N SER B 16 -7.12 9.50 3.70
CA SER B 16 -8.00 8.59 2.95
C SER B 16 -7.39 8.17 1.60
N HIS B 17 -6.94 9.14 0.81
CA HIS B 17 -6.34 8.89 -0.50
C HIS B 17 -5.00 8.15 -0.38
N LEU B 18 -4.14 8.51 0.59
CA LEU B 18 -2.89 7.80 0.84
C LEU B 18 -3.13 6.35 1.30
N VAL B 19 -4.12 6.06 2.16
CA VAL B 19 -4.53 4.68 2.51
C VAL B 19 -4.97 3.90 1.25
N HIS B 20 -5.85 4.47 0.42
CA HIS B 20 -6.29 3.81 -0.81
C HIS B 20 -5.13 3.49 -1.77
N LYS B 21 -4.19 4.43 -1.90
CA LYS B 21 -2.97 4.27 -2.71
C LYS B 21 -1.97 3.27 -2.10
N LEU B 22 -1.94 3.14 -0.77
CA LEU B 22 -1.21 2.08 -0.06
C LEU B 22 -1.81 0.71 -0.46
N VAL B 23 -3.13 0.56 -0.32
CA VAL B 23 -3.89 -0.68 -0.61
C VAL B 23 -3.65 -1.19 -2.03
N GLN B 24 -3.77 -0.35 -3.07
CA GLN B 24 -3.66 -0.81 -4.46
C GLN B 24 -2.27 -1.37 -4.84
N ALA B 25 -1.18 -0.87 -4.26
CA ALA B 25 0.15 -1.43 -4.52
C ALA B 25 0.46 -2.67 -3.64
N ILE B 26 -0.19 -2.80 -2.47
CA ILE B 26 -0.14 -4.03 -1.65
C ILE B 26 -0.86 -5.17 -2.39
N PHE B 27 -2.10 -4.96 -2.85
CA PHE B 27 -2.82 -5.89 -3.72
C PHE B 27 -3.70 -5.11 -4.73
N PRO B 28 -3.41 -5.19 -6.04
CA PRO B 28 -4.18 -4.51 -7.10
C PRO B 28 -5.68 -4.83 -7.20
N THR B 29 -6.16 -5.85 -6.47
CA THR B 29 -7.51 -6.44 -6.51
C THR B 29 -7.72 -7.35 -7.75
N PRO B 30 -8.54 -8.42 -7.65
CA PRO B 30 -8.79 -9.33 -8.78
C PRO B 30 -9.88 -8.80 -9.73
N ASP B 31 -10.95 -8.25 -9.16
CA ASP B 31 -12.19 -7.79 -9.79
C ASP B 31 -12.85 -6.73 -8.88
N PRO B 32 -13.69 -5.81 -9.40
CA PRO B 32 -14.18 -4.67 -8.62
C PRO B 32 -15.21 -5.05 -7.53
N ALA B 33 -15.83 -6.23 -7.63
CA ALA B 33 -16.65 -6.80 -6.56
C ALA B 33 -15.85 -7.11 -5.28
N ALA B 34 -14.54 -7.43 -5.41
CA ALA B 34 -13.67 -7.74 -4.28
C ALA B 34 -13.40 -6.52 -3.38
N LEU B 35 -13.33 -5.30 -3.96
CA LEU B 35 -13.13 -4.04 -3.24
C LEU B 35 -14.20 -3.73 -2.16
N LYS B 36 -15.36 -4.40 -2.24
CA LYS B 36 -16.47 -4.29 -1.29
C LYS B 36 -16.81 -5.62 -0.58
N ASP B 37 -15.90 -6.59 -0.61
CA ASP B 37 -16.00 -7.88 0.10
C ASP B 37 -15.12 -7.88 1.36
N ARG B 38 -15.60 -8.53 2.43
CA ARG B 38 -14.91 -8.66 3.74
C ARG B 38 -13.45 -9.11 3.66
N ARG B 39 -13.11 -10.01 2.74
CA ARG B 39 -11.73 -10.47 2.48
C ARG B 39 -10.77 -9.30 2.18
N MET B 40 -11.21 -8.33 1.38
CA MET B 40 -10.42 -7.13 1.06
C MET B 40 -10.57 -6.04 2.13
N GLU B 41 -11.72 -5.90 2.80
CA GLU B 41 -11.87 -5.01 3.96
C GLU B 41 -10.90 -5.34 5.11
N ASN B 42 -10.55 -6.62 5.30
CA ASN B 42 -9.49 -7.04 6.23
C ASN B 42 -8.10 -6.53 5.79
N LEU B 43 -7.77 -6.60 4.50
CA LEU B 43 -6.53 -6.04 3.95
C LEU B 43 -6.51 -4.50 4.07
N VAL B 44 -7.61 -3.83 3.74
CA VAL B 44 -7.84 -2.39 3.93
C VAL B 44 -7.65 -1.96 5.40
N ALA B 45 -8.18 -2.71 6.36
CA ALA B 45 -8.01 -2.46 7.80
C ALA B 45 -6.55 -2.65 8.25
N TYR B 46 -5.87 -3.69 7.75
CA TYR B 46 -4.43 -3.88 7.92
C TYR B 46 -3.60 -2.71 7.33
N ALA B 47 -3.93 -2.26 6.12
CA ALA B 47 -3.30 -1.09 5.50
C ALA B 47 -3.55 0.20 6.30
N LYS B 48 -4.77 0.40 6.86
CA LYS B 48 -5.06 1.50 7.80
C LYS B 48 -4.21 1.42 9.08
N LYS B 49 -4.05 0.22 9.66
CA LYS B 49 -3.20 -0.04 10.83
C LYS B 49 -1.73 0.29 10.57
N VAL B 50 -1.18 -0.16 9.43
CA VAL B 50 0.19 0.19 9.00
C VAL B 50 0.31 1.70 8.76
N GLU B 51 -0.58 2.30 7.98
CA GLU B 51 -0.55 3.74 7.66
C GLU B 51 -0.57 4.62 8.92
N GLY B 52 -1.41 4.30 9.90
CA GLY B 52 -1.48 4.99 11.19
C GLY B 52 -0.23 4.82 12.05
N ASP B 53 0.46 3.68 11.96
CA ASP B 53 1.70 3.41 12.70
C ASP B 53 2.90 4.17 12.08
N MET B 54 2.94 4.27 10.74
CA MET B 54 3.95 5.04 10.01
C MET B 54 3.76 6.55 10.23
N TYR B 55 2.50 7.02 10.26
CA TYR B 55 2.11 8.38 10.64
C TYR B 55 2.54 8.75 12.07
N GLU B 56 2.27 7.88 13.05
CA GLU B 56 2.71 8.08 14.43
C GLU B 56 4.25 8.02 14.59
N SER B 57 4.95 7.29 13.73
CA SER B 57 6.42 7.10 13.82
C SER B 57 7.23 8.28 13.27
N ALA B 58 6.71 8.99 12.27
CA ALA B 58 7.45 9.99 11.51
C ALA B 58 7.67 11.33 12.24
N ASN B 59 8.89 11.85 12.14
CA ASN B 59 9.27 13.20 12.57
C ASN B 59 8.68 14.33 11.69
N SER B 60 8.32 14.04 10.44
CA SER B 60 7.82 15.02 9.45
C SER B 60 6.92 14.39 8.38
N ARG B 61 6.21 15.24 7.63
CA ARG B 61 5.43 14.86 6.43
C ARG B 61 6.25 14.11 5.39
N ASP B 62 7.50 14.53 5.17
CA ASP B 62 8.42 13.89 4.22
C ASP B 62 8.87 12.51 4.70
N GLU B 63 9.22 12.36 5.99
CA GLU B 63 9.56 11.07 6.57
C GLU B 63 8.35 10.11 6.60
N TYR B 64 7.15 10.63 6.84
CA TYR B 64 5.89 9.87 6.78
C TYR B 64 5.66 9.26 5.38
N TYR B 65 5.65 10.06 4.32
CA TYR B 65 5.65 9.55 2.94
C TYR B 65 6.78 8.55 2.67
N HIS B 66 8.00 8.83 3.12
CA HIS B 66 9.15 7.93 2.92
C HIS B 66 8.89 6.55 3.57
N LEU B 67 8.38 6.52 4.81
CA LEU B 67 8.02 5.29 5.51
C LEU B 67 6.89 4.51 4.79
N LEU B 68 5.83 5.19 4.33
CA LEU B 68 4.78 4.56 3.52
C LEU B 68 5.35 3.96 2.22
N ALA B 69 6.05 4.78 1.43
CA ALA B 69 6.56 4.40 0.11
C ALA B 69 7.66 3.32 0.18
N GLU B 70 8.50 3.31 1.22
CA GLU B 70 9.52 2.27 1.45
C GLU B 70 8.90 0.90 1.75
N LYS B 71 7.88 0.82 2.62
CA LYS B 71 7.21 -0.46 2.90
C LYS B 71 6.32 -0.93 1.74
N ILE B 72 5.79 0.01 0.95
CA ILE B 72 5.13 -0.28 -0.34
C ILE B 72 6.11 -0.94 -1.31
N TYR B 73 7.29 -0.33 -1.47
CA TYR B 73 8.40 -0.90 -2.25
C TYR B 73 8.78 -2.29 -1.71
N LYS B 74 8.99 -2.47 -0.41
CA LYS B 74 9.27 -3.78 0.21
C LYS B 74 8.24 -4.85 -0.16
N ILE B 75 6.96 -4.59 0.07
CA ILE B 75 5.85 -5.51 -0.26
C ILE B 75 5.88 -5.89 -1.74
N GLN B 76 6.09 -4.92 -2.62
CA GLN B 76 6.03 -5.13 -4.07
C GLN B 76 7.27 -5.88 -4.60
N LYS B 77 8.47 -5.43 -4.21
CA LYS B 77 9.78 -6.03 -4.55
C LYS B 77 9.94 -7.46 -4.00
N GLU B 78 9.29 -7.76 -2.88
CA GLU B 78 9.21 -9.13 -2.35
C GLU B 78 8.24 -9.99 -3.17
N LEU B 79 7.00 -9.55 -3.37
CA LEU B 79 5.97 -10.33 -4.07
C LEU B 79 6.30 -10.62 -5.54
N GLU B 80 6.92 -9.70 -6.28
CA GLU B 80 7.41 -9.98 -7.65
C GLU B 80 8.48 -11.09 -7.74
N GLU B 81 9.03 -11.55 -6.61
CA GLU B 81 9.95 -12.71 -6.53
C GLU B 81 9.28 -13.91 -5.84
N LYS B 82 8.58 -13.70 -4.71
CA LYS B 82 7.84 -14.74 -3.96
C LYS B 82 6.65 -15.37 -4.73
N ARG B 83 6.31 -14.86 -5.92
CA ARG B 83 5.33 -15.44 -6.87
C ARG B 83 5.98 -16.02 -8.14
N ARG B 84 7.33 -16.08 -8.18
CA ARG B 84 8.15 -16.66 -9.27
C ARG B 84 9.23 -17.62 -8.76
N SER B 85 9.52 -17.61 -7.47
CA SER B 85 10.46 -18.50 -6.76
C SER B 85 10.07 -19.99 -6.73
N ARG B 86 8.79 -20.32 -7.01
CA ARG B 86 8.29 -21.68 -7.19
C ARG B 86 8.80 -22.29 -8.50
N LEU B 87 9.99 -22.88 -8.45
CA LEU B 87 10.76 -23.43 -9.58
C LEU B 87 11.45 -24.75 -9.17
N SER C 1 14.87 -3.98 18.68
CA SER C 1 15.51 -5.31 18.55
C SER C 1 15.47 -5.82 17.11
N ASP C 2 14.30 -6.24 16.60
CA ASP C 2 14.13 -6.78 15.24
C ASP C 2 12.73 -6.45 14.68
N ASP C 3 12.58 -6.40 13.35
CA ASP C 3 11.34 -6.10 12.65
C ASP C 3 11.26 -6.80 11.27
N GLY C 4 10.05 -6.85 10.69
CA GLY C 4 9.80 -7.43 9.36
C GLY C 4 8.35 -7.81 9.07
N ASN C 5 7.54 -8.05 10.11
CA ASN C 5 6.12 -8.44 10.05
C ASN C 5 5.15 -7.33 9.58
N ILE C 6 5.62 -6.38 8.75
CA ILE C 6 4.82 -5.26 8.21
C ILE C 6 3.80 -5.74 7.13
N LEU C 7 3.83 -7.04 6.79
CA LEU C 7 2.82 -7.76 5.99
C LEU C 7 2.46 -9.06 6.73
N PRO C 8 1.60 -8.97 7.77
CA PRO C 8 1.09 -10.09 8.57
C PRO C 8 0.64 -11.31 7.75
N SER C 9 1.01 -12.51 8.21
CA SER C 9 0.81 -13.78 7.49
C SER C 9 -0.64 -14.06 7.06
N ASP C 10 -1.62 -13.69 7.88
CA ASP C 10 -3.05 -13.91 7.60
C ASP C 10 -3.57 -13.09 6.39
N ILE C 11 -3.09 -11.85 6.22
CA ILE C 11 -3.35 -11.04 5.02
C ILE C 11 -2.42 -11.49 3.89
N MET C 12 -1.13 -11.76 4.17
CA MET C 12 -0.15 -12.17 3.17
C MET C 12 -0.63 -13.37 2.36
N ASP C 13 -1.11 -14.43 3.02
CA ASP C 13 -1.61 -15.65 2.36
C ASP C 13 -2.71 -15.37 1.30
N PHE C 14 -3.63 -14.45 1.59
CA PHE C 14 -4.62 -13.96 0.63
C PHE C 14 -3.94 -13.25 -0.55
N VAL C 15 -3.04 -12.27 -0.30
CA VAL C 15 -2.29 -11.58 -1.37
C VAL C 15 -1.51 -12.57 -2.24
N LEU C 16 -0.84 -13.57 -1.65
CA LEU C 16 -0.04 -14.56 -2.39
C LEU C 16 -0.89 -15.45 -3.31
N LYS C 17 -2.06 -15.90 -2.84
CA LYS C 17 -2.99 -16.73 -3.63
C LYS C 17 -3.63 -15.98 -4.78
N ASN C 18 -4.00 -14.71 -4.55
CA ASN C 18 -4.80 -13.93 -5.48
C ASN C 18 -4.10 -13.61 -6.81
N THR C 19 -2.88 -13.06 -6.78
CA THR C 19 -2.23 -12.52 -7.99
C THR C 19 -1.81 -13.55 -9.06
N PRO C 20 -1.39 -14.79 -8.75
CA PRO C 20 -1.17 -15.83 -9.77
C PRO C 20 -2.43 -16.23 -10.54
N SER C 21 -3.54 -16.54 -9.82
CA SER C 21 -4.74 -17.14 -10.42
C SER C 21 -6.00 -17.20 -9.54
N MET C 22 -5.90 -17.23 -8.20
CA MET C 22 -7.03 -17.51 -7.31
C MET C 22 -7.91 -16.27 -7.02
N GLN C 23 -8.42 -15.65 -8.09
CA GLN C 23 -9.27 -14.44 -8.08
C GLN C 23 -10.57 -14.55 -7.23
N ALA C 24 -11.01 -15.76 -6.89
CA ALA C 24 -12.32 -16.04 -6.28
C ALA C 24 -12.22 -16.91 -5.01
N LEU C 25 -11.11 -16.78 -4.25
CA LEU C 25 -10.84 -17.53 -3.01
C LEU C 25 -10.30 -16.61 -1.90
N GLY C 26 -10.74 -16.85 -0.66
CA GLY C 26 -10.21 -16.21 0.54
C GLY C 26 -11.11 -16.40 1.76
N GLU C 27 -10.61 -16.10 2.95
CA GLU C 27 -11.27 -16.33 4.24
C GLU C 27 -10.89 -15.24 5.26
N SER C 28 -11.75 -14.99 6.26
CA SER C 28 -11.58 -13.93 7.26
C SER C 28 -11.46 -14.52 8.68
N PRO C 29 -10.91 -13.79 9.68
CA PRO C 29 -10.75 -14.31 11.05
C PRO C 29 -12.10 -14.58 11.78
N GLU C 30 -13.22 -14.11 11.24
CA GLU C 30 -14.59 -14.40 11.73
C GLU C 30 -15.35 -15.47 10.91
N SER C 31 -14.77 -15.97 9.82
CA SER C 31 -15.36 -17.00 8.94
C SER C 31 -15.39 -18.39 9.60
N LYS A 1 17.39 -3.44 -12.85
CA LYS A 1 16.32 -2.52 -12.39
C LYS A 1 16.47 -1.12 -12.99
N GLU A 2 15.38 -0.35 -13.11
CA GLU A 2 15.38 0.99 -13.71
C GLU A 2 14.25 1.89 -13.15
N LYS A 3 13.85 2.95 -13.88
CA LYS A 3 12.86 3.99 -13.50
C LYS A 3 11.59 3.54 -12.80
N ARG A 4 11.13 2.29 -12.99
CA ARG A 4 10.05 1.66 -12.19
C ARG A 4 10.29 1.78 -10.68
N ILE A 5 11.55 1.75 -10.24
CA ILE A 5 11.99 1.93 -8.86
C ILE A 5 11.55 3.28 -8.29
N LYS A 6 11.86 4.38 -8.98
CA LYS A 6 11.39 5.72 -8.58
C LYS A 6 9.90 5.90 -8.83
N GLU A 7 9.37 5.33 -9.92
CA GLU A 7 7.94 5.36 -10.28
C GLU A 7 7.04 4.78 -9.17
N LEU A 8 7.40 3.62 -8.62
CA LEU A 8 6.69 2.97 -7.51
C LEU A 8 6.68 3.85 -6.25
N GLU A 9 7.81 4.46 -5.92
CA GLU A 9 7.95 5.37 -4.77
C GLU A 9 7.10 6.66 -4.98
N LEU A 10 7.21 7.25 -6.17
CA LEU A 10 6.52 8.46 -6.63
C LEU A 10 4.99 8.31 -6.71
N LEU A 11 4.45 7.11 -6.87
CA LEU A 11 2.99 6.85 -6.94
C LEU A 11 2.22 7.30 -5.70
N LEU A 12 2.78 7.18 -4.49
CA LEU A 12 2.22 7.76 -3.26
C LEU A 12 2.44 9.28 -3.15
N MET A 13 3.47 9.84 -3.78
CA MET A 13 3.73 11.28 -3.73
C MET A 13 2.81 12.04 -4.71
N SER A 14 2.51 11.43 -5.85
CA SER A 14 1.61 11.93 -6.91
C SER A 14 0.24 12.32 -6.36
N THR A 15 -0.21 11.66 -5.30
CA THR A 15 -1.42 11.97 -4.52
C THR A 15 -1.53 13.46 -4.16
N GLU A 16 -0.44 14.13 -3.79
CA GLU A 16 -0.47 15.55 -3.44
C GLU A 16 -0.79 16.47 -4.64
N ASN A 17 -0.43 16.07 -5.87
CA ASN A 17 -0.87 16.73 -7.10
C ASN A 17 -2.29 16.32 -7.51
N GLU A 18 -2.64 15.04 -7.39
CA GLU A 18 -3.97 14.50 -7.75
C GLU A 18 -5.10 15.21 -7.00
N LEU A 19 -4.92 15.47 -5.71
CA LEU A 19 -5.84 16.25 -4.87
C LEU A 19 -5.99 17.74 -5.27
N LYS A 20 -5.28 18.18 -6.31
CA LYS A 20 -5.32 19.53 -6.91
C LYS A 20 -5.54 19.50 -8.44
N GLY A 21 -5.68 18.30 -9.04
CA GLY A 21 -5.77 18.12 -10.50
C GLY A 21 -5.52 16.69 -10.98
N GLN A 22 -6.46 15.78 -10.71
CA GLN A 22 -6.38 14.35 -11.09
C GLN A 22 -6.10 14.08 -12.58
N GLN A 23 -6.45 15.01 -13.46
CA GLN A 23 -6.20 14.98 -14.91
C GLN A 23 -4.70 15.05 -15.29
N ALA A 24 -3.81 15.45 -14.37
CA ALA A 24 -2.40 15.73 -14.63
C ALA A 24 -1.45 15.17 -13.55
N LEU A 25 -0.14 15.40 -13.73
CA LEU A 25 0.98 14.85 -12.94
C LEU A 25 2.10 15.89 -12.74
N GLY B 1 0.90 11.00 19.79
CA GLY B 1 1.77 12.11 20.21
C GLY B 1 1.77 13.24 19.18
N VAL B 2 0.79 14.15 19.26
CA VAL B 2 0.59 15.27 18.31
C VAL B 2 1.62 16.42 18.51
N ARG B 3 2.33 16.44 19.65
CA ARG B 3 3.31 17.46 20.07
C ARG B 3 4.44 17.75 19.05
N LYS B 4 4.67 16.86 18.08
CA LYS B 4 5.59 17.07 16.93
C LYS B 4 5.18 18.24 16.01
N GLY B 5 3.91 18.67 16.07
CA GLY B 5 3.38 19.88 15.42
C GLY B 5 3.04 19.74 13.93
N TRP B 6 3.84 19.00 13.17
CA TRP B 6 3.64 18.77 11.72
C TRP B 6 2.32 18.07 11.38
N HIS B 7 1.74 17.36 12.35
CA HIS B 7 0.52 16.56 12.24
C HIS B 7 -0.68 17.34 11.68
N GLU B 8 -0.76 18.65 11.94
CA GLU B 8 -1.81 19.55 11.47
C GLU B 8 -1.80 19.79 9.94
N HIS B 9 -0.73 19.40 9.25
CA HIS B 9 -0.54 19.61 7.81
C HIS B 9 -0.97 18.43 6.92
N VAL B 10 -1.65 17.42 7.50
CA VAL B 10 -2.23 16.26 6.78
C VAL B 10 -3.75 16.32 6.85
N THR B 11 -4.40 16.65 5.73
CA THR B 11 -5.86 16.70 5.60
C THR B 11 -6.48 15.30 5.62
N GLN B 12 -7.78 15.22 5.93
CA GLN B 12 -8.55 13.97 5.84
C GLN B 12 -8.61 13.43 4.40
N ASP B 13 -8.61 14.33 3.39
CA ASP B 13 -8.54 13.96 1.97
C ASP B 13 -7.20 13.30 1.62
N LEU B 14 -6.08 13.86 2.08
CA LEU B 14 -4.75 13.27 1.91
C LEU B 14 -4.68 11.89 2.57
N ARG B 15 -5.16 11.79 3.82
CA ARG B 15 -5.25 10.52 4.57
C ARG B 15 -6.05 9.45 3.81
N SER B 16 -7.25 9.79 3.34
CA SER B 16 -8.14 8.87 2.63
C SER B 16 -7.50 8.31 1.36
N HIS B 17 -6.95 9.19 0.51
CA HIS B 17 -6.34 8.80 -0.73
C HIS B 17 -5.03 8.02 -0.51
N LEU B 18 -4.15 8.45 0.41
CA LEU B 18 -2.91 7.72 0.73
C LEU B 18 -3.17 6.31 1.25
N VAL B 19 -4.17 6.11 2.13
CA VAL B 19 -4.59 4.75 2.56
C VAL B 19 -5.04 3.92 1.35
N HIS B 20 -5.91 4.44 0.48
CA HIS B 20 -6.39 3.71 -0.69
C HIS B 20 -5.26 3.36 -1.69
N LYS B 21 -4.35 4.31 -1.93
CA LYS B 21 -3.14 4.10 -2.75
C LYS B 21 -2.26 2.98 -2.18
N LEU B 22 -2.06 2.95 -0.86
CA LEU B 22 -1.33 1.89 -0.17
C LEU B 22 -2.03 0.53 -0.37
N VAL B 23 -3.34 0.45 -0.12
CA VAL B 23 -4.14 -0.78 -0.33
C VAL B 23 -4.02 -1.31 -1.76
N GLN B 24 -4.11 -0.45 -2.78
CA GLN B 24 -3.95 -0.86 -4.19
C GLN B 24 -2.52 -1.28 -4.53
N ALA B 25 -1.50 -0.61 -3.99
CA ALA B 25 -0.12 -1.05 -4.21
C ALA B 25 0.23 -2.37 -3.48
N ILE B 26 -0.49 -2.71 -2.39
CA ILE B 26 -0.41 -4.04 -1.76
C ILE B 26 -1.12 -5.07 -2.64
N PHE B 27 -2.38 -4.83 -3.03
CA PHE B 27 -3.14 -5.69 -3.94
C PHE B 27 -4.03 -4.85 -4.89
N PRO B 28 -3.66 -4.76 -6.19
CA PRO B 28 -4.50 -4.21 -7.24
C PRO B 28 -5.76 -5.09 -7.47
N THR B 29 -6.86 -4.76 -6.80
CA THR B 29 -8.11 -5.55 -6.78
C THR B 29 -8.67 -5.81 -8.18
N PRO B 30 -9.18 -7.03 -8.47
CA PRO B 30 -9.59 -7.42 -9.82
C PRO B 30 -10.87 -6.70 -10.30
N ASP B 31 -11.77 -6.34 -9.37
CA ASP B 31 -13.10 -5.78 -9.63
C ASP B 31 -13.63 -4.99 -8.41
N PRO B 32 -14.71 -4.21 -8.54
CA PRO B 32 -15.23 -3.38 -7.45
C PRO B 32 -15.90 -4.17 -6.31
N ALA B 33 -16.28 -5.44 -6.50
CA ALA B 33 -16.72 -6.30 -5.40
C ALA B 33 -15.52 -6.83 -4.57
N ALA B 34 -14.37 -7.11 -5.20
CA ALA B 34 -13.17 -7.55 -4.49
C ALA B 34 -12.65 -6.53 -3.45
N LEU B 35 -12.83 -5.22 -3.68
CA LEU B 35 -12.57 -4.12 -2.74
C LEU B 35 -13.22 -4.31 -1.35
N LYS B 36 -14.32 -5.07 -1.28
CA LYS B 36 -15.14 -5.31 -0.08
C LYS B 36 -15.33 -6.79 0.26
N ASP B 37 -14.50 -7.67 -0.30
CA ASP B 37 -14.42 -9.08 0.10
C ASP B 37 -14.05 -9.20 1.59
N ARG B 38 -14.57 -10.23 2.28
CA ARG B 38 -14.28 -10.50 3.71
C ARG B 38 -12.79 -10.55 4.07
N ARG B 39 -11.90 -10.94 3.16
CA ARG B 39 -10.43 -10.90 3.36
C ARG B 39 -9.80 -9.57 2.90
N MET B 40 -10.39 -8.88 1.92
CA MET B 40 -9.95 -7.52 1.54
C MET B 40 -10.23 -6.50 2.67
N GLU B 41 -11.36 -6.60 3.37
CA GLU B 41 -11.70 -5.78 4.53
C GLU B 41 -10.64 -5.89 5.66
N ASN B 42 -10.11 -7.09 5.88
CA ASN B 42 -9.02 -7.31 6.84
C ASN B 42 -7.70 -6.67 6.37
N LEU B 43 -7.38 -6.73 5.08
CA LEU B 43 -6.24 -6.03 4.48
C LEU B 43 -6.40 -4.50 4.62
N VAL B 44 -7.57 -3.96 4.28
CA VAL B 44 -7.95 -2.55 4.44
C VAL B 44 -7.77 -2.07 5.88
N ALA B 45 -8.18 -2.86 6.88
CA ALA B 45 -8.02 -2.56 8.29
C ALA B 45 -6.55 -2.57 8.76
N TYR B 46 -5.76 -3.58 8.36
CA TYR B 46 -4.32 -3.63 8.62
C TYR B 46 -3.60 -2.45 7.96
N ALA B 47 -3.92 -2.13 6.70
CA ALA B 47 -3.39 -0.97 6.00
C ALA B 47 -3.70 0.35 6.74
N LYS B 48 -4.95 0.55 7.18
CA LYS B 48 -5.33 1.72 8.01
C LYS B 48 -4.53 1.80 9.33
N LYS B 49 -4.38 0.66 10.02
CA LYS B 49 -3.63 0.55 11.29
C LYS B 49 -2.16 0.91 11.13
N VAL B 50 -1.47 0.32 10.14
CA VAL B 50 -0.02 0.57 9.91
C VAL B 50 0.22 1.95 9.30
N GLU B 51 -0.69 2.50 8.48
CA GLU B 51 -0.61 3.90 8.04
C GLU B 51 -0.52 4.87 9.24
N GLY B 52 -1.31 4.63 10.28
CA GLY B 52 -1.28 5.37 11.55
C GLY B 52 -0.02 5.13 12.39
N ASP B 53 0.57 3.93 12.34
CA ASP B 53 1.81 3.62 13.06
C ASP B 53 3.02 4.32 12.44
N MET B 54 3.09 4.35 11.10
CA MET B 54 4.12 5.06 10.33
C MET B 54 4.00 6.59 10.51
N TYR B 55 2.78 7.11 10.53
CA TYR B 55 2.47 8.50 10.87
C TYR B 55 2.93 8.89 12.27
N GLU B 56 2.60 8.08 13.29
CA GLU B 56 3.07 8.29 14.67
C GLU B 56 4.61 8.22 14.81
N SER B 57 5.26 7.42 13.97
CA SER B 57 6.71 7.17 14.05
C SER B 57 7.58 8.25 13.39
N ALA B 58 7.02 9.11 12.53
CA ALA B 58 7.76 10.10 11.77
C ALA B 58 7.94 11.44 12.52
N ASN B 59 9.10 12.06 12.34
CA ASN B 59 9.42 13.40 12.86
C ASN B 59 9.05 14.55 11.88
N SER B 60 8.59 14.23 10.67
CA SER B 60 8.07 15.19 9.68
C SER B 60 7.04 14.56 8.75
N ARG B 61 6.26 15.41 8.05
CA ARG B 61 5.27 14.98 7.04
C ARG B 61 5.92 14.24 5.87
N ASP B 62 7.08 14.72 5.42
CA ASP B 62 7.88 14.08 4.38
C ASP B 62 8.41 12.70 4.81
N GLU B 63 8.88 12.55 6.06
CA GLU B 63 9.28 11.25 6.61
C GLU B 63 8.10 10.28 6.76
N TYR B 64 6.91 10.78 7.14
CA TYR B 64 5.67 9.99 7.17
C TYR B 64 5.34 9.40 5.79
N TYR B 65 5.25 10.23 4.76
CA TYR B 65 5.13 9.76 3.36
C TYR B 65 6.25 8.77 2.98
N HIS B 66 7.51 9.05 3.34
CA HIS B 66 8.65 8.19 3.00
C HIS B 66 8.54 6.81 3.65
N LEU B 67 8.09 6.72 4.91
CA LEU B 67 7.82 5.45 5.59
C LEU B 67 6.66 4.67 4.94
N LEU B 68 5.58 5.35 4.53
CA LEU B 68 4.50 4.73 3.75
C LEU B 68 5.01 4.14 2.43
N ALA B 69 5.78 4.91 1.66
CA ALA B 69 6.28 4.47 0.37
C ALA B 69 7.41 3.42 0.47
N GLU B 70 8.21 3.44 1.54
CA GLU B 70 9.19 2.38 1.84
C GLU B 70 8.50 1.03 2.13
N LYS B 71 7.39 1.01 2.88
CA LYS B 71 6.54 -0.18 3.06
C LYS B 71 5.96 -0.67 1.72
N ILE B 72 5.65 0.22 0.78
CA ILE B 72 5.21 -0.17 -0.57
C ILE B 72 6.33 -0.82 -1.39
N TYR B 73 7.53 -0.25 -1.40
CA TYR B 73 8.70 -0.89 -2.02
C TYR B 73 8.98 -2.26 -1.38
N LYS B 74 9.01 -2.32 -0.04
CA LYS B 74 9.11 -3.55 0.76
C LYS B 74 8.13 -4.63 0.31
N ILE B 75 6.83 -4.33 0.32
CA ILE B 75 5.78 -5.30 -0.04
C ILE B 75 5.86 -5.69 -1.50
N GLN B 76 5.81 -4.73 -2.42
CA GLN B 76 5.66 -5.02 -3.85
C GLN B 76 6.92 -5.63 -4.50
N LYS B 77 8.13 -5.21 -4.12
CA LYS B 77 9.38 -5.84 -4.61
C LYS B 77 9.53 -7.28 -4.10
N GLU B 78 9.23 -7.52 -2.83
CA GLU B 78 9.32 -8.86 -2.23
C GLU B 78 8.24 -9.81 -2.79
N LEU B 79 7.01 -9.34 -2.99
CA LEU B 79 5.93 -10.12 -3.62
C LEU B 79 6.21 -10.45 -5.09
N GLU B 80 6.67 -9.50 -5.90
CA GLU B 80 6.92 -9.76 -7.33
C GLU B 80 7.89 -10.93 -7.54
N GLU B 81 8.92 -11.07 -6.71
CA GLU B 81 9.82 -12.24 -6.73
C GLU B 81 9.07 -13.56 -6.50
N LYS B 82 8.14 -13.59 -5.55
CA LYS B 82 7.28 -14.76 -5.23
C LYS B 82 6.18 -15.03 -6.26
N ARG B 83 5.97 -14.14 -7.24
CA ARG B 83 4.96 -14.25 -8.31
C ARG B 83 5.57 -14.43 -9.71
N ARG B 84 6.83 -14.04 -9.91
CA ARG B 84 7.63 -14.34 -11.12
C ARG B 84 7.94 -15.84 -11.27
N SER B 85 7.81 -16.62 -10.19
CA SER B 85 7.87 -18.08 -10.17
C SER B 85 6.94 -18.72 -11.22
N ARG B 86 7.52 -19.41 -12.22
CA ARG B 86 6.79 -20.17 -13.26
C ARG B 86 6.34 -21.54 -12.71
N LEU B 87 5.35 -21.49 -11.82
CA LEU B 87 4.70 -22.63 -11.15
C LEU B 87 4.27 -23.74 -12.13
N SER C 1 9.21 -0.77 16.84
CA SER C 1 8.41 -2.02 17.00
C SER C 1 8.55 -2.92 15.77
N ASP C 2 8.76 -4.22 15.97
CA ASP C 2 8.94 -5.23 14.92
C ASP C 2 8.53 -6.64 15.42
N ASP C 3 8.26 -7.55 14.47
CA ASP C 3 8.00 -8.98 14.69
C ASP C 3 8.64 -9.90 13.63
N GLY C 4 9.36 -9.33 12.64
CA GLY C 4 9.99 -10.04 11.52
C GLY C 4 9.30 -9.82 10.17
N ASN C 5 8.17 -9.12 10.15
CA ASN C 5 7.33 -8.81 8.98
C ASN C 5 6.55 -7.50 9.16
N ILE C 6 5.87 -7.04 8.10
CA ILE C 6 4.92 -5.92 8.14
C ILE C 6 3.57 -6.35 7.54
N LEU C 7 3.59 -6.97 6.34
CA LEU C 7 2.46 -7.65 5.72
C LEU C 7 2.08 -8.88 6.57
N PRO C 8 0.87 -8.93 7.18
CA PRO C 8 0.34 -10.09 7.90
C PRO C 8 0.39 -11.37 7.05
N SER C 9 0.82 -12.50 7.61
CA SER C 9 0.97 -13.77 6.86
C SER C 9 -0.36 -14.32 6.31
N ASP C 10 -1.46 -14.18 7.05
CA ASP C 10 -2.81 -14.54 6.62
C ASP C 10 -3.38 -13.61 5.53
N ILE C 11 -2.90 -12.36 5.46
CA ILE C 11 -3.18 -11.43 4.35
C ILE C 11 -2.30 -11.74 3.14
N MET C 12 -1.00 -12.04 3.35
CA MET C 12 -0.07 -12.39 2.26
C MET C 12 -0.62 -13.51 1.39
N ASP C 13 -1.16 -14.58 2.00
CA ASP C 13 -1.84 -15.68 1.29
C ASP C 13 -2.94 -15.19 0.32
N PHE C 14 -3.79 -14.26 0.76
CA PHE C 14 -4.83 -13.65 -0.08
C PHE C 14 -4.23 -12.83 -1.23
N VAL C 15 -3.23 -11.99 -0.93
CA VAL C 15 -2.53 -11.16 -1.93
C VAL C 15 -1.80 -12.04 -2.97
N LEU C 16 -1.19 -13.17 -2.56
CA LEU C 16 -0.51 -14.09 -3.48
C LEU C 16 -1.49 -14.80 -4.43
N LYS C 17 -2.62 -15.27 -3.91
CA LYS C 17 -3.61 -16.09 -4.65
C LYS C 17 -4.49 -15.29 -5.62
N ASN C 18 -4.72 -14.00 -5.34
CA ASN C 18 -5.66 -13.20 -6.12
C ASN C 18 -5.18 -12.79 -7.52
N THR C 19 -3.91 -12.40 -7.66
CA THR C 19 -3.39 -11.82 -8.92
C THR C 19 -3.10 -12.83 -10.06
N PRO C 20 -2.64 -14.08 -9.84
CA PRO C 20 -2.59 -15.08 -10.90
C PRO C 20 -3.97 -15.72 -11.16
N SER C 21 -4.09 -16.50 -12.23
CA SER C 21 -5.31 -17.27 -12.57
C SER C 21 -5.67 -18.37 -11.54
N MET C 22 -4.75 -18.71 -10.63
CA MET C 22 -4.91 -19.68 -9.53
C MET C 22 -5.78 -19.16 -8.36
N GLN C 23 -6.88 -18.49 -8.68
CA GLN C 23 -7.77 -17.82 -7.71
C GLN C 23 -8.32 -18.76 -6.61
N ALA C 24 -8.54 -18.18 -5.42
CA ALA C 24 -9.09 -18.85 -4.26
C ALA C 24 -10.62 -19.11 -4.36
N LEU C 25 -11.13 -20.01 -3.51
CA LEU C 25 -12.56 -20.32 -3.35
C LEU C 25 -12.86 -20.75 -1.90
N GLY C 26 -14.04 -20.40 -1.39
CA GLY C 26 -14.49 -20.75 -0.04
C GLY C 26 -15.76 -20.01 0.39
N GLU C 27 -16.12 -20.16 1.66
CA GLU C 27 -17.26 -19.49 2.30
C GLU C 27 -17.18 -17.95 2.33
N SER C 28 -18.31 -17.30 2.60
CA SER C 28 -18.45 -15.84 2.71
C SER C 28 -19.62 -15.46 3.64
N PRO C 29 -19.56 -14.34 4.38
CA PRO C 29 -20.65 -13.89 5.26
C PRO C 29 -21.90 -13.37 4.51
N GLU C 30 -21.83 -13.18 3.19
CA GLU C 30 -22.95 -12.78 2.32
C GLU C 30 -22.94 -13.57 0.99
N SER C 31 -24.08 -13.60 0.30
CA SER C 31 -24.29 -14.26 -1.02
C SER C 31 -25.47 -13.63 -1.79
N LYS A 1 17.10 -0.83 -10.90
CA LYS A 1 15.74 -0.52 -10.39
C LYS A 1 15.45 0.97 -10.12
N GLU A 2 16.45 1.84 -9.90
CA GLU A 2 16.27 3.23 -9.40
C GLU A 2 15.11 4.04 -10.02
N LYS A 3 14.91 4.02 -11.34
CA LYS A 3 13.78 4.68 -12.02
C LYS A 3 12.43 4.14 -11.55
N ARG A 4 12.26 2.81 -11.49
CA ARG A 4 11.08 2.13 -10.95
C ARG A 4 10.92 2.35 -9.43
N ILE A 5 12.01 2.48 -8.67
CA ILE A 5 11.92 2.85 -7.24
C ILE A 5 11.31 4.25 -7.08
N LYS A 6 11.84 5.25 -7.79
CA LYS A 6 11.30 6.62 -7.81
C LYS A 6 9.86 6.66 -8.33
N GLU A 7 9.55 5.89 -9.38
CA GLU A 7 8.22 5.74 -9.97
C GLU A 7 7.16 5.31 -8.93
N LEU A 8 7.41 4.23 -8.18
CA LEU A 8 6.48 3.75 -7.15
C LEU A 8 6.38 4.73 -5.96
N GLU A 9 7.49 5.33 -5.54
CA GLU A 9 7.48 6.32 -4.45
C GLU A 9 6.67 7.57 -4.81
N LEU A 10 6.84 8.08 -6.04
CA LEU A 10 6.15 9.26 -6.57
C LEU A 10 4.63 9.07 -6.71
N LEU A 11 4.16 7.85 -7.00
CA LEU A 11 2.72 7.51 -7.02
C LEU A 11 2.01 7.81 -5.69
N LEU A 12 2.70 7.63 -4.56
CA LEU A 12 2.22 8.07 -3.24
C LEU A 12 2.45 9.58 -3.06
N MET A 13 3.69 10.06 -3.21
CA MET A 13 4.07 11.44 -2.88
C MET A 13 3.27 12.54 -3.62
N SER A 14 2.84 12.28 -4.85
CA SER A 14 2.06 13.24 -5.67
C SER A 14 0.64 13.51 -5.15
N THR A 15 0.09 12.63 -4.32
CA THR A 15 -1.33 12.64 -3.91
C THR A 15 -1.80 13.92 -3.25
N GLU A 16 -0.98 14.64 -2.48
CA GLU A 16 -1.38 15.93 -1.90
C GLU A 16 -1.76 17.01 -2.94
N ASN A 17 -1.25 16.92 -4.18
CA ASN A 17 -1.67 17.77 -5.29
C ASN A 17 -3.01 17.33 -5.91
N GLU A 18 -3.38 16.05 -5.79
CA GLU A 18 -4.65 15.49 -6.28
C GLU A 18 -5.83 15.86 -5.36
N LEU A 19 -5.60 15.93 -4.04
CA LEU A 19 -6.60 16.35 -3.04
C LEU A 19 -7.08 17.82 -3.17
N LYS A 20 -6.45 18.62 -4.04
CA LYS A 20 -6.85 20.00 -4.36
C LYS A 20 -8.19 20.12 -5.10
N GLY A 21 -8.80 19.01 -5.54
CA GLY A 21 -10.07 18.99 -6.28
C GLY A 21 -10.89 17.71 -6.08
N GLN A 22 -12.05 17.66 -6.74
CA GLN A 22 -13.06 16.59 -6.60
C GLN A 22 -12.74 15.30 -7.41
N GLN A 23 -11.65 15.29 -8.17
CA GLN A 23 -11.19 14.16 -9.02
C GLN A 23 -9.67 13.97 -8.91
N ALA A 24 -9.18 12.78 -9.28
CA ALA A 24 -7.76 12.40 -9.26
C ALA A 24 -7.40 11.42 -10.40
N LEU A 25 -6.11 11.36 -10.74
CA LEU A 25 -5.52 10.43 -11.73
C LEU A 25 -5.77 8.94 -11.38
N GLY B 1 7.85 17.75 23.74
CA GLY B 1 7.35 16.81 22.71
C GLY B 1 8.19 16.83 21.45
N VAL B 2 8.13 15.76 20.66
CA VAL B 2 8.85 15.64 19.36
C VAL B 2 8.34 16.68 18.35
N ARG B 3 9.24 17.16 17.49
CA ARG B 3 9.09 18.25 16.49
C ARG B 3 8.07 18.03 15.35
N LYS B 4 7.07 17.16 15.53
CA LYS B 4 6.04 16.73 14.56
C LYS B 4 5.01 17.83 14.17
N GLY B 5 5.41 19.10 14.13
CA GLY B 5 4.60 20.23 13.66
C GLY B 5 4.13 20.11 12.20
N TRP B 6 4.77 19.24 11.40
CA TRP B 6 4.42 18.95 10.00
C TRP B 6 2.97 18.47 9.78
N HIS B 7 2.31 17.97 10.82
CA HIS B 7 0.91 17.53 10.79
C HIS B 7 -0.07 18.65 10.35
N GLU B 8 0.32 19.93 10.49
CA GLU B 8 -0.42 21.10 10.00
C GLU B 8 -0.65 21.10 8.47
N HIS B 9 0.15 20.34 7.70
CA HIS B 9 0.05 20.24 6.24
C HIS B 9 -0.86 19.09 5.76
N VAL B 10 -1.52 18.38 6.69
CA VAL B 10 -2.32 17.16 6.43
C VAL B 10 -3.80 17.40 6.72
N THR B 11 -4.69 16.66 6.04
CA THR B 11 -6.15 16.65 6.25
C THR B 11 -6.66 15.21 6.35
N GLN B 12 -7.83 15.01 6.98
CA GLN B 12 -8.45 13.68 7.08
C GLN B 12 -8.75 13.07 5.70
N ASP B 13 -9.11 13.89 4.71
CA ASP B 13 -9.30 13.44 3.32
C ASP B 13 -8.00 12.90 2.71
N LEU B 14 -6.85 13.52 2.98
CA LEU B 14 -5.55 13.00 2.57
C LEU B 14 -5.20 11.68 3.28
N ARG B 15 -5.46 11.57 4.60
CA ARG B 15 -5.29 10.30 5.36
C ARG B 15 -6.11 9.16 4.73
N SER B 16 -7.39 9.39 4.46
CA SER B 16 -8.30 8.42 3.80
C SER B 16 -7.77 7.97 2.44
N HIS B 17 -7.39 8.93 1.60
CA HIS B 17 -6.90 8.63 0.25
C HIS B 17 -5.52 7.95 0.28
N LEU B 18 -4.59 8.31 1.19
CA LEU B 18 -3.32 7.60 1.34
C LEU B 18 -3.52 6.15 1.82
N VAL B 19 -4.50 5.87 2.70
CA VAL B 19 -4.90 4.48 3.02
C VAL B 19 -5.35 3.76 1.74
N HIS B 20 -6.22 4.38 0.95
CA HIS B 20 -6.65 3.86 -0.35
C HIS B 20 -5.46 3.59 -1.30
N LYS B 21 -4.53 4.54 -1.43
CA LYS B 21 -3.33 4.43 -2.27
C LYS B 21 -2.42 3.29 -1.79
N LEU B 22 -2.31 3.11 -0.48
CA LEU B 22 -1.65 1.96 0.15
C LEU B 22 -2.33 0.66 -0.35
N VAL B 23 -3.64 0.52 -0.14
CA VAL B 23 -4.42 -0.67 -0.49
C VAL B 23 -4.30 -1.05 -1.98
N GLN B 24 -4.39 -0.07 -2.89
CA GLN B 24 -4.26 -0.31 -4.35
C GLN B 24 -2.93 -0.96 -4.75
N ALA B 25 -1.83 -0.52 -4.14
CA ALA B 25 -0.50 -1.11 -4.35
C ALA B 25 -0.31 -2.44 -3.61
N ILE B 26 -0.80 -2.53 -2.37
CA ILE B 26 -0.73 -3.73 -1.51
C ILE B 26 -1.39 -4.93 -2.20
N PHE B 27 -2.60 -4.76 -2.76
CA PHE B 27 -3.24 -5.75 -3.62
C PHE B 27 -3.97 -5.06 -4.78
N PRO B 28 -3.38 -5.05 -5.99
CA PRO B 28 -4.06 -4.63 -7.21
C PRO B 28 -5.10 -5.69 -7.60
N THR B 29 -6.36 -5.46 -7.19
CA THR B 29 -7.48 -6.41 -7.28
C THR B 29 -7.75 -6.98 -8.69
N PRO B 30 -8.24 -8.23 -8.79
CA PRO B 30 -8.50 -8.89 -10.07
C PRO B 30 -9.70 -8.31 -10.83
N ASP B 31 -10.65 -7.73 -10.10
CA ASP B 31 -11.97 -7.28 -10.57
C ASP B 31 -12.56 -6.26 -9.56
N PRO B 32 -13.39 -5.29 -9.98
CA PRO B 32 -13.92 -4.29 -9.06
C PRO B 32 -14.90 -4.85 -8.01
N ALA B 33 -15.41 -6.07 -8.17
CA ALA B 33 -16.16 -6.76 -7.10
C ALA B 33 -15.23 -7.27 -5.98
N ALA B 34 -13.97 -7.62 -6.29
CA ALA B 34 -12.99 -8.11 -5.31
C ALA B 34 -12.59 -7.02 -4.29
N LEU B 35 -12.68 -5.73 -4.66
CA LEU B 35 -12.53 -4.58 -3.76
C LEU B 35 -13.50 -4.58 -2.56
N LYS B 36 -14.64 -5.28 -2.68
CA LYS B 36 -15.77 -5.22 -1.74
C LYS B 36 -15.88 -6.45 -0.82
N ASP B 37 -15.08 -7.49 -1.04
CA ASP B 37 -15.08 -8.71 -0.22
C ASP B 37 -14.61 -8.45 1.23
N ARG B 38 -15.09 -9.23 2.20
CA ARG B 38 -14.70 -9.10 3.63
C ARG B 38 -13.21 -9.42 3.85
N ARG B 39 -12.66 -10.25 2.98
CA ARG B 39 -11.20 -10.56 2.91
C ARG B 39 -10.38 -9.35 2.46
N MET B 40 -10.93 -8.52 1.56
CA MET B 40 -10.35 -7.23 1.19
C MET B 40 -10.55 -6.17 2.30
N GLU B 41 -11.68 -6.17 3.00
CA GLU B 41 -11.92 -5.33 4.19
C GLU B 41 -10.91 -5.60 5.33
N ASN B 42 -10.51 -6.86 5.52
CA ASN B 42 -9.41 -7.22 6.43
C ASN B 42 -8.07 -6.62 5.98
N LEU B 43 -7.78 -6.63 4.67
CA LEU B 43 -6.59 -5.99 4.09
C LEU B 43 -6.61 -4.46 4.21
N VAL B 44 -7.79 -3.85 4.03
CA VAL B 44 -8.06 -2.42 4.27
C VAL B 44 -7.78 -2.03 5.73
N ALA B 45 -8.20 -2.83 6.71
CA ALA B 45 -7.90 -2.63 8.13
C ALA B 45 -6.41 -2.79 8.45
N TYR B 46 -5.74 -3.78 7.85
CA TYR B 46 -4.28 -3.95 7.89
C TYR B 46 -3.55 -2.72 7.32
N ALA B 47 -4.00 -2.18 6.17
CA ALA B 47 -3.47 -0.96 5.59
C ALA B 47 -3.70 0.27 6.50
N LYS B 48 -4.88 0.40 7.14
CA LYS B 48 -5.14 1.44 8.15
C LYS B 48 -4.17 1.37 9.34
N LYS B 49 -3.91 0.16 9.86
CA LYS B 49 -2.94 -0.09 10.95
C LYS B 49 -1.52 0.31 10.54
N VAL B 50 -1.06 -0.07 9.35
CA VAL B 50 0.24 0.36 8.81
C VAL B 50 0.30 1.88 8.66
N GLU B 51 -0.68 2.50 7.99
CA GLU B 51 -0.71 3.95 7.76
C GLU B 51 -0.62 4.76 9.06
N GLY B 52 -1.39 4.37 10.09
CA GLY B 52 -1.36 4.98 11.42
C GLY B 52 -0.02 4.83 12.15
N ASP B 53 0.70 3.72 11.94
CA ASP B 53 2.00 3.48 12.58
C ASP B 53 3.13 4.29 11.92
N MET B 54 3.08 4.44 10.59
CA MET B 54 4.02 5.26 9.83
C MET B 54 3.82 6.76 10.15
N TYR B 55 2.57 7.21 10.28
CA TYR B 55 2.18 8.55 10.73
C TYR B 55 2.67 8.87 12.15
N GLU B 56 2.48 7.94 13.10
CA GLU B 56 2.98 8.06 14.47
C GLU B 56 4.53 8.10 14.55
N SER B 57 5.21 7.48 13.59
CA SER B 57 6.69 7.37 13.60
C SER B 57 7.42 8.56 12.95
N ALA B 58 6.85 9.12 11.88
CA ALA B 58 7.52 10.11 11.02
C ALA B 58 7.83 11.46 11.69
N ASN B 59 9.11 11.85 11.66
CA ASN B 59 9.62 13.15 12.09
C ASN B 59 9.23 14.31 11.14
N SER B 60 8.90 14.03 9.88
CA SER B 60 8.55 15.03 8.85
C SER B 60 7.54 14.49 7.82
N ARG B 61 6.92 15.40 7.05
CA ARG B 61 6.02 15.08 5.91
C ARG B 61 6.70 14.20 4.86
N ASP B 62 7.96 14.51 4.54
CA ASP B 62 8.78 13.74 3.61
C ASP B 62 9.10 12.34 4.16
N GLU B 63 9.45 12.22 5.44
CA GLU B 63 9.70 10.93 6.09
C GLU B 63 8.42 10.09 6.21
N TYR B 64 7.26 10.70 6.42
CA TYR B 64 5.95 10.04 6.44
C TYR B 64 5.63 9.34 5.11
N TYR B 65 5.56 10.09 4.02
CA TYR B 65 5.48 9.51 2.67
C TYR B 65 6.56 8.46 2.39
N HIS B 66 7.82 8.70 2.76
CA HIS B 66 8.91 7.75 2.57
C HIS B 66 8.69 6.43 3.34
N LEU B 67 8.24 6.48 4.60
CA LEU B 67 7.92 5.31 5.41
C LEU B 67 6.71 4.53 4.85
N LEU B 68 5.64 5.22 4.45
CA LEU B 68 4.52 4.60 3.72
C LEU B 68 5.02 3.89 2.46
N ALA B 69 5.75 4.61 1.60
CA ALA B 69 6.29 4.11 0.34
C ALA B 69 7.31 2.97 0.51
N GLU B 70 8.11 2.94 1.58
CA GLU B 70 9.07 1.88 1.91
C GLU B 70 8.38 0.55 2.26
N LYS B 71 7.37 0.59 3.15
CA LYS B 71 6.56 -0.59 3.50
C LYS B 71 5.79 -1.10 2.29
N ILE B 72 5.26 -0.17 1.50
CA ILE B 72 4.68 -0.43 0.18
C ILE B 72 5.68 -1.14 -0.73
N TYR B 73 6.98 -0.78 -0.70
CA TYR B 73 7.98 -1.38 -1.56
C TYR B 73 8.33 -2.82 -1.14
N LYS B 74 8.48 -3.09 0.16
CA LYS B 74 8.61 -4.46 0.69
C LYS B 74 7.47 -5.31 0.14
N ILE B 75 6.23 -4.89 0.40
CA ILE B 75 5.03 -5.60 -0.08
C ILE B 75 5.06 -5.79 -1.61
N GLN B 76 5.25 -4.72 -2.40
CA GLN B 76 5.18 -4.78 -3.86
C GLN B 76 6.21 -5.74 -4.47
N LYS B 77 7.49 -5.64 -4.09
CA LYS B 77 8.58 -6.48 -4.62
C LYS B 77 8.46 -7.93 -4.20
N GLU B 78 8.32 -8.14 -2.90
CA GLU B 78 8.21 -9.47 -2.28
C GLU B 78 7.03 -10.29 -2.83
N LEU B 79 5.93 -9.63 -3.22
CA LEU B 79 4.83 -10.26 -3.95
C LEU B 79 5.21 -10.49 -5.42
N GLU B 80 5.52 -9.42 -6.18
CA GLU B 80 5.70 -9.47 -7.63
C GLU B 80 6.84 -10.39 -8.09
N GLU B 81 8.02 -10.26 -7.50
CA GLU B 81 9.22 -11.00 -7.91
C GLU B 81 9.20 -12.48 -7.47
N LYS B 82 8.21 -12.88 -6.65
CA LYS B 82 7.91 -14.28 -6.30
C LYS B 82 6.68 -14.82 -7.04
N ARG B 83 5.73 -13.96 -7.43
CA ARG B 83 4.61 -14.30 -8.33
C ARG B 83 5.14 -14.60 -9.75
N ARG B 84 6.22 -13.94 -10.17
CA ARG B 84 6.97 -14.20 -11.42
C ARG B 84 7.52 -15.63 -11.52
N SER B 85 7.86 -16.25 -10.39
CA SER B 85 8.50 -17.58 -10.31
C SER B 85 7.68 -18.77 -10.82
N ARG B 86 6.37 -18.58 -11.10
CA ARG B 86 5.48 -19.60 -11.68
C ARG B 86 5.86 -20.11 -13.08
N LEU B 87 6.69 -19.36 -13.81
CA LEU B 87 7.16 -19.65 -15.18
C LEU B 87 7.78 -21.06 -15.32
N SER C 1 12.10 -3.61 18.47
CA SER C 1 12.87 -4.32 19.52
C SER C 1 12.95 -5.82 19.19
N ASP C 2 11.95 -6.62 19.56
CA ASP C 2 11.80 -8.03 19.17
C ASP C 2 11.54 -8.19 17.65
N ASP C 3 11.75 -9.39 17.12
CA ASP C 3 11.52 -9.74 15.71
C ASP C 3 10.03 -9.66 15.30
N GLY C 4 9.77 -9.54 14.00
CA GLY C 4 8.42 -9.44 13.42
C GLY C 4 8.42 -9.32 11.89
N ASN C 5 7.24 -9.12 11.30
CA ASN C 5 7.03 -8.95 9.86
C ASN C 5 5.89 -7.93 9.60
N ILE C 6 6.14 -6.97 8.69
CA ILE C 6 5.17 -5.96 8.21
C ILE C 6 3.93 -6.59 7.55
N LEU C 7 4.01 -7.82 7.04
CA LEU C 7 3.01 -8.49 6.20
C LEU C 7 2.60 -9.86 6.82
N PRO C 8 1.67 -9.88 7.81
CA PRO C 8 1.18 -11.08 8.50
C PRO C 8 0.71 -12.21 7.58
N SER C 9 0.99 -13.46 7.96
CA SER C 9 0.77 -14.66 7.13
C SER C 9 -0.66 -14.84 6.60
N ASP C 10 -1.67 -14.60 7.43
CA ASP C 10 -3.09 -14.76 7.03
C ASP C 10 -3.55 -13.74 5.98
N ILE C 11 -3.10 -12.48 6.13
CA ILE C 11 -3.24 -11.42 5.12
C ILE C 11 -2.42 -11.75 3.86
N MET C 12 -1.16 -12.16 4.04
CA MET C 12 -0.21 -12.43 2.96
C MET C 12 -0.73 -13.50 2.00
N ASP C 13 -1.13 -14.67 2.51
CA ASP C 13 -1.56 -15.81 1.69
C ASP C 13 -2.70 -15.46 0.71
N PHE C 14 -3.69 -14.68 1.17
CA PHE C 14 -4.78 -14.18 0.32
C PHE C 14 -4.26 -13.30 -0.83
N VAL C 15 -3.33 -12.37 -0.54
CA VAL C 15 -2.71 -11.52 -1.58
C VAL C 15 -1.83 -12.33 -2.52
N LEU C 16 -1.01 -13.28 -2.04
CA LEU C 16 -0.16 -14.13 -2.90
C LEU C 16 -0.99 -15.01 -3.84
N LYS C 17 -2.14 -15.53 -3.38
CA LYS C 17 -3.06 -16.36 -4.17
C LYS C 17 -3.72 -15.56 -5.30
N ASN C 18 -4.21 -14.36 -4.99
CA ASN C 18 -4.99 -13.54 -5.92
C ASN C 18 -4.16 -12.75 -6.95
N THR C 19 -3.03 -12.15 -6.53
CA THR C 19 -2.23 -11.26 -7.40
C THR C 19 -1.68 -11.83 -8.72
N PRO C 20 -1.38 -13.15 -8.89
CA PRO C 20 -1.00 -13.69 -10.20
C PRO C 20 -2.18 -13.87 -11.18
N SER C 21 -3.44 -13.81 -10.71
CA SER C 21 -4.64 -13.92 -11.56
C SER C 21 -4.94 -12.63 -12.33
N MET C 22 -5.73 -12.75 -13.42
CA MET C 22 -6.12 -11.64 -14.30
C MET C 22 -7.48 -11.92 -14.98
N GLN C 23 -8.07 -10.89 -15.59
CA GLN C 23 -9.31 -10.94 -16.39
C GLN C 23 -9.22 -11.93 -17.59
N ALA C 24 -10.38 -12.27 -18.17
CA ALA C 24 -10.54 -13.21 -19.29
C ALA C 24 -11.56 -12.70 -20.34
N LEU C 25 -11.88 -13.52 -21.34
CA LEU C 25 -12.80 -13.21 -22.44
C LEU C 25 -14.20 -12.76 -21.96
N GLY C 26 -14.82 -11.86 -22.72
CA GLY C 26 -16.10 -11.22 -22.41
C GLY C 26 -16.41 -10.06 -23.36
N GLU C 27 -17.27 -9.13 -22.93
CA GLU C 27 -17.64 -7.92 -23.69
C GLU C 27 -17.81 -6.69 -22.77
N SER C 28 -17.72 -5.49 -23.37
CA SER C 28 -17.73 -4.19 -22.69
C SER C 28 -18.46 -3.12 -23.51
N PRO C 29 -18.99 -2.05 -22.87
CA PRO C 29 -19.55 -0.89 -23.57
C PRO C 29 -18.47 -0.05 -24.28
N GLU C 30 -18.90 0.86 -25.16
CA GLU C 30 -18.04 1.69 -26.02
C GLU C 30 -18.38 3.20 -25.96
N SER C 31 -19.32 3.59 -25.10
CA SER C 31 -19.83 4.97 -24.93
C SER C 31 -20.29 5.23 -23.48
N LYS A 1 18.76 -0.05 -11.95
CA LYS A 1 17.36 0.09 -11.48
C LYS A 1 17.12 1.47 -10.87
N GLU A 2 16.48 2.39 -11.61
CA GLU A 2 16.21 3.77 -11.14
C GLU A 2 14.81 4.29 -11.52
N LYS A 3 14.41 4.22 -12.80
CA LYS A 3 13.20 4.87 -13.32
C LYS A 3 11.90 4.39 -12.65
N ARG A 4 11.61 3.09 -12.70
CA ARG A 4 10.42 2.50 -12.06
C ARG A 4 10.50 2.54 -10.52
N ILE A 5 11.72 2.53 -9.95
CA ILE A 5 11.97 2.66 -8.51
C ILE A 5 11.50 4.03 -8.01
N LYS A 6 11.97 5.10 -8.67
CA LYS A 6 11.52 6.49 -8.42
C LYS A 6 10.03 6.65 -8.72
N GLU A 7 9.53 6.08 -9.81
CA GLU A 7 8.12 6.10 -10.20
C GLU A 7 7.21 5.54 -9.09
N LEU A 8 7.43 4.29 -8.64
CA LEU A 8 6.67 3.63 -7.57
C LEU A 8 6.74 4.42 -6.25
N GLU A 9 7.91 4.93 -5.89
CA GLU A 9 8.09 5.75 -4.69
C GLU A 9 7.31 7.08 -4.77
N LEU A 10 7.30 7.72 -5.95
CA LEU A 10 6.57 8.97 -6.24
C LEU A 10 5.03 8.79 -6.30
N LEU A 11 4.50 7.60 -6.60
CA LEU A 11 3.06 7.34 -6.69
C LEU A 11 2.27 7.80 -5.45
N LEU A 12 2.86 7.64 -4.26
CA LEU A 12 2.35 8.22 -3.01
C LEU A 12 2.53 9.74 -2.95
N MET A 13 3.77 10.23 -3.07
CA MET A 13 4.12 11.64 -2.87
C MET A 13 3.41 12.62 -3.83
N SER A 14 3.02 12.18 -5.03
CA SER A 14 2.25 12.98 -6.00
C SER A 14 0.80 13.27 -5.56
N THR A 15 0.25 12.49 -4.62
CA THR A 15 -1.19 12.54 -4.26
C THR A 15 -1.65 13.90 -3.73
N GLU A 16 -0.79 14.70 -3.09
CA GLU A 16 -1.14 16.07 -2.70
C GLU A 16 -1.55 16.98 -3.87
N ASN A 17 -1.14 16.67 -5.12
CA ASN A 17 -1.64 17.35 -6.31
C ASN A 17 -3.03 16.82 -6.75
N GLU A 18 -3.33 15.53 -6.54
CA GLU A 18 -4.65 14.94 -6.83
C GLU A 18 -5.76 15.54 -5.95
N LEU A 19 -5.45 15.82 -4.67
CA LEU A 19 -6.37 16.46 -3.72
C LEU A 19 -6.81 17.89 -4.12
N LYS A 20 -6.09 18.55 -5.04
CA LYS A 20 -6.46 19.87 -5.59
C LYS A 20 -7.67 19.80 -6.54
N GLY A 21 -7.87 18.68 -7.21
CA GLY A 21 -9.00 18.41 -8.12
C GLY A 21 -8.60 17.68 -9.42
N GLN A 22 -9.60 17.21 -10.15
CA GLN A 22 -9.43 16.53 -11.46
C GLN A 22 -8.84 17.46 -12.55
N GLN A 23 -9.02 18.79 -12.38
CA GLN A 23 -8.64 19.83 -13.33
C GLN A 23 -7.14 20.22 -13.26
N ALA A 24 -6.35 19.58 -12.38
CA ALA A 24 -4.96 19.93 -12.04
C ALA A 24 -3.95 18.79 -12.31
N LEU A 25 -4.34 17.80 -13.12
CA LEU A 25 -3.57 16.60 -13.49
C LEU A 25 -3.53 16.42 -15.03
N GLY B 1 6.71 14.07 28.47
CA GLY B 1 7.49 13.39 27.42
C GLY B 1 7.74 14.29 26.22
N VAL B 2 7.56 13.76 25.00
CA VAL B 2 7.77 14.45 23.71
C VAL B 2 6.61 14.12 22.75
N ARG B 3 6.16 15.09 21.96
CA ARG B 3 5.02 14.98 21.04
C ARG B 3 5.30 15.61 19.67
N LYS B 4 4.48 15.27 18.67
CA LYS B 4 4.59 15.68 17.25
C LYS B 4 3.57 16.77 16.91
N GLY B 5 3.88 17.59 15.89
CA GLY B 5 3.08 18.76 15.52
C GLY B 5 3.16 19.19 14.04
N TRP B 6 3.87 18.45 13.18
CA TRP B 6 3.92 18.67 11.72
C TRP B 6 2.60 18.35 11.00
N HIS B 7 1.62 17.82 11.73
CA HIS B 7 0.37 17.24 11.23
C HIS B 7 -0.49 18.20 10.39
N GLU B 8 -0.30 19.52 10.53
CA GLU B 8 -0.98 20.56 9.75
C GLU B 8 -0.79 20.44 8.22
N HIS B 9 0.30 19.79 7.77
CA HIS B 9 0.56 19.50 6.35
C HIS B 9 -0.30 18.33 5.78
N VAL B 10 -1.10 17.66 6.61
CA VAL B 10 -1.90 16.46 6.29
C VAL B 10 -3.34 16.61 6.82
N THR B 11 -4.28 15.86 6.24
CA THR B 11 -5.69 15.81 6.68
C THR B 11 -6.28 14.41 6.43
N GLN B 12 -7.35 14.04 7.12
CA GLN B 12 -7.99 12.72 7.00
C GLN B 12 -8.37 12.38 5.55
N ASP B 13 -8.85 13.36 4.78
CA ASP B 13 -9.25 13.18 3.38
C ASP B 13 -8.07 12.83 2.45
N LEU B 14 -6.84 13.26 2.78
CA LEU B 14 -5.62 12.82 2.10
C LEU B 14 -5.33 11.35 2.45
N ARG B 15 -5.32 11.01 3.75
CA ARG B 15 -4.99 9.68 4.27
C ARG B 15 -5.93 8.59 3.76
N SER B 16 -7.22 8.89 3.63
CA SER B 16 -8.20 8.01 2.97
C SER B 16 -7.72 7.51 1.59
N HIS B 17 -7.16 8.42 0.78
CA HIS B 17 -6.58 8.08 -0.51
C HIS B 17 -5.22 7.40 -0.35
N LEU B 18 -4.34 7.84 0.55
CA LEU B 18 -3.02 7.20 0.76
C LEU B 18 -3.13 5.74 1.23
N VAL B 19 -4.14 5.41 2.04
CA VAL B 19 -4.51 4.02 2.41
C VAL B 19 -4.86 3.24 1.15
N HIS B 20 -5.71 3.77 0.27
CA HIS B 20 -6.03 3.13 -1.02
C HIS B 20 -4.79 2.95 -1.92
N LYS B 21 -3.90 3.94 -1.93
CA LYS B 21 -2.61 3.89 -2.66
C LYS B 21 -1.72 2.74 -2.16
N LEU B 22 -1.60 2.59 -0.84
CA LEU B 22 -0.97 1.44 -0.18
C LEU B 22 -1.66 0.13 -0.63
N VAL B 23 -3.00 0.05 -0.50
CA VAL B 23 -3.80 -1.14 -0.82
C VAL B 23 -3.62 -1.62 -2.27
N GLN B 24 -3.54 -0.74 -3.27
CA GLN B 24 -3.32 -1.15 -4.67
C GLN B 24 -1.95 -1.81 -4.88
N ALA B 25 -0.91 -1.35 -4.19
CA ALA B 25 0.40 -1.99 -4.22
C ALA B 25 0.40 -3.34 -3.48
N ILE B 26 -0.34 -3.45 -2.36
CA ILE B 26 -0.46 -4.68 -1.57
C ILE B 26 -1.26 -5.76 -2.33
N PHE B 27 -2.41 -5.42 -2.93
CA PHE B 27 -3.16 -6.29 -3.82
C PHE B 27 -3.79 -5.47 -4.98
N PRO B 28 -3.22 -5.56 -6.21
CA PRO B 28 -3.81 -5.04 -7.43
C PRO B 28 -5.16 -5.77 -7.74
N THR B 29 -6.27 -5.20 -7.26
CA THR B 29 -7.62 -5.79 -7.28
C THR B 29 -8.09 -6.33 -8.65
N PRO B 30 -8.83 -7.47 -8.70
CA PRO B 30 -9.33 -8.03 -9.95
C PRO B 30 -10.60 -7.33 -10.47
N ASP B 31 -11.39 -6.72 -9.58
CA ASP B 31 -12.73 -6.19 -9.82
C ASP B 31 -13.16 -5.25 -8.68
N PRO B 32 -13.96 -4.19 -8.93
CA PRO B 32 -14.33 -3.22 -7.89
C PRO B 32 -15.25 -3.80 -6.79
N ALA B 33 -15.85 -4.99 -6.97
CA ALA B 33 -16.54 -5.69 -5.89
C ALA B 33 -15.57 -6.48 -4.98
N ALA B 34 -14.39 -6.88 -5.49
CA ALA B 34 -13.35 -7.51 -4.68
C ALA B 34 -12.73 -6.56 -3.65
N LEU B 35 -12.74 -5.25 -3.91
CA LEU B 35 -12.36 -4.18 -2.96
C LEU B 35 -13.17 -4.19 -1.65
N LYS B 36 -14.34 -4.85 -1.62
CA LYS B 36 -15.23 -4.99 -0.45
C LYS B 36 -15.47 -6.45 -0.02
N ASP B 37 -14.65 -7.39 -0.49
CA ASP B 37 -14.64 -8.77 0.01
C ASP B 37 -14.25 -8.81 1.51
N ARG B 38 -14.76 -9.78 2.28
CA ARG B 38 -14.53 -9.91 3.73
C ARG B 38 -13.04 -10.00 4.13
N ARG B 39 -12.20 -10.58 3.27
CA ARG B 39 -10.73 -10.61 3.47
C ARG B 39 -10.05 -9.35 2.95
N MET B 40 -10.60 -8.68 1.93
CA MET B 40 -10.14 -7.35 1.54
C MET B 40 -10.40 -6.32 2.65
N GLU B 41 -11.50 -6.43 3.41
CA GLU B 41 -11.74 -5.62 4.62
C GLU B 41 -10.63 -5.76 5.68
N ASN B 42 -10.08 -6.96 5.86
CA ASN B 42 -8.92 -7.19 6.74
C ASN B 42 -7.65 -6.51 6.20
N LEU B 43 -7.40 -6.56 4.89
CA LEU B 43 -6.33 -5.84 4.20
C LEU B 43 -6.50 -4.32 4.33
N VAL B 44 -7.70 -3.80 4.11
CA VAL B 44 -8.06 -2.38 4.29
C VAL B 44 -7.79 -1.90 5.73
N ALA B 45 -8.18 -2.67 6.75
CA ALA B 45 -7.89 -2.38 8.16
C ALA B 45 -6.39 -2.47 8.50
N TYR B 46 -5.69 -3.47 7.95
CA TYR B 46 -4.22 -3.60 8.02
C TYR B 46 -3.52 -2.38 7.39
N ALA B 47 -3.94 -1.92 6.22
CA ALA B 47 -3.41 -0.71 5.57
C ALA B 47 -3.72 0.56 6.38
N LYS B 48 -4.91 0.67 7.00
CA LYS B 48 -5.21 1.76 7.95
C LYS B 48 -4.30 1.74 9.18
N LYS B 49 -4.07 0.56 9.76
CA LYS B 49 -3.14 0.34 10.90
C LYS B 49 -1.70 0.72 10.53
N VAL B 50 -1.21 0.28 9.37
CA VAL B 50 0.11 0.66 8.83
C VAL B 50 0.20 2.17 8.63
N GLU B 51 -0.76 2.79 7.94
CA GLU B 51 -0.76 4.25 7.71
C GLU B 51 -0.69 5.03 9.03
N GLY B 52 -1.50 4.65 10.02
CA GLY B 52 -1.52 5.27 11.35
C GLY B 52 -0.22 5.08 12.16
N ASP B 53 0.53 4.01 11.91
CA ASP B 53 1.82 3.76 12.57
C ASP B 53 2.96 4.53 11.90
N MET B 54 2.96 4.62 10.56
CA MET B 54 3.93 5.42 9.80
C MET B 54 3.77 6.93 10.09
N TYR B 55 2.52 7.38 10.23
CA TYR B 55 2.13 8.72 10.68
C TYR B 55 2.63 9.05 12.10
N GLU B 56 2.85 8.04 12.93
CA GLU B 56 3.35 8.19 14.31
C GLU B 56 4.86 7.94 14.43
N SER B 57 5.51 7.54 13.34
CA SER B 57 6.93 7.12 13.29
C SER B 57 7.86 8.14 12.58
N ALA B 58 7.36 9.36 12.31
CA ALA B 58 8.06 10.38 11.53
C ALA B 58 8.10 11.75 12.24
N ASN B 59 9.16 12.52 11.98
CA ASN B 59 9.35 13.89 12.48
C ASN B 59 8.87 14.99 11.50
N SER B 60 8.47 14.60 10.29
CA SER B 60 7.89 15.48 9.25
C SER B 60 6.93 14.73 8.32
N ARG B 61 6.10 15.48 7.60
CA ARG B 61 5.24 14.97 6.51
C ARG B 61 6.05 14.24 5.43
N ASP B 62 7.20 14.79 5.06
CA ASP B 62 8.09 14.23 4.04
C ASP B 62 8.66 12.86 4.47
N GLU B 63 9.09 12.73 5.73
CA GLU B 63 9.53 11.44 6.29
C GLU B 63 8.38 10.44 6.41
N TYR B 64 7.18 10.90 6.80
CA TYR B 64 5.96 10.07 6.84
C TYR B 64 5.62 9.48 5.46
N TYR B 65 5.57 10.31 4.40
CA TYR B 65 5.45 9.82 3.01
C TYR B 65 6.56 8.83 2.64
N HIS B 66 7.82 9.13 2.98
CA HIS B 66 8.94 8.22 2.70
C HIS B 66 8.78 6.85 3.38
N LEU B 67 8.28 6.82 4.62
CA LEU B 67 7.94 5.57 5.33
C LEU B 67 6.77 4.82 4.67
N LEU B 68 5.70 5.50 4.26
CA LEU B 68 4.62 4.89 3.46
C LEU B 68 5.19 4.28 2.16
N ALA B 69 6.03 5.03 1.45
CA ALA B 69 6.60 4.65 0.17
C ALA B 69 7.62 3.51 0.27
N GLU B 70 8.40 3.44 1.36
CA GLU B 70 9.28 2.30 1.66
C GLU B 70 8.46 1.01 1.87
N LYS B 71 7.33 1.07 2.58
CA LYS B 71 6.45 -0.10 2.75
C LYS B 71 5.73 -0.48 1.45
N ILE B 72 5.32 0.49 0.60
CA ILE B 72 4.84 0.19 -0.76
C ILE B 72 5.92 -0.58 -1.52
N TYR B 73 7.16 -0.06 -1.57
CA TYR B 73 8.29 -0.68 -2.24
C TYR B 73 8.55 -2.10 -1.71
N LYS B 74 8.64 -2.28 -0.39
CA LYS B 74 8.91 -3.58 0.24
C LYS B 74 7.89 -4.64 -0.16
N ILE B 75 6.60 -4.33 -0.03
CA ILE B 75 5.52 -5.27 -0.35
C ILE B 75 5.46 -5.53 -1.86
N GLN B 76 5.70 -4.52 -2.70
CA GLN B 76 5.69 -4.68 -4.16
C GLN B 76 6.84 -5.60 -4.63
N LYS B 77 8.05 -5.34 -4.15
CA LYS B 77 9.27 -6.14 -4.41
C LYS B 77 9.18 -7.56 -3.84
N GLU B 78 8.55 -7.72 -2.68
CA GLU B 78 8.21 -9.03 -2.11
C GLU B 78 7.26 -9.83 -3.02
N LEU B 79 6.13 -9.26 -3.44
CA LEU B 79 5.19 -9.95 -4.35
C LEU B 79 5.85 -10.36 -5.67
N GLU B 80 6.68 -9.48 -6.24
CA GLU B 80 7.42 -9.73 -7.48
C GLU B 80 8.50 -10.84 -7.39
N GLU B 81 8.68 -11.48 -6.23
CA GLU B 81 9.49 -12.70 -6.06
C GLU B 81 8.72 -13.85 -5.39
N LYS B 82 7.81 -13.55 -4.45
CA LYS B 82 6.88 -14.51 -3.81
C LYS B 82 5.80 -15.05 -4.75
N ARG B 83 5.61 -14.46 -5.94
CA ARG B 83 4.74 -14.99 -7.03
C ARG B 83 5.52 -15.44 -8.27
N ARG B 84 6.85 -15.32 -8.28
CA ARG B 84 7.75 -15.91 -9.30
C ARG B 84 7.96 -17.42 -9.09
N SER B 85 7.76 -17.89 -7.85
CA SER B 85 7.87 -19.30 -7.43
C SER B 85 6.94 -20.29 -8.14
N ARG B 86 5.93 -19.81 -8.89
CA ARG B 86 5.05 -20.62 -9.76
C ARG B 86 5.78 -21.29 -10.93
N LEU B 87 6.92 -20.75 -11.38
CA LEU B 87 7.76 -21.29 -12.46
C LEU B 87 8.27 -22.72 -12.16
N SER C 1 10.85 -0.76 15.43
CA SER C 1 11.04 -2.23 15.42
C SER C 1 9.89 -2.93 14.69
N ASP C 2 10.06 -4.22 14.34
CA ASP C 2 9.04 -5.05 13.68
C ASP C 2 9.10 -6.51 14.18
N ASP C 3 7.95 -7.21 14.15
CA ASP C 3 7.80 -8.58 14.65
C ASP C 3 8.52 -9.67 13.83
N GLY C 4 8.84 -9.41 12.55
CA GLY C 4 9.59 -10.33 11.68
C GLY C 4 9.41 -10.03 10.19
N ASN C 5 8.18 -9.68 9.78
CA ASN C 5 7.84 -9.16 8.45
C ASN C 5 6.62 -8.22 8.55
N ILE C 6 6.61 -7.17 7.72
CA ILE C 6 5.56 -6.14 7.60
C ILE C 6 4.14 -6.68 7.33
N LEU C 7 4.00 -7.86 6.71
CA LEU C 7 2.76 -8.42 6.17
C LEU C 7 2.28 -9.67 6.98
N PRO C 8 1.31 -9.52 7.91
CA PRO C 8 0.64 -10.62 8.62
C PRO C 8 0.09 -11.73 7.74
N SER C 9 0.08 -12.96 8.26
CA SER C 9 -0.28 -14.18 7.52
C SER C 9 -1.70 -14.17 6.93
N ASP C 10 -2.69 -13.58 7.63
CA ASP C 10 -4.09 -13.52 7.14
C ASP C 10 -4.24 -12.66 5.87
N ILE C 11 -3.49 -11.56 5.77
CA ILE C 11 -3.42 -10.73 4.57
C ILE C 11 -2.52 -11.41 3.53
N MET C 12 -1.36 -11.94 3.93
CA MET C 12 -0.43 -12.63 3.02
C MET C 12 -1.11 -13.76 2.24
N ASP C 13 -1.82 -14.65 2.94
CA ASP C 13 -2.52 -15.81 2.36
C ASP C 13 -3.47 -15.41 1.21
N PHE C 14 -4.23 -14.32 1.40
CA PHE C 14 -5.12 -13.76 0.39
C PHE C 14 -4.34 -13.14 -0.78
N VAL C 15 -3.31 -12.34 -0.45
CA VAL C 15 -2.43 -11.69 -1.43
C VAL C 15 -1.70 -12.71 -2.32
N LEU C 16 -1.29 -13.87 -1.78
CA LEU C 16 -0.69 -14.94 -2.59
C LEU C 16 -1.68 -15.54 -3.59
N LYS C 17 -2.91 -15.84 -3.15
CA LYS C 17 -3.91 -16.59 -3.92
C LYS C 17 -4.64 -15.76 -4.98
N ASN C 18 -5.09 -14.56 -4.64
CA ASN C 18 -5.99 -13.80 -5.51
C ASN C 18 -5.34 -13.33 -6.83
N THR C 19 -4.14 -12.74 -6.79
CA THR C 19 -3.52 -12.10 -7.96
C THR C 19 -3.16 -13.05 -9.13
N PRO C 20 -2.57 -14.25 -8.96
CA PRO C 20 -2.14 -15.07 -10.10
C PRO C 20 -3.27 -15.84 -10.79
N SER C 21 -4.35 -16.21 -10.08
CA SER C 21 -5.38 -17.13 -10.60
C SER C 21 -6.74 -17.04 -9.91
N MET C 22 -6.81 -16.94 -8.58
CA MET C 22 -8.08 -16.96 -7.82
C MET C 22 -8.76 -15.58 -7.78
N GLN C 23 -8.80 -14.90 -8.93
CA GLN C 23 -9.20 -13.51 -9.19
C GLN C 23 -10.70 -13.22 -8.92
N ALA C 24 -11.14 -13.36 -7.65
CA ALA C 24 -12.54 -13.30 -7.23
C ALA C 24 -12.71 -12.85 -5.75
N LEU C 25 -13.96 -12.69 -5.32
CA LEU C 25 -14.36 -12.45 -3.92
C LEU C 25 -14.13 -13.74 -3.08
N GLY C 26 -12.89 -13.95 -2.64
CA GLY C 26 -12.40 -15.19 -2.02
C GLY C 26 -12.92 -15.52 -0.62
N GLU C 27 -13.64 -14.62 0.07
CA GLU C 27 -14.10 -14.83 1.46
C GLU C 27 -15.55 -14.36 1.72
N SER C 28 -16.10 -13.47 0.88
CA SER C 28 -17.52 -13.11 0.90
C SER C 28 -18.42 -14.33 0.58
N PRO C 29 -19.62 -14.46 1.19
CA PRO C 29 -20.56 -15.55 0.91
C PRO C 29 -20.90 -15.76 -0.58
N GLU C 30 -21.15 -17.00 -0.97
CA GLU C 30 -21.50 -17.41 -2.35
C GLU C 30 -22.72 -18.36 -2.43
N SER C 31 -23.31 -18.74 -1.29
CA SER C 31 -24.48 -19.64 -1.15
C SER C 31 -25.26 -19.38 0.15
N LYS A 1 17.47 1.35 -12.46
CA LYS A 1 16.67 0.91 -11.28
C LYS A 1 16.03 2.08 -10.51
N GLU A 2 16.82 3.04 -9.99
CA GLU A 2 16.36 4.08 -9.06
C GLU A 2 15.19 4.94 -9.58
N LYS A 3 15.12 5.21 -10.90
CA LYS A 3 13.99 5.90 -11.53
C LYS A 3 12.65 5.22 -11.27
N ARG A 4 12.58 3.88 -11.32
CA ARG A 4 11.35 3.11 -11.05
C ARG A 4 11.05 3.00 -9.56
N ILE A 5 12.08 2.98 -8.70
CA ILE A 5 11.92 3.09 -7.23
C ILE A 5 11.25 4.44 -6.88
N LYS A 6 11.79 5.54 -7.42
CA LYS A 6 11.26 6.90 -7.29
C LYS A 6 9.88 7.06 -7.93
N GLU A 7 9.63 6.43 -9.07
CA GLU A 7 8.33 6.40 -9.75
C GLU A 7 7.23 5.80 -8.86
N LEU A 8 7.44 4.59 -8.30
CA LEU A 8 6.46 3.97 -7.41
C LEU A 8 6.28 4.75 -6.10
N GLU A 9 7.35 5.37 -5.57
CA GLU A 9 7.25 6.30 -4.44
C GLU A 9 6.42 7.56 -4.78
N LEU A 10 6.63 8.14 -5.96
CA LEU A 10 5.91 9.32 -6.46
C LEU A 10 4.41 9.05 -6.69
N LEU A 11 4.00 7.82 -7.00
CA LEU A 11 2.58 7.45 -7.11
C LEU A 11 1.80 7.82 -5.83
N LEU A 12 2.35 7.52 -4.64
CA LEU A 12 1.81 7.98 -3.36
C LEU A 12 1.99 9.50 -3.17
N MET A 13 3.22 9.99 -3.34
CA MET A 13 3.59 11.37 -2.99
C MET A 13 2.87 12.45 -3.84
N SER A 14 2.44 12.11 -5.06
CA SER A 14 1.67 12.97 -5.97
C SER A 14 0.28 13.38 -5.44
N THR A 15 -0.29 12.68 -4.46
CA THR A 15 -1.64 12.96 -3.94
C THR A 15 -1.84 14.42 -3.48
N GLU A 16 -0.81 15.08 -2.94
CA GLU A 16 -0.91 16.50 -2.59
C GLU A 16 -1.19 17.41 -3.81
N ASN A 17 -0.71 17.03 -5.00
CA ASN A 17 -1.03 17.70 -6.27
C ASN A 17 -2.42 17.30 -6.78
N GLU A 18 -2.82 16.03 -6.68
CA GLU A 18 -4.19 15.59 -7.04
C GLU A 18 -5.27 16.35 -6.24
N LEU A 19 -4.99 16.68 -4.98
CA LEU A 19 -5.80 17.51 -4.09
C LEU A 19 -5.88 19.00 -4.50
N LYS A 20 -4.93 19.52 -5.28
CA LYS A 20 -4.95 20.89 -5.83
C LYS A 20 -6.08 21.10 -6.83
N GLY A 21 -6.36 20.06 -7.64
CA GLY A 21 -7.52 19.96 -8.53
C GLY A 21 -7.19 19.25 -9.85
N GLN A 22 -8.17 18.55 -10.43
CA GLN A 22 -8.01 17.72 -11.64
C GLN A 22 -7.67 18.48 -12.95
N GLN A 23 -7.64 19.82 -12.91
CA GLN A 23 -7.21 20.70 -14.01
C GLN A 23 -6.04 21.64 -13.61
N ALA A 24 -5.43 21.43 -12.43
CA ALA A 24 -4.42 22.33 -11.86
C ALA A 24 -3.22 21.62 -11.18
N LEU A 25 -3.31 20.30 -10.93
CA LEU A 25 -2.29 19.42 -10.36
C LEU A 25 -0.87 19.59 -10.95
N GLY B 1 0.06 10.18 22.92
CA GLY B 1 1.48 10.18 22.53
C GLY B 1 2.03 11.59 22.40
N VAL B 2 3.36 11.74 22.50
CA VAL B 2 4.06 13.04 22.40
C VAL B 2 3.90 13.66 21.00
N ARG B 3 3.48 14.92 20.94
CA ARG B 3 3.30 15.71 19.70
C ARG B 3 4.65 16.00 19.03
N LYS B 4 4.63 16.09 17.69
CA LYS B 4 5.84 16.16 16.82
C LYS B 4 5.86 17.36 15.87
N GLY B 5 4.88 18.26 15.98
CA GLY B 5 4.82 19.58 15.32
C GLY B 5 4.42 19.58 13.83
N TRP B 6 4.98 18.65 13.05
CA TRP B 6 4.79 18.55 11.60
C TRP B 6 3.37 18.19 11.14
N HIS B 7 2.52 17.73 12.05
CA HIS B 7 1.21 17.13 11.79
C HIS B 7 0.27 18.01 10.95
N GLU B 8 0.41 19.34 11.03
CA GLU B 8 -0.36 20.32 10.25
C GLU B 8 -0.24 20.19 8.72
N HIS B 9 0.80 19.51 8.20
CA HIS B 9 0.96 19.24 6.77
C HIS B 9 0.03 18.14 6.22
N VAL B 10 -0.69 17.41 7.08
CA VAL B 10 -1.54 16.25 6.73
C VAL B 10 -2.97 16.40 7.29
N THR B 11 -3.94 15.78 6.61
CA THR B 11 -5.38 15.83 6.94
C THR B 11 -6.09 14.54 6.51
N GLN B 12 -7.28 14.26 7.04
CA GLN B 12 -8.07 13.08 6.72
C GLN B 12 -8.45 12.98 5.23
N ASP B 13 -8.62 14.09 4.51
CA ASP B 13 -8.93 14.07 3.07
C ASP B 13 -7.76 13.52 2.23
N LEU B 14 -6.52 13.81 2.65
CA LEU B 14 -5.30 13.21 2.08
C LEU B 14 -5.25 11.72 2.42
N ARG B 15 -5.35 11.36 3.71
CA ARG B 15 -5.23 9.98 4.21
C ARG B 15 -6.27 9.03 3.64
N SER B 16 -7.50 9.51 3.45
CA SER B 16 -8.57 8.76 2.77
C SER B 16 -8.11 8.20 1.41
N HIS B 17 -7.44 9.02 0.60
CA HIS B 17 -6.89 8.60 -0.69
C HIS B 17 -5.54 7.87 -0.56
N LEU B 18 -4.66 8.25 0.39
CA LEU B 18 -3.40 7.54 0.62
C LEU B 18 -3.64 6.08 1.02
N VAL B 19 -4.53 5.79 1.98
CA VAL B 19 -4.92 4.41 2.35
C VAL B 19 -5.47 3.66 1.14
N HIS B 20 -6.38 4.29 0.38
CA HIS B 20 -6.89 3.73 -0.87
C HIS B 20 -5.76 3.30 -1.82
N LYS B 21 -4.80 4.19 -2.11
CA LYS B 21 -3.70 3.95 -3.04
C LYS B 21 -2.64 2.98 -2.48
N LEU B 22 -2.43 2.98 -1.17
CA LEU B 22 -1.62 1.98 -0.43
C LEU B 22 -2.23 0.58 -0.66
N VAL B 23 -3.53 0.42 -0.41
CA VAL B 23 -4.31 -0.80 -0.62
C VAL B 23 -4.27 -1.29 -2.08
N GLN B 24 -4.49 -0.39 -3.06
CA GLN B 24 -4.47 -0.72 -4.49
C GLN B 24 -3.14 -1.33 -4.94
N ALA B 25 -2.02 -0.78 -4.47
CA ALA B 25 -0.68 -1.31 -4.77
C ALA B 25 -0.36 -2.61 -3.99
N ILE B 26 -0.78 -2.72 -2.72
CA ILE B 26 -0.55 -3.91 -1.89
C ILE B 26 -1.23 -5.16 -2.48
N PHE B 27 -2.47 -5.03 -2.97
CA PHE B 27 -3.15 -6.09 -3.71
C PHE B 27 -3.98 -5.52 -4.87
N PRO B 28 -3.41 -5.52 -6.11
CA PRO B 28 -4.14 -5.24 -7.34
C PRO B 28 -5.21 -6.32 -7.58
N THR B 29 -6.43 -6.07 -7.10
CA THR B 29 -7.55 -7.02 -7.07
C THR B 29 -7.91 -7.62 -8.44
N PRO B 30 -8.41 -8.88 -8.47
CA PRO B 30 -8.69 -9.59 -9.72
C PRO B 30 -9.89 -9.00 -10.49
N ASP B 31 -10.86 -8.42 -9.77
CA ASP B 31 -12.13 -7.90 -10.28
C ASP B 31 -12.73 -6.83 -9.32
N PRO B 32 -13.69 -6.00 -9.78
CA PRO B 32 -14.24 -4.91 -8.95
C PRO B 32 -15.19 -5.34 -7.82
N ALA B 33 -15.53 -6.63 -7.70
CA ALA B 33 -16.24 -7.16 -6.53
C ALA B 33 -15.26 -7.70 -5.47
N ALA B 34 -14.09 -8.21 -5.87
CA ALA B 34 -13.01 -8.58 -4.95
C ALA B 34 -12.54 -7.40 -4.06
N LEU B 35 -12.62 -6.16 -4.55
CA LEU B 35 -12.42 -4.91 -3.79
C LEU B 35 -13.30 -4.81 -2.52
N LYS B 36 -14.47 -5.44 -2.53
CA LYS B 36 -15.48 -5.42 -1.44
C LYS B 36 -15.55 -6.74 -0.65
N ASP B 37 -14.72 -7.73 -0.97
CA ASP B 37 -14.67 -9.00 -0.25
C ASP B 37 -14.32 -8.82 1.25
N ARG B 38 -14.84 -9.70 2.10
CA ARG B 38 -14.62 -9.76 3.56
C ARG B 38 -13.14 -9.66 3.95
N ARG B 39 -12.27 -10.37 3.23
CA ARG B 39 -10.81 -10.41 3.44
C ARG B 39 -10.10 -9.19 2.86
N MET B 40 -10.64 -8.59 1.80
CA MET B 40 -10.17 -7.30 1.30
C MET B 40 -10.47 -6.16 2.29
N GLU B 41 -11.61 -6.19 2.98
CA GLU B 41 -11.92 -5.29 4.09
C GLU B 41 -10.97 -5.46 5.29
N ASN B 42 -10.52 -6.69 5.58
CA ASN B 42 -9.45 -6.94 6.55
C ASN B 42 -8.10 -6.34 6.09
N LEU B 43 -7.75 -6.48 4.81
CA LEU B 43 -6.56 -5.87 4.21
C LEU B 43 -6.62 -4.33 4.28
N VAL B 44 -7.76 -3.74 3.96
CA VAL B 44 -8.08 -2.32 4.16
C VAL B 44 -7.89 -1.86 5.61
N ALA B 45 -8.36 -2.64 6.59
CA ALA B 45 -8.20 -2.35 8.02
C ALA B 45 -6.73 -2.46 8.48
N TYR B 46 -5.97 -3.44 7.98
CA TYR B 46 -4.52 -3.53 8.19
C TYR B 46 -3.79 -2.31 7.61
N ALA B 47 -4.15 -1.87 6.39
CA ALA B 47 -3.62 -0.64 5.81
C ALA B 47 -3.95 0.60 6.64
N LYS B 48 -5.19 0.72 7.17
CA LYS B 48 -5.55 1.82 8.10
C LYS B 48 -4.74 1.80 9.39
N LYS B 49 -4.56 0.62 10.00
CA LYS B 49 -3.76 0.41 11.22
C LYS B 49 -2.29 0.81 11.01
N VAL B 50 -1.68 0.35 9.91
CA VAL B 50 -0.28 0.66 9.58
C VAL B 50 -0.08 2.12 9.17
N GLU B 51 -1.02 2.76 8.47
CA GLU B 51 -0.92 4.19 8.11
C GLU B 51 -0.72 5.08 9.35
N GLY B 52 -1.50 4.85 10.42
CA GLY B 52 -1.36 5.55 11.69
C GLY B 52 -0.06 5.23 12.45
N ASP B 53 0.50 4.02 12.26
CA ASP B 53 1.76 3.62 12.90
C ASP B 53 2.98 4.20 12.18
N MET B 54 2.92 4.31 10.84
CA MET B 54 3.94 4.95 10.00
C MET B 54 3.96 6.48 10.23
N TYR B 55 2.79 7.07 10.47
CA TYR B 55 2.62 8.46 10.91
C TYR B 55 3.27 8.71 12.28
N GLU B 56 2.94 7.91 13.30
CA GLU B 56 3.58 8.02 14.63
C GLU B 56 5.09 7.71 14.62
N SER B 57 5.58 6.95 13.63
CA SER B 57 7.00 6.64 13.45
C SER B 57 7.83 7.75 12.79
N ALA B 58 7.21 8.86 12.35
CA ALA B 58 7.86 9.90 11.54
C ALA B 58 7.98 11.25 12.29
N ASN B 59 9.04 12.00 11.94
CA ASN B 59 9.30 13.36 12.45
C ASN B 59 9.07 14.45 11.38
N SER B 60 8.67 14.07 10.17
CA SER B 60 8.24 14.98 9.09
C SER B 60 7.23 14.29 8.16
N ARG B 61 6.47 15.11 7.40
CA ARG B 61 5.56 14.64 6.33
C ARG B 61 6.29 13.91 5.21
N ASP B 62 7.52 14.33 4.90
CA ASP B 62 8.40 13.65 3.94
C ASP B 62 8.79 12.24 4.41
N GLU B 63 9.19 12.10 5.68
CA GLU B 63 9.54 10.81 6.27
C GLU B 63 8.31 9.88 6.40
N TYR B 64 7.14 10.43 6.74
CA TYR B 64 5.87 9.70 6.76
C TYR B 64 5.53 9.08 5.39
N TYR B 65 5.48 9.90 4.33
CA TYR B 65 5.36 9.39 2.95
C TYR B 65 6.44 8.36 2.61
N HIS B 66 7.70 8.60 2.95
CA HIS B 66 8.78 7.66 2.65
C HIS B 66 8.58 6.31 3.37
N LEU B 67 8.08 6.30 4.61
CA LEU B 67 7.73 5.07 5.34
C LEU B 67 6.56 4.32 4.71
N LEU B 68 5.48 5.02 4.30
CA LEU B 68 4.39 4.41 3.52
C LEU B 68 4.92 3.80 2.21
N ALA B 69 5.71 4.57 1.46
CA ALA B 69 6.23 4.21 0.15
C ALA B 69 7.31 3.10 0.20
N GLU B 70 8.11 3.02 1.27
CA GLU B 70 9.10 1.96 1.46
C GLU B 70 8.44 0.59 1.67
N LYS B 71 7.44 0.50 2.57
CA LYS B 71 6.67 -0.76 2.74
C LYS B 71 5.89 -1.15 1.48
N ILE B 72 5.41 -0.15 0.74
CA ILE B 72 4.78 -0.33 -0.58
C ILE B 72 5.76 -0.91 -1.59
N TYR B 73 7.00 -0.39 -1.67
CA TYR B 73 7.99 -0.95 -2.58
C TYR B 73 8.38 -2.36 -2.15
N LYS B 74 8.59 -2.63 -0.85
CA LYS B 74 8.84 -3.98 -0.33
C LYS B 74 7.78 -4.99 -0.81
N ILE B 75 6.50 -4.70 -0.55
CA ILE B 75 5.37 -5.56 -0.95
C ILE B 75 5.31 -5.74 -2.48
N GLN B 76 5.41 -4.64 -3.25
CA GLN B 76 5.35 -4.69 -4.72
C GLN B 76 6.52 -5.48 -5.32
N LYS B 77 7.76 -5.11 -4.96
CA LYS B 77 9.04 -5.66 -5.45
C LYS B 77 9.20 -7.14 -5.15
N GLU B 78 8.68 -7.61 -4.00
CA GLU B 78 8.59 -9.03 -3.67
C GLU B 78 7.53 -9.75 -4.52
N LEU B 79 6.25 -9.39 -4.38
CA LEU B 79 5.16 -10.16 -4.98
C LEU B 79 5.11 -10.12 -6.51
N GLU B 80 5.48 -9.00 -7.14
CA GLU B 80 5.54 -8.89 -8.62
C GLU B 80 6.58 -9.85 -9.28
N GLU B 81 7.45 -10.47 -8.49
CA GLU B 81 8.35 -11.55 -8.91
C GLU B 81 7.91 -12.90 -8.30
N LYS B 82 7.82 -12.97 -6.97
CA LYS B 82 7.53 -14.20 -6.21
C LYS B 82 6.14 -14.82 -6.49
N ARG B 83 5.24 -14.11 -7.17
CA ARG B 83 3.91 -14.60 -7.59
C ARG B 83 3.71 -14.58 -9.12
N ARG B 84 4.71 -14.17 -9.93
CA ARG B 84 4.49 -13.97 -11.39
C ARG B 84 5.69 -14.17 -12.33
N SER B 85 6.91 -14.32 -11.81
CA SER B 85 8.17 -14.31 -12.60
C SER B 85 8.20 -15.29 -13.78
N ARG B 86 7.78 -16.54 -13.55
CA ARG B 86 7.68 -17.61 -14.57
C ARG B 86 6.27 -18.20 -14.65
N LEU B 87 5.58 -18.31 -13.50
CA LEU B 87 4.25 -18.88 -13.29
C LEU B 87 3.49 -18.11 -12.18
N SER C 1 7.14 -11.76 18.00
CA SER C 1 5.94 -11.51 17.17
C SER C 1 6.00 -12.30 15.85
N ASP C 2 4.86 -12.86 15.43
CA ASP C 2 4.71 -13.52 14.12
C ASP C 2 4.78 -12.53 12.92
N ASP C 3 4.61 -11.23 13.17
CA ASP C 3 4.70 -10.14 12.19
C ASP C 3 6.16 -9.82 11.77
N GLY C 4 6.89 -10.81 11.27
CA GLY C 4 8.28 -10.70 10.80
C GLY C 4 8.49 -9.83 9.55
N ASN C 5 7.41 -9.41 8.88
CA ASN C 5 7.38 -8.49 7.74
C ASN C 5 6.21 -7.49 7.92
N ILE C 6 6.26 -6.34 7.23
CA ILE C 6 5.25 -5.26 7.30
C ILE C 6 3.96 -5.60 6.52
N LEU C 7 3.71 -6.89 6.28
CA LEU C 7 2.54 -7.51 5.65
C LEU C 7 2.12 -8.70 6.56
N PRO C 8 1.32 -8.44 7.62
CA PRO C 8 0.78 -9.42 8.57
C PRO C 8 0.30 -10.72 7.93
N SER C 9 0.69 -11.86 8.52
CA SER C 9 0.53 -13.22 7.97
C SER C 9 -0.88 -13.60 7.50
N ASP C 10 -1.92 -13.25 8.25
CA ASP C 10 -3.31 -13.55 7.89
C ASP C 10 -3.79 -12.79 6.63
N ILE C 11 -3.30 -11.55 6.44
CA ILE C 11 -3.54 -10.78 5.21
C ILE C 11 -2.60 -11.26 4.09
N MET C 12 -1.33 -11.55 4.41
CA MET C 12 -0.33 -12.05 3.45
C MET C 12 -0.89 -13.23 2.66
N ASP C 13 -1.38 -14.26 3.33
CA ASP C 13 -1.93 -15.47 2.70
C ASP C 13 -3.03 -15.19 1.66
N PHE C 14 -3.92 -14.22 1.94
CA PHE C 14 -4.94 -13.76 0.99
C PHE C 14 -4.31 -13.12 -0.27
N VAL C 15 -3.28 -12.28 -0.12
CA VAL C 15 -2.55 -11.70 -1.26
C VAL C 15 -1.77 -12.78 -2.04
N LEU C 16 -1.04 -13.69 -1.37
CA LEU C 16 -0.25 -14.75 -2.01
C LEU C 16 -1.11 -15.71 -2.84
N LYS C 17 -2.37 -15.94 -2.45
CA LYS C 17 -3.33 -16.82 -3.14
C LYS C 17 -3.95 -16.15 -4.38
N ASN C 18 -4.32 -14.87 -4.28
CA ASN C 18 -5.04 -14.15 -5.33
C ASN C 18 -4.14 -13.64 -6.47
N THR C 19 -2.97 -13.09 -6.15
CA THR C 19 -2.08 -12.43 -7.12
C THR C 19 -1.43 -13.31 -8.21
N PRO C 20 -1.14 -14.61 -8.04
CA PRO C 20 -0.61 -15.45 -9.11
C PRO C 20 -1.68 -15.80 -10.17
N SER C 21 -1.76 -14.98 -11.22
CA SER C 21 -2.56 -15.19 -12.43
C SER C 21 -1.91 -14.49 -13.63
N MET C 22 -2.07 -15.06 -14.83
CA MET C 22 -1.45 -14.57 -16.08
C MET C 22 -1.84 -13.13 -16.48
N GLN C 23 -2.99 -12.65 -16.01
CA GLN C 23 -3.48 -11.28 -16.23
C GLN C 23 -2.68 -10.20 -15.46
N ALA C 24 -1.96 -10.58 -14.40
CA ALA C 24 -1.04 -9.70 -13.66
C ALA C 24 0.27 -9.44 -14.44
N LEU C 25 1.08 -8.49 -13.96
CA LEU C 25 2.38 -8.12 -14.56
C LEU C 25 3.43 -7.76 -13.50
N GLY C 26 4.71 -7.76 -13.91
CA GLY C 26 5.85 -7.36 -13.09
C GLY C 26 7.19 -7.81 -13.65
N GLU C 27 8.26 -7.10 -13.29
CA GLU C 27 9.65 -7.40 -13.68
C GLU C 27 10.66 -6.68 -12.76
N SER C 28 11.96 -6.98 -12.91
CA SER C 28 13.07 -6.25 -12.28
C SER C 28 14.37 -6.39 -13.10
N PRO C 29 15.26 -5.37 -13.10
CA PRO C 29 16.52 -5.39 -13.84
C PRO C 29 17.64 -6.20 -13.16
N GLU C 30 17.45 -6.63 -11.91
CA GLU C 30 18.44 -7.25 -11.04
C GLU C 30 17.76 -8.26 -10.09
N SER C 31 18.44 -9.39 -9.81
CA SER C 31 17.95 -10.49 -8.96
C SER C 31 19.09 -11.26 -8.28
N LYS A 1 15.68 -2.59 -14.32
CA LYS A 1 14.86 -2.19 -13.15
C LYS A 1 15.41 -0.92 -12.51
N GLU A 2 14.84 0.24 -12.86
CA GLU A 2 15.38 1.55 -12.46
C GLU A 2 14.35 2.69 -12.50
N LYS A 3 13.64 2.90 -13.62
CA LYS A 3 12.59 3.95 -13.71
C LYS A 3 11.41 3.61 -12.81
N ARG A 4 10.90 2.37 -12.88
CA ARG A 4 9.76 1.91 -12.06
C ARG A 4 10.01 1.95 -10.55
N ILE A 5 11.27 1.95 -10.12
CA ILE A 5 11.67 2.03 -8.71
C ILE A 5 11.35 3.42 -8.15
N LYS A 6 11.85 4.47 -8.82
CA LYS A 6 11.52 5.86 -8.49
C LYS A 6 10.04 6.17 -8.76
N GLU A 7 9.49 5.71 -9.89
CA GLU A 7 8.08 5.86 -10.27
C GLU A 7 7.11 5.30 -9.21
N LEU A 8 7.32 4.07 -8.72
CA LEU A 8 6.51 3.48 -7.65
C LEU A 8 6.57 4.29 -6.37
N GLU A 9 7.76 4.71 -5.94
CA GLU A 9 7.95 5.57 -4.78
C GLU A 9 7.20 6.92 -4.96
N LEU A 10 7.25 7.47 -6.18
CA LEU A 10 6.54 8.67 -6.62
C LEU A 10 5.01 8.53 -6.75
N LEU A 11 4.44 7.32 -6.86
CA LEU A 11 2.97 7.14 -6.95
C LEU A 11 2.24 7.67 -5.70
N LEU A 12 2.82 7.48 -4.52
CA LEU A 12 2.34 8.12 -3.27
C LEU A 12 2.63 9.63 -3.26
N MET A 13 3.73 10.11 -3.87
CA MET A 13 4.08 11.53 -3.83
C MET A 13 3.14 12.37 -4.70
N SER A 14 2.72 11.81 -5.84
CA SER A 14 1.70 12.37 -6.73
C SER A 14 0.38 12.68 -6.01
N THR A 15 0.07 11.96 -4.93
CA THR A 15 -1.07 12.26 -4.04
C THR A 15 -1.03 13.69 -3.49
N GLU A 16 0.12 14.16 -3.01
CA GLU A 16 0.25 15.53 -2.49
C GLU A 16 0.20 16.57 -3.63
N ASN A 17 0.77 16.25 -4.80
CA ASN A 17 0.66 17.10 -6.00
C ASN A 17 -0.81 17.27 -6.46
N GLU A 18 -1.60 16.20 -6.43
CA GLU A 18 -3.04 16.21 -6.77
C GLU A 18 -3.91 16.99 -5.76
N LEU A 19 -3.45 17.17 -4.52
CA LEU A 19 -4.20 17.80 -3.42
C LEU A 19 -3.72 19.22 -3.07
N LYS A 20 -2.45 19.55 -3.32
CA LYS A 20 -1.79 20.79 -2.87
C LYS A 20 -0.69 21.33 -3.82
N GLY A 21 -0.46 20.67 -4.96
CA GLY A 21 0.54 21.09 -5.95
C GLY A 21 1.99 20.72 -5.61
N GLN A 22 2.88 21.00 -6.56
CA GLN A 22 4.33 20.70 -6.51
C GLN A 22 5.15 21.57 -5.52
N GLN A 23 4.51 22.23 -4.55
CA GLN A 23 5.11 23.23 -3.64
C GLN A 23 6.25 22.70 -2.74
N ALA A 24 6.42 21.38 -2.63
CA ALA A 24 7.45 20.71 -1.84
C ALA A 24 8.18 19.58 -2.61
N LEU A 25 8.02 19.54 -3.95
CA LEU A 25 8.60 18.54 -4.86
C LEU A 25 10.15 18.52 -4.84
N GLY B 1 6.18 16.73 24.96
CA GLY B 1 7.63 16.46 24.77
C GLY B 1 8.02 16.42 23.30
N VAL B 2 7.63 15.35 22.59
CA VAL B 2 7.84 15.17 21.13
C VAL B 2 7.24 16.34 20.32
N ARG B 3 7.89 16.69 19.20
CA ARG B 3 7.62 17.91 18.39
C ARG B 3 6.87 17.63 17.08
N LYS B 4 5.95 16.67 17.08
CA LYS B 4 5.04 16.29 15.96
C LYS B 4 3.94 17.34 15.68
N GLY B 5 4.34 18.59 15.50
CA GLY B 5 3.46 19.72 15.14
C GLY B 5 3.02 19.76 13.67
N TRP B 6 3.67 18.98 12.80
CA TRP B 6 3.41 18.90 11.36
C TRP B 6 1.99 18.46 10.96
N HIS B 7 1.22 17.92 11.92
CA HIS B 7 -0.14 17.43 11.74
C HIS B 7 -1.11 18.52 11.21
N GLU B 8 -0.79 19.81 11.39
CA GLU B 8 -1.53 20.94 10.80
C GLU B 8 -1.55 20.96 9.25
N HIS B 9 -0.60 20.29 8.59
CA HIS B 9 -0.47 20.22 7.12
C HIS B 9 -1.30 19.08 6.49
N VAL B 10 -2.07 18.34 7.30
CA VAL B 10 -2.75 17.09 6.92
C VAL B 10 -4.28 17.26 6.90
N THR B 11 -4.95 16.49 6.04
CA THR B 11 -6.42 16.43 5.89
C THR B 11 -6.91 14.98 5.81
N GLN B 12 -8.19 14.73 6.11
CA GLN B 12 -8.78 13.39 5.99
C GLN B 12 -8.75 12.87 4.53
N ASP B 13 -8.87 13.77 3.55
CA ASP B 13 -8.71 13.45 2.12
C ASP B 13 -7.30 12.92 1.80
N LEU B 14 -6.25 13.55 2.37
CA LEU B 14 -4.87 13.09 2.23
C LEU B 14 -4.69 11.70 2.86
N ARG B 15 -5.20 11.46 4.07
CA ARG B 15 -5.18 10.11 4.70
C ARG B 15 -5.87 9.07 3.82
N SER B 16 -7.08 9.38 3.35
CA SER B 16 -7.93 8.47 2.56
C SER B 16 -7.24 8.01 1.28
N HIS B 17 -6.70 8.95 0.49
CA HIS B 17 -6.06 8.63 -0.78
C HIS B 17 -4.69 7.96 -0.60
N LEU B 18 -3.89 8.34 0.42
CA LEU B 18 -2.64 7.65 0.74
C LEU B 18 -2.91 6.20 1.22
N VAL B 19 -3.94 5.95 2.04
CA VAL B 19 -4.39 4.57 2.37
C VAL B 19 -4.85 3.83 1.12
N HIS B 20 -5.62 4.45 0.23
CA HIS B 20 -6.04 3.84 -1.04
C HIS B 20 -4.83 3.39 -1.88
N LYS B 21 -3.83 4.27 -2.03
CA LYS B 21 -2.58 3.98 -2.74
C LYS B 21 -1.82 2.81 -2.11
N LEU B 22 -1.73 2.78 -0.78
CA LEU B 22 -1.23 1.65 0.00
C LEU B 22 -1.99 0.36 -0.36
N VAL B 23 -3.32 0.35 -0.23
CA VAL B 23 -4.18 -0.82 -0.51
C VAL B 23 -3.97 -1.38 -1.92
N GLN B 24 -3.94 -0.51 -2.95
CA GLN B 24 -3.71 -0.95 -4.33
C GLN B 24 -2.32 -1.56 -4.55
N ALA B 25 -1.28 -1.04 -3.89
CA ALA B 25 0.05 -1.62 -3.95
C ALA B 25 0.19 -2.93 -3.16
N ILE B 26 -0.50 -3.06 -2.01
CA ILE B 26 -0.49 -4.28 -1.20
C ILE B 26 -1.24 -5.40 -1.96
N PHE B 27 -2.48 -5.17 -2.39
CA PHE B 27 -3.24 -6.09 -3.24
C PHE B 27 -4.05 -5.30 -4.29
N PRO B 28 -3.59 -5.26 -5.55
CA PRO B 28 -4.38 -4.74 -6.67
C PRO B 28 -5.52 -5.71 -7.00
N THR B 29 -6.73 -5.39 -6.55
CA THR B 29 -7.93 -6.23 -6.61
C THR B 29 -8.29 -6.71 -8.03
N PRO B 30 -8.87 -7.92 -8.19
CA PRO B 30 -9.19 -8.50 -9.49
C PRO B 30 -10.31 -7.75 -10.22
N ASP B 31 -11.27 -7.22 -9.46
CA ASP B 31 -12.45 -6.46 -9.88
C ASP B 31 -12.85 -5.47 -8.76
N PRO B 32 -13.61 -4.40 -9.05
CA PRO B 32 -14.01 -3.42 -8.04
C PRO B 32 -15.02 -3.97 -7.01
N ALA B 33 -15.66 -5.11 -7.30
CA ALA B 33 -16.45 -5.85 -6.32
C ALA B 33 -15.58 -6.47 -5.21
N ALA B 34 -14.34 -6.89 -5.52
CA ALA B 34 -13.43 -7.51 -4.56
C ALA B 34 -12.96 -6.53 -3.46
N LEU B 35 -12.93 -5.20 -3.74
CA LEU B 35 -12.71 -4.16 -2.74
C LEU B 35 -13.74 -4.16 -1.59
N LYS B 36 -14.93 -4.75 -1.83
CA LYS B 36 -16.04 -4.89 -0.86
C LYS B 36 -16.20 -6.33 -0.33
N ASP B 37 -15.32 -7.26 -0.71
CA ASP B 37 -15.33 -8.64 -0.21
C ASP B 37 -15.11 -8.70 1.32
N ARG B 38 -15.84 -9.60 1.98
CA ARG B 38 -15.77 -9.89 3.44
C ARG B 38 -14.39 -10.32 3.99
N ARG B 39 -13.38 -10.47 3.13
CA ARG B 39 -11.97 -10.75 3.49
C ARG B 39 -11.01 -9.62 3.07
N MET B 40 -11.32 -8.84 2.03
CA MET B 40 -10.54 -7.65 1.66
C MET B 40 -10.58 -6.57 2.77
N GLU B 41 -11.65 -6.52 3.58
CA GLU B 41 -11.69 -5.70 4.79
C GLU B 41 -10.54 -5.97 5.80
N ASN B 42 -9.97 -7.18 5.83
CA ASN B 42 -8.77 -7.48 6.63
C ASN B 42 -7.51 -6.84 6.04
N LEU B 43 -7.37 -6.86 4.70
CA LEU B 43 -6.29 -6.20 3.96
C LEU B 43 -6.35 -4.67 4.14
N VAL B 44 -7.55 -4.12 4.00
CA VAL B 44 -7.87 -2.70 4.25
C VAL B 44 -7.58 -2.29 5.70
N ALA B 45 -7.96 -3.08 6.69
CA ALA B 45 -7.64 -2.84 8.10
C ALA B 45 -6.12 -2.93 8.38
N TYR B 46 -5.44 -3.89 7.76
CA TYR B 46 -3.97 -4.00 7.76
C TYR B 46 -3.31 -2.75 7.15
N ALA B 47 -3.80 -2.25 6.01
CA ALA B 47 -3.33 -1.00 5.40
C ALA B 47 -3.57 0.20 6.33
N LYS B 48 -4.75 0.29 6.98
CA LYS B 48 -5.06 1.31 7.99
C LYS B 48 -4.17 1.21 9.25
N LYS B 49 -3.74 0.01 9.62
CA LYS B 49 -2.80 -0.23 10.73
C LYS B 49 -1.37 0.22 10.38
N VAL B 50 -0.87 -0.13 9.19
CA VAL B 50 0.42 0.38 8.68
C VAL B 50 0.38 1.91 8.60
N GLU B 51 -0.67 2.49 7.99
CA GLU B 51 -0.92 3.93 7.95
C GLU B 51 -0.78 4.60 9.32
N GLY B 52 -1.53 4.12 10.32
CA GLY B 52 -1.51 4.68 11.67
C GLY B 52 -0.14 4.57 12.36
N ASP B 53 0.61 3.50 12.12
CA ASP B 53 1.92 3.28 12.75
C ASP B 53 3.02 4.13 12.10
N MET B 54 2.99 4.30 10.78
CA MET B 54 3.93 5.15 10.03
C MET B 54 3.69 6.64 10.36
N TYR B 55 2.42 7.05 10.46
CA TYR B 55 1.99 8.39 10.88
C TYR B 55 2.40 8.72 12.33
N GLU B 56 2.19 7.78 13.26
CA GLU B 56 2.62 7.92 14.65
C GLU B 56 4.15 7.93 14.81
N SER B 57 4.88 7.25 13.92
CA SER B 57 6.35 7.16 13.96
C SER B 57 7.07 8.40 13.43
N ALA B 58 6.50 9.06 12.41
CA ALA B 58 7.16 10.12 11.66
C ALA B 58 7.28 11.46 12.41
N ASN B 59 8.48 12.03 12.39
CA ASN B 59 8.81 13.36 12.92
C ASN B 59 8.37 14.53 11.99
N SER B 60 8.12 14.25 10.70
CA SER B 60 7.62 15.22 9.71
C SER B 60 6.67 14.60 8.68
N ARG B 61 5.90 15.43 7.96
CA ARG B 61 5.04 15.03 6.84
C ARG B 61 5.80 14.31 5.72
N ASP B 62 6.96 14.85 5.36
CA ASP B 62 7.88 14.28 4.38
C ASP B 62 8.38 12.89 4.80
N GLU B 63 8.75 12.71 6.08
CA GLU B 63 9.14 11.41 6.63
C GLU B 63 7.98 10.41 6.68
N TYR B 64 6.76 10.87 7.00
CA TYR B 64 5.53 10.09 6.98
C TYR B 64 5.23 9.52 5.59
N TYR B 65 5.16 10.38 4.56
CA TYR B 65 5.11 9.96 3.16
C TYR B 65 6.21 8.93 2.80
N HIS B 66 7.47 9.18 3.18
CA HIS B 66 8.58 8.29 2.85
C HIS B 66 8.46 6.92 3.53
N LEU B 67 8.04 6.88 4.79
CA LEU B 67 7.78 5.65 5.55
C LEU B 67 6.64 4.81 4.94
N LEU B 68 5.58 5.46 4.44
CA LEU B 68 4.54 4.79 3.66
C LEU B 68 5.10 4.21 2.34
N ALA B 69 5.87 5.02 1.59
CA ALA B 69 6.44 4.62 0.31
C ALA B 69 7.47 3.49 0.40
N GLU B 70 8.18 3.36 1.53
CA GLU B 70 9.05 2.21 1.81
C GLU B 70 8.26 0.89 1.96
N LYS B 71 7.09 0.88 2.62
CA LYS B 71 6.25 -0.33 2.69
C LYS B 71 5.59 -0.66 1.34
N ILE B 72 5.17 0.36 0.58
CA ILE B 72 4.73 0.17 -0.82
C ILE B 72 5.84 -0.53 -1.61
N TYR B 73 7.06 0.03 -1.60
CA TYR B 73 8.22 -0.52 -2.28
C TYR B 73 8.46 -1.99 -1.90
N LYS B 74 8.61 -2.29 -0.60
CA LYS B 74 8.84 -3.64 -0.08
C LYS B 74 7.82 -4.65 -0.59
N ILE B 75 6.52 -4.43 -0.34
CA ILE B 75 5.47 -5.39 -0.70
C ILE B 75 5.40 -5.54 -2.23
N GLN B 76 5.56 -4.45 -2.98
CA GLN B 76 5.41 -4.46 -4.44
C GLN B 76 6.53 -5.24 -5.14
N LYS B 77 7.82 -4.87 -4.95
CA LYS B 77 8.93 -5.53 -5.65
C LYS B 77 9.18 -6.96 -5.17
N GLU B 78 8.78 -7.28 -3.94
CA GLU B 78 8.76 -8.66 -3.43
C GLU B 78 7.70 -9.51 -4.14
N LEU B 79 6.42 -9.11 -4.14
CA LEU B 79 5.35 -9.87 -4.79
C LEU B 79 5.57 -10.01 -6.31
N GLU B 80 6.10 -9.00 -6.99
CA GLU B 80 6.47 -9.08 -8.40
C GLU B 80 7.64 -10.04 -8.71
N GLU B 81 8.19 -10.75 -7.73
CA GLU B 81 9.15 -11.84 -7.90
C GLU B 81 8.67 -13.14 -7.24
N LYS B 82 8.11 -13.06 -6.02
CA LYS B 82 7.48 -14.17 -5.28
C LYS B 82 6.21 -14.75 -5.93
N ARG B 83 5.65 -14.10 -6.96
CA ARG B 83 4.47 -14.56 -7.74
C ARG B 83 4.79 -14.93 -9.20
N ARG B 84 6.08 -14.94 -9.59
CA ARG B 84 6.56 -15.47 -10.90
C ARG B 84 7.71 -16.47 -10.78
N SER B 85 7.85 -17.10 -9.62
CA SER B 85 8.76 -18.23 -9.36
C SER B 85 8.12 -19.24 -8.41
N ARG B 86 8.00 -20.50 -8.84
CA ARG B 86 7.39 -21.61 -8.09
C ARG B 86 8.29 -22.16 -6.97
N LEU B 87 9.61 -21.96 -7.10
CA LEU B 87 10.66 -22.48 -6.20
C LEU B 87 10.51 -22.01 -4.74
N SER C 1 18.27 -5.64 5.24
CA SER C 1 18.75 -4.57 6.16
C SER C 1 18.63 -5.03 7.61
N ASP C 2 17.51 -4.77 8.29
CA ASP C 2 17.27 -5.11 9.71
C ASP C 2 15.79 -5.47 10.02
N ASP C 3 14.93 -5.55 9.00
CA ASP C 3 13.49 -5.82 9.10
C ASP C 3 12.94 -6.54 7.85
N GLY C 4 11.68 -6.97 7.92
CA GLY C 4 10.97 -7.66 6.82
C GLY C 4 9.55 -8.13 7.15
N ASN C 5 9.23 -8.27 8.44
CA ASN C 5 7.93 -8.67 9.03
C ASN C 5 6.73 -7.70 8.79
N ILE C 6 6.82 -6.81 7.80
CA ILE C 6 5.78 -5.82 7.44
C ILE C 6 4.43 -6.46 7.04
N LEU C 7 4.42 -7.70 6.55
CA LEU C 7 3.26 -8.38 5.93
C LEU C 7 2.96 -9.69 6.71
N PRO C 8 2.11 -9.65 7.76
CA PRO C 8 1.69 -10.83 8.53
C PRO C 8 1.22 -12.00 7.67
N SER C 9 1.58 -13.23 8.05
CA SER C 9 1.36 -14.44 7.24
C SER C 9 -0.12 -14.71 6.90
N ASP C 10 -1.05 -14.36 7.79
CA ASP C 10 -2.50 -14.53 7.56
C ASP C 10 -3.05 -13.55 6.50
N ILE C 11 -2.57 -12.30 6.49
CA ILE C 11 -2.87 -11.33 5.43
C ILE C 11 -2.13 -11.73 4.15
N MET C 12 -0.85 -12.13 4.24
CA MET C 12 0.00 -12.56 3.12
C MET C 12 -0.70 -13.62 2.27
N ASP C 13 -1.18 -14.71 2.86
CA ASP C 13 -1.77 -15.83 2.12
C ASP C 13 -2.99 -15.43 1.26
N PHE C 14 -3.83 -14.51 1.75
CA PHE C 14 -4.94 -13.94 0.98
C PHE C 14 -4.44 -13.12 -0.22
N VAL C 15 -3.35 -12.36 -0.07
CA VAL C 15 -2.70 -11.68 -1.21
C VAL C 15 -2.11 -12.70 -2.20
N LEU C 16 -1.34 -13.68 -1.72
CA LEU C 16 -0.64 -14.66 -2.58
C LEU C 16 -1.57 -15.52 -3.44
N LYS C 17 -2.77 -15.83 -2.95
CA LYS C 17 -3.83 -16.56 -3.69
C LYS C 17 -4.48 -15.73 -4.80
N ASN C 18 -4.75 -14.45 -4.50
CA ASN C 18 -5.49 -13.57 -5.38
C ASN C 18 -4.67 -12.96 -6.53
N THR C 19 -3.45 -12.52 -6.29
CA THR C 19 -2.69 -11.72 -7.28
C THR C 19 -2.14 -12.45 -8.53
N PRO C 20 -1.73 -13.75 -8.49
CA PRO C 20 -1.13 -14.39 -9.68
C PRO C 20 -2.14 -15.07 -10.62
N SER C 21 -3.26 -15.57 -10.08
CA SER C 21 -4.21 -16.43 -10.79
C SER C 21 -5.60 -16.48 -10.13
N MET C 22 -6.06 -15.32 -9.63
CA MET C 22 -7.23 -15.07 -8.76
C MET C 22 -8.05 -16.31 -8.33
N GLN C 23 -7.43 -17.09 -7.43
CA GLN C 23 -7.90 -18.38 -6.94
C GLN C 23 -9.14 -18.23 -6.03
N ALA C 24 -10.33 -18.34 -6.61
CA ALA C 24 -11.61 -18.21 -5.90
C ALA C 24 -11.77 -19.23 -4.75
N LEU C 25 -12.48 -18.82 -3.69
CA LEU C 25 -12.68 -19.58 -2.46
C LEU C 25 -14.00 -19.15 -1.78
N GLY C 26 -14.77 -20.10 -1.24
CA GLY C 26 -16.00 -19.83 -0.50
C GLY C 26 -15.78 -19.42 0.97
N GLU C 27 -14.76 -19.98 1.61
CA GLU C 27 -14.44 -19.81 3.04
C GLU C 27 -13.72 -18.47 3.35
N SER C 28 -13.71 -18.08 4.63
CA SER C 28 -12.92 -16.95 5.18
C SER C 28 -11.98 -17.42 6.31
N PRO C 29 -10.76 -16.85 6.43
CA PRO C 29 -9.87 -17.09 7.58
C PRO C 29 -10.53 -16.80 8.94
N GLU C 30 -11.37 -15.76 9.01
CA GLU C 30 -12.23 -15.42 10.15
C GLU C 30 -13.47 -14.62 9.66
N SER C 31 -14.60 -14.74 10.36
CA SER C 31 -15.88 -14.09 10.04
C SER C 31 -16.77 -13.84 11.27
N LYS A 1 15.79 -1.18 -13.19
CA LYS A 1 14.95 -1.17 -11.95
C LYS A 1 14.86 0.21 -11.30
N GLU A 2 15.98 0.80 -10.85
CA GLU A 2 16.05 2.03 -10.00
C GLU A 2 15.02 3.15 -10.31
N LYS A 3 14.81 3.49 -11.59
CA LYS A 3 13.81 4.50 -12.00
C LYS A 3 12.41 4.14 -11.52
N ARG A 4 11.95 2.90 -11.74
CA ARG A 4 10.63 2.41 -11.29
C ARG A 4 10.53 2.31 -9.76
N ILE A 5 11.62 2.04 -9.04
CA ILE A 5 11.66 2.07 -7.57
C ILE A 5 11.27 3.48 -7.08
N LYS A 6 11.96 4.52 -7.57
CA LYS A 6 11.65 5.93 -7.29
C LYS A 6 10.27 6.35 -7.80
N GLU A 7 9.88 5.92 -9.00
CA GLU A 7 8.59 6.21 -9.63
C GLU A 7 7.41 5.70 -8.81
N LEU A 8 7.40 4.42 -8.44
CA LEU A 8 6.34 3.82 -7.63
C LEU A 8 6.34 4.35 -6.18
N GLU A 9 7.51 4.72 -5.64
CA GLU A 9 7.60 5.44 -4.37
C GLU A 9 6.96 6.85 -4.44
N LEU A 10 7.22 7.59 -5.52
CA LEU A 10 6.71 8.95 -5.77
C LEU A 10 5.19 9.00 -6.02
N LEU A 11 4.56 7.91 -6.48
CA LEU A 11 3.11 7.84 -6.71
C LEU A 11 2.29 8.31 -5.50
N LEU A 12 2.61 7.81 -4.31
CA LEU A 12 1.96 8.20 -3.04
C LEU A 12 2.16 9.69 -2.74
N MET A 13 3.39 10.19 -2.87
CA MET A 13 3.75 11.60 -2.61
C MET A 13 2.99 12.59 -3.50
N SER A 14 2.67 12.18 -4.75
CA SER A 14 1.95 12.99 -5.74
C SER A 14 0.51 13.37 -5.31
N THR A 15 -0.10 12.60 -4.41
CA THR A 15 -1.51 12.73 -3.97
C THR A 15 -1.90 14.14 -3.50
N GLU A 16 -0.99 14.89 -2.88
CA GLU A 16 -1.30 16.25 -2.41
C GLU A 16 -1.72 17.20 -3.54
N ASN A 17 -1.14 17.07 -4.74
CA ASN A 17 -1.52 17.84 -5.93
C ASN A 17 -2.85 17.37 -6.52
N GLU A 18 -3.04 16.05 -6.60
CA GLU A 18 -4.22 15.44 -7.24
C GLU A 18 -5.53 15.76 -6.51
N LEU A 19 -5.48 15.88 -5.17
CA LEU A 19 -6.61 16.27 -4.33
C LEU A 19 -7.01 17.76 -4.46
N LYS A 20 -6.11 18.62 -4.95
CA LYS A 20 -6.42 20.01 -5.34
C LYS A 20 -6.97 20.08 -6.77
N GLY A 21 -6.43 19.28 -7.70
CA GLY A 21 -6.93 19.08 -9.08
C GLY A 21 -6.70 20.24 -10.06
N GLN A 22 -6.67 21.48 -9.58
CA GLN A 22 -6.44 22.73 -10.33
C GLN A 22 -5.43 23.63 -9.59
N GLN A 23 -4.44 23.00 -8.93
CA GLN A 23 -3.39 23.63 -8.13
C GLN A 23 -2.64 24.74 -8.89
N ALA A 24 -2.61 25.95 -8.32
CA ALA A 24 -1.95 27.13 -8.88
C ALA A 24 -1.45 28.12 -7.78
N LEU A 25 -1.22 27.62 -6.55
CA LEU A 25 -0.93 28.41 -5.34
C LEU A 25 0.25 27.80 -4.55
N GLY B 1 4.29 23.67 23.53
CA GLY B 1 5.40 23.18 22.68
C GLY B 1 4.89 22.56 21.39
N VAL B 2 5.78 21.88 20.66
CA VAL B 2 5.49 21.21 19.37
C VAL B 2 6.13 19.82 19.34
N ARG B 3 5.30 18.78 19.18
CA ARG B 3 5.68 17.36 19.31
C ARG B 3 6.10 16.67 18.01
N LYS B 4 5.70 17.19 16.84
CA LYS B 4 5.98 16.63 15.50
C LYS B 4 6.29 17.69 14.43
N GLY B 5 5.52 18.78 14.39
CA GLY B 5 5.80 19.96 13.55
C GLY B 5 5.27 19.91 12.10
N TRP B 6 4.45 18.91 11.74
CA TRP B 6 3.90 18.74 10.38
C TRP B 6 2.44 18.26 10.30
N HIS B 7 1.89 17.74 11.40
CA HIS B 7 0.52 17.22 11.45
C HIS B 7 -0.55 18.33 11.30
N GLU B 8 -0.16 19.60 11.51
CA GLU B 8 -1.00 20.80 11.48
C GLU B 8 -1.75 21.06 10.15
N HIS B 9 -1.41 20.37 9.06
CA HIS B 9 -2.09 20.49 7.76
C HIS B 9 -2.56 19.16 7.14
N VAL B 10 -2.42 18.03 7.85
CA VAL B 10 -3.01 16.73 7.46
C VAL B 10 -4.55 16.83 7.50
N THR B 11 -5.22 16.22 6.52
CA THR B 11 -6.67 16.31 6.28
C THR B 11 -7.27 14.94 5.99
N GLN B 12 -8.52 14.70 6.40
CA GLN B 12 -9.20 13.40 6.26
C GLN B 12 -9.30 12.90 4.81
N ASP B 13 -9.44 13.80 3.83
CA ASP B 13 -9.43 13.45 2.40
C ASP B 13 -8.08 12.85 1.96
N LEU B 14 -6.96 13.44 2.42
CA LEU B 14 -5.62 12.92 2.19
C LEU B 14 -5.45 11.55 2.85
N ARG B 15 -5.81 11.45 4.14
CA ARG B 15 -5.78 10.21 4.92
C ARG B 15 -6.54 9.06 4.24
N SER B 16 -7.76 9.31 3.80
CA SER B 16 -8.63 8.34 3.11
C SER B 16 -8.01 7.86 1.80
N HIS B 17 -7.60 8.80 0.95
CA HIS B 17 -7.03 8.48 -0.36
C HIS B 17 -5.68 7.76 -0.23
N LEU B 18 -4.80 8.18 0.69
CA LEU B 18 -3.53 7.50 0.93
C LEU B 18 -3.72 6.05 1.41
N VAL B 19 -4.66 5.77 2.31
CA VAL B 19 -5.00 4.39 2.72
C VAL B 19 -5.45 3.56 1.50
N HIS B 20 -6.39 4.07 0.69
CA HIS B 20 -6.83 3.39 -0.52
C HIS B 20 -5.68 3.13 -1.51
N LYS B 21 -4.79 4.10 -1.68
CA LYS B 21 -3.60 4.01 -2.55
C LYS B 21 -2.55 3.03 -2.04
N LEU B 22 -2.41 2.92 -0.71
CA LEU B 22 -1.61 1.88 -0.03
C LEU B 22 -2.20 0.50 -0.39
N VAL B 23 -3.51 0.31 -0.17
CA VAL B 23 -4.27 -0.92 -0.45
C VAL B 23 -4.15 -1.38 -1.92
N GLN B 24 -4.30 -0.47 -2.87
CA GLN B 24 -4.17 -0.75 -4.32
C GLN B 24 -2.79 -1.30 -4.69
N ALA B 25 -1.72 -0.70 -4.16
CA ALA B 25 -0.35 -1.17 -4.39
C ALA B 25 -0.08 -2.53 -3.71
N ILE B 26 -0.56 -2.73 -2.46
CA ILE B 26 -0.40 -3.99 -1.70
C ILE B 26 -1.00 -5.19 -2.46
N PHE B 27 -2.23 -5.06 -2.97
CA PHE B 27 -2.90 -6.13 -3.72
C PHE B 27 -3.52 -5.57 -5.02
N PRO B 28 -2.83 -5.74 -6.17
CA PRO B 28 -3.38 -5.49 -7.50
C PRO B 28 -4.63 -6.37 -7.74
N THR B 29 -5.79 -5.76 -7.56
CA THR B 29 -7.15 -6.35 -7.51
C THR B 29 -7.50 -7.37 -8.61
N PRO B 30 -8.41 -8.33 -8.31
CA PRO B 30 -8.99 -9.23 -9.31
C PRO B 30 -10.13 -8.53 -10.09
N ASP B 31 -10.91 -7.72 -9.37
CA ASP B 31 -12.04 -6.89 -9.80
C ASP B 31 -12.26 -5.77 -8.77
N PRO B 32 -12.90 -4.64 -9.13
CA PRO B 32 -13.17 -3.54 -8.19
C PRO B 32 -14.21 -3.91 -7.13
N ALA B 33 -15.03 -4.95 -7.38
CA ALA B 33 -15.94 -5.55 -6.41
C ALA B 33 -15.22 -6.18 -5.20
N ALA B 34 -13.94 -6.55 -5.32
CA ALA B 34 -13.15 -7.11 -4.21
C ALA B 34 -12.88 -6.06 -3.10
N LEU B 35 -12.60 -4.80 -3.47
CA LEU B 35 -12.27 -3.69 -2.56
C LEU B 35 -13.39 -3.36 -1.55
N LYS B 36 -14.65 -3.62 -1.93
CA LYS B 36 -15.86 -3.33 -1.13
C LYS B 36 -16.39 -4.56 -0.37
N ASP B 37 -15.64 -5.67 -0.38
CA ASP B 37 -16.00 -6.94 0.27
C ASP B 37 -15.01 -7.32 1.38
N ARG B 38 -15.45 -8.19 2.31
CA ARG B 38 -14.71 -8.60 3.51
C ARG B 38 -13.31 -9.14 3.20
N ARG B 39 -13.16 -9.79 2.04
CA ARG B 39 -11.90 -10.31 1.47
C ARG B 39 -10.80 -9.26 1.25
N MET B 40 -11.13 -7.98 1.13
CA MET B 40 -10.15 -6.88 1.15
C MET B 40 -10.40 -5.89 2.30
N GLU B 41 -11.58 -5.86 2.94
CA GLU B 41 -11.81 -5.12 4.19
C GLU B 41 -10.79 -5.48 5.30
N ASN B 42 -10.40 -6.76 5.38
CA ASN B 42 -9.32 -7.26 6.23
C ASN B 42 -7.97 -6.58 5.90
N LEU B 43 -7.61 -6.54 4.62
CA LEU B 43 -6.39 -5.92 4.10
C LEU B 43 -6.39 -4.39 4.27
N VAL B 44 -7.52 -3.74 4.00
CA VAL B 44 -7.81 -2.31 4.27
C VAL B 44 -7.60 -1.95 5.74
N ALA B 45 -8.08 -2.76 6.69
CA ALA B 45 -7.90 -2.56 8.13
C ALA B 45 -6.43 -2.68 8.56
N TYR B 46 -5.72 -3.67 8.04
CA TYR B 46 -4.26 -3.81 8.19
C TYR B 46 -3.49 -2.63 7.57
N ALA B 47 -3.89 -2.16 6.38
CA ALA B 47 -3.33 -0.97 5.77
C ALA B 47 -3.54 0.29 6.63
N LYS B 48 -4.74 0.47 7.21
CA LYS B 48 -4.99 1.54 8.21
C LYS B 48 -4.10 1.41 9.44
N LYS B 49 -3.96 0.20 10.00
CA LYS B 49 -3.12 -0.10 11.17
C LYS B 49 -1.64 0.25 10.93
N VAL B 50 -1.09 -0.15 9.79
CA VAL B 50 0.31 0.16 9.41
C VAL B 50 0.48 1.65 9.06
N GLU B 51 -0.45 2.26 8.33
CA GLU B 51 -0.45 3.71 8.04
C GLU B 51 -0.34 4.55 9.31
N GLY B 52 -1.07 4.16 10.37
CA GLY B 52 -1.03 4.80 11.69
C GLY B 52 0.33 4.68 12.40
N ASP B 53 1.09 3.62 12.17
CA ASP B 53 2.42 3.43 12.78
C ASP B 53 3.50 4.24 12.04
N MET B 54 3.43 4.28 10.71
CA MET B 54 4.29 5.15 9.88
C MET B 54 4.07 6.64 10.20
N TYR B 55 2.80 7.03 10.42
CA TYR B 55 2.37 8.35 10.88
C TYR B 55 2.86 8.69 12.31
N GLU B 56 2.67 7.78 13.26
CA GLU B 56 3.07 7.97 14.66
C GLU B 56 4.58 8.18 14.86
N SER B 57 5.42 7.74 13.91
CA SER B 57 6.89 7.70 14.08
C SER B 57 7.68 8.74 13.28
N ALA B 58 7.11 9.33 12.22
CA ALA B 58 7.83 10.25 11.34
C ALA B 58 7.92 11.68 11.91
N ASN B 59 9.11 12.28 11.85
CA ASN B 59 9.35 13.68 12.25
C ASN B 59 9.15 14.70 11.09
N SER B 60 8.73 14.25 9.91
CA SER B 60 8.30 15.11 8.79
C SER B 60 7.28 14.38 7.91
N ARG B 61 6.48 15.13 7.15
CA ARG B 61 5.52 14.58 6.17
C ARG B 61 6.22 13.81 5.04
N ASP B 62 7.37 14.32 4.58
CA ASP B 62 8.23 13.66 3.61
C ASP B 62 8.76 12.30 4.14
N GLU B 63 9.18 12.23 5.41
CA GLU B 63 9.58 10.97 6.05
C GLU B 63 8.40 10.01 6.22
N TYR B 64 7.21 10.50 6.59
CA TYR B 64 5.98 9.72 6.64
C TYR B 64 5.65 9.08 5.29
N TYR B 65 5.60 9.87 4.22
CA TYR B 65 5.50 9.36 2.85
C TYR B 65 6.58 8.34 2.49
N HIS B 66 7.85 8.62 2.78
CA HIS B 66 8.94 7.66 2.53
C HIS B 66 8.72 6.33 3.27
N LEU B 67 8.32 6.37 4.55
CA LEU B 67 8.01 5.19 5.35
C LEU B 67 6.81 4.40 4.79
N LEU B 68 5.72 5.06 4.39
CA LEU B 68 4.61 4.41 3.67
C LEU B 68 5.10 3.76 2.37
N ALA B 69 5.72 4.55 1.50
CA ALA B 69 6.06 4.18 0.14
C ALA B 69 7.21 3.14 0.03
N GLU B 70 8.12 3.09 0.99
CA GLU B 70 9.15 2.04 1.11
C GLU B 70 8.53 0.69 1.51
N LYS B 71 7.62 0.66 2.50
CA LYS B 71 6.85 -0.55 2.87
C LYS B 71 6.05 -1.08 1.67
N ILE B 72 5.51 -0.15 0.88
CA ILE B 72 4.82 -0.43 -0.38
C ILE B 72 5.76 -1.05 -1.41
N TYR B 73 6.92 -0.45 -1.71
CA TYR B 73 7.81 -1.02 -2.71
C TYR B 73 8.35 -2.39 -2.27
N LYS B 74 8.64 -2.58 -0.96
CA LYS B 74 9.02 -3.88 -0.40
C LYS B 74 7.99 -4.97 -0.69
N ILE B 75 6.71 -4.71 -0.42
CA ILE B 75 5.61 -5.62 -0.82
C ILE B 75 5.60 -5.82 -2.34
N GLN B 76 5.85 -4.76 -3.11
CA GLN B 76 5.77 -4.81 -4.58
C GLN B 76 6.82 -5.75 -5.20
N LYS B 77 8.11 -5.60 -4.86
CA LYS B 77 9.17 -6.48 -5.40
C LYS B 77 9.19 -7.88 -4.81
N GLU B 78 8.66 -8.08 -3.60
CA GLU B 78 8.42 -9.42 -3.05
C GLU B 78 7.40 -10.18 -3.91
N LEU B 79 6.22 -9.57 -4.16
CA LEU B 79 5.19 -10.13 -5.04
C LEU B 79 5.71 -10.34 -6.48
N GLU B 80 6.38 -9.34 -7.06
CA GLU B 80 6.92 -9.39 -8.43
C GLU B 80 7.92 -10.55 -8.68
N GLU B 81 8.50 -11.15 -7.64
CA GLU B 81 9.32 -12.36 -7.74
C GLU B 81 8.56 -13.61 -7.29
N LYS B 82 8.12 -13.65 -6.03
CA LYS B 82 7.55 -14.86 -5.41
C LYS B 82 6.27 -15.34 -6.09
N ARG B 83 5.56 -14.47 -6.82
CA ARG B 83 4.34 -14.79 -7.57
C ARG B 83 4.60 -15.03 -9.07
N ARG B 84 5.84 -14.80 -9.55
CA ARG B 84 6.22 -14.88 -10.98
C ARG B 84 7.21 -16.01 -11.27
N SER B 85 8.12 -16.32 -10.35
CA SER B 85 9.06 -17.45 -10.39
C SER B 85 8.39 -18.80 -10.11
N ARG B 86 7.28 -19.07 -10.81
CA ARG B 86 6.44 -20.28 -10.73
C ARG B 86 6.10 -20.83 -12.13
N LEU B 87 6.86 -20.40 -13.15
CA LEU B 87 6.74 -20.76 -14.57
C LEU B 87 6.84 -22.28 -14.81
N SER C 1 2.19 -11.57 18.12
CA SER C 1 1.96 -12.96 18.57
C SER C 1 1.54 -13.88 17.42
N ASP C 2 0.30 -13.76 16.90
CA ASP C 2 -0.19 -14.51 15.73
C ASP C 2 0.53 -14.13 14.41
N ASP C 3 1.11 -12.92 14.35
CA ASP C 3 2.00 -12.43 13.31
C ASP C 3 3.07 -11.49 13.90
N GLY C 4 4.04 -11.09 13.06
CA GLY C 4 5.17 -10.21 13.45
C GLY C 4 5.97 -9.69 12.25
N ASN C 5 5.28 -9.29 11.18
CA ASN C 5 5.86 -8.90 9.88
C ASN C 5 5.09 -7.70 9.27
N ILE C 6 5.71 -6.97 8.34
CA ILE C 6 5.07 -5.88 7.58
C ILE C 6 3.87 -6.36 6.74
N LEU C 7 3.80 -7.65 6.39
CA LEU C 7 2.65 -8.29 5.75
C LEU C 7 2.24 -9.51 6.62
N PRO C 8 1.35 -9.30 7.62
CA PRO C 8 0.74 -10.34 8.47
C PRO C 8 0.29 -11.60 7.72
N SER C 9 0.61 -12.77 8.26
CA SER C 9 0.45 -14.08 7.59
C SER C 9 -0.96 -14.40 7.09
N ASP C 10 -2.01 -14.01 7.83
CA ASP C 10 -3.41 -14.19 7.43
C ASP C 10 -3.76 -13.47 6.11
N ILE C 11 -3.29 -12.22 5.96
CA ILE C 11 -3.46 -11.40 4.75
C ILE C 11 -2.44 -11.78 3.67
N MET C 12 -1.21 -12.14 4.06
CA MET C 12 -0.18 -12.65 3.16
C MET C 12 -0.72 -13.83 2.36
N ASP C 13 -1.24 -14.86 3.02
CA ASP C 13 -1.78 -16.07 2.38
C ASP C 13 -2.83 -15.76 1.31
N PHE C 14 -3.73 -14.80 1.58
CA PHE C 14 -4.74 -14.38 0.60
C PHE C 14 -4.13 -13.59 -0.57
N VAL C 15 -3.16 -12.70 -0.33
CA VAL C 15 -2.38 -12.05 -1.41
C VAL C 15 -1.62 -13.09 -2.24
N LEU C 16 -1.00 -14.09 -1.62
CA LEU C 16 -0.25 -15.14 -2.33
C LEU C 16 -1.16 -16.03 -3.21
N LYS C 17 -2.44 -16.18 -2.84
CA LYS C 17 -3.47 -16.88 -3.62
C LYS C 17 -3.95 -16.05 -4.82
N ASN C 18 -4.26 -14.76 -4.60
CA ASN C 18 -4.86 -13.87 -5.59
C ASN C 18 -3.89 -13.28 -6.64
N THR C 19 -2.70 -12.85 -6.23
CA THR C 19 -1.78 -12.08 -7.10
C THR C 19 -0.90 -12.85 -8.13
N PRO C 20 -0.74 -14.19 -8.15
CA PRO C 20 0.05 -14.90 -9.18
C PRO C 20 -0.68 -15.08 -10.52
N SER C 21 -1.84 -14.44 -10.71
CA SER C 21 -2.54 -14.35 -12.00
C SER C 21 -1.69 -13.63 -13.07
N MET C 22 -2.14 -13.66 -14.34
CA MET C 22 -1.41 -13.10 -15.49
C MET C 22 -1.01 -11.63 -15.34
N GLN C 23 -1.66 -10.85 -14.48
CA GLN C 23 -1.27 -9.47 -14.14
C GLN C 23 0.20 -9.34 -13.65
N ALA C 24 0.80 -10.40 -13.11
CA ALA C 24 2.20 -10.43 -12.69
C ALA C 24 3.22 -10.59 -13.85
N LEU C 25 2.79 -10.96 -15.07
CA LEU C 25 3.70 -11.35 -16.17
C LEU C 25 3.23 -11.09 -17.62
N GLY C 26 1.99 -10.69 -17.88
CA GLY C 26 1.48 -10.46 -19.24
C GLY C 26 0.06 -9.90 -19.39
N GLU C 27 -0.51 -9.29 -18.35
CA GLU C 27 -1.84 -8.66 -18.36
C GLU C 27 -1.84 -7.36 -17.51
N SER C 28 -2.88 -6.53 -17.66
CA SER C 28 -2.99 -5.19 -17.07
C SER C 28 -4.38 -4.96 -16.43
N PRO C 29 -4.50 -4.05 -15.45
CA PRO C 29 -5.77 -3.80 -14.72
C PRO C 29 -6.79 -2.98 -15.52
N GLU C 30 -6.44 -2.47 -16.71
CA GLU C 30 -7.30 -1.67 -17.60
C GLU C 30 -6.99 -1.92 -19.09
N SER C 31 -7.95 -1.59 -19.96
CA SER C 31 -7.93 -1.82 -21.42
C SER C 31 -6.74 -1.18 -22.15
#